data_7OP9
#
_entry.id   7OP9
#
_cell.length_a   93.419
_cell.length_b   93.428
_cell.length_c   95.459
_cell.angle_alpha   81.910
_cell.angle_beta   79.350
_cell.angle_gamma   60.090
#
_symmetry.space_group_name_H-M   'P 1'
#
loop_
_entity.id
_entity.type
_entity.pdbx_description
1 polymer 'Purine nucleoside phosphorylase DeoD-type'
2 non-polymer 2,6-bis(chloranyl)-7H-purine
3 non-polymer IMIDAZOLE
4 non-polymer 'MAGNESIUM ION'
5 water water
#
_entity_poly.entity_id   1
_entity_poly.type   'polypeptide(L)'
_entity_poly.pdbx_seq_one_letter_code
;MTPHINAKIGDFYPQCLL(OCS)GDPLRVSYIAKKFLQDAKEITNVRNMLGFSGKYKGRGISLMGHGMGIASCTIYVTEL
IKTYQVKELLRIGTCGAISPKVGLKDIIMATGASTDSKTNRVRFLNHDLSATPDFELSLRAYQTAKRLGIDLKVGNVFSS
DFFYSFETHAFDLMAKYNHLAIEMEAAGLYATAMELNAKALCLCSVSDHLITKEALSPKERVESFDNMIILALEMMS
;
_entity_poly.pdbx_strand_id   A,B,C,D,E,F,G,H,I,J,K,L
#
loop_
_chem_comp.id
_chem_comp.type
_chem_comp.name
_chem_comp.formula
06K non-polymer 2,6-bis(chloranyl)-7H-purine 'C5 H2 Cl2 N4'
IMD non-polymer IMIDAZOLE 'C3 H5 N2 1'
MG non-polymer 'MAGNESIUM ION' 'Mg 2'
#
# COMPACT_ATOMS: atom_id res chain seq x y z
N MET A 1 -30.76 25.84 -10.87
CA MET A 1 -31.03 27.26 -10.88
C MET A 1 -29.77 28.08 -11.16
N THR A 2 -28.62 27.39 -11.24
CA THR A 2 -27.36 28.05 -11.59
C THR A 2 -26.74 27.35 -12.79
N PRO A 3 -25.70 27.93 -13.41
CA PRO A 3 -25.05 27.22 -14.52
C PRO A 3 -24.32 25.95 -14.10
N HIS A 4 -24.05 25.76 -12.81
CA HIS A 4 -23.21 24.65 -12.38
C HIS A 4 -23.90 23.67 -11.45
N ILE A 5 -25.10 23.96 -10.99
CA ILE A 5 -25.85 23.09 -10.07
C ILE A 5 -27.29 23.07 -10.56
N ASN A 6 -27.87 21.87 -10.70
CA ASN A 6 -29.26 21.76 -11.14
C ASN A 6 -30.18 21.22 -10.04
N ALA A 7 -29.80 21.39 -8.79
CA ALA A 7 -30.69 21.08 -7.69
C ALA A 7 -31.78 22.13 -7.59
N LYS A 8 -32.90 21.75 -6.97
CA LYS A 8 -33.91 22.75 -6.68
C LYS A 8 -33.56 23.46 -5.37
N ILE A 9 -34.10 24.67 -5.21
CA ILE A 9 -33.93 25.38 -3.96
C ILE A 9 -34.59 24.57 -2.86
N GLY A 10 -33.85 24.33 -1.78
CA GLY A 10 -34.32 23.49 -0.70
C GLY A 10 -33.76 22.09 -0.70
N ASP A 11 -33.07 21.69 -1.76
CA ASP A 11 -32.52 20.34 -1.84
C ASP A 11 -31.29 20.14 -0.97
N PHE A 12 -30.60 21.21 -0.58
CA PHE A 12 -29.42 21.11 0.26
C PHE A 12 -29.80 21.34 1.71
N TYR A 13 -29.24 20.53 2.60
CA TYR A 13 -29.27 20.84 4.01
C TYR A 13 -28.34 22.03 4.27
N PRO A 14 -28.49 22.71 5.41
CA PRO A 14 -27.63 23.89 5.69
C PRO A 14 -26.18 23.54 6.01
N GLN A 15 -25.86 22.28 6.23
CA GLN A 15 -24.50 21.80 6.40
C GLN A 15 -24.14 20.93 5.21
N CYS A 16 -22.97 21.17 4.64
CA CYS A 16 -22.55 20.44 3.45
C CYS A 16 -21.08 20.04 3.56
N LEU A 17 -20.82 18.78 3.32
CA LEU A 17 -19.47 18.25 3.20
C LEU A 17 -19.01 18.40 1.75
N LEU A 18 -17.81 18.95 1.57
CA LEU A 18 -17.32 19.20 0.22
C LEU A 18 -16.06 18.40 -0.07
N OCS A 19 -15.89 18.00 -1.32
CA OCS A 19 -14.72 17.26 -1.74
CB OCS A 19 -14.98 15.77 -1.59
SG OCS A 19 -13.55 14.70 -1.69
C OCS A 19 -14.51 17.57 -3.21
O OCS A 19 -15.47 17.84 -3.91
OD1 OCS A 19 -12.46 15.24 -0.95
OD2 OCS A 19 -13.17 14.54 -3.05
OD3 OCS A 19 -13.92 13.43 -1.13
N GLY A 20 -13.27 17.54 -3.68
CA GLY A 20 -12.99 17.86 -5.08
C GLY A 20 -13.48 16.79 -6.04
N ASP A 21 -13.50 15.53 -5.59
CA ASP A 21 -13.73 14.37 -6.44
C ASP A 21 -15.19 13.98 -6.35
N PRO A 22 -16.00 14.20 -7.40
CA PRO A 22 -17.42 13.81 -7.34
C PRO A 22 -17.66 12.31 -7.18
N LEU A 23 -16.73 11.48 -7.62
CA LEU A 23 -16.88 10.03 -7.40
C LEU A 23 -16.69 9.68 -5.93
N ARG A 24 -15.81 10.39 -5.23
CA ARG A 24 -15.69 10.18 -3.78
C ARG A 24 -16.93 10.65 -3.06
N VAL A 25 -17.54 11.74 -3.52
CA VAL A 25 -18.81 12.19 -2.97
C VAL A 25 -19.87 11.09 -3.10
N SER A 26 -19.96 10.51 -4.30
CA SER A 26 -20.88 9.40 -4.53
C SER A 26 -20.58 8.23 -3.59
N TYR A 27 -19.30 7.89 -3.45
CA TYR A 27 -18.90 6.80 -2.57
C TYR A 27 -19.32 7.07 -1.12
N ILE A 28 -19.16 8.31 -0.65
CA ILE A 28 -19.57 8.66 0.70
C ILE A 28 -21.08 8.49 0.85
N ALA A 29 -21.83 8.96 -0.15
CA ALA A 29 -23.29 8.88 -0.12
C ALA A 29 -23.75 7.43 0.04
N LYS A 30 -23.16 6.52 -0.74
CA LYS A 30 -23.61 5.13 -0.72
C LYS A 30 -23.10 4.37 0.50
N LYS A 31 -21.90 4.67 0.99
CA LYS A 31 -21.32 3.90 2.09
C LYS A 31 -21.72 4.42 3.46
N PHE A 32 -21.89 5.73 3.61
CA PHE A 32 -22.03 6.31 4.94
C PHE A 32 -23.37 6.96 5.21
N LEU A 33 -24.17 7.24 4.19
CA LEU A 33 -25.43 7.93 4.39
C LEU A 33 -26.58 6.95 4.19
N GLN A 34 -27.69 7.27 4.85
CA GLN A 34 -28.94 6.55 4.62
C GLN A 34 -29.87 7.44 3.82
N ASP A 35 -30.64 6.83 2.91
CA ASP A 35 -31.64 7.53 2.12
C ASP A 35 -31.04 8.65 1.28
N ALA A 36 -29.82 8.45 0.79
CA ALA A 36 -29.18 9.49 0.00
C ALA A 36 -29.84 9.62 -1.37
N LYS A 37 -30.02 10.87 -1.80
CA LYS A 37 -30.62 11.18 -3.09
C LYS A 37 -29.64 12.05 -3.85
N GLU A 38 -29.38 11.71 -5.10
CA GLU A 38 -28.61 12.60 -5.96
C GLU A 38 -29.45 13.83 -6.26
N ILE A 39 -28.89 15.02 -6.00
CA ILE A 39 -29.64 16.26 -6.18
C ILE A 39 -29.08 17.15 -7.28
N THR A 40 -27.86 16.91 -7.74
CA THR A 40 -27.26 17.72 -8.81
C THR A 40 -26.24 16.89 -9.55
N ASN A 41 -26.07 17.19 -10.86
CA ASN A 41 -25.07 16.44 -11.62
C ASN A 41 -24.54 17.20 -12.83
N VAL A 42 -24.69 18.53 -12.87
CA VAL A 42 -24.14 19.31 -13.98
C VAL A 42 -22.65 19.08 -14.10
N ARG A 43 -22.18 18.88 -15.33
CA ARG A 43 -20.76 18.63 -15.58
C ARG A 43 -20.23 17.41 -14.84
N ASN A 44 -21.11 16.45 -14.54
CA ASN A 44 -20.74 15.27 -13.76
C ASN A 44 -20.32 15.62 -12.32
N MET A 45 -20.58 16.84 -11.85
CA MET A 45 -20.18 17.24 -10.50
C MET A 45 -21.34 16.91 -9.58
N LEU A 46 -21.24 15.76 -8.94
CA LEU A 46 -22.38 15.18 -8.22
C LEU A 46 -22.53 15.79 -6.82
N GLY A 47 -23.78 15.84 -6.39
CA GLY A 47 -24.10 16.25 -5.03
C GLY A 47 -25.30 15.46 -4.55
N PHE A 48 -25.37 15.29 -3.23
CA PHE A 48 -26.35 14.39 -2.62
C PHE A 48 -26.86 14.99 -1.32
N SER A 49 -28.04 14.52 -0.89
CA SER A 49 -28.56 14.80 0.44
C SER A 49 -29.05 13.49 1.05
N GLY A 50 -28.68 13.27 2.30
CA GLY A 50 -29.06 12.06 3.01
C GLY A 50 -28.96 12.30 4.50
N LYS A 51 -28.99 11.21 5.27
CA LYS A 51 -28.88 11.30 6.71
C LYS A 51 -27.69 10.48 7.22
N TYR A 52 -27.04 11.00 8.25
CA TYR A 52 -26.01 10.28 9.00
C TYR A 52 -26.46 10.29 10.45
N LYS A 53 -26.61 9.10 11.01
CA LYS A 53 -27.08 8.95 12.39
C LYS A 53 -28.32 9.80 12.65
N GLY A 54 -29.26 9.78 11.70
CA GLY A 54 -30.51 10.50 11.83
C GLY A 54 -30.45 11.98 11.51
N ARG A 55 -29.30 12.50 11.10
CA ARG A 55 -29.12 13.95 10.93
C ARG A 55 -28.88 14.25 9.47
N GLY A 56 -29.58 15.25 8.95
CA GLY A 56 -29.48 15.58 7.53
C GLY A 56 -28.09 16.12 7.18
N ILE A 57 -27.49 15.55 6.14
CA ILE A 57 -26.18 15.96 5.63
C ILE A 57 -26.31 16.17 4.13
N SER A 58 -25.65 17.19 3.59
CA SER A 58 -25.48 17.27 2.15
C SER A 58 -24.00 17.07 1.81
N LEU A 59 -23.76 16.62 0.57
CA LEU A 59 -22.44 16.37 0.04
C LEU A 59 -22.36 17.01 -1.33
N MET A 60 -21.22 17.63 -1.66
CA MET A 60 -21.09 18.27 -2.96
C MET A 60 -19.65 18.23 -3.44
N GLY A 61 -19.47 17.84 -4.71
CA GLY A 61 -18.16 17.96 -5.33
C GLY A 61 -17.89 19.38 -5.80
N HIS A 62 -16.60 19.76 -5.80
CA HIS A 62 -16.22 21.11 -6.21
C HIS A 62 -15.10 21.18 -7.25
N GLY A 63 -14.57 20.04 -7.70
CA GLY A 63 -13.50 20.05 -8.69
C GLY A 63 -12.17 20.55 -8.10
N MET A 64 -11.23 20.80 -8.99
CA MET A 64 -9.85 21.05 -8.59
C MET A 64 -9.48 22.51 -8.82
N GLY A 65 -8.82 23.11 -7.85
CA GLY A 65 -8.30 24.46 -7.99
C GLY A 65 -9.23 25.51 -7.42
N ILE A 66 -8.64 26.65 -7.07
CA ILE A 66 -9.37 27.72 -6.41
C ILE A 66 -10.53 28.21 -7.27
N ALA A 67 -10.30 28.36 -8.57
CA ALA A 67 -11.37 28.91 -9.41
C ALA A 67 -12.58 27.99 -9.46
N SER A 68 -12.35 26.68 -9.55
CA SER A 68 -13.47 25.72 -9.57
C SER A 68 -14.17 25.70 -8.22
N CYS A 69 -13.38 25.61 -7.14
CA CYS A 69 -13.98 25.59 -5.80
C CYS A 69 -14.84 26.82 -5.57
N THR A 70 -14.32 28.00 -5.94
CA THR A 70 -15.05 29.24 -5.71
C THR A 70 -16.42 29.24 -6.38
N ILE A 71 -16.50 28.69 -7.59
CA ILE A 71 -17.79 28.66 -8.30
C ILE A 71 -18.83 27.91 -7.48
N TYR A 72 -18.49 26.71 -7.03
CA TYR A 72 -19.49 25.88 -6.36
C TYR A 72 -19.82 26.45 -4.98
N VAL A 73 -18.81 26.90 -4.25
CA VAL A 73 -19.05 27.44 -2.91
C VAL A 73 -19.92 28.68 -2.98
N THR A 74 -19.64 29.56 -3.96
CA THR A 74 -20.44 30.77 -4.12
C THR A 74 -21.90 30.43 -4.32
N GLU A 75 -22.19 29.45 -5.20
CA GLU A 75 -23.57 29.08 -5.51
C GLU A 75 -24.26 28.39 -4.34
N LEU A 76 -23.54 27.49 -3.64
CA LEU A 76 -24.12 26.83 -2.47
C LEU A 76 -24.57 27.84 -1.41
N ILE A 77 -23.74 28.85 -1.15
CA ILE A 77 -24.09 29.85 -0.16
C ILE A 77 -25.20 30.76 -0.66
N LYS A 78 -25.03 31.36 -1.85
CA LYS A 78 -25.93 32.42 -2.28
C LYS A 78 -27.27 31.89 -2.78
N THR A 79 -27.27 30.74 -3.45
CA THR A 79 -28.49 30.19 -4.01
C THR A 79 -29.13 29.12 -3.15
N TYR A 80 -28.34 28.22 -2.56
CA TYR A 80 -28.88 27.08 -1.85
C TYR A 80 -28.85 27.20 -0.33
N GLN A 81 -28.52 28.38 0.20
CA GLN A 81 -28.67 28.66 1.63
C GLN A 81 -27.75 27.83 2.51
N VAL A 82 -26.67 27.28 1.98
CA VAL A 82 -25.76 26.50 2.80
C VAL A 82 -25.01 27.44 3.73
N LYS A 83 -24.94 27.06 5.01
CA LYS A 83 -24.37 27.90 6.07
C LYS A 83 -23.05 27.38 6.59
N GLU A 84 -22.81 26.08 6.53
CA GLU A 84 -21.61 25.44 7.07
C GLU A 84 -21.05 24.52 6.01
N LEU A 85 -19.79 24.73 5.66
CA LEU A 85 -19.13 24.00 4.58
C LEU A 85 -17.86 23.36 5.13
N LEU A 86 -17.84 22.05 5.16
CA LEU A 86 -16.70 21.28 5.66
C LEU A 86 -16.05 20.57 4.49
N ARG A 87 -14.87 21.06 4.07
CA ARG A 87 -14.16 20.46 2.96
C ARG A 87 -13.19 19.39 3.48
N ILE A 88 -13.18 18.25 2.79
CA ILE A 88 -12.16 17.24 3.00
C ILE A 88 -11.47 16.99 1.66
N GLY A 89 -10.29 16.37 1.73
CA GLY A 89 -9.50 16.19 0.52
C GLY A 89 -8.15 15.60 0.88
N THR A 90 -7.37 15.33 -0.17
CA THR A 90 -6.00 14.87 0.04
C THR A 90 -5.05 16.05 -0.08
N CYS A 91 -3.79 15.80 0.27
CA CYS A 91 -2.78 16.85 0.19
C CYS A 91 -1.41 16.21 0.09
N GLY A 92 -0.44 17.02 -0.31
CA GLY A 92 0.93 16.56 -0.37
C GLY A 92 1.74 17.19 0.75
N ALA A 93 2.28 16.37 1.64
CA ALA A 93 2.97 16.90 2.81
C ALA A 93 4.32 17.52 2.42
N ILE A 94 4.67 18.62 3.10
CA ILE A 94 5.96 19.27 2.90
C ILE A 94 6.72 19.46 4.20
N SER A 95 6.16 19.05 5.33
CA SER A 95 6.77 19.28 6.63
C SER A 95 7.16 17.96 7.28
N PRO A 96 8.26 17.93 8.04
CA PRO A 96 8.57 16.75 8.86
C PRO A 96 7.59 16.50 9.99
N LYS A 97 6.70 17.45 10.29
CA LYS A 97 5.76 17.26 11.38
C LYS A 97 4.63 16.32 11.03
N VAL A 98 4.49 15.92 9.76
CA VAL A 98 3.39 15.07 9.32
C VAL A 98 3.92 13.95 8.44
N GLY A 99 3.14 12.86 8.39
CA GLY A 99 3.47 11.72 7.57
C GLY A 99 2.23 11.20 6.87
N LEU A 100 2.44 10.19 6.04
CA LEU A 100 1.33 9.58 5.30
C LEU A 100 0.22 9.18 6.26
N LYS A 101 -1.01 9.40 5.82
CA LYS A 101 -2.26 9.11 6.52
C LYS A 101 -2.60 10.13 7.61
N ASP A 102 -1.76 11.13 7.87
CA ASP A 102 -2.12 12.12 8.86
C ASP A 102 -3.25 13.00 8.35
N ILE A 103 -4.11 13.43 9.27
CA ILE A 103 -5.20 14.36 8.98
C ILE A 103 -4.79 15.72 9.51
N ILE A 104 -4.92 16.74 8.67
CA ILE A 104 -4.50 18.10 8.95
C ILE A 104 -5.75 18.98 9.01
N MET A 105 -5.86 19.81 10.04
CA MET A 105 -6.82 20.91 10.10
C MET A 105 -6.11 22.18 9.69
N ALA A 106 -6.59 22.82 8.62
CA ALA A 106 -5.94 24.00 8.06
C ALA A 106 -6.45 25.25 8.76
N THR A 107 -5.65 25.80 9.70
CA THR A 107 -6.09 27.01 10.39
C THR A 107 -5.77 28.25 9.56
N GLY A 108 -5.03 28.08 8.48
CA GLY A 108 -4.86 29.14 7.51
C GLY A 108 -4.54 28.51 6.17
N ALA A 109 -4.86 29.22 5.11
CA ALA A 109 -4.56 28.75 3.76
C ALA A 109 -3.83 29.86 3.01
N SER A 110 -2.50 29.72 2.91
CA SER A 110 -1.69 30.58 2.07
C SER A 110 -1.88 30.20 0.61
N THR A 111 -1.38 31.03 -0.31
CA THR A 111 -1.63 30.75 -1.72
C THR A 111 -0.66 31.50 -2.63
N ASP A 112 -0.42 30.90 -3.81
CA ASP A 112 0.23 31.59 -4.93
C ASP A 112 -0.77 32.14 -5.95
N SER A 113 -2.07 32.02 -5.66
CA SER A 113 -3.10 32.58 -6.53
C SER A 113 -3.09 34.12 -6.42
N LYS A 114 -3.59 34.78 -7.47
CA LYS A 114 -3.86 36.20 -7.38
C LYS A 114 -5.28 36.52 -6.92
N THR A 115 -6.11 35.48 -6.67
CA THR A 115 -7.53 35.73 -6.45
C THR A 115 -7.79 36.60 -5.22
N ASN A 116 -7.02 36.40 -4.14
CA ASN A 116 -7.27 37.18 -2.93
C ASN A 116 -6.75 38.61 -3.04
N ARG A 117 -5.67 38.83 -3.80
CA ARG A 117 -5.27 40.20 -4.11
C ARG A 117 -6.33 40.91 -4.93
N VAL A 118 -6.95 40.20 -5.88
CA VAL A 118 -8.05 40.81 -6.65
C VAL A 118 -9.23 41.13 -5.74
N ARG A 119 -9.56 40.23 -4.82
CA ARG A 119 -10.69 40.45 -3.92
C ARG A 119 -10.40 41.56 -2.91
N PHE A 120 -9.16 41.73 -2.51
CA PHE A 120 -8.83 42.40 -1.25
C PHE A 120 -7.83 43.54 -1.45
N LEU A 121 -8.12 44.44 -2.38
CA LEU A 121 -7.41 45.73 -2.47
C LEU A 121 -5.94 45.58 -2.82
N ASN A 122 -5.54 44.46 -3.43
CA ASN A 122 -4.15 44.15 -3.75
C ASN A 122 -3.29 43.92 -2.51
N HIS A 123 -3.91 43.74 -1.34
CA HIS A 123 -3.19 43.50 -0.09
C HIS A 123 -3.19 41.99 0.20
N ASP A 124 -2.77 41.64 1.41
CA ASP A 124 -2.63 40.24 1.83
C ASP A 124 -3.86 39.91 2.65
N LEU A 125 -4.78 39.13 2.08
CA LEU A 125 -5.87 38.55 2.86
C LEU A 125 -5.38 37.28 3.55
N SER A 126 -5.50 37.23 4.88
CA SER A 126 -5.17 36.02 5.62
C SER A 126 -6.40 35.12 5.60
N ALA A 127 -6.39 34.13 4.73
CA ALA A 127 -7.57 33.29 4.50
C ALA A 127 -7.66 32.25 5.61
N THR A 128 -8.76 32.29 6.36
CA THR A 128 -8.89 31.52 7.59
C THR A 128 -10.25 30.85 7.67
N PRO A 129 -10.36 29.79 8.45
CA PRO A 129 -11.64 29.10 8.67
C PRO A 129 -12.42 29.72 9.82
N ASP A 130 -13.67 29.29 9.93
CA ASP A 130 -14.52 29.67 11.05
C ASP A 130 -14.03 29.01 12.34
N PHE A 131 -13.92 29.81 13.40
CA PHE A 131 -13.33 29.29 14.62
C PHE A 131 -14.16 28.17 15.24
N GLU A 132 -15.49 28.34 15.29
CA GLU A 132 -16.35 27.32 15.92
C GLU A 132 -16.22 25.97 15.22
N LEU A 133 -16.18 25.97 13.88
CA LEU A 133 -15.98 24.71 13.17
C LEU A 133 -14.62 24.11 13.50
N SER A 134 -13.58 24.94 13.62
CA SER A 134 -12.27 24.40 13.98
C SER A 134 -12.29 23.80 15.39
N LEU A 135 -13.00 24.43 16.33
CA LEU A 135 -13.13 23.88 17.67
C LEU A 135 -13.84 22.54 17.63
N ARG A 136 -14.91 22.45 16.83
CA ARG A 136 -15.65 21.20 16.70
C ARG A 136 -14.78 20.09 16.12
N ALA A 137 -13.99 20.41 15.08
CA ALA A 137 -13.06 19.41 14.55
C ALA A 137 -12.07 18.97 15.60
N TYR A 138 -11.50 19.93 16.35
CA TYR A 138 -10.52 19.58 17.38
C TYR A 138 -11.13 18.67 18.43
N GLN A 139 -12.30 19.05 18.95
CA GLN A 139 -12.95 18.25 19.98
C GLN A 139 -13.35 16.88 19.46
N THR A 140 -13.84 16.81 18.21
CA THR A 140 -14.28 15.53 17.68
C THR A 140 -13.09 14.60 17.44
N ALA A 141 -11.97 15.14 16.94
CA ALA A 141 -10.78 14.33 16.79
C ALA A 141 -10.29 13.78 18.14
N LYS A 142 -10.31 14.61 19.19
CA LYS A 142 -9.93 14.12 20.51
C LYS A 142 -10.85 12.98 20.94
N ARG A 143 -12.16 13.16 20.75
CA ARG A 143 -13.13 12.12 21.10
C ARG A 143 -12.86 10.82 20.38
N LEU A 144 -12.51 10.89 19.09
CA LEU A 144 -12.30 9.69 18.29
C LEU A 144 -10.88 9.14 18.41
N GLY A 145 -10.01 9.78 19.18
CA GLY A 145 -8.65 9.29 19.30
C GLY A 145 -7.82 9.52 18.05
N ILE A 146 -8.15 10.54 17.27
CA ILE A 146 -7.38 10.94 16.09
C ILE A 146 -6.36 11.99 16.49
N ASP A 147 -5.11 11.80 16.08
CA ASP A 147 -4.03 12.76 16.32
C ASP A 147 -4.08 13.81 15.22
N LEU A 148 -4.94 14.81 15.42
CA LEU A 148 -5.18 15.83 14.40
C LEU A 148 -4.00 16.79 14.36
N LYS A 149 -3.39 16.96 13.19
CA LYS A 149 -2.29 17.89 13.01
C LYS A 149 -2.89 19.24 12.62
N VAL A 150 -2.42 20.30 13.25
CA VAL A 150 -3.04 21.62 13.09
C VAL A 150 -1.98 22.59 12.57
N GLY A 151 -2.26 23.22 11.45
CA GLY A 151 -1.34 24.22 10.93
C GLY A 151 -1.88 24.84 9.66
N ASN A 152 -1.00 25.54 8.94
CA ASN A 152 -1.42 26.13 7.69
C ASN A 152 -1.26 25.09 6.57
N VAL A 153 -2.01 25.29 5.49
CA VAL A 153 -1.71 24.65 4.22
C VAL A 153 -1.38 25.74 3.22
N PHE A 154 -0.76 25.34 2.12
CA PHE A 154 -0.52 26.22 0.97
C PHE A 154 -1.42 25.74 -0.16
N SER A 155 -2.37 26.59 -0.55
CA SER A 155 -3.27 26.31 -1.67
C SER A 155 -2.62 26.85 -2.94
N SER A 156 -2.25 25.95 -3.84
CA SER A 156 -1.51 26.32 -5.03
C SER A 156 -2.38 26.25 -6.28
N ASP A 157 -2.07 27.12 -7.23
CA ASP A 157 -2.60 26.97 -8.58
C ASP A 157 -1.92 25.86 -9.37
N PHE A 158 -0.90 25.22 -8.81
CA PHE A 158 -0.09 24.23 -9.52
C PHE A 158 -0.10 22.90 -8.77
N PHE A 159 -0.48 21.83 -9.48
CA PHE A 159 -0.18 20.50 -8.95
C PHE A 159 1.26 20.13 -9.27
N TYR A 160 1.70 20.40 -10.49
CA TYR A 160 3.09 20.19 -10.91
C TYR A 160 3.83 21.52 -10.70
N SER A 161 4.46 21.64 -9.55
CA SER A 161 5.01 22.92 -9.10
C SER A 161 6.27 23.30 -9.88
N PHE A 162 6.46 24.59 -10.08
CA PHE A 162 7.71 25.13 -10.57
C PHE A 162 8.56 25.71 -9.46
N GLU A 163 8.17 25.48 -8.20
CA GLU A 163 8.79 26.11 -7.04
C GLU A 163 9.05 25.08 -5.95
N THR A 164 9.45 23.86 -6.33
CA THR A 164 9.71 22.83 -5.33
C THR A 164 10.86 23.22 -4.41
N HIS A 165 11.75 24.10 -4.88
CA HIS A 165 12.86 24.58 -4.05
C HIS A 165 12.38 25.38 -2.85
N ALA A 166 11.12 25.83 -2.83
CA ALA A 166 10.59 26.62 -1.73
C ALA A 166 9.82 25.79 -0.69
N PHE A 167 9.70 24.47 -0.90
CA PHE A 167 8.89 23.65 0.01
C PHE A 167 9.42 23.73 1.45
N ASP A 168 10.73 23.67 1.62
CA ASP A 168 11.31 23.73 2.97
C ASP A 168 11.00 25.05 3.65
N LEU A 169 11.09 26.16 2.90
CA LEU A 169 10.74 27.46 3.46
C LEU A 169 9.28 27.48 3.93
N MET A 170 8.37 26.94 3.12
CA MET A 170 6.97 26.96 3.55
C MET A 170 6.75 26.10 4.79
N ALA A 171 7.45 24.97 4.89
CA ALA A 171 7.30 24.14 6.07
C ALA A 171 7.84 24.85 7.32
N LYS A 172 8.93 25.61 7.16
CA LYS A 172 9.45 26.41 8.26
C LYS A 172 8.37 27.31 8.83
N TYR A 173 7.56 27.91 7.95
CA TYR A 173 6.46 28.78 8.31
C TYR A 173 5.17 28.03 8.66
N ASN A 174 5.28 26.80 9.16
CA ASN A 174 4.13 26.04 9.64
C ASN A 174 3.13 25.68 8.54
N HIS A 175 3.58 25.54 7.30
CA HIS A 175 2.72 24.97 6.27
C HIS A 175 2.99 23.47 6.22
N LEU A 176 1.98 22.68 6.56
CA LEU A 176 2.17 21.25 6.70
C LEU A 176 2.04 20.52 5.37
N ALA A 177 1.26 21.04 4.43
CA ALA A 177 1.01 20.34 3.19
C ALA A 177 0.53 21.33 2.14
N ILE A 178 0.48 20.86 0.90
CA ILE A 178 0.00 21.64 -0.23
C ILE A 178 -1.24 20.97 -0.78
N GLU A 179 -2.26 21.77 -1.05
CA GLU A 179 -3.43 21.34 -1.81
C GLU A 179 -3.82 22.50 -2.72
N MET A 180 -5.05 22.51 -3.24
CA MET A 180 -5.33 23.44 -4.32
C MET A 180 -6.64 24.21 -4.19
N GLU A 181 -7.36 24.08 -3.07
CA GLU A 181 -8.67 24.72 -2.98
C GLU A 181 -8.91 25.50 -1.68
N ALA A 182 -8.21 25.19 -0.59
CA ALA A 182 -8.60 25.72 0.72
C ALA A 182 -8.65 27.24 0.74
N ALA A 183 -7.68 27.92 0.11
CA ALA A 183 -7.71 29.38 0.15
C ALA A 183 -8.94 29.94 -0.54
N GLY A 184 -9.42 29.27 -1.59
CA GLY A 184 -10.61 29.72 -2.27
C GLY A 184 -11.87 29.49 -1.46
N LEU A 185 -11.98 28.32 -0.82
CA LEU A 185 -13.10 28.06 0.07
C LEU A 185 -13.13 29.08 1.20
N TYR A 186 -11.97 29.34 1.81
CA TYR A 186 -11.92 30.27 2.93
C TYR A 186 -12.26 31.70 2.51
N ALA A 187 -11.66 32.17 1.40
CA ALA A 187 -11.95 33.53 0.96
C ALA A 187 -13.42 33.70 0.59
N THR A 188 -14.02 32.68 -0.05
CA THR A 188 -15.42 32.79 -0.46
C THR A 188 -16.35 32.80 0.74
N ALA A 189 -16.06 31.96 1.74
CA ALA A 189 -16.87 31.94 2.94
C ALA A 189 -16.73 33.24 3.74
N MET A 190 -15.53 33.83 3.73
CA MET A 190 -15.37 35.14 4.36
C MET A 190 -16.15 36.19 3.59
N GLU A 191 -16.05 36.18 2.26
CA GLU A 191 -16.79 37.12 1.43
C GLU A 191 -18.27 37.08 1.73
N LEU A 192 -18.81 35.88 1.89
CA LEU A 192 -20.25 35.68 1.96
C LEU A 192 -20.76 35.38 3.36
N ASN A 193 -19.93 35.59 4.39
CA ASN A 193 -20.38 35.50 5.77
C ASN A 193 -20.89 34.09 6.11
N ALA A 194 -20.18 33.06 5.63
CA ALA A 194 -20.51 31.68 5.92
C ALA A 194 -19.38 31.03 6.70
N LYS A 195 -19.66 29.86 7.26
CA LYS A 195 -18.71 29.11 8.08
C LYS A 195 -18.07 27.98 7.28
N ALA A 196 -16.74 27.94 7.26
CA ALA A 196 -16.03 26.93 6.49
C ALA A 196 -14.82 26.44 7.25
N LEU A 197 -14.41 25.21 6.92
CA LEU A 197 -13.21 24.58 7.45
C LEU A 197 -12.72 23.53 6.45
N CYS A 198 -11.41 23.36 6.38
CA CYS A 198 -10.82 22.35 5.53
CA CYS A 198 -10.79 22.35 5.53
C CYS A 198 -9.97 21.40 6.37
N LEU A 199 -10.23 20.10 6.21
CA LEU A 199 -9.36 19.04 6.69
C LEU A 199 -8.77 18.35 5.47
N CYS A 200 -7.55 17.85 5.58
CA CYS A 200 -6.96 17.12 4.48
CA CYS A 200 -6.92 17.14 4.47
C CYS A 200 -6.13 15.96 5.00
N SER A 201 -6.05 14.92 4.19
CA SER A 201 -5.36 13.68 4.50
C SER A 201 -4.11 13.59 3.66
N VAL A 202 -2.98 13.26 4.29
CA VAL A 202 -1.70 13.17 3.59
C VAL A 202 -1.68 11.89 2.75
N SER A 203 -1.71 12.05 1.43
CA SER A 203 -1.65 10.92 0.51
C SER A 203 -0.24 10.69 -0.02
N ASP A 204 0.59 11.73 -0.03
CA ASP A 204 1.94 11.68 -0.56
C ASP A 204 2.78 12.68 0.24
N HIS A 205 4.04 12.35 0.43
CA HIS A 205 4.99 13.27 1.02
C HIS A 205 5.87 13.83 -0.09
N LEU A 206 5.78 15.14 -0.32
CA LEU A 206 6.49 15.74 -1.44
C LEU A 206 7.98 15.87 -1.20
N ILE A 207 8.43 15.72 0.05
CA ILE A 207 9.85 15.82 0.38
C ILE A 207 10.52 14.45 0.37
N THR A 208 9.95 13.52 1.13
CA THR A 208 10.51 12.17 1.25
C THR A 208 10.13 11.27 0.08
N LYS A 209 9.12 11.64 -0.70
CA LYS A 209 8.62 10.92 -1.86
C LYS A 209 7.75 9.71 -1.50
N GLU A 210 7.51 9.44 -0.21
CA GLU A 210 6.59 8.39 0.20
C GLU A 210 5.20 8.63 -0.40
N ALA A 211 4.52 7.54 -0.74
CA ALA A 211 3.20 7.64 -1.35
C ALA A 211 2.35 6.48 -0.84
N LEU A 212 1.04 6.73 -0.74
CA LEU A 212 0.12 5.67 -0.36
C LEU A 212 -0.24 4.85 -1.59
N SER A 213 -0.55 3.57 -1.36
CA SER A 213 -1.05 2.72 -2.43
C SER A 213 -2.52 3.07 -2.68
N PRO A 214 -3.07 2.62 -3.82
CA PRO A 214 -4.50 2.89 -4.06
C PRO A 214 -5.43 2.42 -2.94
N LYS A 215 -5.22 1.23 -2.39
CA LYS A 215 -6.08 0.78 -1.30
C LYS A 215 -5.82 1.53 -0.01
N GLU A 216 -4.56 1.89 0.25
CA GLU A 216 -4.27 2.71 1.42
C GLU A 216 -4.94 4.08 1.29
N ARG A 217 -4.98 4.62 0.08
CA ARG A 217 -5.61 5.92 -0.13
C ARG A 217 -7.07 5.89 0.30
N VAL A 218 -7.78 4.80 -0.03
CA VAL A 218 -9.19 4.69 0.32
C VAL A 218 -9.38 4.50 1.81
N GLU A 219 -8.55 3.66 2.43
CA GLU A 219 -8.72 3.35 3.85
C GLU A 219 -8.44 4.56 4.73
N SER A 220 -7.38 5.32 4.41
CA SER A 220 -7.05 6.48 5.23
C SER A 220 -8.05 7.60 5.01
N PHE A 221 -8.57 7.74 3.79
CA PHE A 221 -9.60 8.74 3.54
C PHE A 221 -10.85 8.44 4.35
N ASP A 222 -11.17 7.16 4.57
CA ASP A 222 -12.35 6.79 5.35
C ASP A 222 -12.29 7.38 6.76
N ASN A 223 -11.09 7.40 7.36
CA ASN A 223 -10.94 7.94 8.71
C ASN A 223 -11.30 9.42 8.75
N MET A 224 -10.94 10.18 7.72
CA MET A 224 -11.31 11.59 7.76
C MET A 224 -12.76 11.81 7.35
N ILE A 225 -13.33 10.92 6.53
CA ILE A 225 -14.77 10.97 6.28
C ILE A 225 -15.55 10.84 7.60
N ILE A 226 -15.18 9.85 8.41
CA ILE A 226 -15.87 9.63 9.69
C ILE A 226 -15.70 10.83 10.60
N LEU A 227 -14.47 11.36 10.71
CA LEU A 227 -14.25 12.58 11.47
C LEU A 227 -15.22 13.67 11.04
N ALA A 228 -15.33 13.90 9.72
CA ALA A 228 -16.18 14.98 9.23
C ALA A 228 -17.65 14.73 9.54
N LEU A 229 -18.13 13.52 9.24
CA LEU A 229 -19.54 13.22 9.49
C LEU A 229 -19.85 13.29 10.99
N GLU A 230 -18.93 12.83 11.81
CA GLU A 230 -19.12 12.93 13.26
C GLU A 230 -19.18 14.39 13.73
N MET A 231 -18.33 15.27 13.18
CA MET A 231 -18.44 16.66 13.61
C MET A 231 -19.71 17.33 13.12
N MET A 232 -20.34 16.77 12.08
CA MET A 232 -21.59 17.32 11.57
C MET A 232 -22.82 16.74 12.27
N SER A 233 -22.65 15.73 13.12
CA SER A 233 -23.76 15.04 13.76
C SER A 233 -24.17 15.74 15.07
N MET B 1 2.07 69.12 -36.39
CA MET B 1 0.76 68.62 -36.04
C MET B 1 0.77 67.87 -34.71
N THR B 2 1.88 67.23 -34.42
CA THR B 2 2.16 66.63 -33.12
C THR B 2 3.56 67.05 -32.70
N PRO B 3 3.93 66.83 -31.44
CA PRO B 3 5.31 67.12 -31.04
C PRO B 3 6.34 66.23 -31.72
N HIS B 4 5.94 65.10 -32.31
CA HIS B 4 6.90 64.12 -32.80
C HIS B 4 6.83 63.89 -34.30
N ILE B 5 5.82 64.41 -34.99
CA ILE B 5 5.69 64.25 -36.43
C ILE B 5 5.26 65.61 -37.00
N ASN B 6 5.94 66.07 -38.05
CA ASN B 6 5.57 67.35 -38.67
C ASN B 6 5.01 67.18 -40.08
N ALA B 7 4.44 66.01 -40.38
CA ALA B 7 3.75 65.81 -41.64
C ALA B 7 2.38 66.48 -41.59
N LYS B 8 1.84 66.81 -42.77
CA LYS B 8 0.47 67.26 -42.86
C LYS B 8 -0.46 66.05 -42.84
N ILE B 9 -1.69 66.25 -42.34
CA ILE B 9 -2.69 65.19 -42.44
C ILE B 9 -2.91 64.88 -43.91
N GLY B 10 -2.98 63.60 -44.24
CA GLY B 10 -3.03 63.17 -45.61
C GLY B 10 -1.70 62.75 -46.19
N ASP B 11 -0.58 63.10 -45.54
CA ASP B 11 0.73 62.74 -46.06
C ASP B 11 1.00 61.24 -45.96
N PHE B 12 0.35 60.53 -45.04
CA PHE B 12 0.60 59.11 -44.84
C PHE B 12 -0.44 58.29 -45.61
N TYR B 13 0.02 57.23 -46.25
CA TYR B 13 -0.88 56.23 -46.77
C TYR B 13 -1.45 55.43 -45.59
N PRO B 14 -2.57 54.74 -45.79
CA PRO B 14 -3.18 54.00 -44.67
C PRO B 14 -2.39 52.79 -44.23
N GLN B 15 -1.43 52.32 -45.03
CA GLN B 15 -0.52 51.24 -44.67
C GLN B 15 0.86 51.84 -44.48
N CYS B 16 1.52 51.48 -43.38
CA CYS B 16 2.81 52.06 -43.05
C CYS B 16 3.76 50.98 -42.55
N LEU B 17 4.94 50.93 -43.15
CA LEU B 17 6.01 50.07 -42.68
C LEU B 17 6.78 50.82 -41.60
N LEU B 18 7.04 50.14 -40.48
CA LEU B 18 7.72 50.77 -39.35
C LEU B 18 9.06 50.11 -39.09
N OCS B 19 10.05 50.89 -38.63
CA OCS B 19 11.36 50.35 -38.27
CB OCS B 19 12.25 50.36 -39.52
SG OCS B 19 13.76 49.40 -39.43
C OCS B 19 11.93 51.29 -37.23
O OCS B 19 11.66 52.48 -37.27
OD1 OCS B 19 13.49 48.11 -38.93
OD2 OCS B 19 14.70 50.06 -38.59
OD3 OCS B 19 14.28 49.30 -40.75
N GLY B 20 12.74 50.80 -36.30
CA GLY B 20 13.31 51.64 -35.27
C GLY B 20 14.28 52.67 -35.79
N ASP B 21 14.99 52.32 -36.87
CA ASP B 21 16.12 53.09 -37.35
C ASP B 21 15.71 54.00 -38.51
N PRO B 22 15.61 55.32 -38.30
CA PRO B 22 15.22 56.22 -39.40
C PRO B 22 16.18 56.23 -40.58
N LEU B 23 17.45 55.87 -40.37
CA LEU B 23 18.37 55.79 -41.50
C LEU B 23 18.06 54.58 -42.37
N ARG B 24 17.63 53.47 -41.76
CA ARG B 24 17.17 52.34 -42.55
C ARG B 24 15.86 52.65 -43.27
N VAL B 25 14.99 53.44 -42.64
CA VAL B 25 13.79 53.93 -43.30
C VAL B 25 14.14 54.72 -44.56
N SER B 26 15.13 55.61 -44.46
CA SER B 26 15.55 56.39 -45.63
C SER B 26 16.12 55.48 -46.71
N TYR B 27 16.96 54.52 -46.30
CA TYR B 27 17.53 53.53 -47.22
C TYR B 27 16.43 52.77 -47.97
N ILE B 28 15.37 52.35 -47.27
CA ILE B 28 14.26 51.66 -47.95
C ILE B 28 13.60 52.57 -48.97
N ALA B 29 13.35 53.83 -48.57
CA ALA B 29 12.71 54.79 -49.47
C ALA B 29 13.51 54.96 -50.75
N LYS B 30 14.83 55.07 -50.62
CA LYS B 30 15.66 55.34 -51.79
C LYS B 30 15.93 54.10 -52.63
N LYS B 31 16.04 52.93 -52.01
CA LYS B 31 16.34 51.72 -52.75
C LYS B 31 15.10 51.06 -53.34
N PHE B 32 13.99 51.05 -52.60
CA PHE B 32 12.86 50.21 -52.96
C PHE B 32 11.62 50.94 -53.43
N LEU B 33 11.50 52.24 -53.17
CA LEU B 33 10.31 52.99 -53.53
C LEU B 33 10.57 53.91 -54.71
N GLN B 34 9.51 54.19 -55.45
CA GLN B 34 9.51 55.20 -56.51
C GLN B 34 8.81 56.45 -55.99
N ASP B 35 9.28 57.62 -56.44
CA ASP B 35 8.65 58.89 -56.11
C ASP B 35 8.57 59.12 -54.60
N ALA B 36 9.53 58.61 -53.85
CA ALA B 36 9.46 58.74 -52.40
C ALA B 36 9.70 60.19 -52.00
N LYS B 37 8.89 60.65 -51.06
CA LYS B 37 9.00 62.01 -50.51
C LYS B 37 9.15 61.93 -49.01
N GLU B 38 10.12 62.66 -48.48
CA GLU B 38 10.26 62.79 -47.04
C GLU B 38 9.10 63.63 -46.51
N ILE B 39 8.32 63.07 -45.57
CA ILE B 39 7.15 63.75 -45.06
C ILE B 39 7.30 64.21 -43.61
N THR B 40 8.29 63.70 -42.87
CA THR B 40 8.46 64.08 -41.48
C THR B 40 9.92 63.92 -41.09
N ASN B 41 10.38 64.76 -40.12
CA ASN B 41 11.78 64.67 -39.69
C ASN B 41 11.99 65.21 -38.28
N VAL B 42 10.95 65.32 -37.45
CA VAL B 42 11.12 65.78 -36.08
C VAL B 42 12.06 64.84 -35.35
N ARG B 43 12.98 65.41 -34.58
CA ARG B 43 13.97 64.62 -33.82
C ARG B 43 14.79 63.69 -34.71
N ASN B 44 14.94 64.03 -36.00
CA ASN B 44 15.64 63.20 -36.96
C ASN B 44 14.92 61.88 -37.24
N MET B 45 13.66 61.76 -36.83
CA MET B 45 12.93 60.49 -36.97
C MET B 45 12.19 60.62 -38.30
N LEU B 46 12.79 60.08 -39.37
CA LEU B 46 12.31 60.30 -40.72
C LEU B 46 11.12 59.40 -41.07
N GLY B 47 10.24 59.92 -41.93
CA GLY B 47 9.18 59.12 -42.51
C GLY B 47 8.98 59.55 -43.95
N PHE B 48 8.44 58.64 -44.76
CA PHE B 48 8.34 58.83 -46.20
C PHE B 48 7.02 58.27 -46.72
N SER B 49 6.64 58.74 -47.91
CA SER B 49 5.55 58.15 -48.67
C SER B 49 6.02 58.02 -50.10
N GLY B 50 5.72 56.87 -50.70
CA GLY B 50 6.19 56.55 -52.03
C GLY B 50 5.37 55.41 -52.58
N LYS B 51 5.85 54.85 -53.69
CA LYS B 51 5.14 53.75 -54.35
C LYS B 51 6.04 52.55 -54.51
N TYR B 52 5.47 51.36 -54.33
CA TYR B 52 6.14 50.10 -54.57
C TYR B 52 5.24 49.32 -55.50
N LYS B 53 5.73 49.04 -56.72
CA LYS B 53 4.93 48.35 -57.72
C LYS B 53 3.58 49.02 -57.94
N GLY B 54 3.60 50.36 -58.00
CA GLY B 54 2.40 51.13 -58.24
C GLY B 54 1.50 51.36 -57.06
N ARG B 55 1.82 50.83 -55.89
CA ARG B 55 0.96 50.91 -54.72
C ARG B 55 1.56 51.87 -53.70
N GLY B 56 0.73 52.75 -53.16
CA GLY B 56 1.22 53.71 -52.16
C GLY B 56 1.59 53.01 -50.88
N ILE B 57 2.74 53.40 -50.33
CA ILE B 57 3.28 52.82 -49.10
C ILE B 57 3.93 53.96 -48.34
N SER B 58 3.69 54.00 -47.03
CA SER B 58 4.44 54.93 -46.19
C SER B 58 5.43 54.15 -45.34
N LEU B 59 6.46 54.85 -44.90
CA LEU B 59 7.49 54.29 -44.02
C LEU B 59 7.68 55.27 -42.87
N MET B 60 7.88 54.76 -41.65
CA MET B 60 8.10 55.66 -40.53
C MET B 60 9.08 55.01 -39.54
N GLY B 61 10.03 55.80 -39.05
CA GLY B 61 10.88 55.32 -37.98
C GLY B 61 10.21 55.52 -36.64
N HIS B 62 10.56 54.65 -35.67
CA HIS B 62 9.91 54.76 -34.36
C HIS B 62 10.86 54.76 -33.17
N GLY B 63 12.17 54.74 -33.38
CA GLY B 63 13.11 54.72 -32.26
C GLY B 63 13.13 53.38 -31.54
N MET B 64 13.76 53.39 -30.37
CA MET B 64 14.06 52.15 -29.66
C MET B 64 13.26 52.10 -28.36
N GLY B 65 12.67 50.94 -28.08
CA GLY B 65 11.98 50.72 -26.83
C GLY B 65 10.49 50.99 -26.94
N ILE B 66 9.75 50.39 -26.00
CA ILE B 66 8.30 50.43 -26.04
C ILE B 66 7.77 51.85 -25.94
N ALA B 67 8.36 52.67 -25.06
CA ALA B 67 7.84 54.03 -24.87
C ALA B 67 8.01 54.88 -26.13
N SER B 68 9.14 54.75 -26.81
CA SER B 68 9.34 55.49 -28.06
C SER B 68 8.37 54.98 -29.13
N CYS B 69 8.27 53.67 -29.27
CA CYS B 69 7.41 53.10 -30.30
C CYS B 69 5.97 53.51 -30.10
N THR B 70 5.49 53.44 -28.85
CA THR B 70 4.11 53.82 -28.54
C THR B 70 3.80 55.24 -28.97
N ILE B 71 4.73 56.19 -28.75
CA ILE B 71 4.46 57.58 -29.12
C ILE B 71 4.17 57.68 -30.61
N TYR B 72 5.06 57.13 -31.43
CA TYR B 72 4.89 57.25 -32.89
C TYR B 72 3.64 56.52 -33.36
N VAL B 73 3.41 55.29 -32.88
CA VAL B 73 2.27 54.51 -33.33
C VAL B 73 0.97 55.18 -32.93
N THR B 74 0.91 55.72 -31.70
CA THR B 74 -0.28 56.45 -31.27
C THR B 74 -0.59 57.60 -32.21
N GLU B 75 0.42 58.41 -32.54
CA GLU B 75 0.16 59.56 -33.41
C GLU B 75 -0.21 59.13 -34.83
N LEU B 76 0.42 58.07 -35.34
CA LEU B 76 0.11 57.61 -36.70
C LEU B 76 -1.36 57.20 -36.82
N ILE B 77 -1.87 56.48 -35.82
CA ILE B 77 -3.26 56.03 -35.86
C ILE B 77 -4.22 57.19 -35.59
N LYS B 78 -4.00 57.94 -34.51
CA LYS B 78 -5.01 58.90 -34.07
C LYS B 78 -5.03 60.14 -34.95
N THR B 79 -3.87 60.62 -35.38
CA THR B 79 -3.78 61.85 -36.16
C THR B 79 -3.66 61.60 -37.65
N TYR B 80 -2.87 60.63 -38.08
CA TYR B 80 -2.57 60.44 -39.49
C TYR B 80 -3.40 59.34 -40.14
N GLN B 81 -4.37 58.78 -39.41
CA GLN B 81 -5.33 57.82 -39.95
C GLN B 81 -4.70 56.55 -40.49
N VAL B 82 -3.50 56.18 -40.02
CA VAL B 82 -2.92 54.92 -40.46
C VAL B 82 -3.72 53.76 -39.89
N LYS B 83 -4.01 52.77 -40.73
CA LYS B 83 -4.86 51.64 -40.38
C LYS B 83 -4.10 50.33 -40.23
N GLU B 84 -3.00 50.17 -40.96
CA GLU B 84 -2.20 48.96 -40.97
C GLU B 84 -0.75 49.31 -40.73
N LEU B 85 -0.14 48.68 -39.72
CA LEU B 85 1.22 49.00 -39.32
C LEU B 85 2.03 47.72 -39.32
N LEU B 86 3.04 47.66 -40.19
CA LEU B 86 3.88 46.48 -40.35
C LEU B 86 5.29 46.86 -39.88
N ARG B 87 5.69 46.35 -38.74
CA ARG B 87 6.99 46.66 -38.15
C ARG B 87 7.99 45.58 -38.57
N ILE B 88 9.17 46.01 -38.99
CA ILE B 88 10.31 45.13 -39.20
C ILE B 88 11.44 45.62 -38.30
N GLY B 89 12.43 44.75 -38.10
CA GLY B 89 13.58 45.10 -37.29
C GLY B 89 14.43 43.87 -37.09
N THR B 90 15.52 44.07 -36.35
CA THR B 90 16.38 42.94 -36.03
C THR B 90 15.98 42.39 -34.67
N CYS B 91 16.64 41.31 -34.26
CA CYS B 91 16.37 40.74 -32.95
C CYS B 91 17.55 39.86 -32.54
N GLY B 92 17.58 39.53 -31.26
CA GLY B 92 18.59 38.62 -30.74
C GLY B 92 17.92 37.29 -30.45
N ALA B 93 18.28 36.26 -31.20
CA ALA B 93 17.63 34.96 -31.06
C ALA B 93 18.04 34.31 -29.74
N ILE B 94 17.07 33.60 -29.12
CA ILE B 94 17.31 32.87 -27.89
C ILE B 94 16.90 31.42 -27.97
N SER B 95 16.34 30.98 -29.09
CA SER B 95 15.83 29.63 -29.21
C SER B 95 16.69 28.82 -30.16
N PRO B 96 16.89 27.52 -29.88
CA PRO B 96 17.58 26.65 -30.85
C PRO B 96 16.80 26.46 -32.15
N LYS B 97 15.53 26.85 -32.19
CA LYS B 97 14.67 26.65 -33.36
C LYS B 97 14.90 27.69 -34.45
N VAL B 98 15.72 28.71 -34.19
CA VAL B 98 16.04 29.74 -35.18
C VAL B 98 17.54 29.96 -35.22
N GLY B 99 18.01 30.51 -36.35
CA GLY B 99 19.40 30.86 -36.53
C GLY B 99 19.54 32.16 -37.30
N LEU B 100 20.79 32.53 -37.56
CA LEU B 100 21.06 33.80 -38.23
C LEU B 100 20.34 33.86 -39.57
N LYS B 101 19.85 35.06 -39.90
CA LYS B 101 19.12 35.39 -41.12
C LYS B 101 17.68 34.90 -41.12
N ASP B 102 17.25 34.12 -40.13
CA ASP B 102 15.85 33.70 -40.11
C ASP B 102 14.96 34.93 -39.89
N ILE B 103 13.77 34.88 -40.49
CA ILE B 103 12.74 35.87 -40.26
C ILE B 103 11.66 35.25 -39.37
N ILE B 104 11.32 35.97 -38.31
CA ILE B 104 10.35 35.54 -37.30
C ILE B 104 9.11 36.41 -37.42
N MET B 105 7.94 35.78 -37.43
CA MET B 105 6.68 36.50 -37.30
C MET B 105 6.21 36.34 -35.86
N ALA B 106 6.07 37.46 -35.16
CA ALA B 106 5.74 37.41 -33.73
C ALA B 106 4.23 37.28 -33.55
N THR B 107 3.74 36.09 -33.22
CA THR B 107 2.31 35.97 -32.95
C THR B 107 1.95 36.36 -31.52
N GLY B 108 2.95 36.70 -30.72
CA GLY B 108 2.72 37.28 -29.41
C GLY B 108 3.99 37.98 -29.00
N ALA B 109 3.84 39.01 -28.17
CA ALA B 109 4.98 39.77 -27.64
C ALA B 109 4.84 39.83 -26.12
N SER B 110 5.64 39.01 -25.44
CA SER B 110 5.76 39.07 -23.99
C SER B 110 6.65 40.25 -23.63
N THR B 111 6.66 40.62 -22.35
CA THR B 111 7.44 41.81 -22.00
C THR B 111 7.78 41.83 -20.51
N ASP B 112 8.88 42.51 -20.19
CA ASP B 112 9.24 42.90 -18.82
C ASP B 112 8.83 44.34 -18.50
N SER B 113 8.21 45.03 -19.43
CA SER B 113 7.66 46.36 -19.22
C SER B 113 6.49 46.33 -18.25
N LYS B 114 6.24 47.45 -17.58
CA LYS B 114 5.04 47.60 -16.78
C LYS B 114 3.91 48.26 -17.56
N THR B 115 4.15 48.62 -18.84
CA THR B 115 3.18 49.44 -19.57
C THR B 115 1.84 48.74 -19.73
N ASN B 116 1.86 47.45 -20.00
CA ASN B 116 0.60 46.76 -20.25
C ASN B 116 -0.18 46.55 -18.96
N ARG B 117 0.51 46.39 -17.83
CA ARG B 117 -0.18 46.35 -16.54
C ARG B 117 -0.84 47.69 -16.23
N VAL B 118 -0.16 48.81 -16.57
CA VAL B 118 -0.76 50.12 -16.40
C VAL B 118 -1.98 50.29 -17.29
N ARG B 119 -1.89 49.82 -18.54
CA ARG B 119 -3.00 49.88 -19.50
C ARG B 119 -4.16 48.99 -19.12
N PHE B 120 -3.89 47.85 -18.50
CA PHE B 120 -4.84 46.74 -18.49
C PHE B 120 -5.11 46.25 -17.08
N LEU B 121 -5.52 47.15 -16.20
CA LEU B 121 -6.11 46.79 -14.91
C LEU B 121 -5.17 46.02 -14.01
N ASN B 122 -3.87 46.15 -14.24
CA ASN B 122 -2.83 45.46 -13.47
C ASN B 122 -2.85 43.95 -13.72
N HIS B 123 -3.55 43.49 -14.77
CA HIS B 123 -3.59 42.08 -15.15
C HIS B 123 -2.58 41.81 -16.26
N ASP B 124 -2.66 40.63 -16.87
CA ASP B 124 -1.77 40.22 -17.96
C ASP B 124 -2.50 40.44 -19.28
N LEU B 125 -2.06 41.42 -20.06
CA LEU B 125 -2.52 41.59 -21.43
C LEU B 125 -1.68 40.71 -22.34
N SER B 126 -2.32 39.84 -23.11
CA SER B 126 -1.58 39.03 -24.07
C SER B 126 -1.51 39.85 -25.35
N ALA B 127 -0.36 40.49 -25.58
CA ALA B 127 -0.20 41.41 -26.70
C ALA B 127 -0.01 40.61 -27.98
N THR B 128 -0.92 40.80 -28.93
CA THR B 128 -0.99 39.96 -30.12
C THR B 128 -1.21 40.81 -31.36
N PRO B 129 -0.79 40.31 -32.53
CA PRO B 129 -0.99 41.03 -33.79
C PRO B 129 -2.39 40.78 -34.37
N ASP B 130 -2.70 41.55 -35.40
CA ASP B 130 -3.91 41.34 -36.18
C ASP B 130 -3.82 40.03 -36.98
N PHE B 131 -4.89 39.22 -36.94
CA PHE B 131 -4.83 37.92 -37.59
C PHE B 131 -4.73 38.01 -39.11
N GLU B 132 -5.52 38.89 -39.74
CA GLU B 132 -5.42 39.05 -41.19
C GLU B 132 -4.00 39.37 -41.62
N LEU B 133 -3.35 40.28 -40.91
CA LEU B 133 -1.97 40.61 -41.30
C LEU B 133 -1.06 39.42 -41.12
N SER B 134 -1.26 38.63 -40.05
CA SER B 134 -0.45 37.43 -39.85
C SER B 134 -0.64 36.45 -41.00
N LEU B 135 -1.89 36.27 -41.44
CA LEU B 135 -2.18 35.36 -42.56
C LEU B 135 -1.50 35.85 -43.83
N ARG B 136 -1.55 37.16 -44.07
CA ARG B 136 -0.93 37.71 -45.27
C ARG B 136 0.58 37.53 -45.25
N ALA B 137 1.21 37.75 -44.09
CA ALA B 137 2.65 37.49 -43.99
C ALA B 137 2.96 36.03 -44.25
N TYR B 138 2.15 35.13 -43.68
CA TYR B 138 2.39 33.71 -43.86
C TYR B 138 2.24 33.31 -45.33
N GLN B 139 1.18 33.78 -45.99
CA GLN B 139 0.99 33.48 -47.41
C GLN B 139 2.07 34.10 -48.27
N THR B 140 2.47 35.35 -47.97
CA THR B 140 3.46 36.00 -48.80
C THR B 140 4.82 35.32 -48.66
N ALA B 141 5.16 34.89 -47.45
CA ALA B 141 6.40 34.15 -47.25
C ALA B 141 6.41 32.84 -48.02
N LYS B 142 5.30 32.10 -47.99
CA LYS B 142 5.22 30.88 -48.81
C LYS B 142 5.41 31.21 -50.28
N ARG B 143 4.74 32.25 -50.76
CA ARG B 143 4.89 32.65 -52.16
C ARG B 143 6.36 32.92 -52.50
N LEU B 144 7.04 33.68 -51.63
CA LEU B 144 8.43 34.03 -51.87
C LEU B 144 9.41 32.92 -51.53
N GLY B 145 8.92 31.80 -51.01
CA GLY B 145 9.82 30.70 -50.67
C GLY B 145 10.66 30.97 -49.44
N ILE B 146 10.16 31.80 -48.53
CA ILE B 146 10.85 32.13 -47.28
C ILE B 146 10.38 31.17 -46.21
N ASP B 147 11.32 30.61 -45.45
CA ASP B 147 10.99 29.73 -44.32
C ASP B 147 10.70 30.61 -43.11
N LEU B 148 9.46 31.06 -43.00
CA LEU B 148 9.08 31.97 -41.92
C LEU B 148 8.95 31.21 -40.61
N LYS B 149 9.66 31.66 -39.59
CA LYS B 149 9.55 31.08 -38.25
C LYS B 149 8.47 31.84 -37.50
N VAL B 150 7.60 31.12 -36.81
CA VAL B 150 6.42 31.73 -36.20
C VAL B 150 6.44 31.41 -34.70
N GLY B 151 6.43 32.44 -33.86
CA GLY B 151 6.37 32.21 -32.43
C GLY B 151 6.28 33.53 -31.68
N ASN B 152 6.48 33.47 -30.37
CA ASN B 152 6.50 34.71 -29.61
C ASN B 152 7.87 35.37 -29.70
N VAL B 153 7.87 36.67 -29.44
CA VAL B 153 9.11 37.38 -29.10
C VAL B 153 8.96 37.92 -27.69
N PHE B 154 10.08 38.29 -27.10
CA PHE B 154 10.11 38.96 -25.80
C PHE B 154 10.57 40.39 -26.03
N SER B 155 9.68 41.34 -25.76
CA SER B 155 9.97 42.76 -25.88
C SER B 155 10.51 43.25 -24.55
N SER B 156 11.77 43.61 -24.49
CA SER B 156 12.37 43.99 -23.23
C SER B 156 12.63 45.50 -23.15
N ASP B 157 12.55 46.03 -21.92
CA ASP B 157 13.06 47.38 -21.65
C ASP B 157 14.57 47.46 -21.65
N PHE B 158 15.27 46.33 -21.77
CA PHE B 158 16.73 46.25 -21.64
C PHE B 158 17.37 45.67 -22.89
N PHE B 159 18.30 46.42 -23.49
CA PHE B 159 19.22 45.82 -24.43
C PHE B 159 20.33 45.08 -23.71
N TYR B 160 20.91 45.72 -22.69
CA TYR B 160 21.93 45.09 -21.84
C TYR B 160 21.19 44.45 -20.66
N SER B 161 20.85 43.18 -20.82
CA SER B 161 19.94 42.52 -19.91
C SER B 161 20.61 42.21 -18.58
N PHE B 162 19.81 42.25 -17.50
CA PHE B 162 20.22 41.77 -16.20
C PHE B 162 19.67 40.39 -15.90
N GLU B 163 19.06 39.75 -16.89
CA GLU B 163 18.35 38.48 -16.73
C GLU B 163 18.72 37.49 -17.84
N THR B 164 19.98 37.51 -18.27
CA THR B 164 20.42 36.55 -19.29
C THR B 164 20.28 35.10 -18.82
N HIS B 165 20.29 34.85 -17.51
CA HIS B 165 20.08 33.49 -17.01
C HIS B 165 18.69 32.97 -17.34
N ALA B 166 17.74 33.85 -17.72
CA ALA B 166 16.38 33.43 -17.99
C ALA B 166 16.10 33.18 -19.47
N PHE B 167 17.11 33.37 -20.34
CA PHE B 167 16.88 33.22 -21.77
C PHE B 167 16.39 31.82 -22.13
N ASP B 168 16.96 30.79 -21.48
CA ASP B 168 16.58 29.42 -21.82
C ASP B 168 15.14 29.16 -21.42
N LEU B 169 14.73 29.68 -20.26
CA LEU B 169 13.33 29.59 -19.85
C LEU B 169 12.42 30.25 -20.88
N MET B 170 12.79 31.44 -21.35
CA MET B 170 11.94 32.11 -22.31
C MET B 170 11.86 31.32 -23.62
N ALA B 171 12.98 30.73 -24.04
CA ALA B 171 12.97 29.90 -25.25
C ALA B 171 12.12 28.65 -25.07
N LYS B 172 12.10 28.10 -23.86
CA LYS B 172 11.25 26.94 -23.59
C LYS B 172 9.80 27.29 -23.84
N TYR B 173 9.39 28.51 -23.48
CA TYR B 173 8.03 29.01 -23.65
C TYR B 173 7.78 29.61 -25.04
N ASN B 174 8.53 29.14 -26.03
CA ASN B 174 8.29 29.51 -27.44
C ASN B 174 8.59 30.97 -27.71
N HIS B 175 9.52 31.57 -26.98
CA HIS B 175 10.04 32.88 -27.34
C HIS B 175 11.27 32.66 -28.20
N LEU B 176 11.17 33.06 -29.48
CA LEU B 176 12.24 32.77 -30.42
C LEU B 176 13.37 33.79 -30.35
N ALA B 177 13.06 35.02 -29.97
CA ALA B 177 14.07 36.08 -29.94
C ALA B 177 13.59 37.21 -29.05
N ILE B 178 14.52 38.14 -28.80
CA ILE B 178 14.30 39.32 -27.97
C ILE B 178 14.46 40.55 -28.83
N GLU B 179 13.51 41.46 -28.73
CA GLU B 179 13.64 42.81 -29.28
C GLU B 179 13.05 43.77 -28.24
N MET B 180 12.75 45.02 -28.65
CA MET B 180 12.42 46.02 -27.65
C MET B 180 11.16 46.84 -27.96
N GLU B 181 10.38 46.46 -28.97
CA GLU B 181 9.23 47.32 -29.34
C GLU B 181 7.93 46.59 -29.59
N ALA B 182 7.94 45.31 -29.94
CA ALA B 182 6.73 44.64 -30.44
C ALA B 182 5.55 44.74 -29.47
N ALA B 183 5.81 44.55 -28.17
CA ALA B 183 4.71 44.58 -27.20
C ALA B 183 4.03 45.93 -27.16
N GLY B 184 4.79 47.02 -27.33
CA GLY B 184 4.19 48.35 -27.38
C GLY B 184 3.40 48.59 -28.65
N LEU B 185 3.95 48.19 -29.81
CA LEU B 185 3.19 48.29 -31.05
C LEU B 185 1.88 47.50 -30.95
N TYR B 186 1.95 46.27 -30.45
CA TYR B 186 0.77 45.42 -30.36
C TYR B 186 -0.27 46.00 -29.40
N ALA B 187 0.17 46.44 -28.21
CA ALA B 187 -0.77 46.97 -27.24
C ALA B 187 -1.40 48.27 -27.73
N THR B 188 -0.61 49.14 -28.38
CA THR B 188 -1.16 50.39 -28.88
C THR B 188 -2.16 50.14 -30.00
N ALA B 189 -1.84 49.21 -30.91
CA ALA B 189 -2.79 48.87 -31.95
C ALA B 189 -4.05 48.25 -31.36
N MET B 190 -3.92 47.44 -30.29
CA MET B 190 -5.11 46.92 -29.63
C MET B 190 -5.93 48.06 -29.03
N GLU B 191 -5.26 48.96 -28.30
CA GLU B 191 -5.94 50.08 -27.68
C GLU B 191 -6.78 50.85 -28.70
N LEU B 192 -6.23 51.09 -29.88
CA LEU B 192 -6.82 52.02 -30.84
C LEU B 192 -7.50 51.33 -32.00
N ASN B 193 -7.74 50.01 -31.92
CA ASN B 193 -8.51 49.28 -32.93
C ASN B 193 -7.86 49.38 -34.32
N ALA B 194 -6.55 49.18 -34.39
CA ALA B 194 -5.83 49.18 -35.65
C ALA B 194 -5.10 47.85 -35.82
N LYS B 195 -4.62 47.60 -37.04
CA LYS B 195 -4.04 46.32 -37.40
C LYS B 195 -2.52 46.42 -37.41
N ALA B 196 -1.85 45.56 -36.64
CA ALA B 196 -0.40 45.59 -36.55
C ALA B 196 0.18 44.20 -36.60
N LEU B 197 1.43 44.12 -37.05
CA LEU B 197 2.20 42.90 -37.06
C LEU B 197 3.69 43.26 -37.01
N CYS B 198 4.48 42.41 -36.36
CA CYS B 198 5.92 42.56 -36.30
CA CYS B 198 5.93 42.55 -36.28
C CYS B 198 6.61 41.34 -36.91
N LEU B 199 7.55 41.61 -37.80
CA LEU B 199 8.49 40.62 -38.30
C LEU B 199 9.87 41.05 -37.82
N CYS B 200 10.74 40.09 -37.54
CA CYS B 200 12.11 40.47 -37.20
CA CYS B 200 12.10 40.42 -37.11
C CYS B 200 13.09 39.46 -37.75
N SER B 201 14.28 39.97 -38.05
CA SER B 201 15.34 39.19 -38.66
C SER B 201 16.42 38.91 -37.63
N VAL B 202 16.88 37.66 -37.57
CA VAL B 202 17.87 37.25 -36.58
C VAL B 202 19.24 37.78 -37.02
N SER B 203 19.71 38.81 -36.32
CA SER B 203 21.03 39.38 -36.61
C SER B 203 22.13 38.76 -35.75
N ASP B 204 21.77 38.27 -34.57
CA ASP B 204 22.70 37.74 -33.60
C ASP B 204 21.96 36.64 -32.84
N HIS B 205 22.69 35.60 -32.46
CA HIS B 205 22.12 34.56 -31.60
C HIS B 205 22.71 34.71 -30.21
N LEU B 206 21.86 35.02 -29.24
CA LEU B 206 22.36 35.34 -27.90
C LEU B 206 22.84 34.11 -27.13
N ILE B 207 22.53 32.90 -27.61
CA ILE B 207 22.97 31.69 -26.93
C ILE B 207 24.21 31.12 -27.60
N THR B 208 24.12 30.85 -28.90
CA THR B 208 25.24 30.29 -29.63
C THR B 208 26.34 31.29 -29.90
N LYS B 209 26.06 32.59 -29.71
CA LYS B 209 26.99 33.69 -29.91
C LYS B 209 27.31 33.95 -31.37
N GLU B 210 26.64 33.27 -32.30
CA GLU B 210 26.81 33.57 -33.71
C GLU B 210 26.27 34.95 -34.04
N ALA B 211 26.92 35.62 -34.99
CA ALA B 211 26.58 37.00 -35.30
C ALA B 211 26.88 37.28 -36.77
N LEU B 212 26.02 38.07 -37.40
CA LEU B 212 26.26 38.46 -38.77
C LEU B 212 27.29 39.59 -38.83
N SER B 213 28.07 39.59 -39.90
CA SER B 213 28.98 40.69 -40.14
C SER B 213 28.18 41.91 -40.59
N PRO B 214 28.79 43.10 -40.55
CA PRO B 214 28.08 44.28 -41.08
C PRO B 214 27.52 44.09 -42.48
N LYS B 215 28.25 43.41 -43.37
CA LYS B 215 27.76 43.22 -44.72
C LYS B 215 26.65 42.18 -44.79
N GLU B 216 26.76 41.10 -44.00
CA GLU B 216 25.69 40.11 -43.96
C GLU B 216 24.40 40.69 -43.39
N ARG B 217 24.52 41.62 -42.44
CA ARG B 217 23.33 42.25 -41.87
C ARG B 217 22.50 42.94 -42.94
N VAL B 218 23.14 43.70 -43.82
CA VAL B 218 22.40 44.42 -44.86
C VAL B 218 21.72 43.46 -45.82
N GLU B 219 22.39 42.36 -46.20
CA GLU B 219 21.80 41.45 -47.18
C GLU B 219 20.58 40.73 -46.63
N SER B 220 20.69 40.20 -45.40
CA SER B 220 19.53 39.52 -44.83
C SER B 220 18.39 40.50 -44.57
N PHE B 221 18.71 41.72 -44.14
CA PHE B 221 17.63 42.68 -43.88
C PHE B 221 16.86 42.99 -45.17
N ASP B 222 17.54 43.04 -46.31
CA ASP B 222 16.85 43.27 -47.58
C ASP B 222 15.78 42.22 -47.84
N ASN B 223 16.05 40.97 -47.47
CA ASN B 223 15.06 39.92 -47.67
C ASN B 223 13.78 40.20 -46.88
N MET B 224 13.93 40.66 -45.63
CA MET B 224 12.79 41.10 -44.83
C MET B 224 12.07 42.28 -45.45
N ILE B 225 12.82 43.28 -45.93
CA ILE B 225 12.19 44.43 -46.56
C ILE B 225 11.30 43.99 -47.70
N ILE B 226 11.82 43.10 -48.55
CA ILE B 226 11.06 42.62 -49.70
C ILE B 226 9.80 41.88 -49.26
N LEU B 227 9.93 40.99 -48.27
CA LEU B 227 8.74 40.33 -47.72
C LEU B 227 7.70 41.36 -47.29
N ALA B 228 8.15 42.42 -46.59
CA ALA B 228 7.19 43.39 -46.08
C ALA B 228 6.53 44.18 -47.20
N LEU B 229 7.33 44.70 -48.13
CA LEU B 229 6.76 45.47 -49.22
C LEU B 229 5.82 44.61 -50.07
N GLU B 230 6.17 43.35 -50.26
CA GLU B 230 5.32 42.43 -51.01
C GLU B 230 4.00 42.18 -50.29
N MET B 231 3.99 42.07 -48.94
CA MET B 231 2.71 41.90 -48.26
C MET B 231 1.85 43.15 -48.35
N MET B 232 2.46 44.33 -48.49
CA MET B 232 1.70 45.57 -48.64
C MET B 232 1.33 45.91 -50.09
N SER B 233 1.69 45.07 -51.06
CA SER B 233 1.21 45.29 -52.43
C SER B 233 -0.19 44.73 -52.63
N MET C 1 -2.92 66.22 22.43
CA MET C 1 -3.82 66.51 21.33
C MET C 1 -3.96 65.32 20.38
N THR C 2 -2.93 64.47 20.32
CA THR C 2 -2.99 63.30 19.45
C THR C 2 -2.89 62.03 20.28
N PRO C 3 -3.17 60.85 19.71
CA PRO C 3 -2.99 59.61 20.48
C PRO C 3 -1.54 59.31 20.83
N HIS C 4 -0.58 59.99 20.20
CA HIS C 4 0.83 59.64 20.35
C HIS C 4 1.70 60.75 20.90
N ILE C 5 1.19 61.96 21.00
CA ILE C 5 1.93 63.11 21.55
C ILE C 5 0.97 63.87 22.48
N ASN C 6 1.43 64.16 23.70
CA ASN C 6 0.62 64.95 24.64
C ASN C 6 1.19 66.34 24.90
N ALA C 7 1.95 66.86 23.96
CA ALA C 7 2.37 68.24 24.05
C ALA C 7 1.19 69.18 23.81
N LYS C 8 1.31 70.41 24.28
CA LYS C 8 0.36 71.44 23.91
C LYS C 8 0.71 72.00 22.55
N ILE C 9 -0.30 72.53 21.86
CA ILE C 9 -0.04 73.24 20.61
C ILE C 9 0.90 74.40 20.91
N GLY C 10 1.94 74.53 20.10
CA GLY C 10 2.95 75.55 20.32
C GLY C 10 4.15 75.09 21.13
N ASP C 11 4.10 73.89 21.74
CA ASP C 11 5.23 73.42 22.53
C ASP C 11 6.46 73.13 21.68
N PHE C 12 6.27 72.82 20.39
CA PHE C 12 7.39 72.52 19.50
C PHE C 12 7.86 73.77 18.77
N TYR C 13 9.18 73.92 18.66
CA TYR C 13 9.75 74.89 17.73
C TYR C 13 9.52 74.39 16.31
N PRO C 14 9.61 75.29 15.31
CA PRO C 14 9.38 74.85 13.92
C PRO C 14 10.46 73.93 13.38
N GLN C 15 11.60 73.81 14.04
CA GLN C 15 12.64 72.89 13.61
C GLN C 15 12.84 71.83 14.69
N CYS C 16 12.87 70.57 14.28
CA CYS C 16 12.89 69.48 15.23
C CYS C 16 13.94 68.45 14.81
N LEU C 17 14.78 68.06 15.75
CA LEU C 17 15.71 66.96 15.56
C LEU C 17 14.99 65.66 15.93
N LEU C 18 15.15 64.64 15.09
CA LEU C 18 14.45 63.38 15.30
C LEU C 18 15.44 62.25 15.53
N OCS C 19 15.09 61.32 16.42
CA OCS C 19 15.88 60.12 16.60
CB OCS C 19 16.92 60.38 17.69
SG OCS C 19 18.24 59.16 17.84
C OCS C 19 14.93 58.99 17.00
O OCS C 19 13.91 59.22 17.62
OD1 OCS C 19 18.79 58.88 16.57
OD2 OCS C 19 17.74 57.95 18.40
OD3 OCS C 19 19.25 59.74 18.68
N GLY C 20 15.26 57.75 16.62
CA GLY C 20 14.42 56.62 16.99
C GLY C 20 14.38 56.35 18.49
N ASP C 21 15.46 56.66 19.20
CA ASP C 21 15.62 56.24 20.59
C ASP C 21 15.26 57.39 21.51
N PRO C 22 14.14 57.32 22.24
CA PRO C 22 13.79 58.44 23.14
C PRO C 22 14.75 58.64 24.29
N LEU C 23 15.50 57.61 24.71
CA LEU C 23 16.51 57.83 25.75
C LEU C 23 17.69 58.63 25.21
N ARG C 24 18.02 58.46 23.93
CA ARG C 24 19.06 59.29 23.31
C ARG C 24 18.57 60.72 23.13
N VAL C 25 17.29 60.90 22.80
CA VAL C 25 16.68 62.22 22.76
C VAL C 25 16.83 62.91 24.11
N SER C 26 16.55 62.18 25.19
CA SER C 26 16.72 62.74 26.53
C SER C 26 18.17 63.09 26.81
N TYR C 27 19.10 62.22 26.39
CA TYR C 27 20.52 62.50 26.55
C TYR C 27 20.94 63.78 25.83
N ILE C 28 20.45 63.97 24.60
CA ILE C 28 20.76 65.20 23.86
C ILE C 28 20.23 66.42 24.60
N ALA C 29 19.00 66.33 25.12
CA ALA C 29 18.41 67.44 25.86
C ALA C 29 19.28 67.81 27.06
N LYS C 30 19.69 66.81 27.85
CA LYS C 30 20.46 67.07 29.07
C LYS C 30 21.85 67.60 28.77
N LYS C 31 22.51 67.06 27.74
CA LYS C 31 23.92 67.36 27.50
C LYS C 31 24.13 68.59 26.62
N PHE C 32 23.28 68.80 25.62
CA PHE C 32 23.56 69.81 24.61
C PHE C 32 22.63 71.01 24.62
N LEU C 33 21.49 70.94 25.31
CA LEU C 33 20.54 72.03 25.28
C LEU C 33 20.54 72.74 26.62
N GLN C 34 20.14 74.01 26.57
CA GLN C 34 19.87 74.80 27.76
C GLN C 34 18.37 74.92 27.97
N ASP C 35 17.95 74.87 29.24
CA ASP C 35 16.57 75.16 29.62
C ASP C 35 15.60 74.17 28.97
N ALA C 36 16.03 72.93 28.78
CA ALA C 36 15.21 71.95 28.08
C ALA C 36 14.03 71.55 28.94
N LYS C 37 12.85 71.49 28.33
CA LYS C 37 11.62 71.06 28.98
C LYS C 37 11.11 69.81 28.28
N GLU C 38 10.75 68.80 29.05
CA GLU C 38 10.05 67.67 28.47
C GLU C 38 8.63 68.10 28.10
N ILE C 39 8.25 67.88 26.84
CA ILE C 39 6.96 68.34 26.36
C ILE C 39 6.01 67.20 26.00
N THR C 40 6.50 65.98 25.85
CA THR C 40 5.63 64.86 25.52
C THR C 40 6.27 63.58 26.02
N ASN C 41 5.41 62.60 26.37
CA ASN C 41 5.94 61.35 26.91
C ASN C 41 4.99 60.17 26.69
N VAL C 42 4.01 60.29 25.79
CA VAL C 42 3.10 59.20 25.51
C VAL C 42 3.90 57.99 25.04
N ARG C 43 3.55 56.81 25.59
CA ARG C 43 4.22 55.57 25.22
C ARG C 43 5.72 55.62 25.49
N ASN C 44 6.15 56.47 26.40
CA ASN C 44 7.56 56.66 26.76
C ASN C 44 8.35 57.28 25.61
N MET C 45 7.68 57.77 24.55
CA MET C 45 8.30 58.53 23.45
C MET C 45 8.48 59.98 23.83
N LEU C 46 9.66 60.28 24.33
CA LEU C 46 9.99 61.58 24.87
C LEU C 46 10.29 62.61 23.78
N GLY C 47 9.87 63.84 24.02
CA GLY C 47 10.27 64.97 23.19
C GLY C 47 10.55 66.15 24.09
N PHE C 48 11.36 67.07 23.58
CA PHE C 48 11.82 68.19 24.39
C PHE C 48 11.88 69.46 23.54
N SER C 49 11.84 70.60 24.22
CA SER C 49 12.17 71.88 23.61
C SER C 49 13.15 72.61 24.51
N GLY C 50 14.19 73.17 23.90
CA GLY C 50 15.18 73.92 24.62
C GLY C 50 15.95 74.80 23.66
N LYS C 51 17.12 75.27 24.11
CA LYS C 51 17.92 76.17 23.30
C LYS C 51 19.32 75.61 23.08
N TYR C 52 19.85 75.84 21.88
CA TYR C 52 21.24 75.53 21.54
C TYR C 52 21.86 76.80 21.03
N LYS C 53 22.90 77.28 21.71
CA LYS C 53 23.56 78.52 21.35
C LYS C 53 22.54 79.65 21.15
N GLY C 54 21.55 79.72 22.03
CA GLY C 54 20.53 80.75 22.00
C GLY C 54 19.37 80.51 21.05
N ARG C 55 19.40 79.44 20.26
CA ARG C 55 18.39 79.17 19.25
C ARG C 55 17.46 78.07 19.77
N GLY C 56 16.16 78.30 19.64
CA GLY C 56 15.19 77.30 20.07
C GLY C 56 15.20 76.12 19.12
N ILE C 57 15.25 74.92 19.69
CA ILE C 57 15.14 73.70 18.91
C ILE C 57 14.32 72.68 19.70
N SER C 58 13.61 71.84 18.95
CA SER C 58 12.89 70.74 19.56
C SER C 58 13.57 69.42 19.20
N LEU C 59 13.33 68.41 20.03
CA LEU C 59 13.83 67.06 19.83
C LEU C 59 12.67 66.10 20.03
N MET C 60 12.57 65.06 19.20
CA MET C 60 11.43 64.17 19.38
C MET C 60 11.87 62.76 19.00
N GLY C 61 11.49 61.78 19.82
CA GLY C 61 11.71 60.39 19.44
C GLY C 61 10.63 59.89 18.49
N HIS C 62 11.01 58.92 17.63
CA HIS C 62 10.06 58.39 16.66
C HIS C 62 9.96 56.87 16.58
N GLY C 63 10.72 56.13 17.40
CA GLY C 63 10.63 54.67 17.36
C GLY C 63 11.29 54.08 16.13
N MET C 64 11.12 52.77 15.98
CA MET C 64 11.77 52.04 14.90
C MET C 64 10.80 51.63 13.80
N GLY C 65 11.27 51.76 12.57
CA GLY C 65 10.55 51.32 11.40
C GLY C 65 9.73 52.44 10.78
N ILE C 66 9.44 52.27 9.50
CA ILE C 66 8.73 53.28 8.72
C ILE C 66 7.37 53.59 9.33
N ALA C 67 6.63 52.55 9.76
CA ALA C 67 5.28 52.78 10.28
C ALA C 67 5.31 53.66 11.54
N SER C 68 6.23 53.40 12.46
CA SER C 68 6.31 54.21 13.67
C SER C 68 6.76 55.63 13.33
N CYS C 69 7.82 55.77 12.54
CA CYS C 69 8.30 57.09 12.17
C CYS C 69 7.21 57.91 11.50
N THR C 70 6.44 57.28 10.60
CA THR C 70 5.40 58.01 9.90
C THR C 70 4.36 58.59 10.85
N ILE C 71 4.00 57.84 11.90
CA ILE C 71 3.01 58.35 12.84
C ILE C 71 3.48 59.65 13.48
N TYR C 72 4.69 59.66 14.02
CA TYR C 72 5.18 60.83 14.74
C TYR C 72 5.38 62.00 13.77
N VAL C 73 6.01 61.75 12.63
CA VAL C 73 6.27 62.82 11.67
C VAL C 73 4.96 63.46 11.20
N THR C 74 3.95 62.62 10.89
CA THR C 74 2.66 63.16 10.48
C THR C 74 2.09 64.10 11.53
N GLU C 75 2.13 63.69 12.81
CA GLU C 75 1.55 64.53 13.86
C GLU C 75 2.36 65.79 14.10
N LEU C 76 3.70 65.69 14.05
CA LEU C 76 4.53 66.89 14.21
C LEU C 76 4.19 67.94 13.18
N ILE C 77 4.01 67.52 11.92
CA ILE C 77 3.74 68.48 10.85
C ILE C 77 2.31 69.00 10.95
N LYS C 78 1.33 68.09 10.99
CA LYS C 78 -0.05 68.51 10.88
C LYS C 78 -0.57 69.20 12.13
N THR C 79 -0.21 68.71 13.31
CA THR C 79 -0.74 69.25 14.56
C THR C 79 0.20 70.25 15.20
N TYR C 80 1.50 70.01 15.18
CA TYR C 80 2.44 70.83 15.93
C TYR C 80 3.22 71.82 15.07
N GLN C 81 2.86 71.94 13.78
CA GLN C 81 3.35 73.00 12.91
C GLN C 81 4.86 72.93 12.67
N VAL C 82 5.46 71.75 12.80
CA VAL C 82 6.89 71.62 12.55
C VAL C 82 7.15 71.72 11.05
N LYS C 83 8.17 72.49 10.67
CA LYS C 83 8.47 72.79 9.28
C LYS C 83 9.72 72.10 8.76
N GLU C 84 10.69 71.86 9.63
CA GLU C 84 11.98 71.29 9.24
C GLU C 84 12.27 70.15 10.20
N LEU C 85 12.51 68.96 9.65
CA LEU C 85 12.75 67.76 10.45
C LEU C 85 14.10 67.16 10.05
N LEU C 86 15.01 67.12 11.00
CA LEU C 86 16.35 66.59 10.78
C LEU C 86 16.47 65.30 11.58
N ARG C 87 16.51 64.17 10.90
CA ARG C 87 16.62 62.89 11.59
C ARG C 87 18.08 62.46 11.67
N ILE C 88 18.47 61.98 12.85
CA ILE C 88 19.76 61.32 13.03
C ILE C 88 19.51 59.91 13.54
N GLY C 89 20.52 59.07 13.44
CA GLY C 89 20.41 57.69 13.89
C GLY C 89 21.63 56.90 13.48
N THR C 90 21.63 55.62 13.86
CA THR C 90 22.72 54.75 13.44
C THR C 90 22.30 53.96 12.20
N CYS C 91 23.25 53.24 11.63
CA CYS C 91 22.95 52.45 10.44
C CYS C 91 23.97 51.35 10.32
N GLY C 92 23.67 50.37 9.47
CA GLY C 92 24.62 49.30 9.23
C GLY C 92 25.23 49.44 7.85
N ALA C 93 26.55 49.60 7.78
CA ALA C 93 27.20 49.86 6.50
C ALA C 93 27.17 48.62 5.61
N ILE C 94 26.98 48.85 4.31
CA ILE C 94 27.05 47.78 3.32
C ILE C 94 27.97 48.10 2.17
N SER C 95 28.62 49.25 2.18
CA SER C 95 29.45 49.67 1.07
C SER C 95 30.90 49.79 1.51
N PRO C 96 31.85 49.44 0.65
CA PRO C 96 33.26 49.73 0.94
C PRO C 96 33.60 51.22 0.90
N LYS C 97 32.68 52.08 0.50
CA LYS C 97 32.94 53.51 0.48
C LYS C 97 32.80 54.17 1.85
N VAL C 98 32.28 53.43 2.85
CA VAL C 98 32.15 53.95 4.20
C VAL C 98 32.76 52.96 5.19
N GLY C 99 33.07 53.48 6.37
CA GLY C 99 33.57 52.67 7.46
C GLY C 99 32.97 53.10 8.78
N LEU C 100 33.30 52.35 9.82
CA LEU C 100 32.80 52.66 11.15
C LEU C 100 33.09 54.11 11.50
N LYS C 101 32.12 54.75 12.17
CA LYS C 101 32.14 56.13 12.64
C LYS C 101 31.85 57.15 11.55
N ASP C 102 31.73 56.74 10.28
CA ASP C 102 31.38 57.69 9.23
C ASP C 102 29.96 58.22 9.42
N ILE C 103 29.76 59.47 9.00
CA ILE C 103 28.45 60.11 8.94
C ILE C 103 28.01 60.16 7.49
N ILE C 104 26.78 59.69 7.24
CA ILE C 104 26.20 59.60 5.91
C ILE C 104 25.04 60.58 5.81
N MET C 105 24.99 61.34 4.72
CA MET C 105 23.81 62.11 4.36
C MET C 105 23.06 61.34 3.28
N ALA C 106 21.78 61.01 3.56
CA ALA C 106 20.97 60.18 2.67
C ALA C 106 20.27 61.06 1.63
N THR C 107 20.84 61.12 0.42
CA THR C 107 20.18 61.90 -0.63
C THR C 107 19.03 61.13 -1.26
N GLY C 108 18.81 59.90 -0.83
CA GLY C 108 17.70 59.08 -1.29
C GLY C 108 17.53 57.92 -0.34
N ALA C 109 16.31 57.44 -0.17
CA ALA C 109 16.03 56.30 0.71
C ALA C 109 15.22 55.28 -0.08
N SER C 110 15.90 54.27 -0.57
CA SER C 110 15.24 53.11 -1.17
C SER C 110 14.57 52.27 -0.07
N THR C 111 13.70 51.34 -0.48
CA THR C 111 13.00 50.60 0.57
C THR C 111 12.44 49.30 0.03
N ASP C 112 12.27 48.33 0.95
CA ASP C 112 11.49 47.11 0.73
C ASP C 112 10.07 47.19 1.31
N SER C 113 9.70 48.34 1.86
CA SER C 113 8.34 48.56 2.34
C SER C 113 7.36 48.67 1.16
N LYS C 114 6.09 48.33 1.41
CA LYS C 114 5.02 48.64 0.47
C LYS C 114 4.41 50.02 0.66
N THR C 115 4.87 50.81 1.65
CA THR C 115 4.13 52.03 2.00
C THR C 115 4.10 53.04 0.85
N ASN C 116 5.21 53.19 0.15
CA ASN C 116 5.26 54.21 -0.90
C ASN C 116 4.45 53.79 -2.13
N ARG C 117 4.38 52.49 -2.41
CA ARG C 117 3.48 52.01 -3.45
C ARG C 117 2.03 52.27 -3.08
N VAL C 118 1.68 52.08 -1.80
CA VAL C 118 0.32 52.40 -1.37
C VAL C 118 0.05 53.90 -1.51
N ARG C 119 1.03 54.73 -1.15
CA ARG C 119 0.85 56.18 -1.22
C ARG C 119 0.80 56.69 -2.66
N PHE C 120 1.50 56.03 -3.57
CA PHE C 120 1.91 56.63 -4.85
C PHE C 120 1.50 55.76 -6.01
N LEU C 121 0.22 55.42 -6.07
CA LEU C 121 -0.39 54.88 -7.30
C LEU C 121 0.21 53.55 -7.73
N ASN C 122 0.82 52.80 -6.83
CA ASN C 122 1.49 51.54 -7.12
C ASN C 122 2.74 51.70 -7.99
N HIS C 123 3.25 52.93 -8.11
CA HIS C 123 4.45 53.20 -8.88
C HIS C 123 5.65 53.30 -7.93
N ASP C 124 6.79 53.77 -8.44
CA ASP C 124 8.02 53.91 -7.66
C ASP C 124 8.15 55.37 -7.26
N LEU C 125 7.90 55.68 -6.00
CA LEU C 125 8.22 56.99 -5.44
C LEU C 125 9.70 57.03 -5.09
N SER C 126 10.43 57.99 -5.67
CA SER C 126 11.83 58.22 -5.30
C SER C 126 11.84 59.10 -4.06
N ALA C 127 12.01 58.48 -2.88
CA ALA C 127 11.91 59.21 -1.63
C ALA C 127 13.21 59.97 -1.38
N THR C 128 13.11 61.29 -1.28
CA THR C 128 14.28 62.16 -1.28
C THR C 128 14.12 63.25 -0.23
N PRO C 129 15.23 63.80 0.25
CA PRO C 129 15.18 64.92 1.22
C PRO C 129 15.00 66.25 0.52
N ASP C 130 14.73 67.27 1.36
CA ASP C 130 14.70 68.66 0.91
C ASP C 130 16.11 69.13 0.56
N PHE C 131 16.24 69.81 -0.59
CA PHE C 131 17.57 70.16 -1.08
C PHE C 131 18.24 71.23 -0.21
N GLU C 132 17.49 72.25 0.23
CA GLU C 132 18.07 73.27 1.11
C GLU C 132 18.69 72.64 2.36
N LEU C 133 17.99 71.69 2.98
CA LEU C 133 18.56 71.05 4.16
C LEU C 133 19.82 70.28 3.82
N SER C 134 19.81 69.61 2.64
CA SER C 134 20.98 68.87 2.19
C SER C 134 22.17 69.81 1.99
N LEU C 135 21.94 70.96 1.35
CA LEU C 135 22.99 71.96 1.20
C LEU C 135 23.51 72.41 2.55
N ARG C 136 22.60 72.66 3.50
CA ARG C 136 23.00 73.11 4.82
C ARG C 136 23.85 72.07 5.53
N ALA C 137 23.46 70.79 5.46
CA ALA C 137 24.28 69.75 6.05
C ALA C 137 25.66 69.70 5.40
N TYR C 138 25.72 69.82 4.07
CA TYR C 138 26.99 69.75 3.38
C TYR C 138 27.89 70.91 3.76
N GLN C 139 27.33 72.12 3.77
CA GLN C 139 28.08 73.30 4.18
C GLN C 139 28.54 73.19 5.63
N THR C 140 27.65 72.76 6.53
CA THR C 140 28.02 72.70 7.93
C THR C 140 29.12 71.67 8.17
N ALA C 141 29.03 70.51 7.49
CA ALA C 141 30.09 69.51 7.60
C ALA C 141 31.42 70.05 7.11
N LYS C 142 31.42 70.78 5.99
CA LYS C 142 32.66 71.41 5.53
C LYS C 142 33.20 72.37 6.58
N ARG C 143 32.32 73.18 7.16
CA ARG C 143 32.75 74.13 8.18
C ARG C 143 33.39 73.42 9.38
N LEU C 144 32.78 72.32 9.82
CA LEU C 144 33.26 71.60 10.99
C LEU C 144 34.39 70.63 10.68
N GLY C 145 34.78 70.51 9.42
CA GLY C 145 35.85 69.59 9.08
C GLY C 145 35.44 68.13 9.05
N ILE C 146 34.15 67.85 8.88
CA ILE C 146 33.64 66.48 8.87
C ILE C 146 33.62 65.98 7.43
N ASP C 147 34.14 64.77 7.22
CA ASP C 147 34.15 64.10 5.92
C ASP C 147 32.80 63.40 5.73
N LEU C 148 31.80 64.20 5.34
CA LEU C 148 30.45 63.69 5.18
C LEU C 148 30.36 62.82 3.94
N LYS C 149 29.88 61.59 4.11
CA LYS C 149 29.67 60.67 3.00
C LYS C 149 28.25 60.88 2.49
N VAL C 150 28.08 60.89 1.17
CA VAL C 150 26.80 61.25 0.58
C VAL C 150 26.35 60.15 -0.36
N GLY C 151 25.15 59.64 -0.14
CA GLY C 151 24.60 58.67 -1.06
C GLY C 151 23.23 58.21 -0.63
N ASN C 152 22.77 57.11 -1.22
CA ASN C 152 21.49 56.58 -0.79
C ASN C 152 21.67 55.72 0.46
N VAL C 153 20.59 55.57 1.21
CA VAL C 153 20.45 54.48 2.18
C VAL C 153 19.32 53.57 1.71
N PHE C 154 19.25 52.38 2.30
CA PHE C 154 18.14 51.46 2.09
C PHE C 154 17.39 51.35 3.41
N SER C 155 16.14 51.81 3.42
CA SER C 155 15.28 51.76 4.60
C SER C 155 14.51 50.44 4.56
N SER C 156 14.80 49.54 5.49
CA SER C 156 14.20 48.23 5.47
C SER C 156 13.14 48.07 6.55
N ASP C 157 12.13 47.27 6.23
CA ASP C 157 11.23 46.79 7.27
C ASP C 157 11.86 45.72 8.14
N PHE C 158 13.09 45.31 7.86
CA PHE C 158 13.73 44.20 8.57
C PHE C 158 15.04 44.65 9.22
N PHE C 159 15.17 44.43 10.53
CA PHE C 159 16.49 44.50 11.15
C PHE C 159 17.24 43.18 10.94
N TYR C 160 16.52 42.06 11.12
CA TYR C 160 17.04 40.72 10.86
C TYR C 160 16.63 40.38 9.44
N SER C 161 17.53 40.66 8.49
CA SER C 161 17.22 40.58 7.08
C SER C 161 17.15 39.13 6.59
N PHE C 162 16.29 38.91 5.61
CA PHE C 162 16.22 37.66 4.87
C PHE C 162 16.87 37.77 3.50
N GLU C 163 17.56 38.88 3.24
CA GLU C 163 18.09 39.17 1.92
C GLU C 163 19.52 39.68 2.03
N THR C 164 20.32 39.10 2.95
CA THR C 164 21.71 39.55 3.08
C THR C 164 22.51 39.29 1.81
N HIS C 165 22.07 38.33 0.99
CA HIS C 165 22.74 38.09 -0.28
C HIS C 165 22.64 39.28 -1.24
N ALA C 166 21.71 40.21 -1.00
CA ALA C 166 21.48 41.34 -1.88
C ALA C 166 22.26 42.59 -1.47
N PHE C 167 23.00 42.55 -0.36
CA PHE C 167 23.67 43.76 0.12
C PHE C 167 24.69 44.27 -0.90
N ASP C 168 25.42 43.38 -1.57
CA ASP C 168 26.42 43.82 -2.52
C ASP C 168 25.78 44.55 -3.70
N LEU C 169 24.62 44.06 -4.16
CA LEU C 169 23.90 44.74 -5.23
C LEU C 169 23.45 46.13 -4.78
N MET C 170 22.91 46.25 -3.55
CA MET C 170 22.53 47.57 -3.06
CA MET C 170 22.53 47.57 -3.09
C MET C 170 23.72 48.50 -3.01
N ALA C 171 24.87 48.00 -2.55
CA ALA C 171 26.08 48.84 -2.50
C ALA C 171 26.51 49.27 -3.90
N LYS C 172 26.37 48.38 -4.87
CA LYS C 172 26.71 48.72 -6.25
C LYS C 172 25.91 49.93 -6.72
N TYR C 173 24.63 49.97 -6.35
CA TYR C 173 23.72 51.07 -6.71
C TYR C 173 23.81 52.25 -5.74
N ASN C 174 24.94 52.42 -5.06
CA ASN C 174 25.20 53.60 -4.25
C ASN C 174 24.34 53.65 -2.98
N HIS C 175 23.97 52.50 -2.42
CA HIS C 175 23.40 52.45 -1.07
C HIS C 175 24.54 52.20 -0.10
N LEU C 176 24.79 53.18 0.78
CA LEU C 176 25.95 53.12 1.65
C LEU C 176 25.66 52.32 2.91
N ALA C 177 24.40 52.29 3.34
CA ALA C 177 24.07 51.63 4.58
C ALA C 177 22.59 51.36 4.61
N ILE C 178 22.19 50.56 5.60
CA ILE C 178 20.81 50.17 5.82
C ILE C 178 20.36 50.73 7.16
N GLU C 179 19.16 51.31 7.16
CA GLU C 179 18.47 51.69 8.38
C GLU C 179 16.98 51.38 8.15
N MET C 180 16.10 51.93 8.99
CA MET C 180 14.71 51.46 8.98
C MET C 180 13.67 52.55 8.90
N GLU C 181 14.07 53.83 8.76
CA GLU C 181 13.06 54.91 8.85
C GLU C 181 13.14 55.96 7.77
N ALA C 182 14.28 56.14 7.11
CA ALA C 182 14.48 57.32 6.26
C ALA C 182 13.42 57.43 5.17
N ALA C 183 13.07 56.30 4.53
CA ALA C 183 12.08 56.35 3.46
C ALA C 183 10.72 56.84 3.96
N GLY C 184 10.37 56.48 5.21
CA GLY C 184 9.10 56.94 5.76
C GLY C 184 9.12 58.41 6.12
N LEU C 185 10.22 58.87 6.72
CA LEU C 185 10.36 60.30 6.95
C LEU C 185 10.27 61.09 5.64
N TYR C 186 11.01 60.64 4.62
CA TYR C 186 11.04 61.39 3.36
C TYR C 186 9.68 61.39 2.69
N ALA C 187 9.01 60.24 2.65
CA ALA C 187 7.72 60.20 1.96
C ALA C 187 6.66 61.01 2.70
N THR C 188 6.70 60.99 4.04
CA THR C 188 5.74 61.77 4.81
C THR C 188 5.98 63.27 4.66
N ALA C 189 7.25 63.69 4.70
CA ALA C 189 7.56 65.10 4.47
C ALA C 189 7.18 65.52 3.05
N MET C 190 7.29 64.60 2.08
CA MET C 190 6.87 64.94 0.72
C MET C 190 5.36 65.08 0.68
N GLU C 191 4.64 64.12 1.29
CA GLU C 191 3.18 64.17 1.35
C GLU C 191 2.68 65.49 1.89
N LEU C 192 3.34 66.02 2.92
CA LEU C 192 2.81 67.13 3.69
C LEU C 192 3.57 68.44 3.48
N ASN C 193 4.36 68.52 2.40
CA ASN C 193 5.05 69.75 2.04
C ASN C 193 5.97 70.29 3.13
N ALA C 194 6.71 69.39 3.81
CA ALA C 194 7.66 69.82 4.82
C ALA C 194 9.08 69.48 4.37
N LYS C 195 10.06 70.05 5.09
CA LYS C 195 11.46 69.85 4.77
C LYS C 195 12.08 68.82 5.70
N ALA C 196 12.73 67.80 5.12
CA ALA C 196 13.32 66.75 5.93
C ALA C 196 14.65 66.29 5.36
N LEU C 197 15.47 65.73 6.24
CA LEU C 197 16.77 65.19 5.89
C LEU C 197 17.15 64.16 6.95
N CYS C 198 17.88 63.14 6.51
CA CYS C 198 18.38 62.09 7.37
CA CYS C 198 18.39 62.07 7.36
C CYS C 198 19.89 62.02 7.30
N LEU C 199 20.53 62.09 8.46
CA LEU C 199 21.95 61.79 8.64
C LEU C 199 22.04 60.49 9.42
N CYS C 200 23.07 59.69 9.15
CA CYS C 200 23.23 58.50 9.97
CA CYS C 200 23.23 58.40 9.82
C CYS C 200 24.69 58.18 10.16
N SER C 201 24.96 57.56 11.32
CA SER C 201 26.29 57.24 11.80
C SER C 201 26.51 55.74 11.68
N VAL C 202 27.63 55.36 11.09
CA VAL C 202 27.96 53.95 10.87
C VAL C 202 28.44 53.37 12.20
N SER C 203 27.55 52.65 12.88
CA SER C 203 27.90 51.98 14.13
C SER C 203 28.33 50.55 13.94
N ASP C 204 27.97 49.94 12.81
CA ASP C 204 28.19 48.53 12.55
C ASP C 204 28.39 48.36 11.06
N HIS C 205 29.25 47.42 10.69
CA HIS C 205 29.49 47.10 9.29
C HIS C 205 28.90 45.73 9.00
N LEU C 206 27.88 45.70 8.14
CA LEU C 206 27.18 44.46 7.89
C LEU C 206 27.96 43.50 7.02
N ILE C 207 29.00 43.96 6.33
CA ILE C 207 29.81 43.10 5.47
C ILE C 207 30.97 42.47 6.24
N THR C 208 31.64 43.25 7.08
CA THR C 208 32.75 42.75 7.88
C THR C 208 32.33 42.17 9.23
N LYS C 209 31.11 42.46 9.68
CA LYS C 209 30.61 42.13 11.02
C LYS C 209 31.30 42.94 12.12
N GLU C 210 32.18 43.87 11.76
CA GLU C 210 32.82 44.72 12.75
C GLU C 210 31.80 45.67 13.36
N ALA C 211 31.95 45.92 14.67
CA ALA C 211 31.03 46.78 15.39
C ALA C 211 31.83 47.71 16.29
N LEU C 212 31.24 48.86 16.59
CA LEU C 212 31.81 49.76 17.58
C LEU C 212 31.48 49.25 18.98
N SER C 213 32.40 49.50 19.90
CA SER C 213 32.11 49.22 21.30
C SER C 213 31.12 50.26 21.81
N PRO C 214 30.46 49.99 22.95
CA PRO C 214 29.57 51.01 23.54
C PRO C 214 30.21 52.38 23.70
N LYS C 215 31.48 52.41 24.09
CA LYS C 215 32.13 53.68 24.36
C LYS C 215 32.36 54.48 23.08
N GLU C 216 32.81 53.81 22.01
CA GLU C 216 33.02 54.54 20.76
C GLU C 216 31.71 54.83 20.03
N ARG C 217 30.65 54.06 20.29
CA ARG C 217 29.33 54.41 19.80
C ARG C 217 28.91 55.78 20.31
N VAL C 218 29.10 56.04 21.60
CA VAL C 218 28.67 57.30 22.18
C VAL C 218 29.51 58.45 21.63
N GLU C 219 30.82 58.26 21.51
CA GLU C 219 31.69 59.31 20.99
C GLU C 219 31.35 59.66 19.55
N SER C 220 31.15 58.65 18.71
CA SER C 220 30.90 58.93 17.30
C SER C 220 29.52 59.53 17.10
N PHE C 221 28.53 59.08 17.88
CA PHE C 221 27.19 59.66 17.79
C PHE C 221 27.21 61.13 18.20
N ASP C 222 28.02 61.48 19.21
CA ASP C 222 28.12 62.88 19.62
C ASP C 222 28.57 63.77 18.47
N ASN C 223 29.47 63.26 17.62
CA ASN C 223 29.92 64.04 16.47
C ASN C 223 28.75 64.36 15.56
N MET C 224 27.83 63.40 15.36
CA MET C 224 26.71 63.66 14.49
C MET C 224 25.66 64.53 15.17
N ILE C 225 25.50 64.41 16.50
CA ILE C 225 24.63 65.33 17.22
C ILE C 225 25.09 66.77 17.04
N ILE C 226 26.40 67.02 17.17
CA ILE C 226 26.93 68.36 17.01
C ILE C 226 26.72 68.88 15.58
N LEU C 227 26.99 68.04 14.57
CA LEU C 227 26.67 68.43 13.20
C LEU C 227 25.21 68.88 13.07
N ALA C 228 24.29 68.08 13.63
CA ALA C 228 22.87 68.38 13.49
C ALA C 228 22.49 69.67 14.21
N LEU C 229 22.94 69.84 15.45
CA LEU C 229 22.61 71.05 16.19
C LEU C 229 23.23 72.29 15.55
N GLU C 230 24.47 72.16 15.06
CA GLU C 230 25.09 73.29 14.36
C GLU C 230 24.34 73.63 13.08
N MET C 231 23.85 72.62 12.37
CA MET C 231 23.08 72.92 11.17
C MET C 231 21.74 73.58 11.48
N MET C 232 21.17 73.35 12.66
CA MET C 232 19.95 74.06 13.07
C MET C 232 20.20 75.42 13.75
N SER C 233 21.45 75.89 13.81
CA SER C 233 21.73 77.23 14.35
C SER C 233 21.64 78.33 13.30
N MET D 1 -2.06 5.70 -14.50
CA MET D 1 -0.69 6.14 -14.70
C MET D 1 -0.43 7.50 -14.03
N THR D 2 -1.45 8.36 -13.96
CA THR D 2 -1.31 9.63 -13.24
C THR D 2 -2.37 9.71 -12.14
N PRO D 3 -2.31 10.71 -11.24
CA PRO D 3 -3.38 10.83 -10.24
C PRO D 3 -4.72 11.22 -10.84
N HIS D 4 -4.74 11.73 -12.07
CA HIS D 4 -5.94 12.32 -12.62
C HIS D 4 -6.45 11.63 -13.89
N ILE D 5 -5.70 10.69 -14.42
CA ILE D 5 -6.08 9.98 -15.64
C ILE D 5 -5.72 8.51 -15.44
N ASN D 6 -6.69 7.62 -15.65
CA ASN D 6 -6.44 6.19 -15.51
C ASN D 6 -6.39 5.46 -16.86
N ALA D 7 -6.09 6.17 -17.94
CA ALA D 7 -5.88 5.55 -19.22
C ALA D 7 -4.53 4.84 -19.28
N LYS D 8 -4.45 3.81 -20.10
CA LYS D 8 -3.18 3.14 -20.34
C LYS D 8 -2.34 3.99 -21.28
N ILE D 9 -1.01 3.87 -21.14
CA ILE D 9 -0.12 4.50 -22.10
C ILE D 9 -0.47 4.02 -23.49
N GLY D 10 -0.63 4.96 -24.42
CA GLY D 10 -1.02 4.63 -25.77
C GLY D 10 -2.51 4.72 -26.06
N ASP D 11 -3.34 4.95 -25.05
CA ASP D 11 -4.79 5.01 -25.27
C ASP D 11 -5.23 6.28 -25.98
N PHE D 12 -4.46 7.37 -25.89
CA PHE D 12 -4.83 8.61 -26.55
C PHE D 12 -4.21 8.68 -27.95
N TYR D 13 -4.99 9.19 -28.90
CA TYR D 13 -4.43 9.58 -30.18
C TYR D 13 -3.65 10.87 -29.99
N PRO D 14 -2.72 11.19 -30.92
CA PRO D 14 -1.91 12.41 -30.74
C PRO D 14 -2.68 13.70 -30.92
N GLN D 15 -3.91 13.65 -31.42
CA GLN D 15 -4.81 14.78 -31.54
C GLN D 15 -5.92 14.60 -30.52
N CYS D 16 -6.19 15.61 -29.71
CA CYS D 16 -7.21 15.54 -28.66
C CYS D 16 -8.06 16.80 -28.66
N LEU D 17 -9.37 16.63 -28.69
CA LEU D 17 -10.31 17.71 -28.48
C LEU D 17 -10.56 17.86 -26.98
N LEU D 18 -10.51 19.08 -26.48
CA LEU D 18 -10.67 19.32 -25.05
C LEU D 18 -11.95 20.11 -24.76
N OCS D 19 -12.60 19.83 -23.63
CA OCS D 19 -13.74 20.61 -23.20
CB OCS D 19 -15.03 20.01 -23.76
SG OCS D 19 -16.48 21.07 -23.69
C OCS D 19 -13.79 20.59 -21.68
O OCS D 19 -13.38 19.60 -21.08
OD1 OCS D 19 -16.94 21.18 -22.34
OD2 OCS D 19 -16.16 22.35 -24.21
OD3 OCS D 19 -17.51 20.47 -24.50
N GLY D 20 -14.28 21.65 -21.06
CA GLY D 20 -14.35 21.70 -19.60
C GLY D 20 -15.35 20.70 -19.02
N ASP D 21 -16.43 20.45 -19.76
CA ASP D 21 -17.57 19.69 -19.25
C ASP D 21 -17.47 18.24 -19.70
N PRO D 22 -17.16 17.29 -18.80
CA PRO D 22 -17.05 15.89 -19.22
C PRO D 22 -18.34 15.31 -19.74
N LEU D 23 -19.49 15.84 -19.31
CA LEU D 23 -20.76 15.37 -19.87
C LEU D 23 -20.89 15.76 -21.34
N ARG D 24 -20.40 16.96 -21.70
CA ARG D 24 -20.40 17.33 -23.11
C ARG D 24 -19.39 16.51 -23.88
N VAL D 25 -18.30 16.11 -23.24
CA VAL D 25 -17.34 15.23 -23.88
C VAL D 25 -18.00 13.89 -24.21
N SER D 26 -18.76 13.35 -23.27
CA SER D 26 -19.50 12.11 -23.51
C SER D 26 -20.52 12.30 -24.63
N TYR D 27 -21.18 13.46 -24.67
CA TYR D 27 -22.13 13.76 -25.73
C TYR D 27 -21.45 13.76 -27.09
N ILE D 28 -20.25 14.33 -27.17
CA ILE D 28 -19.54 14.33 -28.44
C ILE D 28 -19.16 12.92 -28.87
N ALA D 29 -18.70 12.10 -27.92
CA ALA D 29 -18.31 10.73 -28.23
C ALA D 29 -19.50 9.94 -28.75
N LYS D 30 -20.67 10.16 -28.16
CA LYS D 30 -21.85 9.37 -28.55
C LYS D 30 -22.41 9.83 -29.88
N LYS D 31 -22.49 11.14 -30.10
CA LYS D 31 -23.16 11.66 -31.28
C LYS D 31 -22.26 11.73 -32.51
N PHE D 32 -20.97 12.05 -32.33
CA PHE D 32 -20.14 12.36 -33.48
C PHE D 32 -19.02 11.37 -33.76
N LEU D 33 -18.66 10.51 -32.82
CA LEU D 33 -17.58 9.57 -33.04
C LEU D 33 -18.12 8.15 -33.30
N GLN D 34 -17.33 7.38 -34.04
CA GLN D 34 -17.59 5.96 -34.26
C GLN D 34 -16.69 5.13 -33.36
N ASP D 35 -17.24 4.06 -32.79
CA ASP D 35 -16.47 3.09 -32.00
C ASP D 35 -15.78 3.74 -30.81
N ALA D 36 -16.45 4.69 -30.18
CA ALA D 36 -15.81 5.47 -29.12
C ALA D 36 -15.66 4.63 -27.86
N LYS D 37 -14.45 4.61 -27.29
CA LYS D 37 -14.15 3.88 -26.07
C LYS D 37 -13.84 4.88 -24.97
N GLU D 38 -14.40 4.67 -23.79
CA GLU D 38 -14.10 5.53 -22.66
C GLU D 38 -12.77 5.07 -22.08
N ILE D 39 -11.75 5.93 -22.15
CA ILE D 39 -10.39 5.54 -21.77
C ILE D 39 -9.95 6.08 -20.43
N THR D 40 -10.69 7.03 -19.87
CA THR D 40 -10.36 7.54 -18.54
C THR D 40 -11.61 8.10 -17.88
N ASN D 41 -11.64 8.01 -16.53
CA ASN D 41 -12.80 8.49 -15.78
C ASN D 41 -12.47 8.85 -14.33
N VAL D 42 -11.22 9.17 -14.00
CA VAL D 42 -10.90 9.59 -12.64
C VAL D 42 -11.63 10.90 -12.34
N ARG D 43 -12.21 10.99 -11.13
CA ARG D 43 -12.97 12.16 -10.73
C ARG D 43 -14.13 12.46 -11.69
N ASN D 44 -14.64 11.44 -12.38
CA ASN D 44 -15.73 11.61 -13.34
C ASN D 44 -15.31 12.50 -14.51
N MET D 45 -14.01 12.71 -14.68
CA MET D 45 -13.50 13.53 -15.79
C MET D 45 -13.20 12.59 -16.95
N LEU D 46 -14.12 12.54 -17.89
CA LEU D 46 -14.15 11.49 -18.89
C LEU D 46 -13.25 11.83 -20.07
N GLY D 47 -12.58 10.80 -20.61
CA GLY D 47 -11.91 10.91 -21.88
C GLY D 47 -12.23 9.71 -22.76
N PHE D 48 -12.08 9.91 -24.07
CA PHE D 48 -12.49 8.91 -25.04
C PHE D 48 -11.50 8.86 -26.20
N SER D 49 -11.48 7.72 -26.87
CA SER D 49 -10.83 7.60 -28.18
C SER D 49 -11.80 6.94 -29.14
N GLY D 50 -11.95 7.53 -30.32
CA GLY D 50 -12.83 7.00 -31.33
C GLY D 50 -12.39 7.47 -32.68
N LYS D 51 -13.28 7.35 -33.66
CA LYS D 51 -12.97 7.73 -35.03
C LYS D 51 -13.94 8.79 -35.54
N TYR D 52 -13.43 9.72 -36.33
CA TYR D 52 -14.26 10.69 -37.03
C TYR D 52 -13.81 10.68 -38.48
N LYS D 53 -14.71 10.24 -39.37
CA LYS D 53 -14.40 10.13 -40.79
C LYS D 53 -13.12 9.35 -41.01
N GLY D 54 -13.02 8.21 -40.33
CA GLY D 54 -11.87 7.32 -40.45
C GLY D 54 -10.65 7.73 -39.66
N ARG D 55 -10.61 8.93 -39.09
CA ARG D 55 -9.43 9.45 -38.41
C ARG D 55 -9.55 9.23 -36.91
N GLY D 56 -8.46 8.76 -36.31
CA GLY D 56 -8.42 8.59 -34.86
C GLY D 56 -8.47 9.95 -34.16
N ILE D 57 -9.37 10.06 -33.18
CA ILE D 57 -9.65 11.30 -32.44
C ILE D 57 -9.78 10.97 -30.95
N SER D 58 -9.08 11.70 -30.10
CA SER D 58 -9.35 11.59 -28.66
C SER D 58 -10.10 12.82 -28.16
N LEU D 59 -10.83 12.63 -27.06
CA LEU D 59 -11.55 13.72 -26.39
C LEU D 59 -11.19 13.66 -24.91
N MET D 60 -11.06 14.81 -24.25
CA MET D 60 -10.77 14.76 -22.83
C MET D 60 -11.39 15.96 -22.13
N GLY D 61 -12.05 15.71 -21.00
CA GLY D 61 -12.53 16.80 -20.18
C GLY D 61 -11.41 17.38 -19.33
N HIS D 62 -11.50 18.69 -19.04
CA HIS D 62 -10.47 19.31 -18.24
C HIS D 62 -10.94 20.13 -17.04
N GLY D 63 -12.25 20.18 -16.76
CA GLY D 63 -12.75 20.97 -15.65
C GLY D 63 -12.69 22.49 -15.87
N MET D 64 -12.98 23.21 -14.80
CA MET D 64 -13.18 24.66 -14.88
C MET D 64 -11.97 25.33 -14.24
N GLY D 65 -11.42 26.32 -14.91
CA GLY D 65 -10.37 27.14 -14.34
C GLY D 65 -8.98 26.72 -14.79
N ILE D 66 -8.07 27.70 -14.79
CA ILE D 66 -6.71 27.46 -15.28
C ILE D 66 -6.02 26.33 -14.52
N ALA D 67 -6.16 26.29 -13.20
CA ALA D 67 -5.45 25.27 -12.44
C ALA D 67 -5.92 23.86 -12.82
N SER D 68 -7.22 23.69 -13.02
CA SER D 68 -7.73 22.37 -13.41
C SER D 68 -7.27 22.02 -14.83
N CYS D 69 -7.45 22.94 -15.77
CA CYS D 69 -7.01 22.71 -17.15
C CYS D 69 -5.54 22.35 -17.20
N THR D 70 -4.71 23.10 -16.46
CA THR D 70 -3.28 22.85 -16.46
C THR D 70 -2.93 21.43 -16.05
N ILE D 71 -3.60 20.90 -15.03
CA ILE D 71 -3.33 19.53 -14.60
C ILE D 71 -3.53 18.55 -15.75
N TYR D 72 -4.68 18.62 -16.41
CA TYR D 72 -5.01 17.63 -17.44
C TYR D 72 -4.12 17.79 -18.67
N VAL D 73 -3.88 19.03 -19.08
CA VAL D 73 -3.06 19.28 -20.27
C VAL D 73 -1.62 18.81 -20.04
N THR D 74 -1.07 19.10 -18.86
CA THR D 74 0.28 18.62 -18.53
C THR D 74 0.38 17.11 -18.67
N GLU D 75 -0.60 16.39 -18.10
CA GLU D 75 -0.54 14.93 -18.15
C GLU D 75 -0.76 14.42 -19.57
N LEU D 76 -1.68 15.03 -20.31
CA LEU D 76 -1.91 14.59 -21.69
C LEU D 76 -0.63 14.69 -22.52
N ILE D 77 0.10 15.79 -22.38
CA ILE D 77 1.31 16.00 -23.16
C ILE D 77 2.44 15.12 -22.64
N LYS D 78 2.68 15.14 -21.32
CA LYS D 78 3.91 14.54 -20.79
C LYS D 78 3.80 13.03 -20.69
N THR D 79 2.66 12.51 -20.27
CA THR D 79 2.50 11.07 -20.10
C THR D 79 1.87 10.40 -21.31
N TYR D 80 0.89 11.04 -21.95
CA TYR D 80 0.13 10.39 -23.01
C TYR D 80 0.52 10.82 -24.42
N GLN D 81 1.55 11.64 -24.55
CA GLN D 81 2.17 11.98 -25.83
C GLN D 81 1.23 12.73 -26.77
N VAL D 82 0.22 13.39 -26.24
CA VAL D 82 -0.66 14.21 -27.07
C VAL D 82 0.13 15.39 -27.62
N LYS D 83 -0.02 15.64 -28.93
CA LYS D 83 0.75 16.67 -29.64
C LYS D 83 -0.09 17.87 -30.04
N GLU D 84 -1.38 17.68 -30.28
CA GLU D 84 -2.27 18.72 -30.75
C GLU D 84 -3.51 18.75 -29.86
N LEU D 85 -3.80 19.92 -29.29
CA LEU D 85 -4.88 20.06 -28.32
C LEU D 85 -5.80 21.17 -28.79
N LEU D 86 -7.03 20.81 -29.11
CA LEU D 86 -8.02 21.75 -29.60
C LEU D 86 -9.13 21.87 -28.55
N ARG D 87 -9.19 23.01 -27.89
CA ARG D 87 -10.16 23.24 -26.83
C ARG D 87 -11.37 23.95 -27.42
N ILE D 88 -12.56 23.45 -27.10
CA ILE D 88 -13.80 24.16 -27.33
C ILE D 88 -14.45 24.45 -25.97
N GLY D 89 -15.42 25.33 -25.97
CA GLY D 89 -16.11 25.69 -24.74
C GLY D 89 -17.03 26.86 -25.01
N THR D 90 -17.74 27.27 -23.97
CA THR D 90 -18.58 28.46 -24.07
C THR D 90 -17.84 29.66 -23.51
N CYS D 91 -18.43 30.83 -23.66
CA CYS D 91 -17.82 32.05 -23.14
C CYS D 91 -18.89 33.11 -22.94
N GLY D 92 -18.54 34.14 -22.18
CA GLY D 92 -19.40 35.29 -21.99
C GLY D 92 -18.89 36.46 -22.78
N ALA D 93 -19.67 36.91 -23.76
CA ALA D 93 -19.22 37.97 -24.65
C ALA D 93 -19.18 39.30 -23.91
N ILE D 94 -18.15 40.09 -24.20
CA ILE D 94 -18.02 41.44 -23.66
C ILE D 94 -17.84 42.49 -24.75
N SER D 95 -17.81 42.09 -26.03
CA SER D 95 -17.52 43.02 -27.11
C SER D 95 -18.74 43.20 -28.01
N PRO D 96 -18.97 44.41 -28.54
CA PRO D 96 -20.03 44.58 -29.54
C PRO D 96 -19.72 43.92 -30.87
N LYS D 97 -18.48 43.46 -31.08
CA LYS D 97 -18.09 42.81 -32.32
C LYS D 97 -18.63 41.40 -32.43
N VAL D 98 -19.16 40.83 -31.34
CA VAL D 98 -19.68 39.47 -31.34
C VAL D 98 -21.06 39.45 -30.69
N GLY D 99 -21.81 38.40 -31.00
CA GLY D 99 -23.13 38.20 -30.41
C GLY D 99 -23.36 36.71 -30.14
N LEU D 100 -24.56 36.42 -29.64
CA LEU D 100 -24.92 35.04 -29.32
C LEU D 100 -24.75 34.15 -30.55
N LYS D 101 -24.21 32.94 -30.31
CA LYS D 101 -23.96 31.88 -31.27
C LYS D 101 -22.69 32.09 -32.09
N ASP D 102 -21.99 33.22 -31.96
CA ASP D 102 -20.75 33.40 -32.69
C ASP D 102 -19.70 32.42 -32.16
N ILE D 103 -18.78 32.03 -33.03
CA ILE D 103 -17.62 31.22 -32.65
C ILE D 103 -16.39 32.11 -32.72
N ILE D 104 -15.63 32.14 -31.62
CA ILE D 104 -14.44 32.97 -31.47
C ILE D 104 -13.23 32.05 -31.52
N MET D 105 -12.20 32.45 -32.26
CA MET D 105 -10.91 31.77 -32.16
C MET D 105 -9.96 32.71 -31.43
N ALA D 106 -9.38 32.23 -30.33
CA ALA D 106 -8.62 33.07 -29.40
C ALA D 106 -7.16 33.09 -29.84
N THR D 107 -6.73 34.19 -30.48
CA THR D 107 -5.33 34.31 -30.85
C THR D 107 -4.47 34.83 -29.71
N GLY D 108 -5.09 35.18 -28.60
CA GLY D 108 -4.37 35.50 -27.38
C GLY D 108 -5.31 35.29 -26.22
N ALA D 109 -4.74 34.95 -25.06
CA ALA D 109 -5.53 34.78 -23.86
C ALA D 109 -4.91 35.58 -22.72
N SER D 110 -5.53 36.72 -22.42
CA SER D 110 -5.13 37.55 -21.30
C SER D 110 -5.69 36.92 -20.02
N THR D 111 -5.20 37.37 -18.87
CA THR D 111 -5.65 36.70 -17.64
C THR D 111 -5.47 37.57 -16.41
N ASP D 112 -6.30 37.32 -15.37
CA ASP D 112 -6.09 37.85 -14.03
C ASP D 112 -5.42 36.85 -13.09
N SER D 113 -5.01 35.70 -13.63
CA SER D 113 -4.30 34.69 -12.86
C SER D 113 -2.87 35.13 -12.58
N LYS D 114 -2.28 34.60 -11.52
CA LYS D 114 -0.86 34.80 -11.27
C LYS D 114 -0.02 33.69 -11.89
N THR D 115 -0.64 32.67 -12.49
CA THR D 115 0.10 31.48 -12.89
C THR D 115 1.21 31.79 -13.89
N ASN D 116 0.95 32.70 -14.84
CA ASN D 116 1.96 32.97 -15.85
C ASN D 116 3.10 33.81 -15.31
N ARG D 117 2.81 34.71 -14.36
CA ARG D 117 3.88 35.40 -13.66
C ARG D 117 4.76 34.42 -12.89
N VAL D 118 4.15 33.42 -12.24
CA VAL D 118 4.92 32.40 -11.54
C VAL D 118 5.80 31.62 -12.52
N ARG D 119 5.24 31.28 -13.69
CA ARG D 119 5.98 30.52 -14.70
C ARG D 119 7.06 31.35 -15.38
N PHE D 120 6.86 32.67 -15.51
CA PHE D 120 7.62 33.46 -16.46
C PHE D 120 8.37 34.61 -15.80
N LEU D 121 9.12 34.31 -14.73
CA LEU D 121 10.04 35.28 -14.11
C LEU D 121 9.36 36.59 -13.68
N ASN D 122 8.09 36.51 -13.28
CA ASN D 122 7.27 37.65 -12.84
C ASN D 122 7.02 38.67 -13.94
N HIS D 123 7.25 38.31 -15.20
CA HIS D 123 7.01 39.22 -16.30
C HIS D 123 5.65 38.89 -16.94
N ASP D 124 5.37 39.50 -18.09
CA ASP D 124 4.11 39.31 -18.80
C ASP D 124 4.33 38.26 -19.89
N LEU D 125 3.77 37.06 -19.70
CA LEU D 125 3.75 36.04 -20.75
C LEU D 125 2.55 36.30 -21.65
N SER D 126 2.78 36.54 -22.94
CA SER D 126 1.65 36.68 -23.86
C SER D 126 1.26 35.27 -24.30
N ALA D 127 0.19 34.74 -23.71
CA ALA D 127 -0.21 33.36 -23.95
C ALA D 127 -0.94 33.28 -25.29
N THR D 128 -0.40 32.50 -26.21
CA THR D 128 -0.89 32.44 -27.58
C THR D 128 -1.00 30.99 -28.04
N PRO D 129 -1.83 30.76 -29.07
CA PRO D 129 -1.95 29.40 -29.65
C PRO D 129 -0.87 29.15 -30.69
N ASP D 130 -0.83 27.89 -31.13
CA ASP D 130 0.01 27.52 -32.26
C ASP D 130 -0.58 28.11 -33.53
N PHE D 131 0.28 28.75 -34.34
CA PHE D 131 -0.24 29.45 -35.51
C PHE D 131 -0.77 28.49 -36.57
N GLU D 132 -0.08 27.38 -36.80
CA GLU D 132 -0.57 26.39 -37.78
C GLU D 132 -1.98 25.92 -37.44
N LEU D 133 -2.26 25.66 -36.17
CA LEU D 133 -3.62 25.25 -35.80
C LEU D 133 -4.62 26.36 -36.08
N SER D 134 -4.24 27.61 -35.77
CA SER D 134 -5.16 28.72 -36.00
C SER D 134 -5.43 28.90 -37.49
N LEU D 135 -4.41 28.67 -38.34
CA LEU D 135 -4.63 28.73 -39.78
C LEU D 135 -5.56 27.61 -40.23
N ARG D 136 -5.39 26.41 -39.66
CA ARG D 136 -6.27 25.30 -40.02
C ARG D 136 -7.71 25.59 -39.63
N ALA D 137 -7.91 26.21 -38.46
CA ALA D 137 -9.25 26.60 -38.05
C ALA D 137 -9.83 27.64 -38.99
N TYR D 138 -9.02 28.62 -39.38
CA TYR D 138 -9.50 29.62 -40.33
C TYR D 138 -9.95 28.96 -41.63
N GLN D 139 -9.12 28.10 -42.21
CA GLN D 139 -9.44 27.49 -43.49
C GLN D 139 -10.66 26.60 -43.37
N THR D 140 -10.76 25.84 -42.28
CA THR D 140 -11.90 24.92 -42.11
C THR D 140 -13.20 25.70 -41.92
N ALA D 141 -13.16 26.77 -41.13
CA ALA D 141 -14.36 27.60 -40.96
C ALA D 141 -14.82 28.17 -42.30
N LYS D 142 -13.87 28.60 -43.16
CA LYS D 142 -14.25 29.10 -44.47
C LYS D 142 -14.90 28.02 -45.32
N ARG D 143 -14.30 26.81 -45.32
CA ARG D 143 -14.87 25.70 -46.07
C ARG D 143 -16.28 25.35 -45.62
N LEU D 144 -16.56 25.50 -44.32
CA LEU D 144 -17.85 25.16 -43.74
C LEU D 144 -18.83 26.33 -43.71
N GLY D 145 -18.40 27.53 -44.13
CA GLY D 145 -19.28 28.67 -44.12
C GLY D 145 -19.45 29.36 -42.80
N ILE D 146 -18.54 29.14 -41.85
CA ILE D 146 -18.64 29.70 -40.51
C ILE D 146 -17.96 31.06 -40.48
N ASP D 147 -18.66 32.06 -39.94
CA ASP D 147 -18.14 33.42 -39.81
C ASP D 147 -17.35 33.49 -38.51
N LEU D 148 -16.13 32.95 -38.56
CA LEU D 148 -15.29 32.84 -37.38
C LEU D 148 -14.79 34.22 -36.96
N LYS D 149 -15.01 34.56 -35.69
CA LYS D 149 -14.54 35.81 -35.12
C LYS D 149 -13.19 35.57 -34.44
N VAL D 150 -12.27 36.48 -34.65
CA VAL D 150 -10.87 36.25 -34.27
C VAL D 150 -10.41 37.40 -33.39
N GLY D 151 -9.94 37.07 -32.19
CA GLY D 151 -9.44 38.08 -31.29
C GLY D 151 -8.94 37.46 -30.00
N ASN D 152 -8.69 38.32 -29.01
CA ASN D 152 -8.28 37.79 -27.72
C ASN D 152 -9.52 37.35 -26.92
N VAL D 153 -9.29 36.45 -25.98
CA VAL D 153 -10.22 36.23 -24.86
C VAL D 153 -9.50 36.62 -23.58
N PHE D 154 -10.28 36.79 -22.51
CA PHE D 154 -9.75 37.03 -21.18
C PHE D 154 -10.09 35.80 -20.35
N SER D 155 -9.05 35.10 -19.87
CA SER D 155 -9.22 33.92 -19.03
C SER D 155 -9.20 34.37 -17.57
N SER D 156 -10.31 34.22 -16.88
CA SER D 156 -10.39 34.71 -15.52
C SER D 156 -10.38 33.57 -14.51
N ASP D 157 -9.86 33.85 -13.33
CA ASP D 157 -10.06 32.98 -12.19
C ASP D 157 -11.45 33.10 -11.60
N PHE D 158 -12.27 34.01 -12.12
CA PHE D 158 -13.59 34.34 -11.55
C PHE D 158 -14.69 34.10 -12.58
N PHE D 159 -15.68 33.28 -12.21
CA PHE D 159 -16.93 33.29 -12.95
C PHE D 159 -17.81 34.43 -12.45
N TYR D 160 -17.91 34.57 -11.13
CA TYR D 160 -18.64 35.67 -10.49
C TYR D 160 -17.62 36.78 -10.25
N SER D 161 -17.50 37.65 -11.25
CA SER D 161 -16.44 38.64 -11.28
C SER D 161 -16.66 39.74 -10.23
N PHE D 162 -15.54 40.28 -9.74
CA PHE D 162 -15.52 41.49 -8.92
C PHE D 162 -15.10 42.71 -9.70
N GLU D 163 -14.95 42.58 -11.02
CA GLU D 163 -14.40 43.64 -11.85
C GLU D 163 -15.25 43.82 -13.13
N THR D 164 -16.57 43.72 -13.00
CA THR D 164 -17.42 43.93 -14.17
C THR D 164 -17.29 45.33 -14.73
N HIS D 165 -16.83 46.30 -13.93
CA HIS D 165 -16.61 47.64 -14.45
C HIS D 165 -15.50 47.68 -15.49
N ALA D 166 -14.67 46.65 -15.56
CA ALA D 166 -13.53 46.60 -16.49
C ALA D 166 -13.86 45.97 -17.83
N PHE D 167 -15.06 45.42 -18.01
CA PHE D 167 -15.37 44.70 -19.24
C PHE D 167 -15.24 45.58 -20.47
N ASP D 168 -15.67 46.85 -20.38
CA ASP D 168 -15.57 47.73 -21.54
C ASP D 168 -14.11 47.96 -21.93
N LEU D 169 -13.24 48.17 -20.93
CA LEU D 169 -11.82 48.33 -21.25
C LEU D 169 -11.25 47.09 -21.92
N MET D 170 -11.57 45.91 -21.39
CA MET D 170 -11.09 44.71 -22.06
CA MET D 170 -11.13 44.67 -22.05
C MET D 170 -11.60 44.60 -23.49
N ALA D 171 -12.87 44.97 -23.73
CA ALA D 171 -13.40 44.93 -25.08
C ALA D 171 -12.69 45.92 -25.97
N LYS D 172 -12.30 47.07 -25.40
CA LYS D 172 -11.58 48.06 -26.19
C LYS D 172 -10.28 47.48 -26.72
N TYR D 173 -9.59 46.69 -25.90
CA TYR D 173 -8.33 46.04 -26.26
C TYR D 173 -8.53 44.71 -26.96
N ASN D 174 -9.65 44.55 -27.65
CA ASN D 174 -9.88 43.40 -28.54
C ASN D 174 -10.05 42.09 -27.78
N HIS D 175 -10.58 42.15 -26.56
CA HIS D 175 -11.06 40.95 -25.89
C HIS D 175 -12.53 40.80 -26.19
N LEU D 176 -12.87 39.73 -26.91
CA LEU D 176 -14.20 39.49 -27.41
C LEU D 176 -15.09 38.82 -26.36
N ALA D 177 -14.48 38.06 -25.43
CA ALA D 177 -15.27 37.27 -24.49
C ALA D 177 -14.39 36.87 -23.33
N ILE D 178 -15.04 36.42 -22.26
CA ILE D 178 -14.38 35.92 -21.06
C ILE D 178 -14.68 34.42 -20.93
N GLU D 179 -13.66 33.65 -20.62
CA GLU D 179 -13.81 32.26 -20.18
C GLU D 179 -12.77 32.03 -19.09
N MET D 180 -12.42 30.76 -18.80
CA MET D 180 -11.69 30.51 -17.56
C MET D 180 -10.51 29.55 -17.73
N GLU D 181 -10.16 29.12 -18.95
CA GLU D 181 -9.08 28.15 -19.12
C GLU D 181 -8.05 28.48 -20.20
N ALA D 182 -8.41 29.29 -21.21
CA ALA D 182 -7.55 29.44 -22.39
C ALA D 182 -6.10 29.78 -22.05
N ALA D 183 -5.89 30.75 -21.15
CA ALA D 183 -4.54 31.16 -20.82
C ALA D 183 -3.73 30.02 -20.21
N GLY D 184 -4.39 29.12 -19.50
CA GLY D 184 -3.70 27.98 -18.91
C GLY D 184 -3.37 26.92 -19.95
N LEU D 185 -4.32 26.64 -20.85
CA LEU D 185 -4.02 25.75 -21.97
C LEU D 185 -2.83 26.27 -22.78
N TYR D 186 -2.86 27.57 -23.11
CA TYR D 186 -1.83 28.14 -23.98
C TYR D 186 -0.46 28.13 -23.31
N ALA D 187 -0.40 28.54 -22.03
CA ALA D 187 0.86 28.55 -21.31
C ALA D 187 1.43 27.15 -21.14
N THR D 188 0.58 26.16 -20.83
CA THR D 188 1.09 24.81 -20.63
C THR D 188 1.60 24.21 -21.93
N ALA D 189 0.88 24.46 -23.04
CA ALA D 189 1.32 23.97 -24.33
C ALA D 189 2.62 24.64 -24.77
N MET D 190 2.79 25.93 -24.47
CA MET D 190 4.06 26.59 -24.70
C MET D 190 5.17 25.95 -23.87
N GLU D 191 4.91 25.72 -22.59
CA GLU D 191 5.89 25.13 -21.69
C GLU D 191 6.39 23.78 -22.24
N LEU D 192 5.48 22.97 -22.77
CA LEU D 192 5.75 21.58 -23.09
C LEU D 192 5.83 21.34 -24.59
N ASN D 193 6.02 22.39 -25.38
CA ASN D 193 6.31 22.22 -26.81
C ASN D 193 5.19 21.49 -27.54
N ALA D 194 3.94 21.85 -27.24
CA ALA D 194 2.79 21.25 -27.91
C ALA D 194 1.99 22.33 -28.64
N LYS D 195 1.10 21.87 -29.53
CA LYS D 195 0.32 22.78 -30.37
C LYS D 195 -1.11 22.83 -29.83
N ALA D 196 -1.58 24.04 -29.51
CA ALA D 196 -2.87 24.22 -28.88
C ALA D 196 -3.62 25.38 -29.53
N LEU D 197 -4.95 25.31 -29.44
CA LEU D 197 -5.83 26.37 -29.91
C LEU D 197 -7.14 26.27 -29.14
N CYS D 198 -7.76 27.42 -28.90
CA CYS D 198 -9.06 27.47 -28.22
CA CYS D 198 -9.06 27.50 -28.22
C CYS D 198 -10.08 28.17 -29.11
N LEU D 199 -11.23 27.53 -29.27
CA LEU D 199 -12.40 28.13 -29.89
C LEU D 199 -13.47 28.21 -28.81
N CYS D 200 -14.30 29.25 -28.86
CA CYS D 200 -15.38 29.31 -27.89
CA CYS D 200 -15.35 29.43 -27.86
C CYS D 200 -16.62 29.88 -28.55
N SER D 201 -17.76 29.37 -28.09
CA SER D 201 -19.07 29.73 -28.61
C SER D 201 -19.71 30.68 -27.61
N VAL D 202 -20.27 31.78 -28.12
CA VAL D 202 -20.90 32.79 -27.27
C VAL D 202 -22.25 32.26 -26.79
N SER D 203 -22.34 31.93 -25.51
CA SER D 203 -23.57 31.43 -24.90
C SER D 203 -24.38 32.52 -24.21
N ASP D 204 -23.71 33.57 -23.75
CA ASP D 204 -24.33 34.68 -23.05
C ASP D 204 -23.54 35.92 -23.41
N HIS D 205 -24.23 37.06 -23.47
CA HIS D 205 -23.58 38.36 -23.66
C HIS D 205 -23.60 39.08 -22.32
N LEU D 206 -22.41 39.30 -21.76
CA LEU D 206 -22.31 39.86 -20.41
C LEU D 206 -22.66 41.34 -20.37
N ILE D 207 -22.72 42.01 -21.52
CA ILE D 207 -23.05 43.43 -21.56
C ILE D 207 -24.55 43.60 -21.80
N THR D 208 -25.01 43.13 -22.98
CA THR D 208 -26.39 43.28 -23.37
C THR D 208 -27.32 42.35 -22.60
N LYS D 209 -26.77 41.43 -21.79
CA LYS D 209 -27.50 40.49 -20.96
C LYS D 209 -28.26 39.43 -21.74
N GLU D 210 -28.13 39.38 -23.07
CA GLU D 210 -28.77 38.34 -23.85
C GLU D 210 -28.20 36.97 -23.46
N ALA D 211 -29.05 35.95 -23.51
CA ALA D 211 -28.64 34.59 -23.18
C ALA D 211 -29.37 33.62 -24.10
N LEU D 212 -28.76 32.47 -24.33
CA LEU D 212 -29.36 31.42 -25.14
C LEU D 212 -30.20 30.50 -24.27
N SER D 213 -31.30 30.01 -24.83
CA SER D 213 -32.11 29.02 -24.14
C SER D 213 -31.35 27.70 -24.05
N PRO D 214 -31.72 26.83 -23.10
CA PRO D 214 -31.11 25.49 -23.07
C PRO D 214 -31.05 24.82 -24.43
N LYS D 215 -32.14 24.89 -25.20
CA LYS D 215 -32.17 24.26 -26.51
C LYS D 215 -31.26 24.99 -27.50
N GLU D 216 -31.20 26.32 -27.41
CA GLU D 216 -30.35 27.08 -28.31
C GLU D 216 -28.87 26.83 -28.03
N ARG D 217 -28.52 26.61 -26.75
CA ARG D 217 -27.14 26.33 -26.39
C ARG D 217 -26.64 25.05 -27.04
N VAL D 218 -27.53 24.07 -27.24
CA VAL D 218 -27.10 22.79 -27.80
C VAL D 218 -26.81 22.93 -29.29
N GLU D 219 -27.70 23.60 -30.03
CA GLU D 219 -27.55 23.63 -31.49
C GLU D 219 -26.34 24.46 -31.91
N SER D 220 -26.09 25.60 -31.23
CA SER D 220 -24.92 26.40 -31.59
C SER D 220 -23.63 25.68 -31.23
N PHE D 221 -23.63 24.95 -30.11
CA PHE D 221 -22.45 24.19 -29.72
C PHE D 221 -22.14 23.10 -30.75
N ASP D 222 -23.16 22.48 -31.33
CA ASP D 222 -22.91 21.45 -32.35
C ASP D 222 -22.09 22.01 -33.50
N ASN D 223 -22.35 23.26 -33.89
CA ASN D 223 -21.63 23.84 -35.02
C ASN D 223 -20.15 23.97 -34.73
N MET D 224 -19.80 24.26 -33.48
CA MET D 224 -18.39 24.35 -33.10
C MET D 224 -17.76 22.97 -32.96
N ILE D 225 -18.53 21.98 -32.51
CA ILE D 225 -18.01 20.60 -32.46
C ILE D 225 -17.63 20.13 -33.86
N ILE D 226 -18.52 20.36 -34.83
CA ILE D 226 -18.25 19.96 -36.21
C ILE D 226 -17.02 20.68 -36.76
N LEU D 227 -16.90 21.98 -36.48
CA LEU D 227 -15.70 22.70 -36.92
C LEU D 227 -14.43 22.06 -36.36
N ALA D 228 -14.43 21.76 -35.05
CA ALA D 228 -13.26 21.15 -34.43
C ALA D 228 -12.95 19.79 -35.03
N LEU D 229 -13.96 18.93 -35.17
CA LEU D 229 -13.72 17.61 -35.73
C LEU D 229 -13.26 17.67 -37.18
N GLU D 230 -13.87 18.57 -37.98
CA GLU D 230 -13.44 18.75 -39.36
C GLU D 230 -12.00 19.23 -39.44
N MET D 231 -11.63 20.16 -38.56
CA MET D 231 -10.25 20.59 -38.48
C MET D 231 -9.31 19.46 -38.10
N MET D 232 -9.79 18.43 -37.41
CA MET D 232 -8.85 17.42 -36.94
C MET D 232 -8.73 16.24 -37.91
N SER D 233 -9.57 16.22 -38.95
CA SER D 233 -9.57 15.13 -39.92
C SER D 233 -8.43 15.31 -40.89
N MET E 1 32.21 51.49 -31.66
CA MET E 1 32.20 50.03 -31.67
C MET E 1 31.06 49.40 -30.86
N THR E 2 29.87 49.97 -30.95
CA THR E 2 28.65 49.42 -30.38
C THR E 2 27.59 49.37 -31.46
N PRO E 3 26.47 48.66 -31.21
CA PRO E 3 25.38 48.69 -32.20
C PRO E 3 24.73 50.06 -32.35
N HIS E 4 24.97 50.98 -31.42
CA HIS E 4 24.23 52.24 -31.39
C HIS E 4 25.10 53.49 -31.49
N ILE E 5 26.42 53.35 -31.44
CA ILE E 5 27.34 54.48 -31.47
C ILE E 5 28.52 54.07 -32.35
N ASN E 6 28.86 54.90 -33.35
CA ASN E 6 29.95 54.58 -34.25
C ASN E 6 31.13 55.53 -34.10
N ALA E 7 31.25 56.14 -32.93
CA ALA E 7 32.42 56.95 -32.62
C ALA E 7 33.61 56.05 -32.33
N LYS E 8 34.81 56.58 -32.55
CA LYS E 8 36.00 55.84 -32.16
C LYS E 8 36.22 55.98 -30.66
N ILE E 9 36.85 54.96 -30.07
CA ILE E 9 37.24 55.04 -28.67
C ILE E 9 38.13 56.26 -28.49
N GLY E 10 37.81 57.07 -27.47
CA GLY E 10 38.52 58.32 -27.24
C GLY E 10 37.92 59.54 -27.90
N ASP E 11 36.87 59.39 -28.72
CA ASP E 11 36.28 60.55 -29.36
C ASP E 11 35.42 61.36 -28.40
N PHE E 12 34.97 60.78 -27.30
CA PHE E 12 34.18 61.50 -26.32
C PHE E 12 35.08 62.08 -25.23
N TYR E 13 34.81 63.33 -24.86
CA TYR E 13 35.37 63.89 -23.65
C TYR E 13 34.68 63.24 -22.44
N PRO E 14 35.29 63.30 -21.26
CA PRO E 14 34.68 62.63 -20.08
C PRO E 14 33.44 63.33 -19.54
N GLN E 15 33.15 64.55 -19.98
CA GLN E 15 31.94 65.27 -19.62
C GLN E 15 31.05 65.34 -20.86
N CYS E 16 29.80 64.91 -20.72
CA CYS E 16 28.88 64.85 -21.84
C CYS E 16 27.52 65.43 -21.46
N LEU E 17 27.02 66.33 -22.29
CA LEU E 17 25.64 66.82 -22.19
C LEU E 17 24.75 65.89 -22.99
N LEU E 18 23.60 65.53 -22.42
CA LEU E 18 22.65 64.64 -23.07
C LEU E 18 21.33 65.34 -23.35
N OCS E 19 20.71 64.97 -24.47
CA OCS E 19 19.37 65.45 -24.76
CB OCS E 19 19.46 66.73 -25.57
SG OCS E 19 17.93 67.66 -25.71
C OCS E 19 18.67 64.36 -25.55
O OCS E 19 19.32 63.61 -26.24
OD1 OCS E 19 17.08 67.02 -26.64
OD2 OCS E 19 17.28 67.77 -24.46
OD3 OCS E 19 18.30 68.96 -26.17
N GLY E 20 17.34 64.26 -25.46
CA GLY E 20 16.65 63.23 -26.21
C GLY E 20 16.61 63.49 -27.71
N ASP E 21 16.59 64.78 -28.09
CA ASP E 21 16.39 65.16 -29.48
C ASP E 21 17.74 65.39 -30.13
N PRO E 22 18.17 64.54 -31.08
CA PRO E 22 19.47 64.76 -31.71
C PRO E 22 19.53 66.03 -32.55
N LEU E 23 18.39 66.58 -32.99
CA LEU E 23 18.45 67.87 -33.67
C LEU E 23 18.73 69.01 -32.70
N ARG E 24 18.25 68.91 -31.46
CA ARG E 24 18.64 69.92 -30.48
C ARG E 24 20.11 69.78 -30.11
N VAL E 25 20.61 68.55 -30.09
CA VAL E 25 22.04 68.32 -29.88
C VAL E 25 22.86 69.00 -30.98
N SER E 26 22.43 68.85 -32.24
CA SER E 26 23.13 69.48 -33.35
C SER E 26 23.07 71.01 -33.27
N TYR E 27 21.93 71.53 -32.82
CA TYR E 27 21.77 72.95 -32.60
C TYR E 27 22.76 73.47 -31.55
N ILE E 28 22.93 72.73 -30.45
CA ILE E 28 23.89 73.15 -29.44
C ILE E 28 25.30 73.17 -30.02
N ALA E 29 25.66 72.12 -30.77
CA ALA E 29 26.98 72.04 -31.35
C ALA E 29 27.28 73.24 -32.22
N LYS E 30 26.33 73.61 -33.08
CA LYS E 30 26.54 74.70 -34.01
C LYS E 30 26.57 76.05 -33.30
N LYS E 31 25.65 76.28 -32.35
CA LYS E 31 25.49 77.61 -31.77
C LYS E 31 26.47 77.87 -30.63
N PHE E 32 26.76 76.86 -29.80
CA PHE E 32 27.49 77.14 -28.58
C PHE E 32 28.89 76.57 -28.49
N LEU E 33 29.26 75.61 -29.33
CA LEU E 33 30.58 75.00 -29.26
C LEU E 33 31.48 75.53 -30.36
N GLN E 34 32.78 75.46 -30.10
CA GLN E 34 33.78 75.78 -31.11
C GLN E 34 34.31 74.49 -31.71
N ASP E 35 34.54 74.50 -33.03
CA ASP E 35 35.15 73.38 -33.75
C ASP E 35 34.42 72.06 -33.49
N ALA E 36 33.10 72.12 -33.46
CA ALA E 36 32.32 70.93 -33.14
C ALA E 36 32.38 69.94 -34.29
N LYS E 37 32.75 68.70 -33.96
CA LYS E 37 32.78 67.60 -34.91
C LYS E 37 31.70 66.59 -34.55
N GLU E 38 30.99 66.12 -35.56
CA GLU E 38 30.01 65.06 -35.37
C GLU E 38 30.76 63.73 -35.26
N ILE E 39 30.66 63.09 -34.09
CA ILE E 39 31.45 61.90 -33.81
C ILE E 39 30.65 60.60 -33.91
N THR E 40 29.32 60.68 -33.92
CA THR E 40 28.50 59.48 -34.05
C THR E 40 27.16 59.84 -34.69
N ASN E 41 26.59 58.86 -35.44
CA ASN E 41 25.31 59.13 -36.10
C ASN E 41 24.51 57.86 -36.40
N VAL E 42 24.75 56.75 -35.70
CA VAL E 42 23.94 55.55 -35.90
C VAL E 42 22.48 55.86 -35.58
N ARG E 43 21.58 55.37 -36.44
CA ARG E 43 20.15 55.63 -36.27
C ARG E 43 19.80 57.11 -36.27
N ASN E 44 20.64 57.94 -36.89
CA ASN E 44 20.46 59.39 -36.89
C ASN E 44 20.56 59.99 -35.49
N MET E 45 21.09 59.23 -34.54
CA MET E 45 21.28 59.71 -33.17
C MET E 45 22.65 60.31 -32.99
N LEU E 46 22.71 61.64 -33.08
CA LEU E 46 23.95 62.36 -33.30
C LEU E 46 24.64 62.63 -31.98
N GLY E 47 25.98 62.58 -32.02
CA GLY E 47 26.79 63.06 -30.94
C GLY E 47 27.96 63.86 -31.48
N PHE E 48 28.51 64.71 -30.62
CA PHE E 48 29.52 65.69 -31.03
C PHE E 48 30.58 65.84 -29.95
N SER E 49 31.73 66.35 -30.38
CA SER E 49 32.76 66.84 -29.46
C SER E 49 33.25 68.19 -29.95
N GLY E 50 33.35 69.13 -29.03
CA GLY E 50 33.87 70.44 -29.36
C GLY E 50 34.35 71.10 -28.09
N LYS E 51 34.54 72.41 -28.16
CA LYS E 51 35.03 73.16 -27.02
C LYS E 51 34.06 74.27 -26.63
N TYR E 52 33.95 74.51 -25.32
CA TYR E 52 33.22 75.65 -24.77
C TYR E 52 34.17 76.35 -23.83
N LYS E 53 34.49 77.61 -24.14
CA LYS E 53 35.43 78.40 -23.35
C LYS E 53 36.73 77.64 -23.09
N GLY E 54 37.26 77.02 -24.15
CA GLY E 54 38.51 76.31 -24.09
C GLY E 54 38.47 74.91 -23.52
N ARG E 55 37.31 74.45 -23.06
CA ARG E 55 37.19 73.18 -22.35
C ARG E 55 36.48 72.19 -23.26
N GLY E 56 37.00 70.97 -23.32
CA GLY E 56 36.36 69.94 -24.12
C GLY E 56 35.00 69.55 -23.56
N ILE E 57 34.04 69.42 -24.45
CA ILE E 57 32.63 69.10 -24.14
C ILE E 57 32.13 68.13 -25.20
N SER E 58 31.48 67.05 -24.76
CA SER E 58 30.77 66.21 -25.73
C SER E 58 29.27 66.35 -25.53
N LEU E 59 28.53 66.06 -26.60
CA LEU E 59 27.07 66.09 -26.63
C LEU E 59 26.58 64.78 -27.22
N MET E 60 25.49 64.26 -26.66
CA MET E 60 24.93 63.01 -27.19
C MET E 60 23.41 63.01 -27.09
N GLY E 61 22.76 62.64 -28.20
CA GLY E 61 21.33 62.38 -28.16
C GLY E 61 21.02 61.00 -27.60
N HIS E 62 19.89 60.89 -26.90
CA HIS E 62 19.56 59.61 -26.29
C HIS E 62 18.18 59.08 -26.62
N GLY E 63 17.40 59.78 -27.45
CA GLY E 63 16.08 59.30 -27.81
C GLY E 63 15.10 59.43 -26.65
N MET E 64 13.93 58.84 -26.85
CA MET E 64 12.78 59.03 -25.95
C MET E 64 12.53 57.76 -25.14
N GLY E 65 12.40 57.94 -23.83
CA GLY E 65 12.02 56.90 -22.92
C GLY E 65 13.21 56.26 -22.23
N ILE E 66 12.92 55.67 -21.07
CA ILE E 66 13.95 55.05 -20.24
C ILE E 66 14.74 54.00 -21.03
N ALA E 67 14.06 53.17 -21.83
CA ALA E 67 14.78 52.09 -22.48
C ALA E 67 15.79 52.63 -23.48
N SER E 68 15.42 53.66 -24.22
CA SER E 68 16.34 54.25 -25.18
C SER E 68 17.48 54.96 -24.46
N CYS E 69 17.14 55.80 -23.49
CA CYS E 69 18.15 56.51 -22.70
C CYS E 69 19.16 55.52 -22.10
N THR E 70 18.67 54.42 -21.53
CA THR E 70 19.56 53.48 -20.87
C THR E 70 20.60 52.91 -21.83
N ILE E 71 20.19 52.57 -23.06
CA ILE E 71 21.14 52.05 -24.05
C ILE E 71 22.30 53.00 -24.23
N TYR E 72 22.01 54.27 -24.52
CA TYR E 72 23.07 55.21 -24.84
C TYR E 72 23.93 55.52 -23.62
N VAL E 73 23.31 55.76 -22.47
CA VAL E 73 24.08 56.04 -21.27
C VAL E 73 25.00 54.88 -20.92
N THR E 74 24.48 53.64 -21.01
CA THR E 74 25.31 52.47 -20.71
C THR E 74 26.58 52.45 -21.57
N GLU E 75 26.40 52.67 -22.88
CA GLU E 75 27.53 52.61 -23.81
C GLU E 75 28.50 53.76 -23.59
N LEU E 76 27.99 54.95 -23.32
CA LEU E 76 28.85 56.09 -23.02
C LEU E 76 29.77 55.80 -21.84
N ILE E 77 29.23 55.20 -20.77
CA ILE E 77 30.03 54.93 -19.59
C ILE E 77 30.98 53.77 -19.84
N LYS E 78 30.45 52.65 -20.35
CA LYS E 78 31.24 51.42 -20.37
C LYS E 78 32.23 51.36 -21.52
N THR E 79 31.89 51.92 -22.67
CA THR E 79 32.79 51.88 -23.82
C THR E 79 33.53 53.20 -24.04
N TYR E 80 32.89 54.34 -23.80
CA TYR E 80 33.49 55.61 -24.16
C TYR E 80 34.07 56.39 -22.99
N GLN E 81 34.10 55.79 -21.79
CA GLN E 81 34.81 56.35 -20.64
C GLN E 81 34.19 57.64 -20.12
N VAL E 82 32.93 57.91 -20.46
CA VAL E 82 32.29 59.13 -19.99
C VAL E 82 32.04 59.02 -18.48
N LYS E 83 32.38 60.07 -17.75
CA LYS E 83 32.34 60.08 -16.29
C LYS E 83 31.24 60.96 -15.70
N GLU E 84 30.86 62.04 -16.39
CA GLU E 84 29.86 63.00 -15.92
C GLU E 84 28.85 63.18 -17.03
N LEU E 85 27.58 62.96 -16.70
CA LEU E 85 26.51 63.02 -17.68
C LEU E 85 25.46 64.01 -17.21
N LEU E 86 25.28 65.07 -17.97
CA LEU E 86 24.34 66.14 -17.62
C LEU E 86 23.25 66.13 -18.67
N ARG E 87 22.05 65.71 -18.28
CA ARG E 87 20.92 65.64 -19.19
C ARG E 87 20.13 66.94 -19.08
N ILE E 88 19.79 67.51 -20.24
CA ILE E 88 18.84 68.60 -20.31
C ILE E 88 17.68 68.15 -21.20
N GLY E 89 16.57 68.87 -21.12
CA GLY E 89 15.38 68.43 -21.83
C GLY E 89 14.18 69.25 -21.39
N THR E 90 13.08 69.05 -22.10
CA THR E 90 11.86 69.74 -21.71
C THR E 90 11.06 68.84 -20.79
N CYS E 91 9.99 69.38 -20.22
CA CYS E 91 9.14 68.59 -19.35
C CYS E 91 7.75 69.22 -19.32
N GLY E 92 6.77 68.44 -18.87
CA GLY E 92 5.44 68.97 -18.69
C GLY E 92 5.19 69.24 -17.22
N ALA E 93 4.99 70.51 -16.84
CA ALA E 93 4.82 70.83 -15.44
C ALA E 93 3.49 70.30 -14.91
N ILE E 94 3.49 69.86 -13.65
CA ILE E 94 2.29 69.37 -13.00
C ILE E 94 2.05 70.04 -11.66
N SER E 95 2.95 70.92 -11.23
CA SER E 95 2.89 71.48 -9.88
C SER E 95 2.66 72.98 -9.96
N PRO E 96 1.88 73.55 -9.04
CA PRO E 96 1.74 75.01 -8.98
C PRO E 96 3.03 75.72 -8.58
N LYS E 97 4.03 74.98 -8.09
CA LYS E 97 5.29 75.58 -7.68
C LYS E 97 6.17 75.99 -8.86
N VAL E 98 5.83 75.59 -10.09
CA VAL E 98 6.61 75.96 -11.26
C VAL E 98 5.70 76.49 -12.36
N GLY E 99 6.30 77.27 -13.26
CA GLY E 99 5.61 77.74 -14.44
C GLY E 99 6.50 77.63 -15.66
N LEU E 100 5.94 78.00 -16.82
CA LEU E 100 6.74 77.92 -18.03
C LEU E 100 7.99 78.79 -17.91
N LYS E 101 9.06 78.34 -18.59
CA LYS E 101 10.40 78.94 -18.55
C LYS E 101 11.23 78.50 -17.35
N ASP E 102 10.58 77.99 -16.31
CA ASP E 102 11.34 77.53 -15.14
C ASP E 102 12.26 76.39 -15.53
N ILE E 103 13.43 76.34 -14.88
CA ILE E 103 14.36 75.24 -14.99
C ILE E 103 14.30 74.44 -13.68
N ILE E 104 14.07 73.14 -13.80
CA ILE E 104 13.96 72.25 -12.66
C ILE E 104 15.22 71.41 -12.59
N MET E 105 15.74 71.23 -11.37
CA MET E 105 16.79 70.26 -11.10
C MET E 105 16.16 69.09 -10.37
N ALA E 106 16.23 67.90 -10.96
CA ALA E 106 15.57 66.72 -10.42
C ALA E 106 16.46 66.05 -9.39
N THR E 107 16.13 66.22 -8.09
CA THR E 107 16.90 65.54 -7.06
C THR E 107 16.36 64.13 -6.83
N GLY E 108 15.28 63.78 -7.52
CA GLY E 108 14.79 62.42 -7.51
C GLY E 108 13.95 62.21 -8.75
N ALA E 109 13.92 60.98 -9.24
CA ALA E 109 13.11 60.65 -10.42
C ALA E 109 12.25 59.43 -10.10
N SER E 110 10.98 59.67 -9.82
CA SER E 110 10.02 58.59 -9.63
C SER E 110 9.62 58.03 -11.00
N THR E 111 8.95 56.88 -11.01
CA THR E 111 8.67 56.28 -12.32
C THR E 111 7.52 55.29 -12.24
N ASP E 112 6.83 55.11 -13.38
CA ASP E 112 5.90 54.01 -13.59
C ASP E 112 6.53 52.86 -14.37
N SER E 113 7.83 52.94 -14.68
CA SER E 113 8.56 51.87 -15.34
C SER E 113 8.76 50.70 -14.38
N LYS E 114 8.91 49.49 -14.93
CA LYS E 114 9.32 48.35 -14.14
C LYS E 114 10.83 48.18 -14.08
N THR E 115 11.61 49.06 -14.76
CA THR E 115 13.02 48.78 -14.96
C THR E 115 13.80 48.76 -13.65
N ASN E 116 13.43 49.63 -12.71
CA ASN E 116 14.19 49.68 -11.47
C ASN E 116 13.84 48.54 -10.54
N ARG E 117 12.60 48.05 -10.64
CA ARG E 117 12.25 46.84 -9.89
C ARG E 117 13.00 45.63 -10.44
N VAL E 118 13.20 45.58 -11.76
CA VAL E 118 14.00 44.51 -12.35
C VAL E 118 15.46 44.62 -11.91
N ARG E 119 15.99 45.85 -11.83
CA ARG E 119 17.38 46.05 -11.44
C ARG E 119 17.60 45.79 -9.96
N PHE E 120 16.61 46.05 -9.12
CA PHE E 120 16.81 46.26 -7.70
C PHE E 120 15.91 45.35 -6.86
N LEU E 121 15.99 44.03 -7.12
CA LEU E 121 15.46 43.06 -6.17
C LEU E 121 13.95 43.14 -6.00
N ASN E 122 13.25 43.74 -6.96
CA ASN E 122 11.81 43.95 -6.89
C ASN E 122 11.40 44.92 -5.79
N HIS E 123 12.35 45.69 -5.26
CA HIS E 123 12.07 46.69 -4.24
C HIS E 123 11.98 48.06 -4.89
N ASP E 124 11.91 49.10 -4.07
CA ASP E 124 11.82 50.49 -4.54
C ASP E 124 13.23 51.10 -4.54
N LEU E 125 13.80 51.31 -5.73
CA LEU E 125 15.03 52.08 -5.87
C LEU E 125 14.69 53.56 -5.90
N SER E 126 15.28 54.34 -5.00
CA SER E 126 15.06 55.80 -5.06
C SER E 126 16.12 56.35 -6.00
N ALA E 127 15.72 56.66 -7.24
CA ALA E 127 16.66 57.06 -8.28
C ALA E 127 17.03 58.53 -8.12
N THR E 128 18.31 58.79 -7.89
CA THR E 128 18.80 60.10 -7.48
C THR E 128 20.03 60.46 -8.27
N PRO E 129 20.33 61.76 -8.39
CA PRO E 129 21.55 62.20 -9.09
C PRO E 129 22.74 62.19 -8.17
N ASP E 130 23.90 62.47 -8.78
CA ASP E 130 25.12 62.67 -8.02
C ASP E 130 25.05 64.00 -7.28
N PHE E 131 25.34 63.97 -5.97
CA PHE E 131 25.17 65.18 -5.17
C PHE E 131 26.11 66.30 -5.59
N GLU E 132 27.39 65.97 -5.85
CA GLU E 132 28.35 67.00 -6.26
C GLU E 132 27.87 67.74 -7.49
N LEU E 133 27.34 67.02 -8.48
CA LEU E 133 26.84 67.69 -9.68
C LEU E 133 25.66 68.59 -9.34
N SER E 134 24.76 68.13 -8.46
CA SER E 134 23.62 68.97 -8.10
C SER E 134 24.07 70.24 -7.37
N LEU E 135 25.12 70.14 -6.57
CA LEU E 135 25.69 71.34 -5.94
C LEU E 135 26.25 72.28 -6.99
N ARG E 136 26.98 71.73 -7.95
CA ARG E 136 27.53 72.55 -9.03
C ARG E 136 26.43 73.26 -9.82
N ALA E 137 25.35 72.55 -10.14
CA ALA E 137 24.22 73.20 -10.81
C ALA E 137 23.64 74.33 -9.96
N TYR E 138 23.47 74.09 -8.66
CA TYR E 138 22.94 75.13 -7.77
C TYR E 138 23.85 76.36 -7.74
N GLN E 139 25.15 76.14 -7.60
CA GLN E 139 26.08 77.25 -7.52
C GLN E 139 26.16 78.01 -8.83
N THR E 140 26.17 77.27 -9.95
CA THR E 140 26.26 77.92 -11.25
C THR E 140 24.99 78.71 -11.55
N ALA E 141 23.81 78.13 -11.27
CA ALA E 141 22.57 78.85 -11.49
C ALA E 141 22.52 80.13 -10.67
N LYS E 142 22.99 80.08 -9.42
CA LYS E 142 23.01 81.26 -8.58
C LYS E 142 23.91 82.33 -9.19
N ARG E 143 25.09 81.94 -9.65
CA ARG E 143 26.01 82.87 -10.30
C ARG E 143 25.38 83.51 -11.53
N LEU E 144 24.60 82.75 -12.29
CA LEU E 144 24.00 83.24 -13.53
C LEU E 144 22.66 83.93 -13.31
N GLY E 145 22.18 84.02 -12.07
CA GLY E 145 20.90 84.64 -11.79
C GLY E 145 19.68 83.81 -12.13
N ILE E 146 19.82 82.49 -12.19
CA ILE E 146 18.73 81.59 -12.55
C ILE E 146 18.02 81.13 -11.28
N ASP E 147 16.69 81.26 -11.25
CA ASP E 147 15.88 80.84 -10.11
C ASP E 147 15.57 79.35 -10.26
N LEU E 148 16.57 78.53 -9.90
CA LEU E 148 16.49 77.10 -10.14
C LEU E 148 15.47 76.47 -9.21
N LYS E 149 14.53 75.72 -9.77
CA LYS E 149 13.53 75.01 -9.00
C LYS E 149 14.03 73.59 -8.76
N VAL E 150 13.88 73.11 -7.53
CA VAL E 150 14.48 71.84 -7.12
C VAL E 150 13.41 70.93 -6.56
N GLY E 151 13.30 69.73 -7.12
CA GLY E 151 12.38 68.74 -6.59
C GLY E 151 12.46 67.45 -7.36
N ASN E 152 11.42 66.62 -7.22
CA ASN E 152 11.39 65.40 -8.00
C ASN E 152 10.77 65.66 -9.38
N VAL E 153 11.08 64.79 -10.32
CA VAL E 153 10.30 64.62 -11.53
C VAL E 153 9.72 63.22 -11.52
N PHE E 154 8.71 63.01 -12.36
CA PHE E 154 8.16 61.68 -12.61
C PHE E 154 8.52 61.29 -14.03
N SER E 155 9.28 60.20 -14.17
CA SER E 155 9.70 59.69 -15.47
C SER E 155 8.71 58.61 -15.89
N SER E 156 7.99 58.87 -16.97
CA SER E 156 6.93 57.95 -17.38
C SER E 156 7.32 57.19 -18.63
N ASP E 157 6.79 55.97 -18.71
CA ASP E 157 6.80 55.23 -19.97
C ASP E 157 5.77 55.76 -20.96
N PHE E 158 4.94 56.72 -20.55
CA PHE E 158 3.85 57.24 -21.37
C PHE E 158 4.01 58.73 -21.64
N PHE E 159 3.96 59.11 -22.91
CA PHE E 159 3.69 60.51 -23.24
C PHE E 159 2.20 60.78 -23.24
N TYR E 160 1.43 59.91 -23.90
CA TYR E 160 -0.03 59.97 -23.84
C TYR E 160 -0.49 59.14 -22.65
N SER E 161 -0.60 59.81 -21.50
CA SER E 161 -0.84 59.13 -20.24
C SER E 161 -2.25 58.58 -20.14
N PHE E 162 -2.38 57.45 -19.44
CA PHE E 162 -3.67 56.90 -19.02
C PHE E 162 -4.00 57.22 -17.57
N GLU E 163 -3.20 58.07 -16.93
CA GLU E 163 -3.33 58.34 -15.50
C GLU E 163 -3.27 59.83 -15.21
N THR E 164 -3.88 60.65 -16.09
CA THR E 164 -3.88 62.10 -15.85
C THR E 164 -4.61 62.47 -14.56
N HIS E 165 -5.54 61.63 -14.10
CA HIS E 165 -6.21 61.88 -12.83
C HIS E 165 -5.27 61.83 -11.65
N ALA E 166 -4.06 61.31 -11.82
CA ALA E 166 -3.10 61.15 -10.74
C ALA E 166 -2.09 62.29 -10.68
N PHE E 167 -2.13 63.24 -11.60
CA PHE E 167 -1.13 64.30 -11.64
C PHE E 167 -1.14 65.15 -10.37
N ASP E 168 -2.33 65.45 -9.82
CA ASP E 168 -2.37 66.25 -8.60
C ASP E 168 -1.69 65.54 -7.44
N LEU E 169 -1.91 64.22 -7.33
CA LEU E 169 -1.23 63.43 -6.31
C LEU E 169 0.29 63.49 -6.47
N MET E 170 0.77 63.33 -7.71
CA MET E 170 2.20 63.45 -7.97
C MET E 170 2.72 64.81 -7.52
N ALA E 171 2.00 65.90 -7.86
CA ALA E 171 2.46 67.23 -7.48
C ALA E 171 2.46 67.40 -5.97
N LYS E 172 1.45 66.84 -5.30
CA LYS E 172 1.40 66.91 -3.85
C LYS E 172 2.68 66.33 -3.24
N TYR E 173 3.19 65.26 -3.83
CA TYR E 173 4.42 64.59 -3.38
C TYR E 173 5.69 65.20 -3.96
N ASN E 174 5.66 66.48 -4.32
CA ASN E 174 6.85 67.22 -4.75
C ASN E 174 7.38 66.77 -6.10
N HIS E 175 6.51 66.26 -6.99
CA HIS E 175 6.89 66.07 -8.39
C HIS E 175 6.48 67.31 -9.16
N LEU E 176 7.48 68.04 -9.66
CA LEU E 176 7.24 69.32 -10.31
C LEU E 176 6.82 69.17 -11.76
N ALA E 177 7.26 68.09 -12.42
CA ALA E 177 7.01 67.92 -13.83
C ALA E 177 7.17 66.44 -14.19
N ILE E 178 6.71 66.11 -15.39
CA ILE E 178 6.80 64.79 -15.98
C ILE E 178 7.70 64.85 -17.20
N GLU E 179 8.60 63.87 -17.31
CA GLU E 179 9.37 63.63 -18.52
C GLU E 179 9.48 62.11 -18.64
N MET E 180 10.42 61.61 -19.45
CA MET E 180 10.41 60.21 -19.84
C MET E 180 11.74 59.49 -19.67
N GLU E 181 12.80 60.14 -19.16
CA GLU E 181 14.10 59.47 -19.13
C GLU E 181 14.86 59.55 -17.82
N ALA E 182 14.58 60.53 -16.96
CA ALA E 182 15.49 60.79 -15.83
C ALA E 182 15.70 59.57 -14.96
N ALA E 183 14.64 58.81 -14.66
CA ALA E 183 14.82 57.66 -13.77
C ALA E 183 15.77 56.63 -14.35
N GLY E 184 15.77 56.51 -15.69
CA GLY E 184 16.70 55.58 -16.33
C GLY E 184 18.14 56.09 -16.34
N LEU E 185 18.32 57.37 -16.66
CA LEU E 185 19.65 57.96 -16.53
C LEU E 185 20.19 57.76 -15.12
N TYR E 186 19.38 58.09 -14.12
CA TYR E 186 19.84 57.99 -12.74
C TYR E 186 20.16 56.55 -12.34
N ALA E 187 19.29 55.61 -12.71
CA ALA E 187 19.54 54.23 -12.32
C ALA E 187 20.78 53.67 -13.02
N THR E 188 20.99 54.03 -14.29
CA THR E 188 22.16 53.52 -15.01
C THR E 188 23.45 54.10 -14.45
N ALA E 189 23.45 55.40 -14.09
CA ALA E 189 24.62 56.01 -13.48
C ALA E 189 24.89 55.42 -12.10
N MET E 190 23.84 55.12 -11.34
CA MET E 190 24.02 54.41 -10.07
C MET E 190 24.63 53.03 -10.30
N GLU E 191 24.06 52.28 -11.27
CA GLU E 191 24.55 50.94 -11.56
C GLU E 191 26.04 50.96 -11.85
N LEU E 192 26.49 51.95 -12.62
CA LEU E 192 27.84 51.96 -13.17
C LEU E 192 28.77 52.94 -12.47
N ASN E 193 28.37 53.50 -11.34
CA ASN E 193 29.25 54.36 -10.53
C ASN E 193 29.70 55.59 -11.31
N ALA E 194 28.78 56.21 -12.03
CA ALA E 194 29.03 57.45 -12.77
C ALA E 194 28.22 58.59 -12.16
N LYS E 195 28.58 59.82 -12.53
CA LYS E 195 27.94 61.02 -12.00
C LYS E 195 26.94 61.55 -13.02
N ALA E 196 25.67 61.67 -12.62
CA ALA E 196 24.65 62.15 -13.53
C ALA E 196 23.73 63.14 -12.84
N LEU E 197 23.14 64.01 -13.65
CA LEU E 197 22.15 64.97 -13.20
C LEU E 197 21.22 65.30 -14.35
N CYS E 198 19.96 65.60 -14.01
CA CYS E 198 18.97 66.00 -14.99
CA CYS E 198 18.93 65.99 -14.97
C CYS E 198 18.44 67.38 -14.64
N LEU E 199 18.44 68.26 -15.64
CA LEU E 199 17.78 69.56 -15.60
C LEU E 199 16.70 69.55 -16.67
N CYS E 200 15.57 70.20 -16.39
CA CYS E 200 14.52 70.25 -17.40
CA CYS E 200 14.42 70.20 -17.30
C CYS E 200 13.82 71.60 -17.38
N SER E 201 13.43 72.01 -18.57
CA SER E 201 12.81 73.31 -18.83
C SER E 201 11.31 73.10 -19.04
N VAL E 202 10.50 73.94 -18.39
CA VAL E 202 9.05 73.80 -18.47
C VAL E 202 8.55 74.42 -19.77
N SER E 203 8.12 73.58 -20.71
CA SER E 203 7.60 74.04 -21.99
C SER E 203 6.08 74.15 -22.02
N ASP E 204 5.40 73.34 -21.22
CA ASP E 204 3.95 73.28 -21.18
C ASP E 204 3.56 72.94 -19.75
N HIS E 205 2.38 73.40 -19.34
CA HIS E 205 1.78 72.99 -18.08
C HIS E 205 0.68 71.98 -18.36
N LEU E 206 0.84 70.77 -17.85
CA LEU E 206 -0.14 69.73 -18.12
C LEU E 206 -1.44 69.93 -17.33
N ILE E 207 -1.45 70.83 -16.34
CA ILE E 207 -2.63 71.04 -15.51
C ILE E 207 -3.41 72.23 -16.06
N THR E 208 -2.82 73.40 -15.96
CA THR E 208 -3.48 74.63 -16.40
C THR E 208 -3.35 74.89 -17.89
N LYS E 209 -2.62 74.05 -18.63
CA LYS E 209 -2.64 73.91 -20.08
C LYS E 209 -1.93 75.02 -20.87
N GLU E 210 -1.30 75.99 -20.20
CA GLU E 210 -0.56 77.00 -20.94
C GLU E 210 0.59 76.35 -21.71
N ALA E 211 1.02 77.01 -22.78
CA ALA E 211 2.05 76.46 -23.66
C ALA E 211 2.90 77.60 -24.18
N LEU E 212 4.21 77.35 -24.30
CA LEU E 212 5.11 78.34 -24.84
C LEU E 212 4.99 78.41 -26.36
N SER E 213 5.32 79.57 -26.91
CA SER E 213 5.40 79.69 -28.36
C SER E 213 6.72 79.11 -28.85
N PRO E 214 6.80 78.74 -30.13
CA PRO E 214 8.08 78.20 -30.65
C PRO E 214 9.26 79.12 -30.41
N LYS E 215 9.03 80.44 -30.39
CA LYS E 215 10.11 81.38 -30.18
C LYS E 215 10.51 81.46 -28.71
N GLU E 216 9.55 81.31 -27.79
CA GLU E 216 9.91 81.27 -26.38
C GLU E 216 10.59 79.96 -26.01
N ARG E 217 10.22 78.87 -26.68
CA ARG E 217 10.88 77.59 -26.42
C ARG E 217 12.37 77.67 -26.73
N VAL E 218 12.77 78.51 -27.69
CA VAL E 218 14.18 78.65 -28.04
C VAL E 218 14.93 79.44 -26.98
N GLU E 219 14.40 80.61 -26.59
CA GLU E 219 15.05 81.40 -25.54
C GLU E 219 15.15 80.61 -24.24
N SER E 220 14.07 79.96 -23.83
CA SER E 220 14.10 79.25 -22.56
C SER E 220 15.07 78.09 -22.60
N PHE E 221 15.10 77.35 -23.71
CA PHE E 221 16.06 76.26 -23.83
C PHE E 221 17.49 76.77 -23.86
N ASP E 222 17.73 77.89 -24.56
CA ASP E 222 19.06 78.49 -24.57
C ASP E 222 19.54 78.81 -23.16
N ASN E 223 18.64 79.33 -22.32
CA ASN E 223 18.99 79.61 -20.93
C ASN E 223 19.51 78.36 -20.24
N MET E 224 18.88 77.22 -20.52
CA MET E 224 19.28 75.99 -19.83
C MET E 224 20.55 75.40 -20.42
N ILE E 225 20.74 75.53 -21.75
CA ILE E 225 22.00 75.14 -22.38
C ILE E 225 23.17 75.90 -21.74
N ILE E 226 23.02 77.22 -21.56
CA ILE E 226 24.10 78.01 -21.01
C ILE E 226 24.41 77.57 -19.58
N LEU E 227 23.38 77.34 -18.77
CA LEU E 227 23.60 76.80 -17.42
C LEU E 227 24.41 75.52 -17.48
N ALA E 228 24.00 74.58 -18.33
CA ALA E 228 24.71 73.30 -18.43
C ALA E 228 26.15 73.48 -18.88
N LEU E 229 26.38 74.27 -19.93
CA LEU E 229 27.74 74.45 -20.41
C LEU E 229 28.62 75.15 -19.37
N GLU E 230 28.06 76.17 -18.69
CA GLU E 230 28.81 76.86 -17.65
C GLU E 230 29.15 75.92 -16.50
N MET E 231 28.27 74.96 -16.22
CA MET E 231 28.52 73.96 -15.20
C MET E 231 29.67 73.05 -15.56
N MET E 232 29.89 72.80 -16.85
CA MET E 232 30.87 71.81 -17.24
C MET E 232 32.22 72.45 -17.56
N SER E 233 32.33 73.76 -17.35
CA SER E 233 33.51 74.53 -17.73
C SER E 233 34.34 74.86 -16.50
N MET F 1 21.60 41.82 26.00
CA MET F 1 22.75 41.37 25.23
C MET F 1 22.48 41.72 23.76
N THR F 2 21.23 41.56 23.33
CA THR F 2 20.80 41.93 21.98
C THR F 2 20.81 43.45 21.84
N PRO F 3 20.71 43.97 20.60
CA PRO F 3 20.73 45.43 20.44
C PRO F 3 19.52 46.14 21.02
N HIS F 4 18.38 45.47 21.19
CA HIS F 4 17.16 46.17 21.60
C HIS F 4 16.67 45.74 22.97
N ILE F 5 17.34 44.81 23.62
CA ILE F 5 16.92 44.30 24.92
C ILE F 5 18.19 44.14 25.75
N ASN F 6 18.22 44.75 26.94
CA ASN F 6 19.39 44.63 27.79
C ASN F 6 19.15 43.74 29.01
N ALA F 7 18.21 42.81 28.90
CA ALA F 7 18.00 41.85 29.97
C ALA F 7 19.14 40.83 29.99
N LYS F 8 19.33 40.22 31.16
CA LYS F 8 20.24 39.09 31.25
C LYS F 8 19.59 37.86 30.64
N ILE F 9 20.42 36.95 30.11
CA ILE F 9 19.92 35.66 29.67
C ILE F 9 19.23 34.97 30.84
N GLY F 10 18.03 34.47 30.62
CA GLY F 10 17.28 33.83 31.68
C GLY F 10 16.36 34.75 32.45
N ASP F 11 16.37 36.06 32.19
CA ASP F 11 15.50 36.97 32.92
C ASP F 11 14.04 36.86 32.52
N PHE F 12 13.76 36.34 31.32
CA PHE F 12 12.40 36.19 30.84
C PHE F 12 11.85 34.82 31.18
N TYR F 13 10.62 34.79 31.68
CA TYR F 13 9.87 33.56 31.78
C TYR F 13 9.47 33.10 30.37
N PRO F 14 9.18 31.81 30.18
CA PRO F 14 8.86 31.34 28.82
C PRO F 14 7.48 31.78 28.33
N GLN F 15 6.67 32.39 29.18
CA GLN F 15 5.40 32.98 28.81
C GLN F 15 5.52 34.49 28.93
N CYS F 16 5.16 35.21 27.88
CA CYS F 16 5.34 36.67 27.85
C CYS F 16 4.11 37.36 27.27
N LEU F 17 3.60 38.33 27.99
CA LEU F 17 2.55 39.20 27.49
C LEU F 17 3.20 40.37 26.78
N LEU F 18 2.67 40.73 25.60
CA LEU F 18 3.25 41.81 24.78
C LEU F 18 2.25 42.95 24.61
N OCS F 19 2.75 44.18 24.50
CA OCS F 19 1.88 45.31 24.24
CB OCS F 19 1.33 45.83 25.59
SG OCS F 19 -0.02 47.04 25.49
C OCS F 19 2.73 46.38 23.57
O OCS F 19 3.91 46.49 23.87
OD1 OCS F 19 0.49 48.30 25.08
OD2 OCS F 19 -1.02 46.61 24.60
OD3 OCS F 19 -0.57 47.15 26.80
N GLY F 20 2.14 47.18 22.68
CA GLY F 20 2.93 48.18 21.99
C GLY F 20 3.46 49.29 22.89
N ASP F 21 2.68 49.62 23.92
CA ASP F 21 2.95 50.78 24.76
C ASP F 21 3.70 50.37 26.01
N PRO F 22 4.99 50.70 26.13
CA PRO F 22 5.74 50.29 27.34
C PRO F 22 5.22 50.94 28.62
N LEU F 23 4.47 52.05 28.53
CA LEU F 23 3.87 52.62 29.73
C LEU F 23 2.69 51.78 30.22
N ARG F 24 1.94 51.16 29.30
CA ARG F 24 0.92 50.21 29.74
C ARG F 24 1.55 48.94 30.28
N VAL F 25 2.69 48.52 29.72
CA VAL F 25 3.41 47.38 30.26
C VAL F 25 3.78 47.63 31.72
N SER F 26 4.33 48.81 32.02
CA SER F 26 4.70 49.14 33.40
C SER F 26 3.47 49.24 34.30
N TYR F 27 2.35 49.75 33.76
CA TYR F 27 1.08 49.77 34.50
C TYR F 27 0.65 48.37 34.87
N ILE F 28 0.73 47.43 33.92
CA ILE F 28 0.35 46.04 34.21
C ILE F 28 1.23 45.46 35.30
N ALA F 29 2.55 45.68 35.19
CA ALA F 29 3.48 45.14 36.17
C ALA F 29 3.18 45.68 37.57
N LYS F 30 2.77 46.94 37.67
CA LYS F 30 2.57 47.56 38.97
C LYS F 30 1.23 47.13 39.58
N LYS F 31 0.19 47.05 38.74
CA LYS F 31 -1.16 46.80 39.24
C LYS F 31 -1.48 45.31 39.39
N PHE F 32 -0.96 44.46 38.51
CA PHE F 32 -1.40 43.07 38.48
C PHE F 32 -0.35 42.04 38.87
N LEU F 33 0.93 42.42 38.89
CA LEU F 33 1.98 41.46 39.23
C LEU F 33 2.49 41.71 40.64
N GLN F 34 3.04 40.66 41.22
CA GLN F 34 3.76 40.77 42.47
C GLN F 34 5.25 40.61 42.22
N ASP F 35 6.06 41.37 42.95
CA ASP F 35 7.51 41.26 42.89
C ASP F 35 8.05 41.56 41.49
N ALA F 36 7.39 42.47 40.79
CA ALA F 36 7.76 42.73 39.39
C ALA F 36 9.10 43.46 39.34
N LYS F 37 10.01 42.93 38.54
CA LYS F 37 11.30 43.55 38.31
C LYS F 37 11.37 44.01 36.87
N GLU F 38 11.86 45.23 36.66
CA GLU F 38 12.12 45.73 35.32
C GLU F 38 13.39 45.10 34.79
N ILE F 39 13.27 44.31 33.72
CA ILE F 39 14.40 43.51 33.24
C ILE F 39 15.03 44.08 31.97
N THR F 40 14.38 45.02 31.30
CA THR F 40 14.96 45.63 30.12
C THR F 40 14.38 47.02 29.93
N ASN F 41 15.19 47.93 29.36
CA ASN F 41 14.70 49.28 29.13
C ASN F 41 15.42 49.98 27.98
N VAL F 42 16.06 49.25 27.06
CA VAL F 42 16.68 49.89 25.91
C VAL F 42 15.62 50.66 25.13
N ARG F 43 15.97 51.88 24.70
CA ARG F 43 15.04 52.75 24.00
C ARG F 43 13.77 53.03 24.80
N ASN F 44 13.81 52.91 26.12
CA ASN F 44 12.63 53.12 26.95
C ASN F 44 11.54 52.08 26.70
N MET F 45 11.89 51.01 25.98
CA MET F 45 11.05 49.82 25.78
C MET F 45 11.17 48.83 26.92
N LEU F 46 10.24 48.97 27.84
CA LEU F 46 10.29 48.29 29.13
C LEU F 46 9.79 46.86 29.04
N GLY F 47 10.46 45.98 29.77
CA GLY F 47 9.97 44.64 30.00
C GLY F 47 10.15 44.28 31.47
N PHE F 48 9.37 43.30 31.91
CA PHE F 48 9.29 42.96 33.33
C PHE F 48 9.20 41.46 33.48
N SER F 49 9.59 40.98 34.66
CA SER F 49 9.25 39.62 35.09
C SER F 49 8.69 39.70 36.50
N GLY F 50 7.59 38.99 36.74
CA GLY F 50 6.94 39.00 38.02
C GLY F 50 6.07 37.80 38.16
N LYS F 51 5.17 37.82 39.15
CA LYS F 51 4.29 36.69 39.39
C LYS F 51 2.82 37.11 39.37
N TYR F 52 1.98 36.22 38.86
CA TYR F 52 0.53 36.38 38.90
C TYR F 52 -0.03 35.07 39.44
N LYS F 53 -0.66 35.13 40.61
CA LYS F 53 -1.19 33.93 41.25
C LYS F 53 -0.14 32.84 41.37
N GLY F 54 1.06 33.25 41.79
CA GLY F 54 2.13 32.32 42.06
C GLY F 54 2.92 31.84 40.88
N ARG F 55 2.51 32.17 39.65
CA ARG F 55 3.22 31.74 38.47
C ARG F 55 3.99 32.90 37.84
N GLY F 56 5.21 32.60 37.40
CA GLY F 56 6.03 33.62 36.79
C GLY F 56 5.52 33.95 35.40
N ILE F 57 5.45 35.26 35.10
CA ILE F 57 5.12 35.71 33.75
C ILE F 57 5.95 36.95 33.46
N SER F 58 6.28 37.12 32.18
CA SER F 58 7.02 38.28 31.75
C SER F 58 6.11 39.16 30.90
N LEU F 59 6.50 40.43 30.81
CA LEU F 59 5.81 41.42 30.00
C LEU F 59 6.87 42.13 29.18
N MET F 60 6.52 42.52 27.95
CA MET F 60 7.47 43.21 27.10
C MET F 60 6.74 44.18 26.17
N GLY F 61 7.25 45.41 26.08
CA GLY F 61 6.75 46.34 25.08
C GLY F 61 7.37 46.06 23.72
N HIS F 62 6.59 46.31 22.65
CA HIS F 62 7.11 46.07 21.31
C HIS F 62 7.02 47.25 20.34
N GLY F 63 6.54 48.42 20.77
CA GLY F 63 6.43 49.58 19.89
C GLY F 63 5.34 49.42 18.84
N MET F 64 5.31 50.37 17.91
CA MET F 64 4.26 50.41 16.91
C MET F 64 4.74 49.99 15.54
N GLY F 65 3.93 49.20 14.87
CA GLY F 65 4.17 48.75 13.52
C GLY F 65 4.81 47.39 13.47
N ILE F 66 4.59 46.70 12.35
CA ILE F 66 5.13 45.37 12.11
C ILE F 66 6.64 45.35 12.26
N ALA F 67 7.34 46.33 11.67
CA ALA F 67 8.80 46.34 11.73
C ALA F 67 9.32 46.38 13.17
N SER F 68 8.73 47.22 14.02
CA SER F 68 9.17 47.30 15.41
C SER F 68 8.82 46.01 16.15
N CYS F 69 7.59 45.54 16.00
CA CYS F 69 7.15 44.32 16.66
C CYS F 69 8.04 43.15 16.29
N THR F 70 8.38 43.01 15.02
CA THR F 70 9.21 41.90 14.56
C THR F 70 10.57 41.89 15.26
N ILE F 71 11.17 43.07 15.44
CA ILE F 71 12.47 43.13 16.12
C ILE F 71 12.38 42.51 17.50
N TYR F 72 11.42 42.96 18.31
CA TYR F 72 11.37 42.51 19.70
C TYR F 72 10.98 41.04 19.79
N VAL F 73 10.01 40.62 18.97
CA VAL F 73 9.56 39.24 19.00
C VAL F 73 10.69 38.29 18.59
N THR F 74 11.47 38.69 17.58
CA THR F 74 12.60 37.86 17.14
C THR F 74 13.59 37.66 18.28
N GLU F 75 13.94 38.74 18.98
CA GLU F 75 14.92 38.63 20.05
C GLU F 75 14.37 37.84 21.24
N LEU F 76 13.10 38.07 21.58
CA LEU F 76 12.47 37.31 22.66
C LEU F 76 12.52 35.80 22.40
N ILE F 77 12.16 35.38 21.19
CA ILE F 77 12.11 33.95 20.88
C ILE F 77 13.52 33.36 20.83
N LYS F 78 14.44 34.06 20.17
CA LYS F 78 15.78 33.51 19.96
C LYS F 78 16.64 33.61 21.21
N THR F 79 17.10 34.82 21.54
CA THR F 79 18.04 34.99 22.63
C THR F 79 17.42 34.64 23.98
N TYR F 80 16.16 34.99 24.19
CA TYR F 80 15.56 34.88 25.51
C TYR F 80 14.66 33.66 25.68
N GLN F 81 14.51 32.86 24.63
CA GLN F 81 13.89 31.53 24.73
C GLN F 81 12.42 31.60 25.12
N VAL F 82 11.75 32.70 24.81
CA VAL F 82 10.31 32.80 25.06
C VAL F 82 9.57 31.88 24.10
N LYS F 83 8.61 31.12 24.63
CA LYS F 83 7.88 30.11 23.87
C LYS F 83 6.43 30.47 23.58
N GLU F 84 5.79 31.27 24.44
CA GLU F 84 4.40 31.66 24.30
C GLU F 84 4.32 33.18 24.41
N LEU F 85 3.77 33.81 23.38
CA LEU F 85 3.72 35.26 23.27
C LEU F 85 2.26 35.66 23.09
N LEU F 86 1.71 36.36 24.06
CA LEU F 86 0.31 36.78 24.05
C LEU F 86 0.28 38.30 23.95
N ARG F 87 -0.08 38.80 22.78
CA ARG F 87 -0.11 40.24 22.55
C ARG F 87 -1.52 40.78 22.84
N ILE F 88 -1.57 41.87 23.61
CA ILE F 88 -2.78 42.64 23.80
C ILE F 88 -2.53 44.04 23.28
N GLY F 89 -3.61 44.79 23.10
CA GLY F 89 -3.51 46.12 22.52
C GLY F 89 -4.89 46.64 22.18
N THR F 90 -4.93 47.87 21.71
CA THR F 90 -6.18 48.44 21.23
C THR F 90 -6.28 48.29 19.72
N CYS F 91 -7.46 48.64 19.19
CA CYS F 91 -7.69 48.55 17.76
C CYS F 91 -8.81 49.51 17.40
N GLY F 92 -8.92 49.79 16.10
CA GLY F 92 -10.03 50.60 15.62
C GLY F 92 -11.03 49.73 14.88
N ALA F 93 -12.23 49.60 15.44
CA ALA F 93 -13.21 48.69 14.86
C ALA F 93 -13.68 49.19 13.50
N ILE F 94 -13.87 48.26 12.57
CA ILE F 94 -14.42 48.56 11.25
C ILE F 94 -15.65 47.74 10.92
N SER F 95 -16.10 46.86 11.82
CA SER F 95 -17.20 45.94 11.52
C SER F 95 -18.39 46.25 12.40
N PRO F 96 -19.61 46.02 11.90
CA PRO F 96 -20.81 46.17 12.77
C PRO F 96 -20.97 45.04 13.77
N LYS F 97 -20.19 43.96 13.65
CA LYS F 97 -20.28 42.86 14.58
C LYS F 97 -19.61 43.15 15.92
N VAL F 98 -18.88 44.27 16.03
CA VAL F 98 -18.21 44.64 17.27
C VAL F 98 -18.50 46.10 17.59
N GLY F 99 -18.35 46.44 18.87
CA GLY F 99 -18.48 47.81 19.33
C GLY F 99 -17.45 48.08 20.40
N LEU F 100 -17.52 49.30 20.95
CA LEU F 100 -16.61 49.67 22.04
C LEU F 100 -16.70 48.65 23.17
N LYS F 101 -15.58 48.49 23.90
CA LYS F 101 -15.41 47.56 25.01
C LYS F 101 -15.09 46.14 24.55
N ASP F 102 -15.43 45.79 23.31
CA ASP F 102 -15.31 44.40 22.88
C ASP F 102 -13.86 43.96 22.81
N ILE F 103 -13.62 42.69 23.14
CA ILE F 103 -12.33 42.03 23.01
C ILE F 103 -12.39 41.10 21.81
N ILE F 104 -11.47 41.29 20.85
CA ILE F 104 -11.41 40.48 19.65
C ILE F 104 -10.22 39.55 19.79
N MET F 105 -10.39 38.29 19.39
CA MET F 105 -9.24 37.41 19.24
C MET F 105 -9.03 37.19 17.75
N ALA F 106 -7.82 37.49 17.27
CA ALA F 106 -7.52 37.52 15.84
C ALA F 106 -7.06 36.13 15.41
N THR F 107 -7.95 35.38 14.75
CA THR F 107 -7.55 34.09 14.20
C THR F 107 -6.86 34.24 12.84
N GLY F 108 -6.77 35.46 12.33
CA GLY F 108 -5.96 35.75 11.17
C GLY F 108 -5.61 37.22 11.19
N ALA F 109 -4.50 37.57 10.56
CA ALA F 109 -4.05 38.95 10.47
C ALA F 109 -3.65 39.24 9.03
N SER F 110 -4.52 39.93 8.32
CA SER F 110 -4.26 40.42 6.97
C SER F 110 -3.36 41.64 7.08
N THR F 111 -2.81 42.09 5.94
CA THR F 111 -1.88 43.22 6.04
C THR F 111 -1.72 43.90 4.70
N ASP F 112 -1.36 45.21 4.75
CA ASP F 112 -0.89 45.97 3.60
C ASP F 112 0.63 46.09 3.54
N SER F 113 1.33 45.48 4.50
CA SER F 113 2.78 45.41 4.49
C SER F 113 3.28 44.51 3.36
N LYS F 114 4.51 44.74 2.94
CA LYS F 114 5.20 43.83 2.04
C LYS F 114 6.03 42.77 2.77
N THR F 115 6.06 42.80 4.11
CA THR F 115 7.01 41.96 4.84
C THR F 115 6.77 40.48 4.58
N ASN F 116 5.51 40.06 4.55
CA ASN F 116 5.25 38.64 4.37
C ASN F 116 5.52 38.17 2.95
N ARG F 117 5.30 39.04 1.96
CA ARG F 117 5.73 38.71 0.60
C ARG F 117 7.25 38.56 0.54
N VAL F 118 8.00 39.43 1.25
CA VAL F 118 9.44 39.28 1.29
C VAL F 118 9.84 37.96 1.95
N ARG F 119 9.11 37.57 2.99
CA ARG F 119 9.44 36.33 3.71
C ARG F 119 9.06 35.10 2.93
N PHE F 120 8.04 35.19 2.07
CA PHE F 120 7.27 34.01 1.64
C PHE F 120 7.21 33.91 0.11
N LEU F 121 8.35 34.14 -0.55
CA LEU F 121 8.51 33.89 -1.99
C LEU F 121 7.52 34.69 -2.83
N ASN F 122 7.16 35.89 -2.36
CA ASN F 122 6.29 36.83 -3.04
C ASN F 122 4.86 36.33 -3.16
N HIS F 123 4.48 35.32 -2.37
CA HIS F 123 3.13 34.81 -2.38
C HIS F 123 2.36 35.37 -1.18
N ASP F 124 1.16 34.83 -0.93
CA ASP F 124 0.28 35.26 0.15
C ASP F 124 0.50 34.35 1.34
N LEU F 125 1.15 34.87 2.38
CA LEU F 125 1.25 34.16 3.66
C LEU F 125 0.00 34.43 4.48
N SER F 126 -0.73 33.36 4.85
CA SER F 126 -1.87 33.52 5.75
C SER F 126 -1.37 33.54 7.19
N ALA F 127 -1.21 34.74 7.74
CA ALA F 127 -0.61 34.88 9.06
C ALA F 127 -1.64 34.52 10.12
N THR F 128 -1.36 33.51 10.92
CA THR F 128 -2.31 32.95 11.86
C THR F 128 -1.66 32.69 13.20
N PRO F 129 -2.46 32.67 14.28
CA PRO F 129 -1.94 32.33 15.61
C PRO F 129 -1.79 30.83 15.81
N ASP F 130 -1.14 30.50 16.93
CA ASP F 130 -1.13 29.12 17.41
C ASP F 130 -2.52 28.69 17.85
N PHE F 131 -2.94 27.51 17.40
CA PHE F 131 -4.32 27.10 17.66
C PHE F 131 -4.55 26.79 19.13
N GLU F 132 -3.61 26.09 19.78
CA GLU F 132 -3.78 25.78 21.20
C GLU F 132 -3.96 27.04 22.03
N LEU F 133 -3.20 28.10 21.74
CA LEU F 133 -3.40 29.35 22.46
C LEU F 133 -4.78 29.93 22.20
N SER F 134 -5.24 29.90 20.94
CA SER F 134 -6.56 30.44 20.64
C SER F 134 -7.64 29.66 21.39
N LEU F 135 -7.47 28.35 21.54
CA LEU F 135 -8.43 27.56 22.32
C LEU F 135 -8.37 27.93 23.79
N ARG F 136 -7.16 28.15 24.33
CA ARG F 136 -7.05 28.54 25.73
C ARG F 136 -7.70 29.89 25.98
N ALA F 137 -7.52 30.84 25.06
CA ALA F 137 -8.20 32.14 25.19
C ALA F 137 -9.71 31.98 25.16
N TYR F 138 -10.22 31.17 24.23
CA TYR F 138 -11.67 30.98 24.15
C TYR F 138 -12.22 30.39 25.45
N GLN F 139 -11.55 29.37 26.00
CA GLN F 139 -12.03 28.74 27.23
C GLN F 139 -11.90 29.67 28.43
N THR F 140 -10.80 30.43 28.50
CA THR F 140 -10.61 31.35 29.62
C THR F 140 -11.65 32.47 29.58
N ALA F 141 -11.94 33.01 28.40
CA ALA F 141 -12.97 34.03 28.28
C ALA F 141 -14.33 33.50 28.73
N LYS F 142 -14.67 32.26 28.35
CA LYS F 142 -15.96 31.70 28.75
C LYS F 142 -16.03 31.59 30.28
N ARG F 143 -14.95 31.09 30.90
CA ARG F 143 -14.91 30.96 32.36
C ARG F 143 -15.06 32.31 33.04
N LEU F 144 -14.52 33.37 32.44
CA LEU F 144 -14.58 34.71 33.00
C LEU F 144 -15.82 35.49 32.58
N GLY F 145 -16.68 34.90 31.75
CA GLY F 145 -17.87 35.60 31.29
C GLY F 145 -17.64 36.65 30.22
N ILE F 146 -16.51 36.59 29.53
CA ILE F 146 -16.20 37.55 28.48
C ILE F 146 -16.77 37.06 27.16
N ASP F 147 -17.45 37.97 26.45
CA ASP F 147 -18.07 37.68 25.16
C ASP F 147 -17.03 37.93 24.06
N LEU F 148 -16.15 36.96 23.90
CA LEU F 148 -15.04 37.08 22.97
C LEU F 148 -15.53 37.09 21.53
N LYS F 149 -15.16 38.14 20.79
CA LYS F 149 -15.41 38.24 19.36
C LYS F 149 -14.23 37.63 18.64
N VAL F 150 -14.49 36.78 17.64
CA VAL F 150 -13.43 36.05 16.97
C VAL F 150 -13.50 36.33 15.47
N GLY F 151 -12.38 36.75 14.89
CA GLY F 151 -12.32 37.02 13.47
C GLY F 151 -10.93 37.46 13.05
N ASN F 152 -10.83 38.02 11.86
CA ASN F 152 -9.55 38.55 11.41
C ASN F 152 -9.41 40.00 11.89
N VAL F 153 -8.16 40.44 12.00
CA VAL F 153 -7.81 41.85 12.05
C VAL F 153 -7.01 42.18 10.79
N PHE F 154 -6.91 43.48 10.50
CA PHE F 154 -6.08 43.97 9.40
C PHE F 154 -4.96 44.77 10.06
N SER F 155 -3.71 44.31 9.86
CA SER F 155 -2.52 44.96 10.41
C SER F 155 -1.97 45.90 9.34
N SER F 156 -1.99 47.19 9.61
CA SER F 156 -1.62 48.16 8.60
C SER F 156 -0.30 48.83 8.94
N ASP F 157 0.43 49.18 7.90
CA ASP F 157 1.56 50.08 8.05
C ASP F 157 1.14 51.51 8.30
N PHE F 158 -0.15 51.83 8.28
CA PHE F 158 -0.64 53.20 8.39
C PHE F 158 -1.61 53.34 9.56
N PHE F 159 -1.32 54.28 10.45
CA PHE F 159 -2.34 54.72 11.40
C PHE F 159 -3.26 55.74 10.74
N TYR F 160 -2.66 56.68 9.98
CA TYR F 160 -3.41 57.65 9.18
C TYR F 160 -3.55 57.07 7.79
N SER F 161 -4.66 56.37 7.57
CA SER F 161 -4.84 55.59 6.36
C SER F 161 -5.10 56.46 5.15
N PHE F 162 -4.62 55.98 4.00
CA PHE F 162 -4.98 56.53 2.69
C PHE F 162 -6.04 55.71 2.00
N GLU F 163 -6.62 54.75 2.70
CA GLU F 163 -7.54 53.78 2.09
C GLU F 163 -8.76 53.57 2.97
N THR F 164 -9.27 54.66 3.56
CA THR F 164 -10.47 54.55 4.39
C THR F 164 -11.69 54.14 3.58
N HIS F 165 -11.67 54.34 2.26
CA HIS F 165 -12.78 53.86 1.44
C HIS F 165 -12.90 52.35 1.41
N ALA F 166 -11.86 51.62 1.85
CA ALA F 166 -11.83 50.18 1.80
C ALA F 166 -12.28 49.52 3.09
N PHE F 167 -12.58 50.30 4.14
CA PHE F 167 -12.89 49.70 5.43
C PHE F 167 -14.11 48.80 5.35
N ASP F 168 -15.14 49.21 4.61
CA ASP F 168 -16.34 48.37 4.50
C ASP F 168 -16.01 47.05 3.85
N LEU F 169 -15.19 47.06 2.78
CA LEU F 169 -14.79 45.83 2.12
C LEU F 169 -14.07 44.89 3.09
N MET F 170 -13.16 45.42 3.89
CA MET F 170 -12.45 44.61 4.87
CA MET F 170 -12.47 44.56 4.83
C MET F 170 -13.42 43.99 5.87
N ALA F 171 -14.39 44.78 6.33
CA ALA F 171 -15.35 44.25 7.30
C ALA F 171 -16.21 43.16 6.68
N LYS F 172 -16.54 43.30 5.39
CA LYS F 172 -17.29 42.25 4.71
C LYS F 172 -16.53 40.93 4.76
N TYR F 173 -15.21 40.98 4.62
CA TYR F 173 -14.35 39.81 4.67
C TYR F 173 -13.96 39.40 6.08
N ASN F 174 -14.77 39.74 7.08
CA ASN F 174 -14.56 39.28 8.46
C ASN F 174 -13.35 39.91 9.11
N HIS F 175 -12.98 41.14 8.73
CA HIS F 175 -12.00 41.91 9.49
C HIS F 175 -12.78 42.79 10.45
N LEU F 176 -12.61 42.51 11.74
CA LEU F 176 -13.37 43.21 12.77
C LEU F 176 -12.75 44.55 13.12
N ALA F 177 -11.43 44.69 12.96
CA ALA F 177 -10.77 45.92 13.40
C ALA F 177 -9.40 46.01 12.73
N ILE F 178 -8.80 47.20 12.87
CA ILE F 178 -7.48 47.50 12.34
C ILE F 178 -6.53 47.78 13.51
N GLU F 179 -5.34 47.21 13.43
CA GLU F 179 -4.23 47.52 14.31
C GLU F 179 -2.97 47.48 13.46
N MET F 180 -1.79 47.42 14.08
CA MET F 180 -0.58 47.64 13.31
C MET F 180 0.53 46.63 13.53
N GLU F 181 0.31 45.56 14.30
CA GLU F 181 1.40 44.62 14.58
C GLU F 181 1.05 43.14 14.41
N ALA F 182 -0.22 42.75 14.46
CA ALA F 182 -0.58 41.33 14.56
C ALA F 182 0.05 40.48 13.48
N ALA F 183 0.01 40.94 12.22
CA ALA F 183 0.55 40.13 11.13
C ALA F 183 2.05 39.90 11.31
N GLY F 184 2.75 40.86 11.91
CA GLY F 184 4.18 40.69 12.13
C GLY F 184 4.49 39.72 13.25
N LEU F 185 3.74 39.84 14.36
CA LEU F 185 3.88 38.87 15.44
C LEU F 185 3.61 37.45 14.94
N TYR F 186 2.53 37.28 14.18
CA TYR F 186 2.15 35.95 13.70
C TYR F 186 3.18 35.40 12.72
N ALA F 187 3.62 36.21 11.75
CA ALA F 187 4.64 35.75 10.82
C ALA F 187 5.95 35.40 11.53
N THR F 188 6.36 36.21 12.50
CA THR F 188 7.63 35.92 13.16
C THR F 188 7.54 34.66 14.01
N ALA F 189 6.42 34.47 14.71
CA ALA F 189 6.23 33.25 15.49
C ALA F 189 6.14 32.03 14.59
N MET F 190 5.52 32.16 13.42
CA MET F 190 5.56 31.08 12.44
C MET F 190 6.99 30.79 12.00
N GLU F 191 7.74 31.83 11.63
CA GLU F 191 9.11 31.64 11.18
C GLU F 191 9.93 30.88 12.20
N LEU F 192 9.74 31.17 13.48
CA LEU F 192 10.63 30.72 14.54
C LEU F 192 10.00 29.65 15.42
N ASN F 193 8.89 29.05 14.98
CA ASN F 193 8.30 27.89 15.66
C ASN F 193 7.91 28.19 17.11
N ALA F 194 7.35 29.37 17.36
CA ALA F 194 6.83 29.72 18.68
C ALA F 194 5.31 29.89 18.61
N LYS F 195 4.69 29.96 19.79
CA LYS F 195 3.24 30.05 19.89
C LYS F 195 2.87 31.49 20.18
N ALA F 196 2.01 32.07 19.34
CA ALA F 196 1.61 33.45 19.49
C ALA F 196 0.10 33.62 19.29
N LEU F 197 -0.45 34.65 19.93
CA LEU F 197 -1.85 35.02 19.78
C LEU F 197 -2.00 36.50 20.07
N CYS F 198 -2.97 37.12 19.41
CA CYS F 198 -3.26 38.53 19.59
CA CYS F 198 -3.28 38.54 19.57
C CYS F 198 -4.73 38.70 19.99
N LEU F 199 -4.95 39.46 21.07
CA LEU F 199 -6.25 39.94 21.49
C LEU F 199 -6.21 41.45 21.43
N CYS F 200 -7.31 42.09 21.06
CA CYS F 200 -7.33 43.54 21.04
CA CYS F 200 -7.38 43.54 20.93
C CYS F 200 -8.67 44.06 21.54
N SER F 201 -8.62 45.25 22.12
CA SER F 201 -9.76 45.90 22.75
C SER F 201 -10.21 47.05 21.87
N VAL F 202 -11.50 47.10 21.57
CA VAL F 202 -12.07 48.14 20.71
C VAL F 202 -12.15 49.41 21.54
N SER F 203 -11.24 50.35 21.29
CA SER F 203 -11.26 51.65 21.95
C SER F 203 -11.85 52.74 21.08
N ASP F 204 -11.89 52.54 19.76
CA ASP F 204 -12.47 53.49 18.82
C ASP F 204 -13.19 52.69 17.75
N HIS F 205 -14.25 53.27 17.19
CA HIS F 205 -14.93 52.70 16.04
C HIS F 205 -14.68 53.62 14.86
N LEU F 206 -13.94 53.13 13.86
CA LEU F 206 -13.53 53.98 12.75
C LEU F 206 -14.68 54.27 11.80
N ILE F 207 -15.79 53.54 11.88
CA ILE F 207 -16.94 53.77 11.02
C ILE F 207 -17.87 54.75 11.73
N THR F 208 -18.48 54.30 12.83
CA THR F 208 -19.49 55.09 13.52
C THR F 208 -18.92 56.30 14.25
N LYS F 209 -17.63 56.27 14.59
CA LYS F 209 -16.93 57.30 15.37
C LYS F 209 -17.20 57.22 16.87
N GLU F 210 -17.80 56.13 17.37
CA GLU F 210 -17.77 55.88 18.81
C GLU F 210 -16.34 56.01 19.31
N ALA F 211 -16.18 56.55 20.52
CA ALA F 211 -14.86 56.70 21.09
C ALA F 211 -14.97 56.68 22.61
N LEU F 212 -14.12 55.89 23.25
CA LEU F 212 -14.16 55.77 24.69
C LEU F 212 -13.39 56.90 25.35
N SER F 213 -13.85 57.29 26.54
CA SER F 213 -13.13 58.26 27.33
C SER F 213 -11.91 57.61 27.96
N PRO F 214 -10.96 58.39 28.46
CA PRO F 214 -9.81 57.80 29.17
C PRO F 214 -10.20 56.87 30.32
N LYS F 215 -11.33 57.13 30.97
CA LYS F 215 -11.76 56.28 32.08
C LYS F 215 -12.28 54.94 31.57
N GLU F 216 -13.11 54.95 30.51
CA GLU F 216 -13.58 53.70 29.93
C GLU F 216 -12.45 52.91 29.31
N ARG F 217 -11.47 53.60 28.70
CA ARG F 217 -10.35 52.89 28.10
C ARG F 217 -9.58 52.09 29.14
N VAL F 218 -9.42 52.66 30.34
CA VAL F 218 -8.70 51.97 31.40
C VAL F 218 -9.50 50.76 31.89
N GLU F 219 -10.80 50.96 32.11
CA GLU F 219 -11.63 49.88 32.63
C GLU F 219 -11.76 48.74 31.63
N SER F 220 -11.94 49.07 30.34
CA SER F 220 -12.07 48.01 29.34
C SER F 220 -10.73 47.30 29.12
N PHE F 221 -9.63 48.04 29.17
CA PHE F 221 -8.32 47.39 29.02
C PHE F 221 -8.02 46.44 30.17
N ASP F 222 -8.47 46.78 31.38
CA ASP F 222 -8.26 45.88 32.52
C ASP F 222 -8.89 44.52 32.29
N ASN F 223 -10.07 44.49 31.65
CA ASN F 223 -10.73 43.21 31.40
C ASN F 223 -9.90 42.33 30.48
N MET F 224 -9.26 42.93 29.47
CA MET F 224 -8.35 42.21 28.59
C MET F 224 -7.09 41.76 29.33
N ILE F 225 -6.50 42.66 30.11
CA ILE F 225 -5.32 42.28 30.90
C ILE F 225 -5.62 41.05 31.75
N ILE F 226 -6.77 41.04 32.43
CA ILE F 226 -7.09 39.91 33.30
C ILE F 226 -7.30 38.63 32.50
N LEU F 227 -7.96 38.73 31.34
CA LEU F 227 -8.10 37.58 30.45
C LEU F 227 -6.75 37.01 30.09
N ALA F 228 -5.81 37.88 29.68
CA ALA F 228 -4.48 37.44 29.28
C ALA F 228 -3.74 36.76 30.43
N LEU F 229 -3.71 37.40 31.60
CA LEU F 229 -2.96 36.81 32.72
C LEU F 229 -3.60 35.51 33.19
N GLU F 230 -4.93 35.44 33.21
CA GLU F 230 -5.61 34.19 33.57
C GLU F 230 -5.27 33.07 32.58
N MET F 231 -5.14 33.43 31.29
CA MET F 231 -4.78 32.45 30.28
C MET F 231 -3.40 31.88 30.53
N MET F 232 -2.49 32.70 31.06
CA MET F 232 -1.10 32.33 31.28
C MET F 232 -0.90 31.68 32.64
N SER F 233 -1.92 31.67 33.48
CA SER F 233 -1.82 31.16 34.83
C SER F 233 -2.43 29.76 34.91
N MET G 1 6.98 -56.26 42.38
CA MET G 1 8.22 -56.30 41.62
C MET G 1 8.12 -55.59 40.28
N THR G 2 7.08 -54.78 40.10
CA THR G 2 6.97 -53.98 38.89
C THR G 2 6.90 -52.51 39.31
N PRO G 3 7.03 -51.56 38.38
CA PRO G 3 6.90 -50.16 38.76
C PRO G 3 5.50 -49.76 39.20
N HIS G 4 4.48 -50.58 38.95
CA HIS G 4 3.10 -50.19 39.19
C HIS G 4 2.35 -51.08 40.17
N ILE G 5 2.94 -52.18 40.59
CA ILE G 5 2.29 -53.12 41.52
C ILE G 5 3.36 -53.58 42.50
N ASN G 6 3.05 -53.52 43.81
CA ASN G 6 4.03 -53.95 44.81
C ASN G 6 3.58 -55.18 45.58
N ALA G 7 2.69 -55.98 44.99
CA ALA G 7 2.33 -57.27 45.56
C ALA G 7 3.47 -58.26 45.40
N LYS G 8 3.49 -59.27 46.27
CA LYS G 8 4.39 -60.39 46.06
C LYS G 8 3.82 -61.32 45.01
N ILE G 9 4.71 -62.01 44.28
CA ILE G 9 4.25 -63.05 43.39
C ILE G 9 3.47 -64.07 44.22
N GLY G 10 2.34 -64.51 43.68
CA GLY G 10 1.43 -65.39 44.38
C GLY G 10 0.32 -64.69 45.13
N ASP G 11 0.40 -63.36 45.29
CA ASP G 11 -0.62 -62.63 46.04
C ASP G 11 -1.96 -62.56 45.31
N PHE G 12 -1.98 -62.72 43.98
CA PHE G 12 -3.20 -62.66 43.19
C PHE G 12 -3.73 -64.06 42.93
N TYR G 13 -5.04 -64.23 43.08
CA TYR G 13 -5.70 -65.42 42.57
C TYR G 13 -5.67 -65.39 41.05
N PRO G 14 -5.84 -66.54 40.39
CA PRO G 14 -5.80 -66.56 38.92
C PRO G 14 -6.96 -65.84 38.24
N GLN G 15 -8.03 -65.52 38.96
CA GLN G 15 -9.12 -64.71 38.42
C GLN G 15 -9.16 -63.37 39.13
N CYS G 16 -9.30 -62.29 38.36
CA CYS G 16 -9.21 -60.95 38.92
C CYS G 16 -10.30 -60.09 38.32
N LEU G 17 -11.08 -59.45 39.19
CA LEU G 17 -12.00 -58.40 38.80
C LEU G 17 -11.24 -57.09 38.64
N LEU G 18 -11.52 -56.37 37.55
CA LEU G 18 -10.84 -55.10 37.29
C LEU G 18 -11.83 -53.94 37.27
N OCS G 19 -11.38 -52.78 37.72
CA OCS G 19 -12.19 -51.57 37.72
CB OCS G 19 -13.04 -51.54 38.99
SG OCS G 19 -14.37 -50.33 38.98
C OCS G 19 -11.27 -50.37 37.67
O OCS G 19 -10.20 -50.39 38.27
OD1 OCS G 19 -13.83 -49.02 39.12
OD2 OCS G 19 -15.11 -50.42 37.77
OD3 OCS G 19 -15.24 -50.60 40.08
N GLY G 20 -11.64 -49.33 36.94
CA GLY G 20 -10.77 -48.16 36.84
C GLY G 20 -10.54 -47.46 38.16
N ASP G 21 -11.54 -47.48 39.05
CA ASP G 21 -11.55 -46.68 40.26
C ASP G 21 -11.06 -47.49 41.45
N PRO G 22 -9.84 -47.24 41.96
CA PRO G 22 -9.35 -48.02 43.13
C PRO G 22 -10.16 -47.83 44.40
N LEU G 23 -10.91 -46.73 44.54
CA LEU G 23 -11.77 -46.60 45.72
C LEU G 23 -12.99 -47.48 45.61
N ARG G 24 -13.50 -47.69 44.39
CA ARG G 24 -14.57 -48.66 44.19
C ARG G 24 -14.07 -50.07 44.41
N VAL G 25 -12.82 -50.34 44.03
CA VAL G 25 -12.20 -51.63 44.29
C VAL G 25 -12.15 -51.89 45.80
N SER G 26 -11.72 -50.89 46.58
CA SER G 26 -11.72 -51.05 48.03
C SER G 26 -13.12 -51.26 48.57
N TYR G 27 -14.10 -50.51 48.03
CA TYR G 27 -15.48 -50.67 48.44
C TYR G 27 -15.97 -52.10 48.22
N ILE G 28 -15.61 -52.69 47.08
CA ILE G 28 -16.03 -54.07 46.80
C ILE G 28 -15.41 -55.04 47.79
N ALA G 29 -14.12 -54.85 48.08
CA ALA G 29 -13.42 -55.71 49.04
C ALA G 29 -14.14 -55.69 50.37
N LYS G 30 -14.46 -54.48 50.87
CA LYS G 30 -15.06 -54.36 52.21
C LYS G 30 -16.46 -54.91 52.25
N LYS G 31 -17.26 -54.66 51.20
CA LYS G 31 -18.67 -54.96 51.25
C LYS G 31 -18.97 -56.39 50.83
N PHE G 32 -18.20 -56.93 49.88
CA PHE G 32 -18.58 -58.16 49.21
C PHE G 32 -17.65 -59.34 49.46
N LEU G 33 -16.43 -59.12 49.95
CA LEU G 33 -15.47 -60.18 50.15
C LEU G 33 -15.24 -60.44 51.63
N GLN G 34 -14.85 -61.67 51.93
CA GLN G 34 -14.44 -62.06 53.27
C GLN G 34 -12.93 -62.18 53.31
N ASP G 35 -12.34 -61.75 54.43
CA ASP G 35 -10.90 -61.88 54.65
C ASP G 35 -10.09 -61.13 53.58
N ALA G 36 -10.63 -60.03 53.07
CA ALA G 36 -9.92 -59.27 52.04
C ALA G 36 -8.65 -58.68 52.61
N LYS G 37 -7.57 -58.77 51.84
CA LYS G 37 -6.30 -58.18 52.23
C LYS G 37 -5.82 -57.27 51.11
N GLU G 38 -5.37 -56.09 51.47
CA GLU G 38 -4.77 -55.19 50.50
C GLU G 38 -3.42 -55.75 50.09
N ILE G 39 -3.23 -55.99 48.80
CA ILE G 39 -1.99 -56.58 48.31
C ILE G 39 -1.13 -55.61 47.52
N THR G 40 -1.66 -54.48 47.10
CA THR G 40 -0.88 -53.53 46.31
C THR G 40 -1.46 -52.14 46.48
N ASN G 41 -0.60 -51.13 46.36
CA ASN G 41 -1.05 -49.74 46.55
C ASN G 41 -0.15 -48.72 45.85
N VAL G 42 0.70 -49.13 44.91
CA VAL G 42 1.53 -48.18 44.19
C VAL G 42 0.65 -47.17 43.47
N ARG G 43 1.03 -45.90 43.52
CA ARG G 43 0.27 -44.82 42.90
C ARG G 43 -1.16 -44.71 43.41
N ASN G 44 -1.42 -45.22 44.62
CA ASN G 44 -2.77 -45.31 45.17
C ASN G 44 -3.67 -46.26 44.40
N MET G 45 -3.14 -47.16 43.59
CA MET G 45 -4.01 -47.93 42.71
C MET G 45 -4.09 -49.26 43.47
N LEU G 46 -5.17 -49.43 44.22
CA LEU G 46 -5.31 -50.51 45.19
C LEU G 46 -5.72 -51.83 44.53
N GLY G 47 -5.28 -52.92 45.15
CA GLY G 47 -5.68 -54.26 44.74
C GLY G 47 -5.79 -55.12 45.97
N PHE G 48 -6.65 -56.14 45.89
CA PHE G 48 -6.99 -56.95 47.05
C PHE G 48 -7.15 -58.41 46.64
N SER G 49 -6.99 -59.30 47.63
CA SER G 49 -7.37 -60.69 47.47
C SER G 49 -8.23 -61.09 48.66
N GLY G 50 -9.28 -61.86 48.38
CA GLY G 50 -10.19 -62.32 49.42
C GLY G 50 -11.07 -63.41 48.88
N LYS G 51 -12.16 -63.69 49.59
CA LYS G 51 -13.05 -64.77 49.20
C LYS G 51 -14.49 -64.27 49.00
N TYR G 52 -15.16 -64.84 48.01
CA TYR G 52 -16.58 -64.61 47.78
C TYR G 52 -17.22 -65.98 47.78
N LYS G 53 -18.07 -66.24 48.77
CA LYS G 53 -18.73 -67.54 48.86
C LYS G 53 -17.72 -68.69 48.85
N GLY G 54 -16.63 -68.50 49.59
CA GLY G 54 -15.61 -69.52 49.74
C GLY G 54 -14.60 -69.58 48.62
N ARG G 55 -14.81 -68.85 47.52
CA ARG G 55 -13.93 -68.90 46.36
C ARG G 55 -13.01 -67.70 46.36
N GLY G 56 -11.72 -67.94 46.14
CA GLY G 56 -10.75 -66.86 46.11
C GLY G 56 -10.93 -65.98 44.87
N ILE G 57 -10.81 -64.68 45.08
CA ILE G 57 -11.02 -63.68 44.03
C ILE G 57 -10.07 -62.52 44.30
N SER G 58 -9.44 -62.02 43.25
CA SER G 58 -8.66 -60.80 43.41
C SER G 58 -9.39 -59.65 42.74
N LEU G 59 -9.06 -58.44 43.19
CA LEU G 59 -9.61 -57.21 42.63
C LEU G 59 -8.45 -56.28 42.38
N MET G 60 -8.49 -55.55 41.27
CA MET G 60 -7.40 -54.63 40.96
C MET G 60 -7.93 -53.41 40.23
N GLY G 61 -7.50 -52.22 40.66
CA GLY G 61 -7.76 -51.03 39.91
C GLY G 61 -6.82 -50.88 38.73
N HIS G 62 -7.31 -50.21 37.68
CA HIS G 62 -6.50 -50.02 36.49
C HIS G 62 -6.42 -48.59 35.94
N GLY G 63 -7.07 -47.63 36.58
CA GLY G 63 -7.00 -46.25 36.08
C GLY G 63 -7.85 -46.03 34.84
N MET G 64 -7.71 -44.85 34.27
CA MET G 64 -8.54 -44.46 33.14
C MET G 64 -7.76 -44.44 31.84
N GLY G 65 -8.38 -44.97 30.80
CA GLY G 65 -7.80 -44.92 29.47
C GLY G 65 -7.05 -46.19 29.10
N ILE G 66 -6.92 -46.41 27.79
CA ILE G 66 -6.29 -47.61 27.27
C ILE G 66 -4.86 -47.74 27.77
N ALA G 67 -4.09 -46.64 27.75
CA ALA G 67 -2.69 -46.73 28.14
C ALA G 67 -2.53 -47.14 29.60
N SER G 68 -3.36 -46.60 30.50
CA SER G 68 -3.29 -47.02 31.90
C SER G 68 -3.70 -48.47 32.07
N CYS G 69 -4.85 -48.84 31.49
CA CYS G 69 -5.35 -50.20 31.64
C CYS G 69 -4.35 -51.22 31.11
N THR G 70 -3.72 -50.92 29.97
CA THR G 70 -2.72 -51.82 29.39
C THR G 70 -1.56 -52.09 30.34
N ILE G 71 -1.09 -51.07 31.06
CA ILE G 71 0.04 -51.28 31.96
C ILE G 71 -0.31 -52.32 33.02
N TYR G 72 -1.45 -52.12 33.69
CA TYR G 72 -1.83 -53.02 34.79
C TYR G 72 -2.14 -54.43 34.28
N VAL G 73 -2.89 -54.54 33.18
CA VAL G 73 -3.26 -55.85 32.65
C VAL G 73 -2.00 -56.61 32.24
N THR G 74 -1.06 -55.92 31.58
CA THR G 74 0.18 -56.58 31.17
C THR G 74 0.91 -57.15 32.37
N GLU G 75 1.05 -56.38 33.44
CA GLU G 75 1.76 -56.86 34.62
C GLU G 75 1.01 -57.99 35.32
N LEU G 76 -0.32 -57.88 35.45
CA LEU G 76 -1.10 -58.95 36.07
C LEU G 76 -0.90 -60.28 35.36
N ILE G 77 -0.87 -60.26 34.03
CA ILE G 77 -0.69 -61.49 33.27
C ILE G 77 0.75 -61.97 33.35
N LYS G 78 1.71 -61.11 33.01
CA LYS G 78 3.09 -61.56 32.83
C LYS G 78 3.79 -61.82 34.17
N THR G 79 3.57 -60.99 35.17
CA THR G 79 4.23 -61.16 36.46
C THR G 79 3.39 -61.91 37.48
N TYR G 80 2.10 -61.62 37.56
CA TYR G 80 1.27 -62.17 38.62
C TYR G 80 0.43 -63.37 38.19
N GLN G 81 0.63 -63.86 36.97
CA GLN G 81 0.05 -65.13 36.51
C GLN G 81 -1.48 -65.13 36.51
N VAL G 82 -2.08 -63.95 36.40
CA VAL G 82 -3.53 -63.86 36.28
C VAL G 82 -3.96 -64.43 34.93
N LYS G 83 -5.00 -65.28 34.96
CA LYS G 83 -5.46 -65.99 33.78
C LYS G 83 -6.79 -65.50 33.25
N GLU G 84 -7.65 -64.96 34.11
CA GLU G 84 -8.98 -64.50 33.74
C GLU G 84 -9.19 -63.11 34.32
N LEU G 85 -9.54 -62.16 33.48
CA LEU G 85 -9.69 -60.76 33.88
C LEU G 85 -11.09 -60.30 33.49
N LEU G 86 -11.89 -59.96 34.49
CA LEU G 86 -13.26 -59.49 34.28
C LEU G 86 -13.31 -58.02 34.67
N ARG G 87 -13.47 -57.15 33.67
CA ARG G 87 -13.51 -55.72 33.91
C ARG G 87 -14.95 -55.27 34.06
N ILE G 88 -15.23 -54.46 35.07
CA ILE G 88 -16.49 -53.76 35.19
C ILE G 88 -16.22 -52.26 35.21
N GLY G 89 -17.26 -51.48 34.97
CA GLY G 89 -17.11 -50.03 34.97
C GLY G 89 -18.39 -49.38 34.50
N THR G 90 -18.37 -48.06 34.46
CA THR G 90 -19.52 -47.34 33.91
C THR G 90 -19.30 -47.00 32.43
N CYS G 91 -20.35 -46.48 31.82
CA CYS G 91 -20.24 -46.09 30.41
C CYS G 91 -21.30 -45.05 30.11
N GLY G 92 -21.13 -44.39 28.96
CA GLY G 92 -22.08 -43.42 28.48
C GLY G 92 -22.83 -44.01 27.30
N ALA G 93 -24.13 -44.23 27.45
CA ALA G 93 -24.90 -44.89 26.39
C ALA G 93 -25.05 -43.96 25.19
N ILE G 94 -25.00 -44.54 24.00
CA ILE G 94 -25.24 -43.80 22.77
C ILE G 94 -26.33 -44.44 21.91
N SER G 95 -26.92 -45.54 22.34
CA SER G 95 -27.88 -46.27 21.55
C SER G 95 -29.27 -46.18 22.17
N PRO G 96 -30.32 -46.13 21.35
CA PRO G 96 -31.68 -46.22 21.92
C PRO G 96 -32.04 -47.59 22.44
N LYS G 97 -31.19 -48.59 22.20
CA LYS G 97 -31.44 -49.94 22.69
C LYS G 97 -31.10 -50.13 24.15
N VAL G 98 -30.49 -49.13 24.79
CA VAL G 98 -30.11 -49.22 26.19
C VAL G 98 -30.58 -47.98 26.93
N GLY G 99 -30.78 -48.14 28.24
CA GLY G 99 -31.18 -47.05 29.10
C GLY G 99 -30.34 -47.04 30.37
N LEU G 100 -30.59 -46.02 31.19
CA LEU G 100 -29.90 -45.92 32.46
C LEU G 100 -30.06 -47.21 33.26
N LYS G 101 -28.99 -47.57 33.98
CA LYS G 101 -28.84 -48.79 34.78
C LYS G 101 -28.78 -50.09 33.99
N ASP G 102 -28.83 -50.06 32.66
CA ASP G 102 -28.62 -51.30 31.92
C ASP G 102 -27.18 -51.76 32.05
N ILE G 103 -26.99 -53.07 31.99
CA ILE G 103 -25.67 -53.69 31.98
C ILE G 103 -25.41 -54.23 30.59
N ILE G 104 -24.26 -53.87 30.03
CA ILE G 104 -23.86 -54.23 28.68
C ILE G 104 -22.68 -55.19 28.77
N MET G 105 -22.74 -56.25 27.97
CA MET G 105 -21.57 -57.10 27.74
C MET G 105 -20.98 -56.72 26.40
N ALA G 106 -19.70 -56.35 26.41
CA ALA G 106 -19.01 -55.86 25.20
C ALA G 106 -18.44 -57.04 24.41
N THR G 107 -19.12 -57.45 23.34
CA THR G 107 -18.59 -58.52 22.51
C THR G 107 -17.57 -58.02 21.51
N GLY G 108 -17.36 -56.71 21.51
CA GLY G 108 -16.27 -56.12 20.75
C GLY G 108 -16.05 -54.71 21.25
N ALA G 109 -14.83 -54.23 21.12
CA ALA G 109 -14.48 -52.87 21.54
C ALA G 109 -13.78 -52.16 20.37
N SER G 110 -14.51 -51.29 19.71
CA SER G 110 -13.96 -50.41 18.69
C SER G 110 -13.21 -49.28 19.39
N THR G 111 -12.45 -48.49 18.64
CA THR G 111 -11.62 -47.49 19.31
C THR G 111 -11.15 -46.42 18.34
N ASP G 112 -10.90 -45.23 18.88
CA ASP G 112 -10.19 -44.16 18.17
C ASP G 112 -8.71 -44.08 18.55
N SER G 113 -8.24 -45.00 19.40
CA SER G 113 -6.83 -45.11 19.74
C SER G 113 -6.01 -45.58 18.54
N LYS G 114 -4.72 -45.22 18.53
CA LYS G 114 -3.80 -45.80 17.56
C LYS G 114 -3.12 -47.06 18.08
N THR G 115 -3.41 -47.49 19.31
CA THR G 115 -2.59 -48.54 19.92
C THR G 115 -2.70 -49.85 19.16
N ASN G 116 -3.88 -50.18 18.66
CA ASN G 116 -4.04 -51.47 17.99
C ASN G 116 -3.40 -51.47 16.60
N ARG G 117 -3.38 -50.31 15.94
CA ARG G 117 -2.64 -50.20 14.69
C ARG G 117 -1.14 -50.36 14.95
N VAL G 118 -0.64 -49.81 16.06
CA VAL G 118 0.76 -49.98 16.41
C VAL G 118 1.06 -51.45 16.67
N ARG G 119 0.14 -52.14 17.37
CA ARG G 119 0.34 -53.55 17.72
C ARG G 119 0.23 -54.47 16.52
N PHE G 120 -0.58 -54.10 15.53
CA PHE G 120 -1.13 -55.05 14.58
C PHE G 120 -0.88 -54.62 13.13
N LEU G 121 0.38 -54.30 12.82
CA LEU G 121 0.82 -54.06 11.43
C LEU G 121 0.05 -52.96 10.69
N ASN G 122 -0.46 -51.98 11.43
CA ASN G 122 -1.23 -50.87 10.87
C ASN G 122 -2.55 -51.29 10.25
N HIS G 123 -3.02 -52.50 10.53
CA HIS G 123 -4.30 -52.97 10.05
C HIS G 123 -5.34 -52.79 11.15
N ASP G 124 -6.52 -53.38 10.95
CA ASP G 124 -7.64 -53.27 11.88
C ASP G 124 -7.67 -54.53 12.73
N LEU G 125 -7.29 -54.43 13.99
CA LEU G 125 -7.49 -55.51 14.95
C LEU G 125 -8.92 -55.43 15.49
N SER G 126 -9.69 -56.51 15.35
CA SER G 126 -11.02 -56.55 15.92
C SER G 126 -10.86 -57.02 17.37
N ALA G 127 -10.92 -56.09 18.31
CA ALA G 127 -10.65 -56.42 19.71
C ALA G 127 -11.87 -57.07 20.34
N THR G 128 -11.71 -58.29 20.82
CA THR G 128 -12.82 -59.14 21.24
C THR G 128 -12.50 -59.82 22.56
N PRO G 129 -13.52 -60.20 23.32
CA PRO G 129 -13.31 -60.94 24.58
C PRO G 129 -13.19 -62.43 24.34
N ASP G 130 -12.82 -63.12 25.41
CA ASP G 130 -12.83 -64.58 25.42
C ASP G 130 -14.26 -65.11 25.41
N PHE G 131 -14.50 -66.12 24.57
CA PHE G 131 -15.87 -66.59 24.36
C PHE G 131 -16.41 -67.31 25.59
N GLU G 132 -15.59 -68.16 26.24
CA GLU G 132 -16.04 -68.83 27.45
C GLU G 132 -16.52 -67.83 28.50
N LEU G 133 -15.74 -66.79 28.75
CA LEU G 133 -16.18 -65.79 29.74
C LEU G 133 -17.48 -65.15 29.31
N SER G 134 -17.64 -64.85 28.01
CA SER G 134 -18.87 -64.21 27.58
C SER G 134 -20.06 -65.15 27.75
N LEU G 135 -19.86 -66.45 27.48
CA LEU G 135 -20.90 -67.43 27.73
C LEU G 135 -21.25 -67.48 29.21
N ARG G 136 -20.24 -67.42 30.08
CA ARG G 136 -20.49 -67.45 31.52
C ARG G 136 -21.25 -66.22 31.98
N ALA G 137 -20.89 -65.03 31.47
CA ALA G 137 -21.65 -63.83 31.79
C ALA G 137 -23.10 -63.95 31.32
N TYR G 138 -23.30 -64.42 30.09
CA TYR G 138 -24.66 -64.56 29.57
C TYR G 138 -25.47 -65.54 30.43
N GLN G 139 -24.89 -66.67 30.79
CA GLN G 139 -25.60 -67.65 31.61
C GLN G 139 -25.87 -67.12 33.01
N THR G 140 -24.88 -66.46 33.62
CA THR G 140 -25.08 -65.95 34.97
C THR G 140 -26.15 -64.87 34.98
N ALA G 141 -26.15 -63.99 33.97
CA ALA G 141 -27.20 -62.98 33.88
C ALA G 141 -28.58 -63.61 33.78
N LYS G 142 -28.73 -64.67 32.98
CA LYS G 142 -30.01 -65.37 32.89
C LYS G 142 -30.39 -65.94 34.25
N ARG G 143 -29.43 -66.59 34.92
CA ARG G 143 -29.70 -67.14 36.25
C ARG G 143 -30.17 -66.06 37.21
N LEU G 144 -29.54 -64.90 37.18
CA LEU G 144 -29.86 -63.84 38.13
C LEU G 144 -31.04 -62.99 37.70
N GLY G 145 -31.63 -63.27 36.54
CA GLY G 145 -32.75 -62.47 36.09
C GLY G 145 -32.39 -61.11 35.56
N ILE G 146 -31.13 -60.90 35.14
CA ILE G 146 -30.66 -59.62 34.62
C ILE G 146 -30.85 -59.61 33.11
N ASP G 147 -31.38 -58.50 32.59
CA ASP G 147 -31.56 -58.33 31.15
C ASP G 147 -30.27 -57.78 30.55
N LEU G 148 -29.34 -58.69 30.27
CA LEU G 148 -28.02 -58.27 29.79
C LEU G 148 -28.11 -57.80 28.35
N LYS G 149 -27.66 -56.58 28.09
CA LYS G 149 -27.56 -56.05 26.73
C LYS G 149 -26.21 -56.47 26.16
N VAL G 150 -26.20 -56.89 24.90
CA VAL G 150 -25.00 -57.45 24.31
C VAL G 150 -24.71 -56.71 23.01
N GLY G 151 -23.52 -56.12 22.92
CA GLY G 151 -23.14 -55.44 21.70
C GLY G 151 -21.72 -54.94 21.76
N ASN G 152 -21.35 -54.11 20.80
CA ASN G 152 -20.03 -53.50 20.90
C ASN G 152 -20.08 -52.30 21.85
N VAL G 153 -18.92 -51.96 22.37
CA VAL G 153 -18.66 -50.63 22.93
C VAL G 153 -17.64 -49.94 22.06
N PHE G 154 -17.52 -48.62 22.25
CA PHE G 154 -16.47 -47.82 21.62
C PHE G 154 -15.59 -47.32 22.75
N SER G 155 -14.33 -47.77 22.76
CA SER G 155 -13.32 -47.34 23.73
C SER G 155 -12.62 -46.12 23.17
N SER G 156 -12.82 -44.96 23.81
CA SER G 156 -12.26 -43.72 23.30
C SER G 156 -11.08 -43.27 24.14
N ASP G 157 -10.15 -42.58 23.48
CA ASP G 157 -9.13 -41.82 24.19
C ASP G 157 -9.69 -40.54 24.78
N PHE G 158 -10.95 -40.22 24.52
CA PHE G 158 -11.54 -38.95 24.95
C PHE G 158 -12.76 -39.19 25.83
N PHE G 159 -12.73 -38.60 27.03
CA PHE G 159 -13.97 -38.47 27.81
C PHE G 159 -14.77 -37.27 27.30
N TYR G 160 -14.08 -36.17 27.02
CA TYR G 160 -14.67 -34.96 26.47
C TYR G 160 -14.43 -35.04 24.96
N SER G 161 -15.41 -35.58 24.26
CA SER G 161 -15.27 -35.93 22.85
C SER G 161 -15.31 -34.69 21.94
N PHE G 162 -14.56 -34.77 20.86
CA PHE G 162 -14.63 -33.81 19.78
C PHE G 162 -15.44 -34.33 18.61
N GLU G 163 -16.11 -35.46 18.80
CA GLU G 163 -16.78 -36.17 17.71
C GLU G 163 -18.18 -36.60 18.12
N THR G 164 -18.88 -35.76 18.89
CA THR G 164 -20.23 -36.12 19.31
C THR G 164 -21.20 -36.25 18.13
N HIS G 165 -20.88 -35.62 17.00
CA HIS G 165 -21.70 -35.76 15.78
C HIS G 165 -21.68 -37.19 15.25
N ALA G 166 -20.73 -38.01 15.67
CA ALA G 166 -20.62 -39.39 15.17
C ALA G 166 -21.30 -40.42 16.07
N PHE G 167 -21.88 -40.00 17.20
CA PHE G 167 -22.47 -40.97 18.12
C PHE G 167 -23.58 -41.79 17.46
N ASP G 168 -24.44 -41.14 16.68
CA ASP G 168 -25.53 -41.87 16.02
C ASP G 168 -24.99 -42.92 15.06
N LEU G 169 -23.95 -42.59 14.29
CA LEU G 169 -23.34 -43.56 13.39
C LEU G 169 -22.81 -44.77 14.17
N MET G 170 -22.10 -44.52 15.27
CA MET G 170 -21.61 -45.63 16.10
CA MET G 170 -21.62 -45.66 16.05
C MET G 170 -22.77 -46.49 16.60
N ALA G 171 -23.86 -45.85 17.03
CA ALA G 171 -24.99 -46.61 17.53
C ALA G 171 -25.62 -47.44 16.42
N LYS G 172 -25.66 -46.90 15.19
CA LYS G 172 -26.20 -47.66 14.07
C LYS G 172 -25.42 -48.95 13.87
N TYR G 173 -24.10 -48.91 14.08
CA TYR G 173 -23.21 -50.05 13.93
C TYR G 173 -23.13 -50.90 15.20
N ASN G 174 -24.17 -50.88 16.05
CA ASN G 174 -24.27 -51.74 17.22
C ASN G 174 -23.28 -51.37 18.31
N HIS G 175 -22.89 -50.10 18.40
CA HIS G 175 -22.14 -49.64 19.57
C HIS G 175 -23.14 -49.08 20.58
N LEU G 176 -23.23 -49.73 21.74
CA LEU G 176 -24.26 -49.41 22.71
C LEU G 176 -23.85 -48.26 23.63
N ALA G 177 -22.54 -48.11 23.88
CA ALA G 177 -22.07 -47.09 24.80
C ALA G 177 -20.60 -46.84 24.53
N ILE G 178 -20.08 -45.80 25.19
CA ILE G 178 -18.70 -45.38 25.11
C ILE G 178 -18.06 -45.52 26.48
N GLU G 179 -16.87 -46.11 26.51
CA GLU G 179 -15.99 -46.13 27.69
C GLU G 179 -14.57 -45.91 27.19
N MET G 180 -13.55 -46.20 28.00
CA MET G 180 -12.22 -45.70 27.71
C MET G 180 -11.15 -46.80 27.85
N GLU G 181 -11.52 -48.06 28.15
CA GLU G 181 -10.51 -49.08 28.45
C GLU G 181 -10.69 -50.42 27.75
N ALA G 182 -11.91 -50.79 27.33
CA ALA G 182 -12.17 -52.17 26.91
C ALA G 182 -11.27 -52.60 25.75
N ALA G 183 -11.06 -51.73 24.77
CA ALA G 183 -10.20 -52.10 23.65
C ALA G 183 -8.78 -52.43 24.12
N GLY G 184 -8.27 -51.73 25.13
CA GLY G 184 -6.94 -52.02 25.64
C GLY G 184 -6.88 -53.32 26.42
N LEU G 185 -7.88 -53.56 27.28
CA LEU G 185 -7.96 -54.84 27.98
C LEU G 185 -8.03 -55.99 26.97
N TYR G 186 -8.88 -55.87 25.97
CA TYR G 186 -9.06 -56.94 25.00
C TYR G 186 -7.79 -57.18 24.18
N ALA G 187 -7.18 -56.11 23.66
CA ALA G 187 -5.97 -56.28 22.86
C ALA G 187 -4.83 -56.87 23.67
N THR G 188 -4.69 -56.45 24.94
CA THR G 188 -3.60 -56.96 25.77
C THR G 188 -3.82 -58.43 26.12
N ALA G 189 -5.06 -58.80 26.44
CA ALA G 189 -5.35 -60.20 26.70
C ALA G 189 -5.17 -61.05 25.45
N MET G 190 -5.47 -60.51 24.26
CA MET G 190 -5.17 -61.23 23.03
C MET G 190 -3.66 -61.39 22.87
N GLU G 191 -2.91 -60.30 23.06
CA GLU G 191 -1.46 -60.35 22.92
C GLU G 191 -0.85 -61.44 23.79
N LEU G 192 -1.37 -61.59 25.00
CA LEU G 192 -0.74 -62.41 26.02
C LEU G 192 -1.49 -63.72 26.29
N ASN G 193 -2.41 -64.10 25.40
CA ASN G 193 -3.07 -65.40 25.52
C ASN G 193 -3.80 -65.57 26.85
N ALA G 194 -4.49 -64.53 27.30
CA ALA G 194 -5.29 -64.59 28.52
C ALA G 194 -6.76 -64.37 28.19
N LYS G 195 -7.63 -64.65 29.16
CA LYS G 195 -9.08 -64.56 28.98
C LYS G 195 -9.59 -63.27 29.61
N ALA G 196 -10.29 -62.44 28.84
CA ALA G 196 -10.81 -61.18 29.34
C ALA G 196 -12.22 -60.95 28.83
N LEU G 197 -12.95 -60.13 29.59
CA LEU G 197 -14.30 -59.69 29.26
C LEU G 197 -14.57 -58.38 29.98
N CYS G 198 -15.39 -57.53 29.34
CA CYS G 198 -15.81 -56.27 29.91
CA CYS G 198 -15.81 -56.26 29.89
C CYS G 198 -17.33 -56.21 29.99
N LEU G 199 -17.82 -55.89 31.19
CA LEU G 199 -19.21 -55.51 31.45
C LEU G 199 -19.21 -54.04 31.80
N CYS G 200 -20.29 -53.33 31.46
CA CYS G 200 -20.36 -51.94 31.86
CA CYS G 200 -20.38 -51.89 31.71
C CYS G 200 -21.80 -51.53 32.12
N SER G 201 -21.93 -50.60 33.06
CA SER G 201 -23.22 -50.15 33.56
C SER G 201 -23.51 -48.75 33.05
N VAL G 202 -24.72 -48.55 32.51
CA VAL G 202 -25.07 -47.25 31.92
C VAL G 202 -25.36 -46.27 33.05
N SER G 203 -24.44 -45.35 33.28
CA SER G 203 -24.62 -44.31 34.29
C SER G 203 -25.19 -43.02 33.72
N ASP G 204 -25.00 -42.79 32.42
CA ASP G 204 -25.37 -41.56 31.74
C ASP G 204 -25.73 -41.93 30.32
N HIS G 205 -26.70 -41.22 29.76
CA HIS G 205 -27.06 -41.37 28.35
C HIS G 205 -26.56 -40.14 27.62
N LEU G 206 -25.60 -40.34 26.73
CA LEU G 206 -24.97 -39.24 26.02
C LEU G 206 -25.87 -38.62 24.96
N ILE G 207 -26.97 -39.28 24.59
CA ILE G 207 -27.89 -38.71 23.61
C ILE G 207 -29.02 -37.94 24.29
N THR G 208 -29.71 -38.58 25.23
CA THR G 208 -30.83 -37.96 25.92
C THR G 208 -30.38 -37.03 27.04
N LYS G 209 -29.12 -37.16 27.48
CA LYS G 209 -28.54 -36.37 28.57
C LYS G 209 -29.09 -36.74 29.94
N GLU G 210 -29.86 -37.83 30.05
CA GLU G 210 -30.27 -38.34 31.34
C GLU G 210 -29.07 -38.88 32.11
N ALA G 211 -29.12 -38.73 33.43
CA ALA G 211 -28.02 -39.16 34.27
C ALA G 211 -28.58 -39.74 35.56
N LEU G 212 -27.87 -40.70 36.12
CA LEU G 212 -28.25 -41.24 37.41
C LEU G 212 -27.77 -40.31 38.52
N SER G 213 -28.52 -40.28 39.62
CA SER G 213 -28.11 -39.54 40.79
C SER G 213 -26.96 -40.27 41.46
N PRO G 214 -26.21 -39.59 42.34
CA PRO G 214 -25.14 -40.30 43.06
C PRO G 214 -25.60 -41.56 43.77
N LYS G 215 -26.79 -41.54 44.36
CA LYS G 215 -27.29 -42.73 45.06
C LYS G 215 -27.69 -43.82 44.06
N GLU G 216 -28.35 -43.43 42.97
CA GLU G 216 -28.72 -44.40 41.94
C GLU G 216 -27.50 -45.03 41.30
N ARG G 217 -26.42 -44.26 41.15
CA ARG G 217 -25.18 -44.82 40.62
C ARG G 217 -24.66 -45.95 41.49
N VAL G 218 -24.68 -45.76 42.81
CA VAL G 218 -24.19 -46.80 43.71
C VAL G 218 -25.08 -48.04 43.63
N GLU G 219 -26.40 -47.85 43.62
CA GLU G 219 -27.32 -48.99 43.63
C GLU G 219 -27.22 -49.78 42.34
N SER G 220 -27.14 -49.11 41.19
CA SER G 220 -27.04 -49.84 39.93
C SER G 220 -25.68 -50.52 39.81
N PHE G 221 -24.61 -49.87 40.27
CA PHE G 221 -23.29 -50.48 40.18
C PHE G 221 -23.22 -51.75 41.00
N ASP G 222 -23.87 -51.78 42.18
CA ASP G 222 -23.90 -52.98 42.99
C ASP G 222 -24.46 -54.16 42.21
N ASN G 223 -25.46 -53.89 41.37
CA ASN G 223 -26.06 -54.96 40.56
C ASN G 223 -25.02 -55.61 39.66
N MET G 224 -24.12 -54.81 39.07
CA MET G 224 -23.12 -55.40 38.21
C MET G 224 -21.96 -56.02 38.99
N ILE G 225 -21.62 -55.48 40.18
CA ILE G 225 -20.67 -56.15 41.05
C ILE G 225 -21.14 -57.58 41.35
N ILE G 226 -22.41 -57.74 41.70
CA ILE G 226 -22.93 -59.06 42.05
C ILE G 226 -22.89 -59.99 40.84
N LEU G 227 -23.32 -59.51 39.67
CA LEU G 227 -23.18 -60.30 38.44
C LEU G 227 -21.74 -60.77 38.28
N ALA G 228 -20.77 -59.86 38.45
CA ALA G 228 -19.38 -60.23 38.21
C ALA G 228 -18.89 -61.26 39.23
N LEU G 229 -19.17 -61.03 40.52
CA LEU G 229 -18.70 -61.97 41.53
C LEU G 229 -19.41 -63.30 41.40
N GLU G 230 -20.69 -63.28 41.02
CA GLU G 230 -21.39 -64.53 40.77
C GLU G 230 -20.77 -65.30 39.62
N MET G 231 -20.41 -64.64 38.51
CA MET G 231 -19.77 -65.40 37.45
C MET G 231 -18.42 -65.95 37.85
N MET G 232 -17.72 -65.30 38.80
CA MET G 232 -16.43 -65.80 39.25
C MET G 232 -16.54 -66.87 40.33
N SER G 233 -17.76 -67.25 40.71
CA SER G 233 -17.95 -68.36 41.64
C SER G 233 -18.03 -69.68 40.89
N MET H 1 29.61 -28.10 -5.13
CA MET H 1 29.88 -29.43 -4.61
C MET H 1 28.61 -30.29 -4.50
N THR H 2 27.43 -29.67 -4.59
CA THR H 2 26.17 -30.42 -4.55
C THR H 2 25.36 -30.14 -5.82
N PRO H 3 24.29 -30.90 -6.09
CA PRO H 3 23.45 -30.55 -7.25
C PRO H 3 22.79 -29.18 -7.14
N HIS H 4 22.71 -28.60 -5.92
CA HIS H 4 21.92 -27.40 -5.71
C HIS H 4 22.70 -26.21 -5.19
N ILE H 5 23.97 -26.38 -4.82
CA ILE H 5 24.81 -25.30 -4.31
C ILE H 5 26.19 -25.47 -4.93
N ASN H 6 26.70 -24.40 -5.56
CA ASN H 6 28.01 -24.45 -6.19
C ASN H 6 29.06 -23.62 -5.46
N ALA H 7 28.83 -23.34 -4.19
CA ALA H 7 29.85 -22.71 -3.37
C ALA H 7 30.99 -23.69 -3.09
N LYS H 8 32.16 -23.14 -2.79
CA LYS H 8 33.28 -23.95 -2.34
C LYS H 8 33.12 -24.24 -0.85
N ILE H 9 33.72 -25.35 -0.41
CA ILE H 9 33.73 -25.62 1.02
C ILE H 9 34.49 -24.52 1.75
N GLY H 10 33.93 -24.08 2.86
CA GLY H 10 34.45 -22.93 3.58
C GLY H 10 33.85 -21.61 3.18
N ASP H 11 33.03 -21.55 2.12
CA ASP H 11 32.45 -20.29 1.70
C ASP H 11 31.37 -19.81 2.66
N PHE H 12 30.75 -20.70 3.44
CA PHE H 12 29.67 -20.34 4.35
C PHE H 12 30.23 -20.13 5.76
N TYR H 13 29.79 -19.07 6.40
CA TYR H 13 30.04 -18.94 7.83
C TYR H 13 29.16 -19.97 8.54
N PRO H 14 29.49 -20.31 9.79
CA PRO H 14 28.69 -21.31 10.52
C PRO H 14 27.30 -20.84 10.91
N GLN H 15 27.00 -19.55 10.79
CA GLN H 15 25.67 -18.98 11.02
C GLN H 15 25.13 -18.56 9.68
N CYS H 16 23.90 -18.97 9.36
CA CYS H 16 23.31 -18.63 8.08
C CYS H 16 21.86 -18.19 8.27
N LEU H 17 21.52 -17.04 7.71
CA LEU H 17 20.15 -16.56 7.61
C LEU H 17 19.53 -17.14 6.35
N LEU H 18 18.31 -17.64 6.47
CA LEU H 18 17.62 -18.28 5.35
C LEU H 18 16.36 -17.53 4.97
N OCS H 19 16.05 -17.54 3.67
CA OCS H 19 14.82 -16.93 3.19
CB OCS H 19 15.06 -15.48 2.86
SG OCS H 19 13.59 -14.49 2.65
C OCS H 19 14.42 -17.67 1.93
O OCS H 19 15.28 -18.11 1.17
OD1 OCS H 19 12.95 -14.81 1.42
OD2 OCS H 19 12.69 -14.74 3.72
OD3 OCS H 19 13.98 -13.11 2.69
N GLY H 20 13.12 -17.81 1.70
CA GLY H 20 12.66 -18.50 0.51
C GLY H 20 13.01 -17.78 -0.78
N ASP H 21 13.04 -16.44 -0.73
CA ASP H 21 13.17 -15.61 -1.93
C ASP H 21 14.62 -15.24 -2.15
N PRO H 22 15.29 -15.77 -3.19
CA PRO H 22 16.70 -15.42 -3.43
C PRO H 22 16.90 -13.96 -3.79
N LEU H 23 15.88 -13.29 -4.33
CA LEU H 23 16.01 -11.85 -4.59
C LEU H 23 15.99 -11.04 -3.30
N ARG H 24 15.25 -11.50 -2.29
CA ARG H 24 15.31 -10.85 -0.98
C ARG H 24 16.63 -11.11 -0.29
N VAL H 25 17.20 -12.30 -0.49
CA VAL H 25 18.54 -12.60 0.02
C VAL H 25 19.56 -11.64 -0.57
N SER H 26 19.47 -11.39 -1.88
CA SER H 26 20.40 -10.47 -2.53
C SER H 26 20.21 -9.06 -1.99
N TYR H 27 18.96 -8.65 -1.80
CA TYR H 27 18.65 -7.35 -1.22
C TYR H 27 19.27 -7.17 0.16
N ILE H 28 19.20 -8.21 1.01
CA ILE H 28 19.82 -8.13 2.34
C ILE H 28 21.32 -7.97 2.22
N ALA H 29 21.94 -8.74 1.31
CA ALA H 29 23.38 -8.66 1.11
C ALA H 29 23.80 -7.25 0.74
N LYS H 30 23.06 -6.62 -0.19
CA LYS H 30 23.38 -5.29 -0.67
C LYS H 30 23.12 -4.22 0.39
N LYS H 31 21.99 -4.33 1.09
CA LYS H 31 21.56 -3.25 1.97
C LYS H 31 22.20 -3.32 3.35
N PHE H 32 22.39 -4.52 3.89
CA PHE H 32 22.73 -4.66 5.30
C PHE H 32 24.11 -5.23 5.57
N LEU H 33 24.77 -5.85 4.59
CA LEU H 33 26.06 -6.46 4.80
C LEU H 33 27.16 -5.63 4.17
N GLN H 34 28.36 -5.76 4.74
CA GLN H 34 29.56 -5.19 4.14
C GLN H 34 30.36 -6.30 3.50
N ASP H 35 31.00 -5.99 2.36
CA ASP H 35 31.90 -6.92 1.69
C ASP H 35 31.21 -8.22 1.31
N ALA H 36 29.92 -8.15 0.96
CA ALA H 36 29.19 -9.36 0.62
C ALA H 36 29.68 -9.91 -0.70
N LYS H 37 29.83 -11.23 -0.76
CA LYS H 37 30.22 -11.93 -1.98
C LYS H 37 29.20 -13.00 -2.29
N GLU H 38 28.75 -13.04 -3.54
CA GLU H 38 27.89 -14.12 -3.97
C GLU H 38 28.69 -15.41 -4.04
N ILE H 39 28.21 -16.44 -3.36
CA ILE H 39 28.96 -17.68 -3.25
C ILE H 39 28.27 -18.86 -3.95
N THR H 40 26.99 -18.73 -4.29
CA THR H 40 26.29 -19.82 -4.96
C THR H 40 25.14 -19.23 -5.76
N ASN H 41 24.78 -19.93 -6.86
CA ASN H 41 23.72 -19.42 -7.73
C ASN H 41 23.04 -20.50 -8.56
N VAL H 42 23.20 -21.79 -8.21
CA VAL H 42 22.52 -22.85 -8.94
C VAL H 42 21.02 -22.62 -8.90
N ARG H 43 20.36 -22.84 -10.06
CA ARG H 43 18.91 -22.64 -10.18
C ARG H 43 18.47 -21.23 -9.78
N ASN H 44 19.35 -20.23 -9.90
CA ASN H 44 19.10 -18.85 -9.47
C ASN H 44 18.90 -18.72 -7.96
N MET H 45 19.24 -19.75 -7.18
CA MET H 45 19.11 -19.74 -5.71
C MET H 45 20.36 -19.17 -5.09
N LEU H 46 20.32 -17.87 -4.84
CA LEU H 46 21.51 -17.11 -4.46
C LEU H 46 21.87 -17.32 -3.00
N GLY H 47 23.17 -17.31 -2.73
CA GLY H 47 23.68 -17.27 -1.38
C GLY H 47 24.88 -16.35 -1.33
N PHE H 48 25.13 -15.82 -0.13
CA PHE H 48 26.15 -14.79 0.07
C PHE H 48 26.85 -15.00 1.41
N SER H 49 28.06 -14.43 1.51
CA SER H 49 28.75 -14.27 2.79
C SER H 49 29.28 -12.84 2.87
N GLY H 50 29.09 -12.23 4.02
CA GLY H 50 29.55 -10.88 4.26
C GLY H 50 29.63 -10.62 5.74
N LYS H 51 29.74 -9.35 6.10
CA LYS H 51 29.84 -8.96 7.50
C LYS H 51 28.72 -8.04 7.91
N TYR H 52 28.22 -8.23 9.13
CA TYR H 52 27.27 -7.32 9.74
C TYR H 52 27.90 -6.86 11.05
N LYS H 53 28.12 -5.55 11.17
CA LYS H 53 28.77 -4.98 12.35
C LYS H 53 30.03 -5.76 12.72
N GLY H 54 30.83 -6.08 11.70
CA GLY H 54 32.11 -6.75 11.88
C GLY H 54 32.05 -8.26 12.02
N ARG H 55 30.86 -8.86 12.03
CA ARG H 55 30.69 -10.28 12.28
C ARG H 55 30.29 -10.98 10.99
N GLY H 56 30.93 -12.12 10.72
CA GLY H 56 30.64 -12.87 9.51
C GLY H 56 29.25 -13.50 9.57
N ILE H 57 28.51 -13.36 8.48
CA ILE H 57 27.16 -13.90 8.36
C ILE H 57 27.00 -14.43 6.94
N SER H 58 26.35 -15.58 6.81
CA SER H 58 25.96 -16.05 5.48
C SER H 58 24.45 -15.95 5.33
N LEU H 59 24.03 -15.86 4.07
CA LEU H 59 22.63 -15.76 3.68
C LEU H 59 22.38 -16.78 2.58
N MET H 60 21.24 -17.45 2.62
CA MET H 60 21.01 -18.43 1.57
C MET H 60 19.51 -18.50 1.28
N GLY H 61 19.16 -18.55 -0.01
CA GLY H 61 17.78 -18.80 -0.38
C GLY H 61 17.44 -20.28 -0.37
N HIS H 62 16.18 -20.59 -0.05
CA HIS H 62 15.76 -22.00 0.01
C HIS H 62 14.51 -22.34 -0.79
N GLY H 63 13.91 -21.41 -1.52
CA GLY H 63 12.73 -21.73 -2.28
C GLY H 63 11.51 -21.97 -1.40
N MET H 64 10.46 -22.53 -2.02
CA MET H 64 9.13 -22.53 -1.44
C MET H 64 8.74 -23.98 -1.16
N GLY H 65 8.21 -24.23 0.03
CA GLY H 65 7.74 -25.55 0.40
C GLY H 65 8.76 -26.39 1.15
N ILE H 66 8.24 -27.35 1.90
CA ILE H 66 9.07 -28.19 2.76
C ILE H 66 10.14 -28.94 1.96
N ALA H 67 9.76 -29.48 0.80
CA ALA H 67 10.70 -30.29 0.03
C ALA H 67 11.87 -29.45 -0.48
N SER H 68 11.60 -28.24 -0.97
CA SER H 68 12.68 -27.34 -1.39
C SER H 68 13.56 -26.94 -0.22
N CYS H 69 12.93 -26.48 0.87
CA CYS H 69 13.69 -26.06 2.03
C CYS H 69 14.59 -27.18 2.55
N THR H 70 14.05 -28.41 2.59
CA THR H 70 14.81 -29.53 3.11
C THR H 70 16.09 -29.77 2.30
N ILE H 71 16.01 -29.60 0.97
CA ILE H 71 17.20 -29.85 0.14
C ILE H 71 18.33 -28.92 0.55
N TYR H 72 18.03 -27.62 0.62
CA TYR H 72 19.07 -26.64 0.91
C TYR H 72 19.58 -26.78 2.34
N VAL H 73 18.68 -26.97 3.30
CA VAL H 73 19.11 -27.09 4.69
C VAL H 73 19.99 -28.32 4.86
N THR H 74 19.60 -29.45 4.25
CA THR H 74 20.41 -30.66 4.33
C THR H 74 21.82 -30.42 3.85
N GLU H 75 21.96 -29.78 2.68
CA GLU H 75 23.28 -29.55 2.11
C GLU H 75 24.09 -28.54 2.92
N LEU H 76 23.45 -27.47 3.40
CA LEU H 76 24.15 -26.49 4.23
C LEU H 76 24.77 -27.15 5.45
N ILE H 77 24.01 -28.04 6.10
CA ILE H 77 24.52 -28.71 7.29
C ILE H 77 25.57 -29.75 6.94
N LYS H 78 25.24 -30.67 6.02
CA LYS H 78 26.10 -31.83 5.80
C LYS H 78 27.36 -31.47 5.02
N THR H 79 27.23 -30.64 3.98
CA THR H 79 28.38 -30.29 3.16
C THR H 79 29.09 -29.03 3.63
N TYR H 80 28.35 -27.98 3.98
CA TYR H 80 28.94 -26.67 4.22
C TYR H 80 29.14 -26.34 5.69
N GLN H 81 28.87 -27.30 6.58
CA GLN H 81 29.19 -27.19 8.01
C GLN H 81 28.48 -26.04 8.71
N VAL H 82 27.30 -25.64 8.21
CA VAL H 82 26.51 -24.63 8.90
C VAL H 82 25.94 -25.22 10.18
N LYS H 83 26.03 -24.47 11.27
CA LYS H 83 25.60 -24.96 12.58
C LYS H 83 24.34 -24.30 13.08
N GLU H 84 24.09 -23.05 12.70
CA GLU H 84 22.94 -22.29 13.16
C GLU H 84 22.23 -21.72 11.95
N LEU H 85 20.93 -22.00 11.85
CA LEU H 85 20.13 -21.61 10.70
C LEU H 85 18.93 -20.81 11.18
N LEU H 86 18.88 -19.54 10.82
CA LEU H 86 17.81 -18.64 11.22
C LEU H 86 17.00 -18.28 9.98
N ARG H 87 15.80 -18.82 9.88
CA ARG H 87 14.95 -18.57 8.73
C ARG H 87 14.03 -17.39 9.00
N ILE H 88 13.93 -16.49 8.03
CA ILE H 88 12.91 -15.47 8.04
C ILE H 88 12.02 -15.66 6.80
N GLY H 89 10.86 -15.03 6.82
CA GLY H 89 9.91 -15.15 5.74
C GLY H 89 8.62 -14.46 6.09
N THR H 90 7.68 -14.46 5.13
CA THR H 90 6.37 -13.92 5.41
C THR H 90 5.41 -15.06 5.80
N CYS H 91 4.19 -14.68 6.19
CA CYS H 91 3.19 -15.68 6.54
C CYS H 91 1.81 -15.05 6.42
N GLY H 92 0.79 -15.91 6.39
CA GLY H 92 -0.58 -15.46 6.40
C GLY H 92 -1.17 -15.73 7.77
N ALA H 93 -1.56 -14.66 8.46
CA ALA H 93 -2.06 -14.81 9.82
C ALA H 93 -3.44 -15.47 9.82
N ILE H 94 -3.69 -16.31 10.83
CA ILE H 94 -4.99 -16.95 11.02
C ILE H 94 -5.56 -16.71 12.40
N SER H 95 -4.86 -15.99 13.27
CA SER H 95 -5.28 -15.83 14.66
C SER H 95 -5.60 -14.37 14.96
N PRO H 96 -6.56 -14.11 15.84
CA PRO H 96 -6.81 -12.72 16.28
C PRO H 96 -5.72 -12.16 17.18
N LYS H 97 -4.79 -13.00 17.64
CA LYS H 97 -3.71 -12.51 18.49
C LYS H 97 -2.59 -11.81 17.71
N VAL H 98 -2.63 -11.84 16.38
CA VAL H 98 -1.62 -11.16 15.58
C VAL H 98 -2.31 -10.29 14.54
N GLY H 99 -1.56 -9.29 14.05
CA GLY H 99 -2.05 -8.41 13.01
C GLY H 99 -0.94 -8.13 12.02
N LEU H 100 -1.27 -7.33 11.01
CA LEU H 100 -0.28 -7.03 9.99
C LEU H 100 0.94 -6.37 10.61
N LYS H 101 2.11 -6.71 10.07
CA LYS H 101 3.43 -6.26 10.47
C LYS H 101 3.98 -6.97 11.71
N ASP H 102 3.19 -7.77 12.41
CA ASP H 102 3.72 -8.48 13.57
C ASP H 102 4.78 -9.49 13.12
N ILE H 103 5.78 -9.69 13.98
CA ILE H 103 6.79 -10.73 13.82
C ILE H 103 6.47 -11.86 14.78
N ILE H 104 6.45 -13.09 14.25
CA ILE H 104 6.13 -14.29 15.02
C ILE H 104 7.39 -15.12 15.16
N MET H 105 7.64 -15.61 16.38
CA MET H 105 8.64 -16.64 16.62
C MET H 105 7.90 -17.96 16.68
N ALA H 106 8.23 -18.90 15.80
CA ALA H 106 7.53 -20.18 15.72
C ALA H 106 8.15 -21.18 16.70
N THR H 107 7.51 -21.39 17.85
CA THR H 107 8.06 -22.37 18.78
C THR H 107 7.64 -23.78 18.44
N GLY H 108 6.81 -23.94 17.42
CA GLY H 108 6.45 -25.24 16.89
C GLY H 108 5.94 -25.03 15.48
N ALA H 109 6.11 -26.05 14.63
CA ALA H 109 5.60 -26.00 13.28
C ALA H 109 4.80 -27.27 13.02
N SER H 110 3.49 -27.13 13.07
CA SER H 110 2.58 -28.20 12.65
C SER H 110 2.59 -28.31 11.12
N THR H 111 1.96 -29.37 10.59
CA THR H 111 2.04 -29.53 9.14
C THR H 111 0.97 -30.49 8.62
N ASP H 112 0.59 -30.27 7.36
CA ASP H 112 -0.19 -31.23 6.58
C ASP H 112 0.66 -32.10 5.66
N SER H 113 1.99 -31.95 5.72
CA SER H 113 2.92 -32.75 4.94
C SER H 113 2.98 -34.17 5.50
N LYS H 114 3.36 -35.13 4.64
CA LYS H 114 3.63 -36.49 5.12
C LYS H 114 5.11 -36.67 5.47
N THR H 115 5.95 -35.64 5.30
CA THR H 115 7.39 -35.83 5.39
C THR H 115 7.83 -36.28 6.77
N ASN H 116 7.20 -35.75 7.81
CA ASN H 116 7.65 -36.10 9.16
C ASN H 116 7.16 -37.48 9.56
N ARG H 117 6.00 -37.92 9.07
CA ARG H 117 5.57 -39.29 9.28
C ARG H 117 6.52 -40.27 8.60
N VAL H 118 6.99 -39.91 7.40
CA VAL H 118 7.98 -40.75 6.72
C VAL H 118 9.29 -40.78 7.50
N ARG H 119 9.71 -39.63 8.03
CA ARG H 119 10.96 -39.59 8.80
C ARG H 119 10.85 -40.30 10.13
N PHE H 120 9.67 -40.28 10.75
CA PHE H 120 9.54 -40.55 12.19
C PHE H 120 8.53 -41.67 12.45
N LEU H 121 8.75 -42.83 11.86
CA LEU H 121 8.06 -44.06 12.29
C LEU H 121 6.55 -44.02 12.09
N ASN H 122 6.04 -43.17 11.20
CA ASN H 122 4.62 -42.97 11.00
C ASN H 122 3.92 -42.37 12.22
N HIS H 123 4.68 -41.83 13.18
CA HIS H 123 4.12 -41.21 14.37
C HIS H 123 4.07 -39.70 14.15
N ASP H 124 3.82 -38.96 15.23
CA ASP H 124 3.73 -37.50 15.21
C ASP H 124 5.07 -36.95 15.72
N LEU H 125 5.88 -36.41 14.83
CA LEU H 125 7.04 -35.61 15.24
C LEU H 125 6.59 -34.20 15.55
N SER H 126 6.91 -33.72 16.76
CA SER H 126 6.63 -32.33 17.11
C SER H 126 7.84 -31.52 16.68
N ALA H 127 7.72 -30.85 15.53
CA ALA H 127 8.84 -30.13 14.94
C ALA H 127 9.04 -28.83 15.69
N THR H 128 10.23 -28.64 16.26
CA THR H 128 10.48 -27.54 17.16
C THR H 128 11.84 -26.93 16.87
N PRO H 129 12.04 -25.66 17.26
CA PRO H 129 13.33 -24.99 17.09
C PRO H 129 14.28 -25.30 18.24
N ASP H 130 15.52 -24.86 18.06
CA ASP H 130 16.52 -24.92 19.13
C ASP H 130 16.21 -23.88 20.21
N PHE H 131 16.28 -24.30 21.47
CA PHE H 131 15.86 -23.41 22.55
C PHE H 131 16.80 -22.21 22.72
N GLU H 132 18.12 -22.43 22.65
CA GLU H 132 19.07 -21.31 22.73
C GLU H 132 18.74 -20.21 21.71
N LEU H 133 18.47 -20.59 20.45
CA LEU H 133 18.14 -19.58 19.44
C LEU H 133 16.85 -18.86 19.79
N SER H 134 15.86 -19.59 20.32
CA SER H 134 14.60 -18.94 20.67
CA SER H 134 14.60 -18.96 20.69
C SER H 134 14.79 -17.95 21.81
N LEU H 135 15.63 -18.29 22.80
CA LEU H 135 15.93 -17.35 23.86
C LEU H 135 16.60 -16.10 23.31
N ARG H 136 17.54 -16.29 22.39
CA ARG H 136 18.26 -15.16 21.79
C ARG H 136 17.31 -14.27 20.98
N ALA H 137 16.39 -14.86 20.21
CA ALA H 137 15.38 -14.05 19.54
C ALA H 137 14.51 -13.29 20.53
N TYR H 138 14.07 -13.96 21.60
CA TYR H 138 13.24 -13.29 22.59
C TYR H 138 13.99 -12.12 23.23
N GLN H 139 15.23 -12.36 23.65
CA GLN H 139 16.03 -11.32 24.28
C GLN H 139 16.32 -10.17 23.33
N THR H 140 16.68 -10.49 22.09
CA THR H 140 17.01 -9.46 21.12
C THR H 140 15.78 -8.61 20.78
N ALA H 141 14.62 -9.26 20.61
CA ALA H 141 13.38 -8.51 20.39
C ALA H 141 13.10 -7.55 21.55
N LYS H 142 13.27 -8.00 22.80
CA LYS H 142 13.05 -7.11 23.92
C LYS H 142 14.01 -5.93 23.86
N ARG H 143 15.28 -6.23 23.61
CA ARG H 143 16.27 -5.17 23.50
C ARG H 143 15.87 -4.14 22.45
N LEU H 144 15.36 -4.60 21.32
CA LEU H 144 15.01 -3.72 20.22
C LEU H 144 13.62 -3.11 20.35
N GLY H 145 12.89 -3.45 21.41
CA GLY H 145 11.55 -2.91 21.56
C GLY H 145 10.55 -3.50 20.61
N ILE H 146 10.80 -4.71 20.12
CA ILE H 146 9.88 -5.42 19.23
C ILE H 146 8.95 -6.27 20.07
N ASP H 147 7.65 -6.15 19.81
CA ASP H 147 6.62 -6.95 20.48
C ASP H 147 6.53 -8.30 19.75
N LEU H 148 7.44 -9.21 20.13
CA LEU H 148 7.54 -10.48 19.43
C LEU H 148 6.37 -11.39 19.83
N LYS H 149 5.60 -11.85 18.85
CA LYS H 149 4.52 -12.79 19.09
C LYS H 149 5.08 -14.21 19.02
N VAL H 150 4.68 -15.03 19.98
CA VAL H 150 5.28 -16.36 20.12
C VAL H 150 4.17 -17.41 20.10
N GLY H 151 4.32 -18.38 19.20
CA GLY H 151 3.35 -19.46 19.12
C GLY H 151 3.72 -20.43 18.02
N ASN H 152 2.80 -21.34 17.70
CA ASN H 152 3.06 -22.25 16.60
C ASN H 152 2.73 -21.58 15.26
N VAL H 153 3.33 -22.10 14.21
CA VAL H 153 2.87 -21.87 12.84
C VAL H 153 2.39 -23.21 12.28
N PHE H 154 1.63 -23.14 11.19
CA PHE H 154 1.24 -24.32 10.43
C PHE H 154 1.96 -24.23 9.10
N SER H 155 2.85 -25.21 8.83
CA SER H 155 3.59 -25.29 7.57
C SER H 155 2.79 -26.17 6.63
N SER H 156 2.28 -25.59 5.56
CA SER H 156 1.40 -26.31 4.66
C SER H 156 2.11 -26.62 3.35
N ASP H 157 1.71 -27.73 2.74
CA ASP H 157 2.07 -27.99 1.36
C ASP H 157 1.26 -27.17 0.38
N PHE H 158 0.29 -26.40 0.85
CA PHE H 158 -0.61 -25.63 -0.02
C PHE H 158 -0.53 -24.14 0.29
N PHE H 159 -0.28 -23.34 -0.75
CA PHE H 159 -0.55 -21.91 -0.64
C PHE H 159 -2.01 -21.63 -0.90
N TYR H 160 -2.58 -22.25 -1.93
CA TYR H 160 -4.01 -22.18 -2.23
C TYR H 160 -4.67 -23.34 -1.52
N SER H 161 -5.12 -23.09 -0.30
CA SER H 161 -5.59 -24.15 0.59
C SER H 161 -6.93 -24.71 0.14
N PHE H 162 -7.12 -26.01 0.42
CA PHE H 162 -8.42 -26.66 0.28
C PHE H 162 -9.11 -26.83 1.61
N GLU H 163 -8.58 -26.24 2.67
CA GLU H 163 -9.03 -26.47 4.04
C GLU H 163 -9.15 -25.15 4.79
N THR H 164 -9.62 -24.09 4.10
CA THR H 164 -9.78 -22.81 4.77
C THR H 164 -10.83 -22.86 5.87
N HIS H 165 -11.74 -23.83 5.79
CA HIS H 165 -12.70 -24.02 6.88
C HIS H 165 -12.03 -24.38 8.19
N ALA H 166 -10.77 -24.79 8.18
CA ALA H 166 -10.06 -25.26 9.37
C ALA H 166 -9.15 -24.21 9.99
N PHE H 167 -9.05 -23.03 9.38
CA PHE H 167 -8.17 -21.99 9.94
C PHE H 167 -8.54 -21.63 11.38
N ASP H 168 -9.84 -21.52 11.69
CA ASP H 168 -10.23 -21.11 13.05
C ASP H 168 -9.82 -22.17 14.08
N LEU H 169 -9.98 -23.45 13.74
CA LEU H 169 -9.52 -24.52 14.62
C LEU H 169 -8.02 -24.43 14.85
N MET H 170 -7.27 -24.15 13.80
CA MET H 170 -5.83 -24.11 13.93
C MET H 170 -5.44 -22.94 14.83
N ALA H 171 -6.12 -21.80 14.67
CA ALA H 171 -5.85 -20.63 15.51
C ALA H 171 -6.17 -20.94 16.97
N LYS H 172 -7.29 -21.64 17.21
CA LYS H 172 -7.65 -22.02 18.57
C LYS H 172 -6.52 -22.76 19.25
N TYR H 173 -5.81 -23.61 18.48
CA TYR H 173 -4.69 -24.40 18.99
C TYR H 173 -3.36 -23.64 18.94
N ASN H 174 -3.40 -22.31 18.98
CA ASN H 174 -2.22 -21.46 19.09
C ASN H 174 -1.35 -21.50 17.84
N HIS H 175 -1.95 -21.73 16.68
CA HIS H 175 -1.28 -21.50 15.40
C HIS H 175 -1.58 -20.07 14.97
N LEU H 176 -0.54 -19.24 14.92
CA LEU H 176 -0.73 -17.82 14.66
C LEU H 176 -0.79 -17.49 13.18
N ALA H 177 -0.14 -18.31 12.36
CA ALA H 177 -0.08 -18.03 10.93
C ALA H 177 0.28 -19.30 10.18
N ILE H 178 0.13 -19.23 8.88
CA ILE H 178 0.45 -20.31 7.97
C ILE H 178 1.61 -19.87 7.09
N GLU H 179 2.60 -20.74 6.95
CA GLU H 179 3.65 -20.62 5.94
C GLU H 179 3.91 -22.00 5.37
N MET H 180 5.03 -22.18 4.67
CA MET H 180 5.23 -23.45 3.96
C MET H 180 6.59 -24.12 4.14
N GLU H 181 7.43 -23.67 5.07
CA GLU H 181 8.75 -24.27 5.16
C GLU H 181 9.21 -24.65 6.57
N ALA H 182 8.67 -24.01 7.62
CA ALA H 182 9.24 -24.14 8.96
C ALA H 182 9.33 -25.59 9.43
N ALA H 183 8.28 -26.40 9.20
CA ALA H 183 8.33 -27.78 9.65
C ALA H 183 9.48 -28.54 9.00
N GLY H 184 9.79 -28.23 7.73
CA GLY H 184 10.91 -28.89 7.07
C GLY H 184 12.26 -28.44 7.61
N LEU H 185 12.41 -27.14 7.85
CA LEU H 185 13.64 -26.65 8.48
C LEU H 185 13.83 -27.30 9.83
N TYR H 186 12.78 -27.31 10.64
CA TYR H 186 12.88 -27.86 12.00
C TYR H 186 13.18 -29.36 11.98
N ALA H 187 12.46 -30.14 11.17
CA ALA H 187 12.71 -31.58 11.13
C ALA H 187 14.11 -31.90 10.61
N THR H 188 14.61 -31.13 9.62
CA THR H 188 15.94 -31.41 9.09
C THR H 188 17.01 -31.03 10.10
N ALA H 189 16.83 -29.91 10.78
CA ALA H 189 17.77 -29.52 11.83
C ALA H 189 17.75 -30.54 12.98
N MET H 190 16.58 -31.10 13.30
CA MET H 190 16.56 -32.14 14.33
C MET H 190 17.26 -33.40 13.83
N GLU H 191 16.98 -33.82 12.60
CA GLU H 191 17.64 -34.97 12.00
C GLU H 191 19.15 -34.88 12.10
N LEU H 192 19.70 -33.70 11.84
CA LEU H 192 21.14 -33.52 11.66
C LEU H 192 21.80 -32.79 12.82
N ASN H 193 21.13 -32.69 13.97
CA ASN H 193 21.74 -32.15 15.18
C ASN H 193 22.26 -30.73 14.97
N ALA H 194 21.48 -29.90 14.28
CA ALA H 194 21.83 -28.50 14.08
C ALA H 194 20.78 -27.61 14.74
N LYS H 195 21.14 -26.35 14.94
CA LYS H 195 20.27 -25.37 15.60
C LYS H 195 19.51 -24.56 14.56
N ALA H 196 18.20 -24.43 14.75
CA ALA H 196 17.36 -23.70 13.81
C ALA H 196 16.24 -22.97 14.53
N LEU H 197 15.77 -21.90 13.90
CA LEU H 197 14.64 -21.13 14.38
C LEU H 197 14.02 -20.43 13.18
N CYS H 198 12.69 -20.23 13.23
CA CYS H 198 11.98 -19.53 12.18
CA CYS H 198 11.95 -19.53 12.19
C CYS H 198 11.24 -18.33 12.79
N LEU H 199 11.46 -17.16 12.19
CA LEU H 199 10.68 -15.96 12.46
C LEU H 199 9.89 -15.64 11.20
N CYS H 200 8.68 -15.11 11.35
CA CYS H 200 7.94 -14.74 10.16
CA CYS H 200 7.81 -14.83 10.21
C CYS H 200 7.14 -13.48 10.41
N SER H 201 6.99 -12.73 9.32
CA SER H 201 6.35 -11.42 9.32
C SER H 201 4.97 -11.55 8.70
N VAL H 202 3.96 -11.00 9.39
CA VAL H 202 2.57 -11.08 8.97
C VAL H 202 2.38 -10.08 7.82
N SER H 203 2.35 -10.58 6.59
CA SER H 203 2.14 -9.75 5.41
C SER H 203 0.68 -9.65 5.01
N ASP H 204 -0.12 -10.64 5.41
CA ASP H 204 -1.51 -10.79 5.03
C ASP H 204 -2.23 -11.46 6.19
N HIS H 205 -3.48 -11.08 6.40
CA HIS H 205 -4.35 -11.76 7.35
C HIS H 205 -5.36 -12.57 6.57
N LEU H 206 -5.30 -13.89 6.72
CA LEU H 206 -6.16 -14.77 5.95
C LEU H 206 -7.60 -14.78 6.45
N ILE H 207 -7.87 -14.21 7.62
CA ILE H 207 -9.22 -14.18 8.18
C ILE H 207 -9.88 -12.84 7.85
N THR H 208 -9.28 -11.76 8.35
CA THR H 208 -9.81 -10.41 8.14
C THR H 208 -9.55 -9.89 6.72
N LYS H 209 -8.74 -10.58 5.92
CA LYS H 209 -8.41 -10.23 4.54
C LYS H 209 -7.56 -8.97 4.39
N GLU H 210 -7.13 -8.35 5.49
CA GLU H 210 -6.16 -7.27 5.42
C GLU H 210 -4.89 -7.74 4.72
N ALA H 211 -4.31 -6.84 3.92
CA ALA H 211 -3.05 -7.09 3.24
C ALA H 211 -2.21 -5.83 3.29
N LEU H 212 -0.89 -6.00 3.40
CA LEU H 212 0.04 -4.89 3.34
C LEU H 212 0.25 -4.44 1.90
N SER H 213 0.50 -3.15 1.72
CA SER H 213 0.86 -2.65 0.41
C SER H 213 2.30 -3.08 0.11
N PRO H 214 2.67 -3.07 -1.17
CA PRO H 214 4.08 -3.39 -1.52
C PRO H 214 5.08 -2.59 -0.71
N LYS H 215 4.81 -1.30 -0.48
CA LYS H 215 5.72 -0.46 0.28
C LYS H 215 5.80 -0.91 1.75
N GLU H 216 4.65 -1.13 2.40
CA GLU H 216 4.68 -1.56 3.79
C GLU H 216 5.28 -2.95 3.95
N ARG H 217 5.13 -3.82 2.93
CA ARG H 217 5.76 -5.13 3.00
C ARG H 217 7.26 -5.01 3.19
N VAL H 218 7.89 -4.13 2.41
CA VAL H 218 9.34 -3.97 2.47
C VAL H 218 9.77 -3.41 3.83
N GLU H 219 9.02 -2.43 4.36
CA GLU H 219 9.41 -1.81 5.62
C GLU H 219 9.26 -2.77 6.80
N SER H 220 8.17 -3.54 6.84
CA SER H 220 7.98 -4.47 7.95
C SER H 220 8.98 -5.63 7.87
N PHE H 221 9.27 -6.10 6.66
CA PHE H 221 10.29 -7.13 6.50
C PHE H 221 11.65 -6.62 6.98
N ASP H 222 11.96 -5.33 6.71
CA ASP H 222 13.23 -4.78 7.18
C ASP H 222 13.37 -4.87 8.70
N ASN H 223 12.26 -4.66 9.42
CA ASN H 223 12.30 -4.82 10.88
C ASN H 223 12.70 -6.23 11.27
N MET H 224 12.21 -7.23 10.52
CA MET H 224 12.56 -8.61 10.81
C MET H 224 14.00 -8.91 10.42
N ILE H 225 14.47 -8.35 9.30
CA ILE H 225 15.87 -8.53 8.92
C ILE H 225 16.79 -8.02 10.02
N ILE H 226 16.50 -6.82 10.53
CA ILE H 226 17.33 -6.25 11.60
C ILE H 226 17.31 -7.14 12.84
N LEU H 227 16.13 -7.59 13.28
CA LEU H 227 16.06 -8.53 14.40
C LEU H 227 16.98 -9.72 14.19
N ALA H 228 16.88 -10.36 13.03
CA ALA H 228 17.69 -11.54 12.74
C ALA H 228 19.17 -11.22 12.75
N LEU H 229 19.57 -10.14 12.09
CA LEU H 229 21.00 -9.82 12.02
C LEU H 229 21.54 -9.45 13.40
N GLU H 230 20.74 -8.74 14.19
CA GLU H 230 21.14 -8.41 15.56
C GLU H 230 21.26 -9.67 16.43
N MET H 231 20.36 -10.65 16.27
CA MET H 231 20.56 -11.86 17.04
C MET H 231 21.80 -12.63 16.61
N MET H 232 22.26 -12.43 15.37
CA MET H 232 23.44 -13.14 14.85
C MET H 232 24.74 -12.41 15.13
N SER H 233 24.67 -11.21 15.70
CA SER H 233 25.86 -10.43 16.02
C SER H 233 26.39 -10.84 17.38
N MET I 1 -4.90 -76.42 -11.73
CA MET I 1 -3.54 -75.98 -11.42
C MET I 1 -3.49 -74.93 -10.31
N THR I 2 -4.58 -74.19 -10.15
CA THR I 2 -4.68 -73.16 -9.11
C THR I 2 -5.98 -73.38 -8.36
N PRO I 3 -6.12 -72.75 -7.18
CA PRO I 3 -7.39 -72.91 -6.46
C PRO I 3 -8.58 -72.28 -7.16
N HIS I 4 -8.35 -71.42 -8.16
CA HIS I 4 -9.44 -70.68 -8.77
C HIS I 4 -9.61 -70.91 -10.26
N ILE I 5 -8.70 -71.64 -10.89
CA ILE I 5 -8.75 -71.91 -12.33
C ILE I 5 -8.34 -73.36 -12.54
N ASN I 6 -9.16 -74.12 -13.28
CA ASN I 6 -8.86 -75.53 -13.53
C ASN I 6 -8.51 -75.80 -14.99
N ALA I 7 -8.08 -74.79 -15.73
CA ALA I 7 -7.55 -74.98 -17.06
C ALA I 7 -6.19 -75.67 -16.99
N LYS I 8 -5.83 -76.36 -18.07
CA LYS I 8 -4.48 -76.89 -18.14
C LYS I 8 -3.52 -75.83 -18.65
N ILE I 9 -2.24 -76.04 -18.34
CA ILE I 9 -1.20 -75.10 -18.77
C ILE I 9 -1.16 -75.09 -20.28
N GLY I 10 -1.30 -73.91 -20.86
CA GLY I 10 -1.34 -73.76 -22.30
C GLY I 10 -2.73 -73.55 -22.87
N ASP I 11 -3.79 -73.69 -22.05
CA ASP I 11 -5.15 -73.49 -22.55
C ASP I 11 -5.47 -72.05 -22.87
N PHE I 12 -4.72 -71.09 -22.33
CA PHE I 12 -4.97 -69.66 -22.54
C PHE I 12 -4.06 -69.14 -23.65
N TYR I 13 -4.64 -68.37 -24.56
CA TYR I 13 -3.83 -67.57 -25.46
C TYR I 13 -3.15 -66.47 -24.65
N PRO I 14 -2.09 -65.88 -25.18
CA PRO I 14 -1.40 -64.82 -24.43
C PRO I 14 -2.17 -63.51 -24.34
N GLN I 15 -3.25 -63.37 -25.11
CA GLN I 15 -4.14 -62.22 -25.10
C GLN I 15 -5.45 -62.68 -24.47
N CYS I 16 -5.93 -61.96 -23.45
CA CYS I 16 -7.15 -62.37 -22.75
C CYS I 16 -8.05 -61.16 -22.47
N LEU I 17 -9.30 -61.29 -22.89
CA LEU I 17 -10.35 -60.35 -22.58
C LEU I 17 -10.94 -60.73 -21.23
N LEU I 18 -11.09 -59.74 -20.35
CA LEU I 18 -11.58 -59.99 -18.99
C LEU I 18 -12.91 -59.28 -18.78
N OCS I 19 -13.77 -59.89 -17.95
CA OCS I 19 -15.03 -59.26 -17.60
CB OCS I 19 -16.08 -59.59 -18.67
SG OCS I 19 -17.57 -58.62 -18.62
C OCS I 19 -15.44 -59.82 -16.25
O OCS I 19 -15.14 -60.97 -15.97
OD1 OCS I 19 -18.39 -59.06 -17.54
OD2 OCS I 19 -17.26 -57.25 -18.44
OD3 OCS I 19 -18.25 -58.82 -19.86
N GLY I 20 -16.10 -59.03 -15.42
CA GLY I 20 -16.50 -59.49 -14.09
C GLY I 20 -17.52 -60.61 -14.14
N ASP I 21 -18.37 -60.61 -15.18
CA ASP I 21 -19.54 -61.47 -15.23
C ASP I 21 -19.26 -62.69 -16.09
N PRO I 22 -19.11 -63.89 -15.52
CA PRO I 22 -18.81 -65.10 -16.31
C PRO I 22 -19.91 -65.48 -17.29
N LEU I 23 -21.16 -65.07 -17.04
CA LEU I 23 -22.22 -65.34 -18.00
C LEU I 23 -22.09 -64.45 -19.22
N ARG I 24 -21.63 -63.21 -19.05
CA ARG I 24 -21.31 -62.38 -20.21
C ARG I 24 -20.11 -62.95 -20.96
N VAL I 25 -19.14 -63.51 -20.24
CA VAL I 25 -18.01 -64.15 -20.88
C VAL I 25 -18.50 -65.27 -21.80
N SER I 26 -19.40 -66.11 -21.29
CA SER I 26 -19.95 -67.19 -22.10
C SER I 26 -20.71 -66.65 -23.31
N TYR I 27 -21.50 -65.61 -23.11
CA TYR I 27 -22.22 -64.96 -24.21
C TYR I 27 -21.26 -64.48 -25.29
N ILE I 28 -20.12 -63.88 -24.90
CA ILE I 28 -19.14 -63.44 -25.89
C ILE I 28 -18.58 -64.63 -26.67
N ALA I 29 -18.23 -65.71 -25.96
CA ALA I 29 -17.68 -66.89 -26.61
C ALA I 29 -18.64 -67.45 -27.64
N LYS I 30 -19.93 -67.52 -27.29
CA LYS I 30 -20.91 -68.12 -28.18
C LYS I 30 -21.30 -67.20 -29.32
N LYS I 31 -21.28 -65.88 -29.10
CA LYS I 31 -21.79 -64.98 -30.13
C LYS I 31 -20.70 -64.49 -31.07
N PHE I 32 -19.49 -64.23 -30.54
CA PHE I 32 -18.46 -63.55 -31.31
C PHE I 32 -17.27 -64.42 -31.68
N LEU I 33 -17.08 -65.56 -31.05
CA LEU I 33 -15.91 -66.39 -31.31
C LEU I 33 -16.28 -67.64 -32.09
N GLN I 34 -15.28 -68.16 -32.80
CA GLN I 34 -15.42 -69.42 -33.52
C GLN I 34 -14.68 -70.51 -32.77
N ASP I 35 -15.33 -71.68 -32.67
CA ASP I 35 -14.73 -72.86 -32.06
C ASP I 35 -14.26 -72.59 -30.62
N ALA I 36 -15.08 -71.84 -29.88
CA ALA I 36 -14.75 -71.58 -28.48
C ALA I 36 -14.88 -72.86 -27.66
N LYS I 37 -13.93 -73.05 -26.75
CA LYS I 37 -13.90 -74.18 -25.83
C LYS I 37 -13.89 -73.63 -24.41
N GLU I 38 -14.78 -74.14 -23.57
CA GLU I 38 -14.71 -73.79 -22.16
C GLU I 38 -13.46 -74.41 -21.56
N ILE I 39 -12.60 -73.60 -20.95
CA ILE I 39 -11.34 -74.09 -20.41
C ILE I 39 -11.26 -74.05 -18.90
N THR I 40 -12.16 -73.34 -18.23
CA THR I 40 -12.13 -73.32 -16.77
C THR I 40 -13.52 -73.01 -16.25
N ASN I 41 -13.82 -73.51 -15.02
CA ASN I 41 -15.16 -73.29 -14.46
C ASN I 41 -15.20 -73.35 -12.94
N VAL I 42 -14.06 -73.26 -12.23
CA VAL I 42 -14.08 -73.25 -10.77
C VAL I 42 -14.94 -72.09 -10.26
N ARG I 43 -15.74 -72.36 -9.24
CA ARG I 43 -16.62 -71.34 -8.65
C ARG I 43 -17.57 -70.73 -9.68
N ASN I 44 -17.92 -71.48 -10.72
CA ASN I 44 -18.75 -70.98 -11.83
C ASN I 44 -18.10 -69.83 -12.58
N MET I 45 -16.80 -69.60 -12.40
CA MET I 45 -16.15 -68.45 -13.04
C MET I 45 -15.55 -68.97 -14.34
N LEU I 46 -16.28 -68.77 -15.43
CA LEU I 46 -15.99 -69.41 -16.71
C LEU I 46 -14.91 -68.67 -17.48
N GLY I 47 -14.10 -69.44 -18.22
CA GLY I 47 -13.18 -68.89 -19.18
C GLY I 47 -13.16 -69.76 -20.42
N PHE I 48 -12.73 -69.16 -21.54
CA PHE I 48 -12.83 -69.79 -22.85
C PHE I 48 -11.63 -69.42 -23.69
N SER I 49 -11.36 -70.26 -24.70
CA SER I 49 -10.41 -69.96 -25.76
C SER I 49 -11.07 -70.23 -27.09
N GLY I 50 -10.94 -69.28 -28.01
CA GLY I 50 -11.58 -69.39 -29.31
C GLY I 50 -10.85 -68.52 -30.30
N LYS I 51 -11.49 -68.30 -31.45
CA LYS I 51 -10.89 -67.47 -32.49
C LYS I 51 -11.83 -66.35 -32.92
N TYR I 52 -11.26 -65.18 -33.19
CA TYR I 52 -11.99 -64.05 -33.72
C TYR I 52 -11.28 -63.62 -34.98
N LYS I 53 -11.97 -63.75 -36.12
CA LYS I 53 -11.38 -63.39 -37.41
C LYS I 53 -10.03 -64.09 -37.61
N GLY I 54 -9.98 -65.37 -37.22
CA GLY I 54 -8.80 -66.19 -37.40
C GLY I 54 -7.77 -66.12 -36.29
N ARG I 55 -7.95 -65.23 -35.31
CA ARG I 55 -6.92 -64.94 -34.32
C ARG I 55 -7.31 -65.53 -32.97
N GLY I 56 -6.37 -66.22 -32.33
CA GLY I 56 -6.59 -66.77 -31.01
C GLY I 56 -6.86 -65.72 -29.96
N ILE I 57 -7.94 -65.93 -29.22
CA ILE I 57 -8.46 -65.03 -28.19
C ILE I 57 -8.90 -65.88 -27.00
N SER I 58 -8.53 -65.46 -25.80
CA SER I 58 -9.10 -66.06 -24.59
C SER I 58 -9.98 -65.05 -23.88
N LEU I 59 -10.91 -65.58 -23.09
CA LEU I 59 -11.88 -64.80 -22.33
C LEU I 59 -11.89 -65.37 -20.93
N MET I 60 -11.93 -64.50 -19.92
CA MET I 60 -11.96 -65.00 -18.54
C MET I 60 -12.81 -64.07 -17.68
N GLY I 61 -13.69 -64.65 -16.86
CA GLY I 61 -14.39 -63.87 -15.85
C GLY I 61 -13.51 -63.65 -14.63
N HIS I 62 -13.74 -62.52 -13.94
CA HIS I 62 -12.95 -62.19 -12.75
C HIS I 62 -13.74 -61.81 -11.51
N GLY I 63 -15.08 -61.84 -11.54
CA GLY I 63 -15.87 -61.49 -10.36
C GLY I 63 -15.85 -60.00 -10.09
N MET I 64 -16.39 -59.62 -8.93
CA MET I 64 -16.49 -58.22 -8.55
C MET I 64 -15.56 -57.81 -7.42
N GLY I 65 -14.98 -56.62 -7.59
CA GLY I 65 -14.13 -56.01 -6.60
C GLY I 65 -12.66 -56.30 -6.82
N ILE I 66 -11.83 -55.43 -6.25
CA ILE I 66 -10.40 -55.52 -6.46
C ILE I 66 -9.85 -56.85 -5.99
N ALA I 67 -10.32 -57.36 -4.85
CA ALA I 67 -9.71 -58.57 -4.31
C ALA I 67 -10.00 -59.78 -5.21
N SER I 68 -11.22 -59.89 -5.73
CA SER I 68 -11.53 -60.97 -6.65
C SER I 68 -10.74 -60.81 -7.95
N CYS I 69 -10.77 -59.61 -8.54
CA CYS I 69 -10.04 -59.39 -9.78
C CYS I 69 -8.57 -59.74 -9.63
N THR I 70 -7.95 -59.29 -8.53
CA THR I 70 -6.53 -59.57 -8.28
C THR I 70 -6.23 -61.08 -8.30
N ILE I 71 -7.09 -61.90 -7.70
CA ILE I 71 -6.83 -63.34 -7.68
C ILE I 71 -6.71 -63.90 -9.10
N TYR I 72 -7.70 -63.62 -9.92
CA TYR I 72 -7.72 -64.18 -11.27
C TYR I 72 -6.59 -63.63 -12.12
N VAL I 73 -6.35 -62.32 -12.06
CA VAL I 73 -5.28 -61.72 -12.87
C VAL I 73 -3.92 -62.28 -12.47
N THR I 74 -3.69 -62.42 -11.16
CA THR I 74 -2.43 -62.97 -10.69
C THR I 74 -2.19 -64.36 -11.28
N GLU I 75 -3.20 -65.23 -11.21
CA GLU I 75 -3.03 -66.59 -11.72
C GLU I 75 -2.89 -66.63 -13.24
N LEU I 76 -3.66 -65.82 -13.97
CA LEU I 76 -3.52 -65.75 -15.42
C LEU I 76 -2.08 -65.41 -15.83
N ILE I 77 -1.48 -64.46 -15.12
CA ILE I 77 -0.13 -64.05 -15.50
C ILE I 77 0.90 -65.07 -15.05
N LYS I 78 0.87 -65.44 -13.77
CA LYS I 78 1.95 -66.26 -13.22
C LYS I 78 1.89 -67.71 -13.68
N THR I 79 0.68 -68.26 -13.80
CA THR I 79 0.52 -69.67 -14.13
C THR I 79 0.23 -69.92 -15.60
N TYR I 80 -0.65 -69.12 -16.20
CA TYR I 80 -1.10 -69.35 -17.56
C TYR I 80 -0.41 -68.48 -18.60
N GLN I 81 0.58 -67.71 -18.19
CA GLN I 81 1.48 -67.00 -19.10
C GLN I 81 0.74 -65.96 -19.94
N VAL I 82 -0.36 -65.41 -19.43
CA VAL I 82 -1.06 -64.36 -20.16
C VAL I 82 -0.24 -63.08 -20.09
N LYS I 83 -0.05 -62.42 -21.24
CA LYS I 83 0.78 -61.23 -21.35
C LYS I 83 0.01 -59.95 -21.55
N GLU I 84 -1.18 -60.02 -22.13
CA GLU I 84 -2.01 -58.85 -22.42
C GLU I 84 -3.40 -59.11 -21.88
N LEU I 85 -3.89 -58.22 -21.04
CA LEU I 85 -5.17 -58.35 -20.36
C LEU I 85 -6.01 -57.13 -20.68
N LEU I 86 -7.12 -57.33 -21.39
CA LEU I 86 -8.01 -56.26 -21.77
C LEU I 86 -9.33 -56.45 -21.03
N ARG I 87 -9.60 -55.59 -20.06
CA ARG I 87 -10.81 -55.71 -19.25
C ARG I 87 -11.90 -54.81 -19.82
N ILE I 88 -13.11 -55.36 -19.95
CA ILE I 88 -14.29 -54.58 -20.23
C ILE I 88 -15.28 -54.75 -19.07
N GLY I 89 -16.28 -53.88 -19.04
CA GLY I 89 -17.27 -53.93 -17.98
C GLY I 89 -18.15 -52.71 -18.05
N THR I 90 -19.13 -52.65 -17.14
CA THR I 90 -19.96 -51.46 -17.06
C THR I 90 -19.41 -50.53 -15.97
N CYS I 91 -20.01 -49.35 -15.87
CA CYS I 91 -19.59 -48.40 -14.86
C CYS I 91 -20.73 -47.42 -14.62
N GLY I 92 -20.65 -46.69 -13.51
CA GLY I 92 -21.61 -45.67 -13.21
C GLY I 92 -20.99 -44.30 -13.39
N ALA I 93 -21.52 -43.49 -14.32
CA ALA I 93 -20.92 -42.20 -14.62
C ALA I 93 -21.15 -41.20 -13.50
N ILE I 94 -20.14 -40.36 -13.27
CA ILE I 94 -20.23 -39.29 -12.28
C ILE I 94 -19.90 -37.93 -12.88
N SER I 95 -19.53 -37.86 -14.14
CA SER I 95 -19.10 -36.63 -14.80
C SER I 95 -20.16 -36.15 -15.80
N PRO I 96 -20.38 -34.84 -15.90
CA PRO I 96 -21.26 -34.33 -16.95
C PRO I 96 -20.68 -34.48 -18.36
N LYS I 97 -19.41 -34.88 -18.48
CA LYS I 97 -18.78 -35.03 -19.78
C LYS I 97 -19.08 -36.36 -20.46
N VAL I 98 -19.75 -37.29 -19.77
CA VAL I 98 -20.11 -38.57 -20.35
C VAL I 98 -21.59 -38.84 -20.10
N GLY I 99 -22.16 -39.70 -20.94
CA GLY I 99 -23.56 -40.07 -20.83
C GLY I 99 -23.72 -41.56 -21.08
N LEU I 100 -24.98 -42.00 -20.99
CA LEU I 100 -25.28 -43.41 -21.19
C LEU I 100 -24.74 -43.88 -22.53
N LYS I 101 -24.25 -45.13 -22.55
CA LYS I 101 -23.68 -45.84 -23.69
C LYS I 101 -22.25 -45.42 -24.04
N ASP I 102 -21.71 -44.36 -23.43
CA ASP I 102 -20.36 -43.96 -23.76
C ASP I 102 -19.39 -45.05 -23.32
N ILE I 103 -18.30 -45.19 -24.08
CA ILE I 103 -17.21 -46.08 -23.70
C ILE I 103 -16.06 -45.23 -23.21
N ILE I 104 -15.51 -45.58 -22.05
CA ILE I 104 -14.45 -44.83 -21.39
C ILE I 104 -13.21 -45.69 -21.39
N MET I 105 -12.06 -45.10 -21.72
CA MET I 105 -10.80 -45.81 -21.54
C MET I 105 -10.12 -45.21 -20.32
N ALA I 106 -9.82 -46.04 -19.32
CA ALA I 106 -9.34 -45.57 -18.02
C ALA I 106 -7.83 -45.40 -18.08
N THR I 107 -7.38 -44.14 -18.20
CA THR I 107 -5.95 -43.86 -18.19
C THR I 107 -5.36 -43.88 -16.79
N GLY I 108 -6.22 -43.91 -15.78
CA GLY I 108 -5.80 -44.10 -14.41
C GLY I 108 -6.97 -44.65 -13.63
N ALA I 109 -6.67 -45.37 -12.56
CA ALA I 109 -7.70 -45.90 -11.67
C ALA I 109 -7.38 -45.50 -10.24
N SER I 110 -8.07 -44.48 -9.75
CA SER I 110 -8.02 -44.09 -8.35
C SER I 110 -8.81 -45.10 -7.54
N THR I 111 -8.65 -45.07 -6.21
CA THR I 111 -9.34 -46.08 -5.40
C THR I 111 -9.47 -45.63 -3.95
N ASP I 112 -10.50 -46.17 -3.30
CA ASP I 112 -10.65 -46.12 -1.85
C ASP I 112 -10.17 -47.40 -1.16
N SER I 113 -9.59 -48.33 -1.91
CA SER I 113 -9.03 -49.56 -1.34
C SER I 113 -7.72 -49.25 -0.62
N LYS I 114 -7.38 -50.09 0.34
CA LYS I 114 -6.06 -50.05 0.97
C LYS I 114 -5.03 -50.92 0.24
N THR I 115 -5.43 -51.66 -0.80
CA THR I 115 -4.55 -52.67 -1.38
C THR I 115 -3.27 -52.09 -1.95
N ASN I 116 -3.36 -50.92 -2.59
CA ASN I 116 -2.15 -50.34 -3.18
C ASN I 116 -1.23 -49.74 -2.13
N ARG I 117 -1.78 -49.22 -1.03
CA ARG I 117 -0.93 -48.81 0.08
C ARG I 117 -0.19 -50.01 0.69
N VAL I 118 -0.88 -51.16 0.78
CA VAL I 118 -0.22 -52.35 1.31
C VAL I 118 0.88 -52.82 0.36
N ARG I 119 0.63 -52.73 -0.95
CA ARG I 119 1.61 -53.11 -1.96
C ARG I 119 2.78 -52.15 -2.05
N PHE I 120 2.56 -50.87 -1.76
CA PHE I 120 3.47 -49.83 -2.24
C PHE I 120 3.93 -48.93 -1.09
N LEU I 121 4.40 -49.56 -0.01
CA LEU I 121 5.16 -48.86 1.03
C LEU I 121 4.32 -47.79 1.73
N ASN I 122 3.01 -47.96 1.73
CA ASN I 122 2.05 -47.04 2.34
C ASN I 122 2.00 -45.69 1.62
N HIS I 123 2.57 -45.61 0.43
CA HIS I 123 2.52 -44.40 -0.37
C HIS I 123 1.36 -44.49 -1.36
N ASP I 124 1.33 -43.56 -2.32
CA ASP I 124 0.27 -43.46 -3.32
C ASP I 124 0.80 -44.07 -4.59
N LEU I 125 0.30 -45.24 -4.95
CA LEU I 125 0.60 -45.84 -6.25
C LEU I 125 -0.39 -45.26 -7.27
N SER I 126 0.12 -44.66 -8.34
CA SER I 126 -0.73 -44.19 -9.44
C SER I 126 -0.95 -45.39 -10.37
N ALA I 127 -2.11 -46.03 -10.24
CA ALA I 127 -2.39 -47.26 -10.97
C ALA I 127 -2.80 -46.92 -12.41
N THR I 128 -2.03 -47.40 -13.37
CA THR I 128 -2.15 -46.96 -14.75
C THR I 128 -2.06 -48.14 -15.70
N PRO I 129 -2.64 -48.00 -16.90
CA PRO I 129 -2.56 -49.05 -17.91
C PRO I 129 -1.26 -49.01 -18.71
N ASP I 130 -1.05 -50.05 -19.49
CA ASP I 130 0.05 -50.10 -20.45
C ASP I 130 -0.21 -49.13 -21.60
N PHE I 131 0.82 -48.36 -21.96
CA PHE I 131 0.60 -47.30 -22.94
C PHE I 131 0.31 -47.86 -24.34
N GLU I 132 1.04 -48.92 -24.76
CA GLU I 132 0.79 -49.49 -26.09
C GLU I 132 -0.66 -49.96 -26.22
N LEU I 133 -1.22 -50.58 -25.18
CA LEU I 133 -2.61 -51.00 -25.27
C LEU I 133 -3.53 -49.79 -25.35
N SER I 134 -3.23 -48.73 -24.60
CA SER I 134 -4.05 -47.52 -24.65
C SER I 134 -4.04 -46.93 -26.05
N LEU I 135 -2.87 -46.88 -26.68
CA LEU I 135 -2.78 -46.39 -28.06
C LEU I 135 -3.59 -47.27 -29.00
N ARG I 136 -3.51 -48.58 -28.82
CA ARG I 136 -4.26 -49.49 -29.69
C ARG I 136 -5.76 -49.30 -29.55
N ALA I 137 -6.24 -49.15 -28.31
CA ALA I 137 -7.65 -48.83 -28.11
C ALA I 137 -8.03 -47.51 -28.75
N TYR I 138 -7.20 -46.47 -28.58
CA TYR I 138 -7.52 -45.19 -29.18
C TYR I 138 -7.59 -45.28 -30.70
N GLN I 139 -6.58 -45.92 -31.31
CA GLN I 139 -6.56 -46.05 -32.77
C GLN I 139 -7.73 -46.88 -33.27
N THR I 140 -8.04 -47.98 -32.59
CA THR I 140 -9.13 -48.84 -33.02
C THR I 140 -10.48 -48.13 -32.89
N ALA I 141 -10.68 -47.38 -31.80
CA ALA I 141 -11.90 -46.60 -31.66
C ALA I 141 -12.05 -45.58 -32.78
N LYS I 142 -10.96 -44.88 -33.13
CA LYS I 142 -11.00 -43.98 -34.29
C LYS I 142 -11.41 -44.74 -35.55
N ARG I 143 -10.79 -45.89 -35.79
CA ARG I 143 -11.11 -46.65 -37.00
C ARG I 143 -12.58 -47.04 -37.04
N LEU I 144 -13.14 -47.42 -35.89
CA LEU I 144 -14.53 -47.89 -35.84
C LEU I 144 -15.53 -46.75 -35.70
N GLY I 145 -15.07 -45.51 -35.64
CA GLY I 145 -15.97 -44.38 -35.50
C GLY I 145 -16.59 -44.27 -34.12
N ILE I 146 -15.93 -44.77 -33.10
CA ILE I 146 -16.40 -44.69 -31.72
C ILE I 146 -15.82 -43.43 -31.08
N ASP I 147 -16.68 -42.65 -30.43
CA ASP I 147 -16.24 -41.47 -29.67
C ASP I 147 -15.74 -41.90 -28.29
N LEU I 148 -14.48 -42.34 -28.25
CA LEU I 148 -13.93 -42.89 -27.03
C LEU I 148 -13.66 -41.78 -26.01
N LYS I 149 -14.24 -41.92 -24.82
CA LYS I 149 -13.99 -40.98 -23.73
C LYS I 149 -12.77 -41.47 -22.95
N VAL I 150 -11.89 -40.55 -22.58
CA VAL I 150 -10.60 -40.91 -22.03
C VAL I 150 -10.40 -40.13 -20.74
N GLY I 151 -10.20 -40.85 -19.64
CA GLY I 151 -9.97 -40.19 -18.37
C GLY I 151 -9.73 -41.21 -17.28
N ASN I 152 -9.75 -40.74 -16.03
CA ASN I 152 -9.61 -41.68 -14.93
C ASN I 152 -10.97 -42.31 -14.60
N VAL I 153 -10.91 -43.50 -13.97
CA VAL I 153 -12.05 -44.02 -13.23
C VAL I 153 -11.67 -44.10 -11.76
N PHE I 154 -12.70 -44.21 -10.93
CA PHE I 154 -12.52 -44.48 -9.51
C PHE I 154 -12.98 -45.91 -9.25
N SER I 155 -12.05 -46.77 -8.82
CA SER I 155 -12.34 -48.16 -8.46
C SER I 155 -12.64 -48.21 -6.98
N SER I 156 -13.89 -48.52 -6.63
CA SER I 156 -14.33 -48.51 -5.25
C SER I 156 -14.47 -49.92 -4.71
N ASP I 157 -14.22 -50.05 -3.41
CA ASP I 157 -14.63 -51.23 -2.67
C ASP I 157 -16.14 -51.27 -2.42
N PHE I 158 -16.89 -50.22 -2.78
CA PHE I 158 -18.31 -50.11 -2.47
C PHE I 158 -19.13 -49.94 -3.75
N PHE I 159 -20.15 -50.79 -3.92
CA PHE I 159 -21.16 -50.49 -4.93
C PHE I 159 -22.21 -49.55 -4.34
N TYR I 160 -22.65 -49.83 -3.10
CA TYR I 160 -23.55 -48.96 -2.36
C TYR I 160 -22.67 -48.02 -1.54
N SER I 161 -22.35 -46.87 -2.15
CA SER I 161 -21.38 -45.93 -1.58
C SER I 161 -21.90 -45.24 -0.33
N PHE I 162 -20.98 -44.93 0.58
CA PHE I 162 -21.25 -44.08 1.73
C PHE I 162 -20.70 -42.69 1.52
N GLU I 163 -20.26 -42.38 0.30
CA GLU I 163 -19.56 -41.15 0.00
C GLU I 163 -20.08 -40.52 -1.29
N THR I 164 -21.40 -40.62 -1.51
CA THR I 164 -22.00 -40.02 -2.69
C THR I 164 -21.76 -38.51 -2.72
N HIS I 165 -21.57 -37.89 -1.56
CA HIS I 165 -21.29 -36.46 -1.51
C HIS I 165 -19.98 -36.09 -2.16
N ALA I 166 -19.13 -37.07 -2.47
CA ALA I 166 -17.83 -36.80 -3.07
C ALA I 166 -17.79 -37.03 -4.58
N PHE I 167 -18.88 -37.46 -5.19
CA PHE I 167 -18.86 -37.72 -6.64
C PHE I 167 -18.49 -36.47 -7.43
N ASP I 168 -19.02 -35.31 -7.06
CA ASP I 168 -18.69 -34.08 -7.78
C ASP I 168 -17.20 -33.78 -7.72
N LEU I 169 -16.58 -33.92 -6.54
CA LEU I 169 -15.15 -33.66 -6.43
C LEU I 169 -14.37 -34.62 -7.33
N MET I 170 -14.78 -35.88 -7.34
CA MET I 170 -14.11 -36.88 -8.14
C MET I 170 -14.22 -36.54 -9.63
N ALA I 171 -15.41 -36.08 -10.06
CA ALA I 171 -15.59 -35.69 -11.45
C ALA I 171 -14.77 -34.47 -11.80
N LYS I 172 -14.61 -33.55 -10.85
CA LYS I 172 -13.79 -32.37 -11.09
C LYS I 172 -12.37 -32.78 -11.43
N TYR I 173 -11.85 -33.80 -10.74
CA TYR I 173 -10.51 -34.32 -10.94
C TYR I 173 -10.45 -35.34 -12.08
N ASN I 174 -11.34 -35.23 -13.06
CA ASN I 174 -11.26 -36.06 -14.27
C ASN I 174 -11.55 -37.53 -14.02
N HIS I 175 -12.35 -37.85 -13.01
CA HIS I 175 -12.89 -39.20 -12.87
C HIS I 175 -14.24 -39.23 -13.56
N LEU I 176 -14.34 -40.01 -14.64
CA LEU I 176 -15.54 -40.01 -15.47
C LEU I 176 -16.61 -40.95 -14.93
N ALA I 177 -16.21 -42.00 -14.22
CA ALA I 177 -17.15 -43.01 -13.78
C ALA I 177 -16.52 -43.81 -12.63
N ILE I 178 -17.38 -44.61 -11.98
CA ILE I 178 -16.99 -45.48 -10.88
C ILE I 178 -17.23 -46.92 -11.30
N GLU I 179 -16.25 -47.77 -11.03
CA GLU I 179 -16.38 -49.22 -11.13
C GLU I 179 -15.63 -49.82 -9.95
N MET I 180 -15.35 -51.13 -9.98
CA MET I 180 -14.83 -51.79 -8.79
C MET I 180 -13.59 -52.65 -9.00
N GLU I 181 -12.98 -52.67 -10.19
CA GLU I 181 -11.88 -53.61 -10.39
C GLU I 181 -10.62 -53.02 -11.02
N ALA I 182 -10.75 -51.92 -11.76
CA ALA I 182 -9.66 -51.43 -12.61
C ALA I 182 -8.36 -51.19 -11.82
N ALA I 183 -8.45 -50.62 -10.61
CA ALA I 183 -7.23 -50.35 -9.85
C ALA I 183 -6.51 -51.65 -9.50
N GLY I 184 -7.25 -52.74 -9.25
CA GLY I 184 -6.62 -54.01 -8.95
C GLY I 184 -6.02 -54.68 -10.17
N LEU I 185 -6.70 -54.60 -11.30
CA LEU I 185 -6.10 -55.06 -12.55
C LEU I 185 -4.81 -54.31 -12.84
N TYR I 186 -4.84 -52.99 -12.73
CA TYR I 186 -3.66 -52.19 -13.06
C TYR I 186 -2.51 -52.45 -12.10
N ALA I 187 -2.78 -52.50 -10.79
CA ALA I 187 -1.73 -52.74 -9.82
C ALA I 187 -1.11 -54.13 -9.98
N THR I 188 -1.94 -55.15 -10.27
CA THR I 188 -1.41 -56.49 -10.42
C THR I 188 -0.57 -56.59 -11.70
N ALA I 189 -1.03 -55.98 -12.79
CA ALA I 189 -0.24 -56.03 -14.02
C ALA I 189 1.06 -55.27 -13.86
N MET I 190 1.05 -54.19 -13.08
CA MET I 190 2.27 -53.46 -12.78
C MET I 190 3.20 -54.34 -11.93
N GLU I 191 2.64 -54.98 -10.91
CA GLU I 191 3.43 -55.88 -10.05
C GLU I 191 4.14 -56.96 -10.85
N LEU I 192 3.45 -57.53 -11.85
CA LEU I 192 3.92 -58.72 -12.54
C LEU I 192 4.42 -58.43 -13.95
N ASN I 193 4.65 -57.15 -14.29
CA ASN I 193 5.26 -56.78 -15.56
C ASN I 193 4.46 -57.30 -16.76
N ALA I 194 3.14 -57.12 -16.70
CA ALA I 194 2.25 -57.48 -17.81
C ALA I 194 1.50 -56.24 -18.31
N LYS I 195 0.84 -56.38 -19.46
CA LYS I 195 0.17 -55.27 -20.12
C LYS I 195 -1.33 -55.34 -19.90
N ALA I 196 -1.91 -54.26 -19.37
CA ALA I 196 -3.34 -54.26 -19.08
C ALA I 196 -3.98 -52.93 -19.45
N LEU I 197 -5.27 -52.99 -19.74
CA LEU I 197 -6.08 -51.83 -20.02
C LEU I 197 -7.53 -52.14 -19.65
N CYS I 198 -8.25 -51.13 -19.18
CA CYS I 198 -9.66 -51.27 -18.88
CA CYS I 198 -9.67 -51.23 -18.86
C CYS I 198 -10.46 -50.27 -19.72
N LEU I 199 -11.48 -50.79 -20.40
CA LEU I 199 -12.54 -50.01 -21.01
C LEU I 199 -13.81 -50.24 -20.21
N CYS I 200 -14.69 -49.25 -20.17
CA CYS I 200 -15.95 -49.50 -19.49
CA CYS I 200 -15.92 -49.39 -19.40
C CYS I 200 -17.05 -48.70 -20.16
N SER I 201 -18.25 -49.28 -20.10
CA SER I 201 -19.43 -48.74 -20.76
C SER I 201 -20.37 -48.16 -19.72
N VAL I 202 -20.87 -46.96 -19.97
CA VAL I 202 -21.75 -46.28 -19.02
C VAL I 202 -23.14 -46.90 -19.09
N SER I 203 -23.51 -47.62 -18.03
CA SER I 203 -24.84 -48.24 -17.95
C SER I 203 -25.84 -47.40 -17.16
N ASP I 204 -25.35 -46.53 -16.28
CA ASP I 204 -26.18 -45.72 -15.41
C ASP I 204 -25.39 -44.45 -15.12
N HIS I 205 -26.10 -43.36 -14.92
CA HIS I 205 -25.48 -42.13 -14.46
C HIS I 205 -25.80 -41.97 -12.99
N LEU I 206 -24.77 -41.85 -12.15
CA LEU I 206 -24.99 -41.82 -10.71
C LEU I 206 -25.43 -40.45 -10.21
N ILE I 207 -25.36 -39.43 -11.05
CA ILE I 207 -25.69 -38.06 -10.64
C ILE I 207 -27.12 -37.71 -11.02
N THR I 208 -27.48 -37.94 -12.28
CA THR I 208 -28.82 -37.66 -12.76
C THR I 208 -29.76 -38.83 -12.57
N LYS I 209 -29.23 -40.05 -12.43
CA LYS I 209 -29.97 -41.30 -12.21
C LYS I 209 -30.57 -41.90 -13.48
N GLU I 210 -30.14 -41.46 -14.66
CA GLU I 210 -30.54 -42.15 -15.90
C GLU I 210 -30.01 -43.58 -15.89
N ALA I 211 -30.79 -44.49 -16.48
CA ALA I 211 -30.44 -45.89 -16.56
C ALA I 211 -30.81 -46.43 -17.93
N LEU I 212 -29.98 -47.32 -18.46
CA LEU I 212 -30.33 -48.01 -19.68
C LEU I 212 -31.34 -49.11 -19.37
N SER I 213 -32.17 -49.43 -20.35
CA SER I 213 -33.08 -50.54 -20.19
C SER I 213 -32.30 -51.84 -20.36
N PRO I 214 -32.85 -52.98 -19.88
CA PRO I 214 -32.14 -54.25 -20.05
C PRO I 214 -31.72 -54.51 -21.48
N LYS I 215 -32.56 -54.11 -22.44
CA LYS I 215 -32.23 -54.33 -23.84
C LYS I 215 -31.17 -53.37 -24.34
N GLU I 216 -31.25 -52.09 -23.94
CA GLU I 216 -30.22 -51.14 -24.31
C GLU I 216 -28.88 -51.47 -23.68
N ARG I 217 -28.89 -52.13 -22.51
CA ARG I 217 -27.64 -52.56 -21.91
C ARG I 217 -26.92 -53.56 -22.80
N VAL I 218 -27.67 -54.49 -23.38
CA VAL I 218 -27.05 -55.52 -24.21
C VAL I 218 -26.49 -54.90 -25.49
N GLU I 219 -27.27 -54.02 -26.14
CA GLU I 219 -26.82 -53.47 -27.42
C GLU I 219 -25.61 -52.56 -27.25
N SER I 220 -25.58 -51.74 -26.19
CA SER I 220 -24.41 -50.87 -25.99
C SER I 220 -23.20 -51.68 -25.53
N PHE I 221 -23.41 -52.73 -24.74
CA PHE I 221 -22.27 -53.56 -24.34
C PHE I 221 -21.65 -54.27 -25.55
N ASP I 222 -22.47 -54.63 -26.54
CA ASP I 222 -21.95 -55.27 -27.75
C ASP I 222 -20.98 -54.36 -28.49
N ASN I 223 -21.26 -53.07 -28.50
CA ASN I 223 -20.36 -52.12 -29.14
C ASN I 223 -18.99 -52.15 -28.49
N MET I 224 -18.94 -52.32 -27.16
CA MET I 224 -17.62 -52.34 -26.54
C MET I 224 -16.95 -53.71 -26.68
N ILE I 225 -17.73 -54.79 -26.74
CA ILE I 225 -17.14 -56.09 -27.07
C ILE I 225 -16.42 -56.06 -28.40
N ILE I 226 -17.07 -55.46 -29.42
CA ILE I 226 -16.48 -55.40 -30.75
C ILE I 226 -15.21 -54.54 -30.75
N LEU I 227 -15.25 -53.39 -30.09
CA LEU I 227 -14.04 -52.60 -29.92
C LEU I 227 -12.92 -53.45 -29.34
N ALA I 228 -13.20 -54.18 -28.25
CA ALA I 228 -12.17 -54.96 -27.61
C ALA I 228 -11.64 -56.06 -28.53
N LEU I 229 -12.55 -56.82 -29.15
CA LEU I 229 -12.11 -57.89 -30.03
C LEU I 229 -11.32 -57.36 -31.23
N GLU I 230 -11.78 -56.25 -31.81
CA GLU I 230 -11.05 -55.66 -32.93
C GLU I 230 -9.66 -55.22 -32.52
N MET I 231 -9.53 -54.67 -31.31
CA MET I 231 -8.19 -54.27 -30.90
C MET I 231 -7.28 -55.47 -30.63
N MET I 232 -7.84 -56.65 -30.35
CA MET I 232 -6.97 -57.81 -30.14
C MET I 232 -6.75 -58.64 -31.41
N SER I 233 -7.29 -58.22 -32.55
CA SER I 233 -7.12 -58.98 -33.79
C SER I 233 -5.75 -58.79 -34.43
N MET J 1 -17.16 -30.86 41.38
CA MET J 1 -18.29 -30.64 40.48
C MET J 1 -18.11 -31.34 39.14
N THR J 2 -17.14 -32.26 39.06
CA THR J 2 -16.93 -33.06 37.86
C THR J 2 -16.98 -34.54 38.20
N PRO J 3 -17.03 -35.44 37.21
CA PRO J 3 -16.95 -36.87 37.54
C PRO J 3 -15.64 -37.29 38.16
N HIS J 4 -14.57 -36.48 38.02
CA HIS J 4 -13.22 -36.92 38.39
C HIS J 4 -12.56 -36.06 39.45
N ILE J 5 -13.19 -34.95 39.84
CA ILE J 5 -12.65 -34.04 40.85
C ILE J 5 -13.82 -33.63 41.74
N ASN J 6 -13.66 -33.77 43.06
CA ASN J 6 -14.71 -33.41 44.00
C ASN J 6 -14.32 -32.20 44.86
N ALA J 7 -13.45 -31.35 44.34
CA ALA J 7 -13.12 -30.09 44.99
C ALA J 7 -14.27 -29.10 44.85
N LYS J 8 -14.40 -28.21 45.83
CA LYS J 8 -15.34 -27.11 45.68
C LYS J 8 -14.80 -26.13 44.65
N ILE J 9 -15.71 -25.40 44.00
CA ILE J 9 -15.28 -24.31 43.15
C ILE J 9 -14.49 -23.33 43.99
N GLY J 10 -13.38 -22.84 43.44
CA GLY J 10 -12.52 -21.95 44.15
C GLY J 10 -11.44 -22.61 44.99
N ASP J 11 -11.45 -23.94 45.10
CA ASP J 11 -10.47 -24.63 45.93
C ASP J 11 -9.07 -24.63 45.35
N PHE J 12 -8.94 -24.52 44.02
CA PHE J 12 -7.64 -24.52 43.35
C PHE J 12 -7.11 -23.11 43.18
N TYR J 13 -5.82 -22.93 43.44
CA TYR J 13 -5.12 -21.73 43.03
C TYR J 13 -4.94 -21.75 41.51
N PRO J 14 -4.69 -20.59 40.89
CA PRO J 14 -4.56 -20.56 39.42
C PRO J 14 -3.28 -21.21 38.88
N GLN J 15 -2.31 -21.50 39.75
CA GLN J 15 -1.09 -22.20 39.36
C GLN J 15 -1.11 -23.57 40.00
N CYS J 16 -0.88 -24.62 39.20
CA CYS J 16 -1.01 -25.98 39.68
C CYS J 16 0.17 -26.82 39.19
N LEU J 17 0.79 -27.54 40.11
CA LEU J 17 1.79 -28.54 39.81
C LEU J 17 1.08 -29.86 39.56
N LEU J 18 1.50 -30.57 38.51
CA LEU J 18 0.88 -31.84 38.13
C LEU J 18 1.89 -32.99 38.18
N OCS J 19 1.42 -34.18 38.56
CA OCS J 19 2.26 -35.36 38.52
CB OCS J 19 2.99 -35.46 39.85
SG OCS J 19 4.30 -36.67 39.92
C OCS J 19 1.33 -36.55 38.34
O OCS J 19 0.20 -36.52 38.78
OD1 OCS J 19 5.07 -36.65 38.73
OD2 OCS J 19 3.75 -37.97 40.09
OD3 OCS J 19 5.12 -36.33 41.04
N GLY J 20 1.81 -37.62 37.69
CA GLY J 20 0.95 -38.76 37.44
C GLY J 20 0.58 -39.52 38.70
N ASP J 21 1.49 -39.53 39.68
CA ASP J 21 1.36 -40.38 40.86
C ASP J 21 0.77 -39.59 42.00
N PRO J 22 -0.48 -39.86 42.43
CA PRO J 22 -1.06 -39.10 43.53
C PRO J 22 -0.35 -39.29 44.86
N LEU J 23 0.40 -40.38 45.03
CA LEU J 23 1.20 -40.52 46.24
C LEU J 23 2.40 -39.58 46.23
N ARG J 24 2.96 -39.30 45.06
CA ARG J 24 4.01 -38.29 45.04
C ARG J 24 3.43 -36.90 45.25
N VAL J 25 2.20 -36.67 44.79
CA VAL J 25 1.52 -35.40 45.06
C VAL J 25 1.35 -35.20 46.56
N SER J 26 0.88 -36.22 47.29
CA SER J 26 0.76 -36.07 48.74
C SER J 26 2.12 -35.91 49.40
N TYR J 27 3.17 -36.56 48.86
CA TYR J 27 4.51 -36.35 49.38
C TYR J 27 4.93 -34.88 49.25
N ILE J 28 4.64 -34.27 48.10
CA ILE J 28 4.98 -32.87 47.90
C ILE J 28 4.22 -31.99 48.89
N ALA J 29 2.93 -32.26 49.06
CA ALA J 29 2.13 -31.43 49.96
C ALA J 29 2.66 -31.52 51.40
N LYS J 30 3.04 -32.73 51.82
CA LYS J 30 3.50 -32.91 53.20
C LYS J 30 4.88 -32.30 53.42
N LYS J 31 5.80 -32.48 52.48
CA LYS J 31 7.18 -32.07 52.71
C LYS J 31 7.45 -30.62 52.37
N PHE J 32 6.77 -30.05 51.37
CA PHE J 32 7.18 -28.77 50.81
C PHE J 32 6.16 -27.64 50.99
N LEU J 33 4.89 -27.95 51.22
CA LEU J 33 3.87 -26.93 51.37
C LEU J 33 3.55 -26.73 52.84
N GLN J 34 3.10 -25.52 53.16
CA GLN J 34 2.57 -25.23 54.48
C GLN J 34 1.05 -25.20 54.42
N ASP J 35 0.43 -25.73 55.47
CA ASP J 35 -1.03 -25.71 55.63
C ASP J 35 -1.72 -26.39 54.44
N ALA J 36 -1.15 -27.49 53.97
CA ALA J 36 -1.71 -28.15 52.79
C ALA J 36 -3.01 -28.87 53.14
N LYS J 37 -4.03 -28.62 52.32
CA LYS J 37 -5.34 -29.24 52.48
C LYS J 37 -5.60 -30.13 51.29
N GLU J 38 -6.05 -31.36 51.56
CA GLU J 38 -6.52 -32.24 50.49
C GLU J 38 -7.84 -31.72 49.96
N ILE J 39 -7.88 -31.32 48.68
CA ILE J 39 -9.08 -30.71 48.10
C ILE J 39 -9.86 -31.65 47.19
N THR J 40 -9.28 -32.76 46.77
CA THR J 40 -10.00 -33.69 45.90
C THR J 40 -9.39 -35.08 46.04
N ASN J 41 -10.26 -36.10 45.90
CA ASN J 41 -9.76 -37.47 46.05
C ASN J 41 -10.58 -38.49 45.28
N VAL J 42 -11.34 -38.10 44.26
CA VAL J 42 -12.09 -39.08 43.47
C VAL J 42 -11.11 -40.07 42.86
N ARG J 43 -11.47 -41.36 42.86
CA ARG J 43 -10.60 -42.41 42.33
C ARG J 43 -9.22 -42.41 42.97
N ASN J 44 -9.12 -41.91 44.21
CA ASN J 44 -7.86 -41.84 44.92
C ASN J 44 -6.85 -40.93 44.21
N MET J 45 -7.32 -40.05 43.31
CA MET J 45 -6.45 -39.14 42.57
C MET J 45 -6.45 -37.84 43.35
N LEU J 46 -5.42 -37.64 44.16
CA LEU J 46 -5.41 -36.59 45.15
C LEU J 46 -4.98 -35.25 44.56
N GLY J 47 -5.58 -34.17 45.08
CA GLY J 47 -5.11 -32.83 44.82
C GLY J 47 -5.15 -32.03 46.10
N PHE J 48 -4.33 -30.98 46.11
CA PHE J 48 -4.07 -30.20 47.33
C PHE J 48 -3.99 -28.72 46.99
N SER J 49 -4.21 -27.90 48.02
CA SER J 49 -3.84 -26.50 47.99
C SER J 49 -3.12 -26.16 49.29
N GLY J 50 -2.03 -25.42 49.15
CA GLY J 50 -1.24 -25.00 50.28
C GLY J 50 -0.42 -23.81 49.88
N LYS J 51 0.58 -23.50 50.69
CA LYS J 51 1.44 -22.34 50.45
C LYS J 51 2.91 -22.75 50.37
N TYR J 52 3.64 -22.10 49.47
CA TYR J 52 5.09 -22.22 49.39
C TYR J 52 5.67 -20.82 49.42
N LYS J 53 6.46 -20.51 50.43
CA LYS J 53 7.05 -19.18 50.59
C LYS J 53 5.99 -18.10 50.48
N GLY J 54 4.85 -18.35 51.14
CA GLY J 54 3.76 -17.39 51.21
C GLY J 54 2.86 -17.32 50.00
N ARG J 55 3.15 -18.06 48.93
CA ARG J 55 2.37 -18.03 47.70
C ARG J 55 1.49 -19.26 47.62
N GLY J 56 0.24 -19.05 47.20
CA GLY J 56 -0.69 -20.17 47.05
C GLY J 56 -0.30 -21.04 45.88
N ILE J 57 -0.33 -22.35 46.10
CA ILE J 57 0.08 -23.37 45.15
C ILE J 57 -0.90 -24.53 45.24
N SER J 58 -1.37 -25.01 44.10
CA SER J 58 -2.14 -26.25 44.08
C SER J 58 -1.32 -27.35 43.43
N LEU J 59 -1.67 -28.59 43.77
CA LEU J 59 -1.06 -29.78 43.22
C LEU J 59 -2.18 -30.72 42.79
N MET J 60 -1.96 -31.45 41.70
CA MET J 60 -2.98 -32.41 41.27
C MET J 60 -2.35 -33.61 40.60
N GLY J 61 -2.80 -34.80 40.99
CA GLY J 61 -2.43 -36.00 40.26
C GLY J 61 -3.25 -36.17 38.99
N HIS J 62 -2.62 -36.75 37.96
CA HIS J 62 -3.34 -36.93 36.69
C HIS J 62 -3.31 -38.35 36.13
N GLY J 63 -2.76 -39.33 36.85
CA GLY J 63 -2.75 -40.70 36.34
C GLY J 63 -1.80 -40.87 35.16
N MET J 64 -1.88 -42.05 34.54
CA MET J 64 -0.92 -42.47 33.53
C MET J 64 -1.58 -42.46 32.18
N GLY J 65 -0.87 -41.91 31.19
CA GLY J 65 -1.29 -41.90 29.81
C GLY J 65 -1.99 -40.61 29.42
N ILE J 66 -1.91 -40.31 28.12
CA ILE J 66 -2.53 -39.10 27.57
C ILE J 66 -4.02 -39.01 27.89
N ALA J 67 -4.75 -40.13 27.77
CA ALA J 67 -6.20 -40.06 27.99
C ALA J 67 -6.52 -39.66 29.43
N SER J 68 -5.79 -40.22 30.40
CA SER J 68 -6.03 -39.84 31.79
C SER J 68 -5.62 -38.38 32.04
N CYS J 69 -4.43 -37.99 31.60
CA CYS J 69 -3.97 -36.62 31.79
C CYS J 69 -4.95 -35.63 31.20
N THR J 70 -5.45 -35.90 30.00
CA THR J 70 -6.37 -34.98 29.34
C THR J 70 -7.63 -34.73 30.17
N ILE J 71 -8.19 -35.79 30.78
CA ILE J 71 -9.39 -35.62 31.60
C ILE J 71 -9.15 -34.60 32.69
N TYR J 72 -8.09 -34.80 33.47
CA TYR J 72 -7.84 -33.94 34.63
C TYR J 72 -7.48 -32.52 34.21
N VAL J 73 -6.66 -32.38 33.17
CA VAL J 73 -6.25 -31.05 32.73
C VAL J 73 -7.46 -30.27 32.20
N THR J 74 -8.33 -30.94 31.45
CA THR J 74 -9.52 -30.27 30.91
C THR J 74 -10.37 -29.73 32.04
N GLU J 75 -10.62 -30.56 33.06
CA GLU J 75 -11.47 -30.13 34.18
C GLU J 75 -10.80 -29.03 35.01
N LEU J 76 -9.49 -29.14 35.23
CA LEU J 76 -8.78 -28.10 35.98
C LEU J 76 -8.92 -26.74 35.30
N ILE J 77 -8.76 -26.70 33.98
CA ILE J 77 -8.86 -25.45 33.24
C ILE J 77 -10.30 -24.94 33.21
N LYS J 78 -11.25 -25.81 32.83
CA LYS J 78 -12.61 -25.35 32.61
C LYS J 78 -13.36 -25.09 33.91
N THR J 79 -13.39 -26.06 34.82
CA THR J 79 -14.22 -25.93 36.01
C THR J 79 -13.49 -25.19 37.13
N TYR J 80 -12.19 -25.39 37.26
CA TYR J 80 -11.44 -24.87 38.40
C TYR J 80 -10.55 -23.68 38.06
N GLN J 81 -10.60 -23.19 36.81
CA GLN J 81 -10.03 -21.90 36.45
C GLN J 81 -8.51 -21.88 36.57
N VAL J 82 -7.87 -23.05 36.45
CA VAL J 82 -6.42 -23.11 36.52
C VAL J 82 -5.85 -22.53 35.24
N LYS J 83 -4.84 -21.68 35.38
CA LYS J 83 -4.26 -20.92 34.28
C LYS J 83 -2.85 -21.36 33.91
N GLU J 84 -2.08 -21.87 34.87
CA GLU J 84 -0.70 -22.30 34.65
C GLU J 84 -0.56 -23.71 35.19
N LEU J 85 -0.12 -24.63 34.35
CA LEU J 85 -0.01 -26.04 34.68
C LEU J 85 1.43 -26.50 34.47
N LEU J 86 2.11 -26.83 35.55
CA LEU J 86 3.50 -27.29 35.50
C LEU J 86 3.53 -28.75 35.88
N ARG J 87 3.80 -29.61 34.91
CA ARG J 87 3.88 -31.04 35.11
C ARG J 87 5.32 -31.44 35.40
N ILE J 88 5.50 -32.21 36.47
CA ILE J 88 6.76 -32.88 36.74
C ILE J 88 6.51 -34.38 36.72
N GLY J 89 7.57 -35.16 36.56
CA GLY J 89 7.45 -36.60 36.45
C GLY J 89 8.80 -37.20 36.15
N THR J 90 8.82 -38.53 36.13
CA THR J 90 10.02 -39.24 35.71
C THR J 90 9.94 -39.56 34.22
N CYS J 91 11.04 -40.03 33.67
CA CYS J 91 11.07 -40.46 32.27
C CYS J 91 12.17 -41.48 32.08
N GLY J 92 12.10 -42.17 30.95
CA GLY J 92 13.12 -43.12 30.57
C GLY J 92 13.98 -42.49 29.49
N ALA J 93 15.25 -42.27 29.80
CA ALA J 93 16.13 -41.61 28.86
C ALA J 93 16.44 -42.51 27.66
N ILE J 94 16.50 -41.90 26.47
CA ILE J 94 16.86 -42.62 25.26
C ILE J 94 18.02 -41.97 24.51
N SER J 95 18.55 -40.86 25.01
CA SER J 95 19.58 -40.11 24.31
C SER J 95 20.89 -40.13 25.09
N PRO J 96 22.04 -40.18 24.40
CA PRO J 96 23.33 -40.05 25.10
C PRO J 96 23.58 -38.65 25.63
N LYS J 97 22.75 -37.68 25.29
CA LYS J 97 22.91 -36.32 25.77
C LYS J 97 22.42 -36.13 27.20
N VAL J 98 21.70 -37.10 27.74
CA VAL J 98 21.17 -37.03 29.10
C VAL J 98 21.59 -38.28 29.86
N GLY J 99 21.65 -38.13 31.19
CA GLY J 99 21.93 -39.26 32.07
C GLY J 99 21.04 -39.20 33.29
N LEU J 100 21.19 -40.22 34.14
CA LEU J 100 20.39 -40.26 35.36
C LEU J 100 20.60 -38.99 36.16
N LYS J 101 19.54 -38.53 36.83
CA LYS J 101 19.47 -37.31 37.63
C LYS J 101 19.25 -36.05 36.79
N ASP J 102 19.41 -36.09 35.46
CA ASP J 102 19.16 -34.89 34.67
C ASP J 102 17.69 -34.53 34.72
N ILE J 103 17.43 -33.22 34.65
CA ILE J 103 16.09 -32.66 34.51
C ILE J 103 15.95 -32.14 33.09
N ILE J 104 14.92 -32.61 32.39
CA ILE J 104 14.68 -32.26 31.01
C ILE J 104 13.48 -31.32 30.97
N MET J 105 13.57 -30.27 30.16
CA MET J 105 12.45 -29.41 29.87
C MET J 105 12.01 -29.73 28.45
N ALA J 106 10.76 -30.16 28.29
CA ALA J 106 10.26 -30.64 27.01
C ALA J 106 9.74 -29.47 26.18
N THR J 107 10.53 -29.01 25.20
CA THR J 107 10.04 -27.96 24.32
C THR J 107 9.16 -28.50 23.20
N GLY J 108 9.04 -29.81 23.09
CA GLY J 108 8.10 -30.44 22.17
C GLY J 108 7.81 -31.83 22.69
N ALA J 109 6.60 -32.32 22.39
CA ALA J 109 6.22 -33.66 22.80
C ALA J 109 5.67 -34.39 21.58
N SER J 110 6.50 -35.24 20.99
CA SER J 110 6.05 -36.12 19.92
C SER J 110 5.22 -37.25 20.53
N THR J 111 4.51 -38.01 19.68
CA THR J 111 3.64 -39.04 20.23
C THR J 111 3.30 -40.10 19.18
N ASP J 112 3.00 -41.31 19.67
CA ASP J 112 2.38 -42.39 18.88
C ASP J 112 0.87 -42.47 19.09
N SER J 113 0.31 -41.56 19.86
CA SER J 113 -1.14 -41.48 20.07
C SER J 113 -1.83 -40.96 18.80
N LYS J 114 -3.10 -41.31 18.66
CA LYS J 114 -3.92 -40.73 17.59
C LYS J 114 -4.66 -39.48 18.04
N THR J 115 -4.52 -39.08 19.31
CA THR J 115 -5.39 -38.05 19.89
C THR J 115 -5.25 -36.72 19.15
N ASN J 116 -4.01 -36.37 18.78
CA ASN J 116 -3.81 -35.06 18.15
C ASN J 116 -4.25 -35.04 16.70
N ARG J 117 -4.15 -36.18 16.01
CA ARG J 117 -4.74 -36.28 14.68
C ARG J 117 -6.26 -36.14 14.76
N VAL J 118 -6.87 -36.72 15.80
CA VAL J 118 -8.30 -36.53 15.99
C VAL J 118 -8.62 -35.06 16.25
N ARG J 119 -7.79 -34.38 17.04
CA ARG J 119 -8.05 -32.99 17.39
C ARG J 119 -7.80 -32.05 16.23
N PHE J 120 -6.86 -32.38 15.36
CA PHE J 120 -6.21 -31.41 14.48
C PHE J 120 -6.32 -31.84 13.02
N LEU J 121 -7.53 -32.20 12.58
CA LEU J 121 -7.83 -32.32 11.15
C LEU J 121 -7.05 -33.44 10.47
N ASN J 122 -6.63 -34.46 11.23
CA ASN J 122 -5.83 -35.57 10.73
C ASN J 122 -4.43 -35.16 10.29
N HIS J 123 -3.99 -33.96 10.67
CA HIS J 123 -2.64 -33.50 10.33
C HIS J 123 -1.72 -33.71 11.53
N ASP J 124 -0.51 -33.14 11.45
CA ASP J 124 0.50 -33.24 12.49
C ASP J 124 0.44 -31.98 13.35
N LEU J 125 -0.07 -32.10 14.58
CA LEU J 125 0.00 -31.01 15.56
C LEU J 125 1.36 -31.08 16.25
N SER J 126 2.12 -29.98 16.23
CA SER J 126 3.39 -29.98 16.97
C SER J 126 3.04 -29.51 18.38
N ALA J 127 2.97 -30.46 19.31
CA ALA J 127 2.53 -30.15 20.68
C ALA J 127 3.68 -29.51 21.44
N THR J 128 3.47 -28.29 21.92
CA THR J 128 4.52 -27.47 22.51
C THR J 128 4.03 -26.81 23.78
N PRO J 129 4.95 -26.42 24.67
CA PRO J 129 4.57 -25.70 25.88
C PRO J 129 4.44 -24.20 25.63
N ASP J 130 3.92 -23.52 26.65
CA ASP J 130 3.91 -22.08 26.67
C ASP J 130 5.34 -21.54 26.81
N PHE J 131 5.69 -20.56 25.96
CA PHE J 131 7.07 -20.11 25.93
C PHE J 131 7.46 -19.39 27.21
N GLU J 132 6.59 -18.52 27.71
CA GLU J 132 6.91 -17.78 28.92
C GLU J 132 7.23 -18.73 30.08
N LEU J 133 6.45 -19.80 30.23
CA LEU J 133 6.73 -20.78 31.26
C LEU J 133 8.09 -21.43 31.04
N SER J 134 8.42 -21.75 29.79
CA SER J 134 9.72 -22.37 29.51
C SER J 134 10.86 -21.41 29.83
N LEU J 135 10.66 -20.13 29.54
CA LEU J 135 11.68 -19.14 29.87
C LEU J 135 11.84 -19.03 31.38
N ARG J 136 10.73 -19.07 32.13
CA ARG J 136 10.80 -19.00 33.58
C ARG J 136 11.51 -20.20 34.17
N ALA J 137 11.25 -21.40 33.61
CA ALA J 137 11.97 -22.59 34.06
C ALA J 137 13.46 -22.46 33.81
N TYR J 138 13.84 -21.98 32.63
CA TYR J 138 15.26 -21.83 32.31
C TYR J 138 15.93 -20.84 33.26
N GLN J 139 15.28 -19.71 33.51
CA GLN J 139 15.86 -18.69 34.38
C GLN J 139 15.92 -19.17 35.83
N THR J 140 14.89 -19.88 36.28
CA THR J 140 14.90 -20.36 37.67
C THR J 140 15.96 -21.44 37.85
N ALA J 141 16.09 -22.36 36.88
CA ALA J 141 17.11 -23.39 36.95
C ALA J 141 18.51 -22.79 36.99
N LYS J 142 18.76 -21.73 36.21
CA LYS J 142 20.06 -21.07 36.27
C LYS J 142 20.33 -20.47 37.64
N ARG J 143 19.32 -19.81 38.22
CA ARG J 143 19.47 -19.27 39.57
C ARG J 143 19.78 -20.37 40.58
N LEU J 144 19.17 -21.54 40.42
CA LEU J 144 19.34 -22.64 41.36
C LEU J 144 20.55 -23.51 41.06
N GLY J 145 21.27 -23.24 39.98
CA GLY J 145 22.43 -24.05 39.63
C GLY J 145 22.12 -25.38 38.98
N ILE J 146 20.96 -25.52 38.36
CA ILE J 146 20.53 -26.77 37.74
C ILE J 146 20.89 -26.72 36.27
N ASP J 147 21.54 -27.78 35.77
CA ASP J 147 21.96 -27.88 34.37
C ASP J 147 20.79 -28.46 33.56
N LEU J 148 19.86 -27.59 33.21
CA LEU J 148 18.61 -28.00 32.58
C LEU J 148 18.87 -28.48 31.17
N LYS J 149 18.44 -29.70 30.86
CA LYS J 149 18.52 -30.23 29.51
C LYS J 149 17.23 -29.89 28.79
N VAL J 150 17.34 -29.45 27.54
CA VAL J 150 16.19 -28.94 26.81
C VAL J 150 16.09 -29.67 25.50
N GLY J 151 14.92 -30.26 25.23
CA GLY J 151 14.70 -30.93 23.97
C GLY J 151 13.29 -31.49 23.89
N ASN J 152 13.08 -32.40 22.95
CA ASN J 152 11.78 -33.03 22.88
C ASN J 152 11.74 -34.24 23.80
N VAL J 153 10.52 -34.62 24.18
CA VAL J 153 10.24 -35.94 24.71
C VAL J 153 9.30 -36.65 23.73
N PHE J 154 9.19 -37.97 23.88
CA PHE J 154 8.23 -38.77 23.12
C PHE J 154 7.22 -39.30 24.13
N SER J 155 5.95 -38.90 23.97
CA SER J 155 4.87 -39.32 24.84
C SER J 155 4.21 -40.54 24.21
N SER J 156 4.32 -41.68 24.87
CA SER J 156 3.84 -42.92 24.27
C SER J 156 2.56 -43.40 24.92
N ASP J 157 1.74 -44.08 24.12
CA ASP J 157 0.65 -44.85 24.70
C ASP J 157 1.13 -46.14 25.34
N PHE J 158 2.42 -46.48 25.20
CA PHE J 158 2.95 -47.74 25.68
C PHE J 158 4.04 -47.52 26.73
N PHE J 159 3.89 -48.15 27.89
CA PHE J 159 5.02 -48.32 28.79
C PHE J 159 5.86 -49.53 28.37
N TYR J 160 5.19 -50.65 28.08
CA TYR J 160 5.84 -51.83 27.53
C TYR J 160 5.81 -51.70 26.01
N SER J 161 6.85 -51.09 25.47
CA SER J 161 6.86 -50.69 24.06
C SER J 161 7.01 -51.88 23.13
N PHE J 162 6.40 -51.76 21.95
CA PHE J 162 6.60 -52.70 20.86
C PHE J 162 7.55 -52.16 19.81
N GLU J 163 8.18 -51.02 20.08
CA GLU J 163 9.01 -50.33 19.11
C GLU J 163 10.34 -49.91 19.72
N THR J 164 10.91 -50.75 20.59
CA THR J 164 12.20 -50.39 21.20
C THR J 164 13.30 -50.26 20.15
N HIS J 165 13.16 -50.91 18.99
CA HIS J 165 14.13 -50.75 17.93
C HIS J 165 14.18 -49.33 17.38
N ALA J 166 13.19 -48.50 17.68
CA ALA J 166 13.07 -47.14 17.17
C ALA J 166 13.64 -46.08 18.10
N PHE J 167 14.10 -46.47 19.29
CA PHE J 167 14.55 -45.48 20.26
C PHE J 167 15.74 -44.69 19.74
N ASP J 168 16.65 -45.36 19.01
CA ASP J 168 17.82 -44.64 18.48
C ASP J 168 17.40 -43.55 17.50
N LEU J 169 16.42 -43.84 16.63
CA LEU J 169 15.96 -42.83 15.69
C LEU J 169 15.30 -41.67 16.42
N MET J 170 14.49 -41.96 17.44
CA MET J 170 13.92 -40.91 18.27
C MET J 170 15.01 -40.01 18.84
N ALA J 171 16.05 -40.60 19.42
CA ALA J 171 17.12 -39.79 20.02
C ALA J 171 17.88 -39.01 18.96
N LYS J 172 18.01 -39.58 17.77
CA LYS J 172 18.63 -38.84 16.67
C LYS J 172 17.88 -37.55 16.39
N TYR J 173 16.55 -37.58 16.48
CA TYR J 173 15.69 -36.44 16.26
C TYR J 173 15.47 -35.60 17.52
N ASN J 174 16.42 -35.64 18.46
CA ASN J 174 16.39 -34.76 19.63
C ASN J 174 15.29 -35.11 20.61
N HIS J 175 14.87 -36.38 20.66
CA HIS J 175 14.02 -36.84 21.75
C HIS J 175 14.92 -37.39 22.85
N LEU J 176 14.91 -36.71 24.00
CA LEU J 176 15.81 -37.03 25.10
C LEU J 176 15.32 -38.19 25.94
N ALA J 177 13.99 -38.39 26.02
CA ALA J 177 13.45 -39.40 26.91
C ALA J 177 12.02 -39.69 26.48
N ILE J 178 11.47 -40.76 27.04
CA ILE J 178 10.10 -41.21 26.80
C ILE J 178 9.32 -41.09 28.09
N GLU J 179 8.11 -40.52 28.00
CA GLU J 179 7.12 -40.56 29.07
C GLU J 179 5.76 -40.79 28.42
N MET J 180 4.66 -40.56 29.17
CA MET J 180 3.37 -40.94 28.64
C MET J 180 2.27 -39.89 28.69
N GLU J 181 2.56 -38.63 29.02
CA GLU J 181 1.49 -37.63 29.14
C GLU J 181 1.75 -36.30 28.47
N ALA J 182 3.01 -35.93 28.21
CA ALA J 182 3.31 -34.53 27.86
C ALA J 182 2.54 -34.05 26.64
N ALA J 183 2.46 -34.87 25.59
CA ALA J 183 1.74 -34.47 24.39
C ALA J 183 0.27 -34.18 24.68
N GLY J 184 -0.33 -34.90 25.62
CA GLY J 184 -1.71 -34.66 25.99
C GLY J 184 -1.88 -33.40 26.81
N LEU J 185 -0.99 -33.18 27.77
CA LEU J 185 -1.00 -31.91 28.50
C LEU J 185 -0.84 -30.74 27.54
N TYR J 186 0.12 -30.84 26.62
CA TYR J 186 0.39 -29.71 25.71
C TYR J 186 -0.78 -29.47 24.76
N ALA J 187 -1.36 -30.53 24.18
CA ALA J 187 -2.49 -30.33 23.28
C ALA J 187 -3.71 -29.77 23.99
N THR J 188 -3.99 -30.26 25.21
CA THR J 188 -5.14 -29.75 25.95
C THR J 188 -4.97 -28.30 26.35
N ALA J 189 -3.76 -27.91 26.76
CA ALA J 189 -3.52 -26.51 27.09
C ALA J 189 -3.59 -25.62 25.86
N MET J 190 -3.17 -26.15 24.72
CA MET J 190 -3.28 -25.43 23.46
C MET J 190 -4.76 -25.25 23.09
N GLU J 191 -5.55 -26.32 23.20
CA GLU J 191 -6.97 -26.25 22.90
C GLU J 191 -7.66 -25.18 23.74
N LEU J 192 -7.26 -25.06 25.01
CA LEU J 192 -8.01 -24.29 26.00
C LEU J 192 -7.31 -22.98 26.35
N ASN J 193 -6.30 -22.58 25.58
CA ASN J 193 -5.66 -21.28 25.76
C ASN J 193 -5.07 -21.13 27.16
N ALA J 194 -4.48 -22.20 27.68
CA ALA J 194 -3.81 -22.16 28.98
C ALA J 194 -2.31 -22.37 28.83
N LYS J 195 -1.58 -22.08 29.90
CA LYS J 195 -0.12 -22.12 29.87
C LYS J 195 0.36 -23.40 30.53
N ALA J 196 1.14 -24.21 29.80
CA ALA J 196 1.62 -25.48 30.33
C ALA J 196 3.08 -25.73 29.99
N LEU J 197 3.72 -26.53 30.83
CA LEU J 197 5.11 -26.94 30.65
C LEU J 197 5.33 -28.26 31.36
N CYS J 198 6.20 -29.10 30.80
CA CYS J 198 6.55 -30.37 31.41
CA CYS J 198 6.56 -30.39 31.37
C CYS J 198 8.05 -30.43 31.65
N LEU J 199 8.42 -30.77 32.89
CA LEU J 199 9.79 -31.10 33.25
C LEU J 199 9.81 -32.56 33.66
N CYS J 200 10.88 -33.27 33.33
CA CYS J 200 10.95 -34.65 33.76
CA CYS J 200 10.97 -34.69 33.64
C CYS J 200 12.36 -35.02 34.17
N SER J 201 12.42 -35.88 35.18
CA SER J 201 13.66 -36.32 35.82
C SER J 201 14.04 -37.70 35.30
N VAL J 202 15.32 -37.88 34.99
CA VAL J 202 15.78 -39.13 34.40
C VAL J 202 16.06 -40.13 35.53
N SER J 203 15.23 -41.17 35.61
CA SER J 203 15.38 -42.18 36.65
C SER J 203 15.98 -43.48 36.14
N ASP J 204 15.81 -43.76 34.85
CA ASP J 204 16.33 -44.95 34.21
C ASP J 204 16.78 -44.55 32.81
N HIS J 205 17.84 -45.19 32.32
CA HIS J 205 18.21 -45.05 30.91
C HIS J 205 17.77 -46.29 30.18
N LEU J 206 16.87 -46.12 29.20
CA LEU J 206 16.31 -47.25 28.47
C LEU J 206 17.31 -47.85 27.48
N ILE J 207 18.42 -47.17 27.19
CA ILE J 207 19.40 -47.70 26.24
C ILE J 207 20.51 -48.44 26.98
N THR J 208 21.24 -47.72 27.80
CA THR J 208 22.41 -48.27 28.49
C THR J 208 22.05 -48.91 29.83
N LYS J 209 20.77 -48.96 30.19
CA LYS J 209 20.18 -49.80 31.24
C LYS J 209 20.48 -49.39 32.68
N GLU J 210 21.22 -48.31 32.91
CA GLU J 210 21.48 -47.90 34.29
C GLU J 210 20.18 -47.45 34.98
N ALA J 211 20.15 -47.60 36.29
CA ALA J 211 18.95 -47.29 37.06
C ALA J 211 19.36 -46.68 38.39
N LEU J 212 18.57 -45.71 38.84
CA LEU J 212 18.85 -45.04 40.11
C LEU J 212 18.38 -45.92 41.27
N SER J 213 18.95 -45.65 42.44
CA SER J 213 18.52 -46.34 43.64
C SER J 213 17.25 -45.70 44.19
N PRO J 214 16.45 -46.45 44.95
CA PRO J 214 15.26 -45.85 45.58
C PRO J 214 15.54 -44.54 46.27
N LYS J 215 16.69 -44.42 46.93
CA LYS J 215 17.07 -43.21 47.64
C LYS J 215 17.53 -42.11 46.69
N GLU J 216 18.26 -42.48 45.63
CA GLU J 216 18.64 -41.48 44.63
C GLU J 216 17.42 -40.89 43.95
N ARG J 217 16.38 -41.70 43.78
CA ARG J 217 15.16 -41.24 43.14
C ARG J 217 14.48 -40.15 43.98
N VAL J 218 14.50 -40.31 45.31
CA VAL J 218 13.94 -39.29 46.18
C VAL J 218 14.76 -38.00 46.10
N GLU J 219 16.09 -38.11 46.12
CA GLU J 219 16.95 -36.93 46.04
C GLU J 219 16.76 -36.20 44.72
N SER J 220 16.77 -36.94 43.61
CA SER J 220 16.64 -36.29 42.31
C SER J 220 15.25 -35.68 42.13
N PHE J 221 14.21 -36.36 42.62
CA PHE J 221 12.87 -35.82 42.47
C PHE J 221 12.68 -34.56 43.30
N ASP J 222 13.25 -34.53 44.52
CA ASP J 222 13.23 -33.32 45.33
C ASP J 222 13.85 -32.15 44.60
N ASN J 223 14.94 -32.39 43.88
CA ASN J 223 15.58 -31.33 43.07
C ASN J 223 14.60 -30.70 42.10
N MET J 224 13.81 -31.52 41.42
CA MET J 224 12.86 -30.98 40.45
C MET J 224 11.62 -30.38 41.10
N ILE J 225 11.17 -30.94 42.23
CA ILE J 225 10.11 -30.29 42.99
C ILE J 225 10.50 -28.87 43.37
N ILE J 226 11.72 -28.70 43.89
CA ILE J 226 12.17 -27.36 44.31
C ILE J 226 12.21 -26.41 43.11
N LEU J 227 12.73 -26.89 41.99
CA LEU J 227 12.72 -26.09 40.77
C LEU J 227 11.31 -25.63 40.43
N ALA J 228 10.36 -26.58 40.41
CA ALA J 228 8.99 -26.24 40.05
C ALA J 228 8.36 -25.25 41.04
N LEU J 229 8.54 -25.51 42.34
CA LEU J 229 7.93 -24.61 43.32
C LEU J 229 8.58 -23.22 43.27
N GLU J 230 9.90 -23.18 43.05
CA GLU J 230 10.56 -21.89 42.89
C GLU J 230 10.06 -21.14 41.66
N MET J 231 9.80 -21.84 40.54
CA MET J 231 9.28 -21.07 39.41
C MET J 231 7.87 -20.55 39.64
N MET J 232 7.07 -21.19 40.49
CA MET J 232 5.70 -20.71 40.65
C MET J 232 5.57 -19.67 41.76
N SER J 233 6.68 -19.29 42.38
CA SER J 233 6.68 -18.28 43.43
C SER J 233 7.03 -16.90 42.86
N MET K 1 0.49 -9.86 -10.95
CA MET K 1 -0.83 -9.91 -10.33
C MET K 1 -1.00 -11.02 -9.29
N THR K 2 0.00 -11.87 -9.14
CA THR K 2 -0.05 -12.87 -8.06
C THR K 2 1.14 -12.64 -7.16
N PRO K 3 1.23 -13.30 -5.99
CA PRO K 3 2.42 -13.13 -5.17
C PRO K 3 3.68 -13.72 -5.80
N HIS K 4 3.55 -14.57 -6.82
CA HIS K 4 4.66 -15.35 -7.33
C HIS K 4 4.95 -15.11 -8.80
N ILE K 5 4.11 -14.34 -9.49
CA ILE K 5 4.28 -14.06 -10.90
C ILE K 5 3.92 -12.61 -11.13
N ASN K 6 4.80 -11.86 -11.81
CA ASN K 6 4.55 -10.44 -12.07
C ASN K 6 4.33 -10.15 -13.55
N ALA K 7 3.91 -11.15 -14.31
CA ALA K 7 3.50 -10.90 -15.68
C ALA K 7 2.15 -10.19 -15.72
N LYS K 8 1.91 -9.47 -16.79
CA LYS K 8 0.59 -8.92 -17.02
C LYS K 8 -0.32 -10.00 -17.62
N ILE K 9 -1.63 -9.80 -17.45
CA ILE K 9 -2.57 -10.71 -18.08
C ILE K 9 -2.40 -10.67 -19.58
N GLY K 10 -2.43 -11.84 -20.22
CA GLY K 10 -2.17 -11.91 -21.64
C GLY K 10 -0.72 -12.11 -22.02
N ASP K 11 0.21 -12.04 -21.06
CA ASP K 11 1.63 -12.20 -21.40
C ASP K 11 2.00 -13.64 -21.71
N PHE K 12 1.22 -14.61 -21.24
CA PHE K 12 1.53 -16.01 -21.51
C PHE K 12 0.72 -16.50 -22.70
N TYR K 13 1.37 -17.26 -23.57
CA TYR K 13 0.65 -18.03 -24.57
C TYR K 13 -0.08 -19.18 -23.88
N PRO K 14 -1.07 -19.77 -24.55
CA PRO K 14 -1.84 -20.85 -23.90
C PRO K 14 -1.08 -22.16 -23.76
N GLN K 15 0.07 -22.31 -24.42
CA GLN K 15 0.94 -23.46 -24.25
C GLN K 15 2.21 -23.02 -23.54
N CYS K 16 2.60 -23.76 -22.49
CA CYS K 16 3.74 -23.38 -21.67
C CYS K 16 4.61 -24.58 -21.38
N LEU K 17 5.90 -24.47 -21.65
CA LEU K 17 6.90 -25.43 -21.21
C LEU K 17 7.32 -25.09 -19.79
N LEU K 18 7.35 -26.10 -18.92
CA LEU K 18 7.73 -25.92 -17.52
C LEU K 18 9.04 -26.63 -17.20
N OCS K 19 9.83 -26.05 -16.31
CA OCS K 19 11.02 -26.71 -15.83
CB OCS K 19 12.19 -26.35 -16.75
SG OCS K 19 13.67 -27.35 -16.55
C OCS K 19 11.29 -26.20 -14.42
O OCS K 19 10.99 -25.05 -14.12
OD1 OCS K 19 13.33 -28.72 -16.45
OD2 OCS K 19 14.34 -26.97 -15.36
OD3 OCS K 19 14.49 -27.13 -17.70
N GLY K 20 11.82 -27.04 -13.54
CA GLY K 20 12.10 -26.58 -12.18
C GLY K 20 13.17 -25.50 -12.08
N ASP K 21 14.11 -25.50 -13.02
CA ASP K 21 15.30 -24.66 -12.91
C ASP K 21 15.12 -23.41 -13.77
N PRO K 22 14.96 -22.23 -13.18
CA PRO K 22 14.76 -21.02 -13.99
C PRO K 22 15.97 -20.64 -14.83
N LEU K 23 17.17 -21.07 -14.45
CA LEU K 23 18.33 -20.85 -15.31
C LEU K 23 18.25 -21.69 -16.58
N ARG K 24 17.72 -22.92 -16.48
CA ARG K 24 17.52 -23.69 -17.70
C ARG K 24 16.41 -23.11 -18.55
N VAL K 25 15.39 -22.52 -17.91
CA VAL K 25 14.35 -21.81 -18.64
C VAL K 25 14.95 -20.66 -19.44
N SER K 26 15.87 -19.90 -18.82
CA SER K 26 16.52 -18.81 -19.54
C SER K 26 17.38 -19.33 -20.68
N TYR K 27 18.09 -20.44 -20.45
CA TYR K 27 18.88 -21.08 -21.50
C TYR K 27 18.02 -21.48 -22.70
N ILE K 28 16.83 -22.04 -22.44
CA ILE K 28 15.94 -22.41 -23.53
C ILE K 28 15.48 -21.17 -24.30
N ALA K 29 15.08 -20.13 -23.57
CA ALA K 29 14.65 -18.89 -24.22
C ALA K 29 15.73 -18.33 -25.12
N LYS K 30 17.00 -18.40 -24.70
CA LYS K 30 18.07 -17.80 -25.47
C LYS K 30 18.47 -18.67 -26.67
N LYS K 31 18.57 -19.98 -26.47
CA LYS K 31 19.08 -20.87 -27.50
C LYS K 31 18.03 -21.31 -28.51
N PHE K 32 16.78 -21.51 -28.08
CA PHE K 32 15.79 -22.13 -28.94
C PHE K 32 14.62 -21.24 -29.33
N LEU K 33 14.38 -20.15 -28.62
CA LEU K 33 13.27 -19.29 -28.96
C LEU K 33 13.75 -18.05 -29.71
N GLN K 34 12.83 -17.48 -30.48
CA GLN K 34 13.05 -16.25 -31.21
C GLN K 34 12.28 -15.14 -30.52
N ASP K 35 12.92 -13.97 -30.41
CA ASP K 35 12.29 -12.78 -29.83
C ASP K 35 11.76 -13.05 -28.41
N ALA K 36 12.54 -13.78 -27.63
CA ALA K 36 12.09 -14.16 -26.29
C ALA K 36 12.09 -12.95 -25.36
N LYS K 37 10.96 -12.74 -24.69
CA LYS K 37 10.82 -11.66 -23.71
C LYS K 37 10.62 -12.28 -22.35
N GLU K 38 11.37 -11.78 -21.37
CA GLU K 38 11.19 -12.18 -19.98
C GLU K 38 9.94 -11.51 -19.44
N ILE K 39 8.95 -12.31 -19.04
CA ILE K 39 7.64 -11.79 -18.64
C ILE K 39 7.40 -11.87 -17.14
N THR K 40 8.21 -12.61 -16.41
CA THR K 40 8.05 -12.69 -14.97
C THR K 40 9.38 -13.08 -14.34
N ASN K 41 9.59 -12.60 -13.10
CA ASN K 41 10.86 -12.87 -12.42
C ASN K 41 10.76 -12.76 -10.90
N VAL K 42 9.56 -12.86 -10.30
CA VAL K 42 9.46 -12.86 -8.85
C VAL K 42 10.24 -14.04 -8.28
N ARG K 43 10.94 -13.81 -7.19
CA ARG K 43 11.80 -14.82 -6.55
C ARG K 43 12.82 -15.41 -7.52
N ASN K 44 13.20 -14.66 -8.58
CA ASN K 44 14.16 -15.14 -9.56
C ASN K 44 13.62 -16.35 -10.34
N MET K 45 12.31 -16.58 -10.25
CA MET K 45 11.64 -17.65 -11.00
C MET K 45 11.18 -17.09 -12.33
N LEU K 46 11.99 -17.32 -13.36
CA LEU K 46 11.83 -16.63 -14.63
C LEU K 46 10.82 -17.34 -15.52
N GLY K 47 10.05 -16.54 -16.25
CA GLY K 47 9.22 -17.04 -17.34
C GLY K 47 9.39 -16.16 -18.55
N PHE K 48 9.08 -16.73 -19.71
CA PHE K 48 9.33 -16.08 -21.01
C PHE K 48 8.18 -16.36 -21.96
N SER K 49 8.04 -15.49 -22.96
CA SER K 49 7.23 -15.73 -24.14
C SER K 49 8.04 -15.36 -25.37
N GLY K 50 7.97 -16.23 -26.37
CA GLY K 50 8.65 -16.01 -27.63
C GLY K 50 8.07 -16.97 -28.66
N LYS K 51 8.80 -17.17 -29.74
CA LYS K 51 8.31 -17.99 -30.84
C LYS K 51 9.27 -19.13 -31.15
N TYR K 52 8.70 -20.28 -31.51
CA TYR K 52 9.47 -21.42 -32.00
C TYR K 52 8.84 -21.84 -33.33
N LYS K 53 9.60 -21.72 -34.41
CA LYS K 53 9.08 -21.99 -35.75
C LYS K 53 7.77 -21.26 -36.00
N GLY K 54 7.77 -19.97 -35.70
CA GLY K 54 6.61 -19.12 -35.91
C GLY K 54 5.46 -19.31 -34.95
N ARG K 55 5.55 -20.24 -34.00
CA ARG K 55 4.47 -20.54 -33.08
C ARG K 55 4.79 -19.95 -31.71
N GLY K 56 3.80 -19.30 -31.10
CA GLY K 56 4.00 -18.67 -29.80
C GLY K 56 4.07 -19.69 -28.71
N ILE K 57 5.11 -19.60 -27.88
CA ILE K 57 5.35 -20.55 -26.79
C ILE K 57 5.78 -19.76 -25.56
N SER K 58 5.27 -20.15 -24.41
CA SER K 58 5.76 -19.60 -23.16
C SER K 58 6.60 -20.63 -22.42
N LEU K 59 7.47 -20.13 -21.54
CA LEU K 59 8.27 -20.96 -20.66
C LEU K 59 8.12 -20.43 -19.24
N MET K 60 8.14 -21.35 -18.27
CA MET K 60 8.00 -21.03 -16.85
C MET K 60 8.78 -21.96 -15.94
N GLY K 61 9.58 -21.37 -15.06
CA GLY K 61 10.19 -22.13 -13.99
C GLY K 61 9.20 -22.38 -12.86
N HIS K 62 9.34 -23.53 -12.19
CA HIS K 62 8.41 -23.88 -11.13
C HIS K 62 9.06 -24.28 -9.80
N GLY K 63 10.38 -24.23 -9.69
CA GLY K 63 11.04 -24.62 -8.46
C GLY K 63 10.99 -26.13 -8.21
N MET K 64 11.49 -26.52 -7.04
CA MET K 64 11.62 -27.92 -6.67
C MET K 64 10.52 -28.33 -5.71
N GLY K 65 9.94 -29.49 -5.97
CA GLY K 65 8.99 -30.08 -5.05
C GLY K 65 7.56 -29.80 -5.44
N ILE K 66 6.68 -30.70 -5.01
CA ILE K 66 5.26 -30.62 -5.35
C ILE K 66 4.66 -29.28 -4.90
N ALA K 67 5.00 -28.83 -3.69
CA ALA K 67 4.38 -27.62 -3.16
C ALA K 67 4.75 -26.40 -4.00
N SER K 68 6.02 -26.28 -4.40
CA SER K 68 6.43 -25.18 -5.25
C SER K 68 5.75 -25.28 -6.61
N CYS K 69 5.83 -26.46 -7.23
CA CYS K 69 5.24 -26.65 -8.55
C CYS K 69 3.76 -26.30 -8.56
N THR K 70 3.04 -26.72 -7.51
CA THR K 70 1.60 -26.49 -7.45
C THR K 70 1.27 -25.01 -7.45
N ILE K 71 2.06 -24.20 -6.72
CA ILE K 71 1.81 -22.76 -6.71
C ILE K 71 1.83 -22.20 -8.12
N TYR K 72 2.91 -22.49 -8.85
CA TYR K 72 3.08 -21.88 -10.16
C TYR K 72 2.05 -22.40 -11.16
N VAL K 73 1.79 -23.71 -11.13
CA VAL K 73 0.84 -24.30 -12.06
C VAL K 73 -0.56 -23.74 -11.81
N THR K 74 -0.95 -23.61 -10.53
CA THR K 74 -2.26 -23.06 -10.19
C THR K 74 -2.42 -21.65 -10.78
N GLU K 75 -1.40 -20.79 -10.60
CA GLU K 75 -1.50 -19.42 -11.07
C GLU K 75 -1.49 -19.34 -12.60
N LEU K 76 -0.64 -20.14 -13.25
CA LEU K 76 -0.64 -20.19 -14.71
C LEU K 76 -2.02 -20.50 -15.27
N ILE K 77 -2.69 -21.51 -14.69
CA ILE K 77 -4.00 -21.91 -15.19
C ILE K 77 -5.05 -20.87 -14.85
N LYS K 78 -5.13 -20.48 -13.57
CA LYS K 78 -6.26 -19.70 -13.10
C LYS K 78 -6.15 -18.22 -13.48
N THR K 79 -4.96 -17.66 -13.37
CA THR K 79 -4.77 -16.25 -13.66
C THR K 79 -4.34 -16.00 -15.10
N TYR K 80 -3.45 -16.84 -15.64
CA TYR K 80 -2.86 -16.55 -16.94
C TYR K 80 -3.44 -17.37 -18.08
N GLN K 81 -4.46 -18.17 -17.81
CA GLN K 81 -5.26 -18.86 -18.81
C GLN K 81 -4.46 -19.90 -19.60
N VAL K 82 -3.40 -20.43 -19.02
CA VAL K 82 -2.62 -21.46 -19.70
C VAL K 82 -3.43 -22.75 -19.74
N LYS K 83 -3.48 -23.38 -20.91
CA LYS K 83 -4.28 -24.58 -21.15
C LYS K 83 -3.46 -25.85 -21.29
N GLU K 84 -2.24 -25.76 -21.80
CA GLU K 84 -1.38 -26.90 -22.06
C GLU K 84 -0.06 -26.67 -21.36
N LEU K 85 0.34 -27.62 -20.52
CA LEU K 85 1.52 -27.48 -19.68
C LEU K 85 2.40 -28.70 -19.89
N LEU K 86 3.55 -28.49 -20.49
CA LEU K 86 4.50 -29.55 -20.82
C LEU K 86 5.73 -29.37 -19.94
N ARG K 87 5.87 -30.24 -18.94
CA ARG K 87 6.97 -30.13 -17.99
C ARG K 87 8.12 -31.02 -18.46
N ILE K 88 9.32 -30.46 -18.42
CA ILE K 88 10.52 -31.26 -18.62
C ILE K 88 11.39 -31.15 -17.35
N GLY K 89 12.39 -32.02 -17.27
CA GLY K 89 13.27 -32.00 -16.13
C GLY K 89 14.18 -33.20 -16.14
N THR K 90 15.06 -33.28 -15.14
CA THR K 90 15.86 -34.47 -14.97
C THR K 90 15.19 -35.42 -13.99
N CYS K 91 15.78 -36.60 -13.82
CA CYS K 91 15.27 -37.58 -12.87
C CYS K 91 16.38 -38.56 -12.54
N GLY K 92 16.18 -39.29 -11.46
CA GLY K 92 17.11 -40.34 -11.09
C GLY K 92 16.53 -41.69 -11.41
N ALA K 93 17.16 -42.43 -12.31
CA ALA K 93 16.59 -43.71 -12.73
C ALA K 93 16.68 -44.74 -11.61
N ILE K 94 15.66 -45.61 -11.53
CA ILE K 94 15.64 -46.71 -10.58
C ILE K 94 15.35 -48.05 -11.23
N SER K 95 15.09 -48.07 -12.52
CA SER K 95 14.69 -49.28 -13.22
C SER K 95 15.78 -49.72 -14.20
N PRO K 96 15.98 -51.02 -14.35
CA PRO K 96 16.89 -51.50 -15.39
C PRO K 96 16.36 -51.29 -16.80
N LYS K 97 15.09 -50.91 -16.96
CA LYS K 97 14.52 -50.63 -18.28
C LYS K 97 15.04 -49.32 -18.88
N VAL K 98 15.68 -48.46 -18.09
CA VAL K 98 16.17 -47.18 -18.58
C VAL K 98 17.62 -46.98 -18.18
N GLY K 99 18.30 -46.11 -18.94
CA GLY K 99 19.70 -45.80 -18.70
C GLY K 99 19.94 -44.32 -18.93
N LEU K 100 21.18 -43.91 -18.65
CA LEU K 100 21.56 -42.51 -18.80
C LEU K 100 21.19 -42.01 -20.19
N LYS K 101 20.70 -40.76 -20.25
CA LYS K 101 20.28 -40.02 -21.43
C LYS K 101 18.88 -40.41 -21.92
N ASP K 102 18.26 -41.47 -21.41
CA ASP K 102 16.92 -41.81 -21.87
C ASP K 102 15.94 -40.69 -21.50
N ILE K 103 14.89 -40.57 -22.31
CA ILE K 103 13.79 -39.66 -22.07
C ILE K 103 12.57 -40.49 -21.70
N ILE K 104 11.98 -40.19 -20.55
CA ILE K 104 10.83 -40.92 -20.03
C ILE K 104 9.60 -40.03 -20.18
N MET K 105 8.51 -40.61 -20.68
CA MET K 105 7.19 -39.99 -20.60
C MET K 105 6.45 -40.61 -19.42
N ALA K 106 6.01 -39.78 -18.47
CA ALA K 106 5.37 -40.27 -17.24
C ALA K 106 3.86 -40.40 -17.46
N THR K 107 3.38 -41.62 -17.67
CA THR K 107 1.94 -41.84 -17.79
C THR K 107 1.26 -42.00 -16.43
N GLY K 108 2.04 -42.02 -15.36
CA GLY K 108 1.49 -41.91 -14.02
C GLY K 108 2.58 -41.35 -13.13
N ALA K 109 2.16 -40.68 -12.06
CA ALA K 109 3.11 -40.14 -11.07
C ALA K 109 2.64 -40.55 -9.68
N SER K 110 3.32 -41.54 -9.13
CA SER K 110 3.07 -41.98 -7.76
C SER K 110 3.76 -40.99 -6.83
N THR K 111 3.46 -41.06 -5.53
CA THR K 111 4.05 -40.07 -4.63
C THR K 111 4.05 -40.54 -3.18
N ASP K 112 5.01 -40.01 -2.42
CA ASP K 112 5.01 -40.10 -0.96
C ASP K 112 4.46 -38.84 -0.29
N SER K 113 3.99 -37.87 -1.07
CA SER K 113 3.37 -36.67 -0.56
C SER K 113 1.99 -36.99 0.03
N LYS K 114 1.54 -36.14 0.96
CA LYS K 114 0.17 -36.23 1.45
C LYS K 114 -0.79 -35.35 0.63
N THR K 115 -0.28 -34.61 -0.36
CA THR K 115 -1.11 -33.58 -1.00
C THR K 115 -2.33 -34.15 -1.69
N ASN K 116 -2.19 -35.30 -2.34
CA ASN K 116 -3.32 -35.85 -3.09
C ASN K 116 -4.35 -36.49 -2.16
N ARG K 117 -3.91 -37.03 -1.02
CA ARG K 117 -4.87 -37.48 -0.02
C ARG K 117 -5.66 -36.29 0.52
N VAL K 118 -4.99 -35.14 0.72
CA VAL K 118 -5.69 -33.95 1.18
C VAL K 118 -6.68 -33.48 0.12
N ARG K 119 -6.31 -33.58 -1.15
CA ARG K 119 -7.18 -33.15 -2.24
C ARG K 119 -8.36 -34.09 -2.46
N PHE K 120 -8.20 -35.38 -2.17
CA PHE K 120 -9.05 -36.42 -2.76
C PHE K 120 -9.68 -37.31 -1.70
N LEU K 121 -10.29 -36.69 -0.68
CA LEU K 121 -11.05 -37.42 0.35
C LEU K 121 -10.27 -38.51 1.06
N ASN K 122 -8.96 -38.32 1.24
CA ASN K 122 -8.09 -39.27 1.91
C ASN K 122 -7.93 -40.59 1.15
N HIS K 123 -8.34 -40.64 -0.10
CA HIS K 123 -8.21 -41.85 -0.91
C HIS K 123 -6.96 -41.73 -1.79
N ASP K 124 -6.81 -42.66 -2.72
CA ASP K 124 -5.67 -42.74 -3.63
C ASP K 124 -6.09 -42.10 -4.94
N LEU K 125 -5.54 -40.92 -5.25
CA LEU K 125 -5.70 -40.30 -6.56
C LEU K 125 -4.62 -40.84 -7.48
N SER K 126 -5.01 -41.43 -8.60
CA SER K 126 -4.04 -41.86 -9.59
C SER K 126 -3.72 -40.64 -10.46
N ALA K 127 -2.60 -40.01 -10.18
CA ALA K 127 -2.23 -38.78 -10.88
C ALA K 127 -1.69 -39.12 -12.28
N THR K 128 -2.35 -38.62 -13.30
CA THR K 128 -2.06 -39.00 -14.68
C THR K 128 -2.06 -37.79 -15.58
N PRO K 129 -1.36 -37.87 -16.71
CA PRO K 129 -1.34 -36.78 -17.69
C PRO K 129 -2.56 -36.81 -18.59
N ASP K 130 -2.70 -35.74 -19.37
CA ASP K 130 -3.72 -35.69 -20.42
C ASP K 130 -3.33 -36.66 -21.54
N PHE K 131 -4.28 -37.47 -21.98
CA PHE K 131 -3.93 -38.50 -22.96
C PHE K 131 -3.52 -37.91 -24.30
N GLU K 132 -4.27 -36.92 -24.80
CA GLU K 132 -3.92 -36.31 -26.09
C GLU K 132 -2.48 -35.82 -26.10
N LEU K 133 -2.02 -35.22 -25.01
CA LEU K 133 -0.63 -34.76 -24.96
C LEU K 133 0.34 -35.92 -25.00
N SER K 134 0.03 -37.00 -24.28
CA SER K 134 0.90 -38.17 -24.32
C SER K 134 0.98 -38.76 -25.73
N LEU K 135 -0.14 -38.75 -26.45
CA LEU K 135 -0.12 -39.25 -27.82
C LEU K 135 0.73 -38.35 -28.71
N ARG K 136 0.61 -37.04 -28.52
CA ARG K 136 1.40 -36.11 -29.31
C ARG K 136 2.89 -36.27 -29.01
N ALA K 137 3.24 -36.48 -27.74
CA ALA K 137 4.63 -36.78 -27.38
C ALA K 137 5.11 -38.05 -28.07
N TYR K 138 4.30 -39.10 -28.05
CA TYR K 138 4.73 -40.35 -28.66
C TYR K 138 4.94 -40.19 -30.17
N GLN K 139 4.00 -39.54 -30.85
CA GLN K 139 4.12 -39.35 -32.28
C GLN K 139 5.31 -38.48 -32.63
N THR K 140 5.52 -37.40 -31.87
CA THR K 140 6.63 -36.49 -32.14
C THR K 140 7.97 -37.16 -31.92
N ALA K 141 8.09 -37.95 -30.85
CA ALA K 141 9.31 -38.70 -30.60
C ALA K 141 9.61 -39.68 -31.74
N LYS K 142 8.60 -40.38 -32.24
CA LYS K 142 8.82 -41.30 -33.34
C LYS K 142 9.34 -40.56 -34.57
N ARG K 143 8.72 -39.42 -34.89
CA ARG K 143 9.16 -38.62 -36.03
C ARG K 143 10.62 -38.17 -35.88
N LEU K 144 11.03 -37.83 -34.66
CA LEU K 144 12.38 -37.35 -34.40
C LEU K 144 13.38 -38.47 -34.11
N GLY K 145 12.95 -39.73 -34.14
CA GLY K 145 13.86 -40.83 -33.91
C GLY K 145 14.27 -41.03 -32.47
N ILE K 146 13.44 -40.60 -31.52
CA ILE K 146 13.73 -40.70 -30.10
C ILE K 146 13.07 -41.96 -29.53
N ASP K 147 13.85 -42.76 -28.79
CA ASP K 147 13.39 -44.00 -28.18
C ASP K 147 12.73 -43.68 -26.84
N LEU K 148 11.53 -43.10 -26.92
CA LEU K 148 10.82 -42.64 -25.74
C LEU K 148 10.45 -43.81 -24.83
N LYS K 149 10.89 -43.75 -23.57
CA LYS K 149 10.51 -44.75 -22.57
C LYS K 149 9.24 -44.28 -21.88
N VAL K 150 8.31 -45.21 -21.62
CA VAL K 150 6.99 -44.82 -21.13
C VAL K 150 6.66 -45.66 -19.91
N GLY K 151 6.39 -45.00 -18.79
CA GLY K 151 5.99 -45.69 -17.58
C GLY K 151 5.67 -44.69 -16.49
N ASN K 152 5.63 -45.16 -15.25
CA ASN K 152 5.39 -44.26 -14.14
C ASN K 152 6.69 -43.64 -13.67
N VAL K 153 6.58 -42.48 -13.05
CA VAL K 153 7.64 -41.94 -12.20
C VAL K 153 7.11 -41.89 -10.77
N PHE K 154 8.04 -41.75 -9.82
CA PHE K 154 7.70 -41.57 -8.42
C PHE K 154 8.13 -40.17 -8.03
N SER K 155 7.14 -39.33 -7.71
CA SER K 155 7.39 -37.96 -7.27
C SER K 155 7.55 -37.94 -5.76
N SER K 156 8.75 -37.60 -5.29
CA SER K 156 9.03 -37.66 -3.86
C SER K 156 9.15 -36.26 -3.27
N ASP K 157 8.76 -36.14 -2.00
CA ASP K 157 9.09 -34.98 -1.19
C ASP K 157 10.55 -34.95 -0.76
N PHE K 158 11.33 -35.99 -1.09
CA PHE K 158 12.71 -36.12 -0.63
C PHE K 158 13.66 -36.25 -1.81
N PHE K 159 14.66 -35.38 -1.87
CA PHE K 159 15.80 -35.64 -2.74
C PHE K 159 16.78 -36.58 -2.05
N TYR K 160 17.04 -36.35 -0.75
CA TYR K 160 17.85 -37.24 0.08
C TYR K 160 16.89 -38.19 0.77
N SER K 161 16.66 -39.33 0.14
CA SER K 161 15.62 -40.26 0.56
C SER K 161 16.01 -40.99 1.84
N PHE K 162 14.98 -41.31 2.62
CA PHE K 162 15.12 -42.22 3.76
C PHE K 162 14.62 -43.62 3.45
N GLU K 163 14.30 -43.90 2.19
CA GLU K 163 13.67 -45.14 1.76
C GLU K 163 14.34 -45.71 0.52
N THR K 164 15.68 -45.59 0.45
CA THR K 164 16.39 -46.15 -0.69
C THR K 164 16.23 -47.65 -0.80
N HIS K 165 15.93 -48.34 0.31
CA HIS K 165 15.69 -49.77 0.28
C HIS K 165 14.45 -50.13 -0.52
N ALA K 166 13.58 -49.17 -0.83
CA ALA K 166 12.34 -49.41 -1.57
C ALA K 166 12.45 -49.16 -3.06
N PHE K 167 13.61 -48.71 -3.54
CA PHE K 167 13.73 -48.37 -4.95
C PHE K 167 13.47 -49.58 -5.84
N ASP K 168 13.93 -50.76 -5.44
CA ASP K 168 13.71 -51.97 -6.24
C ASP K 168 12.23 -52.29 -6.35
N LEU K 169 11.49 -52.13 -5.25
CA LEU K 169 10.06 -52.40 -5.29
C LEU K 169 9.35 -51.41 -6.21
N MET K 170 9.73 -50.14 -6.17
CA MET K 170 9.14 -49.15 -7.07
CA MET K 170 9.10 -49.20 -7.07
C MET K 170 9.40 -49.52 -8.53
N ALA K 171 10.62 -49.96 -8.83
CA ALA K 171 10.94 -50.30 -10.21
C ALA K 171 10.18 -51.54 -10.66
N LYS K 172 9.95 -52.48 -9.73
CA LYS K 172 9.12 -53.63 -10.03
C LYS K 172 7.74 -53.20 -10.50
N TYR K 173 7.18 -52.18 -9.87
CA TYR K 173 5.86 -51.65 -10.23
C TYR K 173 5.92 -50.61 -11.34
N ASN K 174 6.92 -50.68 -12.21
CA ASN K 174 6.97 -49.87 -13.43
C ASN K 174 7.24 -48.40 -13.14
N HIS K 175 7.92 -48.09 -12.04
CA HIS K 175 8.43 -46.75 -11.81
C HIS K 175 9.84 -46.71 -12.36
N LEU K 176 10.02 -45.90 -13.41
CA LEU K 176 11.28 -45.87 -14.14
C LEU K 176 12.29 -44.96 -13.47
N ALA K 177 11.82 -43.92 -12.78
CA ALA K 177 12.72 -42.94 -12.21
C ALA K 177 12.00 -42.14 -11.13
N ILE K 178 12.79 -41.40 -10.36
CA ILE K 178 12.30 -40.56 -9.28
C ILE K 178 12.57 -39.11 -9.63
N GLU K 179 11.56 -38.26 -9.44
CA GLU K 179 11.72 -36.81 -9.49
C GLU K 179 10.86 -36.23 -8.39
N MET K 180 10.58 -34.92 -8.42
CA MET K 180 9.95 -34.28 -7.28
C MET K 180 8.73 -33.42 -7.57
N GLU K 181 8.22 -33.38 -8.81
CA GLU K 181 7.10 -32.49 -9.09
C GLU K 181 5.95 -33.10 -9.87
N ALA K 182 6.15 -34.21 -10.58
CA ALA K 182 5.17 -34.64 -11.58
C ALA K 182 3.79 -34.86 -10.97
N ALA K 183 3.73 -35.53 -9.80
CA ALA K 183 2.43 -35.79 -9.19
C ALA K 183 1.68 -34.51 -8.87
N GLY K 184 2.42 -33.44 -8.55
CA GLY K 184 1.77 -32.17 -8.26
C GLY K 184 1.27 -31.49 -9.51
N LEU K 185 2.09 -31.50 -10.57
CA LEU K 185 1.63 -30.97 -11.84
C LEU K 185 0.37 -31.70 -12.30
N TYR K 186 0.39 -33.03 -12.23
CA TYR K 186 -0.75 -33.81 -12.71
C TYR K 186 -1.99 -33.57 -11.87
N ALA K 187 -1.84 -33.57 -10.54
CA ALA K 187 -3.00 -33.34 -9.69
C ALA K 187 -3.60 -31.95 -9.89
N THR K 188 -2.75 -30.93 -10.03
CA THR K 188 -3.26 -29.58 -10.18
C THR K 188 -3.95 -29.40 -11.52
N ALA K 189 -3.38 -29.97 -12.58
CA ALA K 189 -4.03 -29.89 -13.88
C ALA K 189 -5.34 -30.66 -13.89
N MET K 190 -5.42 -31.79 -13.17
CA MET K 190 -6.68 -32.49 -13.01
C MET K 190 -7.68 -31.60 -12.29
N GLU K 191 -7.26 -31.01 -11.16
CA GLU K 191 -8.13 -30.13 -10.38
C GLU K 191 -8.74 -29.04 -11.25
N LEU K 192 -7.94 -28.47 -12.15
CA LEU K 192 -8.31 -27.24 -12.81
C LEU K 192 -8.63 -27.44 -14.29
N ASN K 193 -8.88 -28.68 -14.72
CA ASN K 193 -9.33 -28.96 -16.09
C ASN K 193 -8.35 -28.45 -17.14
N ALA K 194 -7.06 -28.67 -16.92
CA ALA K 194 -6.04 -28.32 -17.90
C ALA K 194 -5.30 -29.58 -18.35
N LYS K 195 -4.56 -29.46 -19.45
CA LYS K 195 -3.86 -30.58 -20.05
C LYS K 195 -2.37 -30.51 -19.71
N ALA K 196 -1.86 -31.56 -19.09
CA ALA K 196 -0.48 -31.58 -18.60
C ALA K 196 0.21 -32.88 -18.98
N LEU K 197 1.53 -32.80 -19.10
CA LEU K 197 2.36 -33.96 -19.36
C LEU K 197 3.77 -33.69 -18.85
N CYS K 198 4.42 -34.72 -18.35
CA CYS K 198 5.80 -34.60 -17.88
CA CYS K 198 5.80 -34.64 -17.86
C CYS K 198 6.69 -35.57 -18.65
N LEU K 199 7.80 -35.05 -19.14
CA LEU K 199 8.89 -35.81 -19.72
C LEU K 199 10.12 -35.59 -18.85
N CYS K 200 10.95 -36.61 -18.68
CA CYS K 200 12.15 -36.40 -17.88
CA CYS K 200 12.12 -36.51 -17.80
C CYS K 200 13.32 -37.16 -18.47
N SER K 201 14.50 -36.58 -18.28
CA SER K 201 15.74 -37.08 -18.86
C SER K 201 16.57 -37.71 -17.74
N VAL K 202 17.08 -38.91 -18.00
CA VAL K 202 17.83 -39.67 -17.01
C VAL K 202 19.23 -39.05 -16.92
N SER K 203 19.48 -38.29 -15.85
CA SER K 203 20.79 -37.69 -15.63
C SER K 203 21.66 -38.54 -14.73
N ASP K 204 21.05 -39.31 -13.83
CA ASP K 204 21.74 -40.18 -12.91
C ASP K 204 20.95 -41.47 -12.78
N HIS K 205 21.65 -42.54 -12.45
CA HIS K 205 21.01 -43.81 -12.13
C HIS K 205 21.24 -44.08 -10.65
N LEU K 206 20.16 -44.10 -9.88
CA LEU K 206 20.29 -44.22 -8.43
C LEU K 206 20.63 -45.63 -7.98
N ILE K 207 20.60 -46.61 -8.88
CA ILE K 207 20.92 -47.99 -8.53
C ILE K 207 22.38 -48.24 -8.83
N THR K 208 22.77 -48.08 -10.10
CA THR K 208 24.10 -48.43 -10.57
C THR K 208 25.10 -47.28 -10.44
N LYS K 209 24.66 -46.10 -10.01
CA LYS K 209 25.49 -44.94 -9.69
C LYS K 209 26.11 -44.26 -10.89
N GLU K 210 25.88 -44.75 -12.11
CA GLU K 210 26.28 -44.00 -13.29
C GLU K 210 25.70 -42.60 -13.22
N ALA K 211 26.51 -41.62 -13.61
CA ALA K 211 26.10 -40.23 -13.59
C ALA K 211 26.70 -39.54 -14.80
N LEU K 212 25.90 -38.71 -15.47
CA LEU K 212 26.38 -38.02 -16.66
C LEU K 212 27.33 -36.90 -16.25
N SER K 213 28.25 -36.57 -17.16
CA SER K 213 29.13 -35.44 -16.93
C SER K 213 28.35 -34.15 -17.14
N PRO K 214 28.82 -33.04 -16.56
CA PRO K 214 28.17 -31.74 -16.83
C PRO K 214 28.02 -31.43 -18.31
N LYS K 215 28.91 -31.94 -19.16
CA LYS K 215 28.80 -31.76 -20.59
C LYS K 215 27.71 -32.65 -21.17
N GLU K 216 27.71 -33.94 -20.80
CA GLU K 216 26.71 -34.87 -21.31
C GLU K 216 25.30 -34.47 -20.89
N ARG K 217 25.17 -33.84 -19.73
CA ARG K 217 23.85 -33.42 -19.25
C ARG K 217 23.19 -32.45 -20.24
N VAL K 218 23.93 -31.44 -20.68
CA VAL K 218 23.33 -30.45 -21.57
C VAL K 218 22.99 -31.05 -22.94
N GLU K 219 23.81 -31.99 -23.42
CA GLU K 219 23.55 -32.62 -24.71
C GLU K 219 22.25 -33.41 -24.68
N SER K 220 22.04 -34.23 -23.65
CA SER K 220 20.84 -35.04 -23.60
C SER K 220 19.61 -34.19 -23.27
N PHE K 221 19.78 -33.16 -22.44
CA PHE K 221 18.67 -32.27 -22.14
C PHE K 221 18.23 -31.50 -23.39
N ASP K 222 19.17 -31.17 -24.27
CA ASP K 222 18.82 -30.50 -25.52
C ASP K 222 17.86 -31.36 -26.36
N ASN K 223 18.09 -32.67 -26.39
CA ASN K 223 17.24 -33.57 -27.16
C ASN K 223 15.81 -33.55 -26.64
N MET K 224 15.64 -33.42 -25.33
CA MET K 224 14.30 -33.37 -24.75
C MET K 224 13.67 -32.00 -24.93
N ILE K 225 14.46 -30.94 -24.85
CA ILE K 225 13.94 -29.61 -25.18
C ILE K 225 13.38 -29.59 -26.59
N ILE K 226 14.13 -30.15 -27.56
CA ILE K 226 13.66 -30.15 -28.94
C ILE K 226 12.38 -30.97 -29.08
N LEU K 227 12.31 -32.12 -28.42
CA LEU K 227 11.08 -32.91 -28.43
C LEU K 227 9.90 -32.09 -27.93
N ALA K 228 10.08 -31.41 -26.80
CA ALA K 228 8.99 -30.61 -26.24
C ALA K 228 8.59 -29.48 -27.18
N LEU K 229 9.57 -28.72 -27.68
CA LEU K 229 9.24 -27.61 -28.57
C LEU K 229 8.59 -28.12 -29.86
N GLU K 230 9.07 -29.26 -30.38
CA GLU K 230 8.46 -29.83 -31.57
C GLU K 230 7.00 -30.25 -31.32
N MET K 231 6.68 -30.80 -30.14
CA MET K 231 5.29 -31.21 -29.94
C MET K 231 4.37 -30.00 -29.76
N MET K 232 4.91 -28.87 -29.29
CA MET K 232 4.13 -27.66 -29.09
C MET K 232 3.92 -26.88 -30.39
N SER K 233 4.66 -27.20 -31.45
CA SER K 233 4.49 -26.55 -32.74
C SER K 233 3.18 -27.01 -33.39
N MET L 1 -34.66 -57.96 -8.99
CA MET L 1 -34.93 -56.58 -8.64
C MET L 1 -33.67 -55.76 -8.35
N THR L 2 -32.49 -56.42 -8.34
CA THR L 2 -31.24 -55.68 -8.14
C THR L 2 -30.31 -55.94 -9.31
N PRO L 3 -29.19 -55.21 -9.45
CA PRO L 3 -28.22 -55.56 -10.49
C PRO L 3 -27.55 -56.91 -10.29
N HIS L 4 -27.61 -57.48 -9.09
CA HIS L 4 -26.83 -58.68 -8.78
C HIS L 4 -27.68 -59.88 -8.39
N ILE L 5 -28.98 -59.72 -8.22
CA ILE L 5 -29.87 -60.80 -7.82
C ILE L 5 -31.15 -60.65 -8.64
N ASN L 6 -31.60 -61.74 -9.25
CA ASN L 6 -32.82 -61.71 -10.04
C ASN L 6 -33.93 -62.57 -9.44
N ALA L 7 -33.89 -62.80 -8.12
CA ALA L 7 -34.99 -63.43 -7.43
C ALA L 7 -36.15 -62.45 -7.29
N LYS L 8 -37.35 -63.01 -7.10
CA LYS L 8 -38.51 -62.20 -6.81
C LYS L 8 -38.52 -61.84 -5.33
N ILE L 9 -39.15 -60.71 -5.00
CA ILE L 9 -39.40 -60.41 -3.60
C ILE L 9 -40.20 -61.55 -2.99
N GLY L 10 -39.77 -61.99 -1.81
CA GLY L 10 -40.38 -63.14 -1.17
C GLY L 10 -39.72 -64.47 -1.44
N ASP L 11 -38.81 -64.56 -2.43
CA ASP L 11 -38.20 -65.84 -2.76
C ASP L 11 -37.25 -66.35 -1.70
N PHE L 12 -36.66 -65.45 -0.89
CA PHE L 12 -35.72 -65.85 0.16
C PHE L 12 -36.43 -66.05 1.48
N TYR L 13 -36.08 -67.12 2.19
CA TYR L 13 -36.48 -67.27 3.57
C TYR L 13 -35.67 -66.29 4.41
N PRO L 14 -36.14 -65.97 5.63
CA PRO L 14 -35.42 -64.97 6.44
C PRO L 14 -34.09 -65.48 7.00
N GLN L 15 -33.81 -66.77 6.90
CA GLN L 15 -32.53 -67.36 7.28
C GLN L 15 -31.83 -67.82 6.01
N CYS L 16 -30.57 -67.42 5.86
CA CYS L 16 -29.82 -67.71 4.64
C CYS L 16 -28.41 -68.17 5.00
N LEU L 17 -28.02 -69.31 4.44
CA LEU L 17 -26.64 -69.78 4.46
C LEU L 17 -25.87 -69.14 3.30
N LEU L 18 -24.67 -68.65 3.58
CA LEU L 18 -23.87 -67.98 2.56
C LEU L 18 -22.56 -68.72 2.34
N OCS L 19 -22.05 -68.68 1.11
CA OCS L 19 -20.78 -69.28 0.82
CB OCS L 19 -20.98 -70.75 0.46
SG OCS L 19 -19.48 -71.73 0.42
C OCS L 19 -20.21 -68.54 -0.38
O OCS L 19 -20.98 -68.10 -1.23
OD1 OCS L 19 -18.76 -71.53 1.62
OD2 OCS L 19 -18.69 -71.41 -0.72
OD3 OCS L 19 -19.91 -73.11 0.34
N GLY L 20 -18.90 -68.38 -0.46
CA GLY L 20 -18.34 -67.65 -1.59
C GLY L 20 -18.48 -68.36 -2.92
N ASP L 21 -18.45 -69.70 -2.87
CA ASP L 21 -18.44 -70.53 -4.07
C ASP L 21 -19.86 -70.93 -4.47
N PRO L 22 -20.41 -70.38 -5.56
CA PRO L 22 -21.78 -70.75 -5.95
C PRO L 22 -21.92 -72.20 -6.36
N LEU L 23 -20.83 -72.87 -6.75
CA LEU L 23 -20.93 -74.31 -7.03
C LEU L 23 -21.05 -75.12 -5.75
N ARG L 24 -20.40 -74.70 -4.66
CA ARG L 24 -20.66 -75.35 -3.38
C ARG L 24 -22.07 -75.07 -2.90
N VAL L 25 -22.61 -73.88 -3.21
CA VAL L 25 -23.99 -73.57 -2.91
C VAL L 25 -24.93 -74.56 -3.60
N SER L 26 -24.67 -74.85 -4.88
CA SER L 26 -25.53 -75.79 -5.59
C SER L 26 -25.34 -77.21 -5.07
N TYR L 27 -24.12 -77.57 -4.66
CA TYR L 27 -23.88 -78.86 -4.04
C TYR L 27 -24.69 -79.01 -2.75
N ILE L 28 -24.78 -77.95 -1.94
CA ILE L 28 -25.57 -78.01 -0.73
C ILE L 28 -27.04 -78.17 -1.06
N ALA L 29 -27.55 -77.39 -2.02
CA ALA L 29 -28.95 -77.47 -2.40
C ALA L 29 -29.34 -78.88 -2.82
N LYS L 30 -28.46 -79.54 -3.57
CA LYS L 30 -28.81 -80.87 -4.11
C LYS L 30 -28.65 -81.98 -3.08
N LYS L 31 -27.59 -81.92 -2.26
CA LYS L 31 -27.30 -83.02 -1.35
C LYS L 31 -28.11 -82.94 -0.07
N PHE L 32 -28.37 -81.72 0.43
CA PHE L 32 -28.90 -81.57 1.78
C PHE L 32 -30.30 -80.99 1.87
N LEU L 33 -30.78 -80.28 0.85
CA LEU L 33 -32.07 -79.64 0.91
C LEU L 33 -33.09 -80.47 0.13
N GLN L 34 -34.35 -80.34 0.52
CA GLN L 34 -35.45 -80.93 -0.21
C GLN L 34 -36.19 -79.86 -0.99
N ASP L 35 -36.64 -80.23 -2.19
CA ASP L 35 -37.44 -79.34 -3.05
C ASP L 35 -36.73 -78.02 -3.32
N ALA L 36 -35.41 -78.09 -3.49
CA ALA L 36 -34.61 -76.87 -3.67
C ALA L 36 -34.86 -76.24 -5.03
N LYS L 37 -35.17 -74.94 -5.01
CA LYS L 37 -35.39 -74.16 -6.22
C LYS L 37 -34.27 -73.14 -6.37
N GLU L 38 -33.75 -73.02 -7.58
CA GLU L 38 -32.78 -71.98 -7.89
C GLU L 38 -33.53 -70.68 -8.10
N ILE L 39 -33.28 -69.70 -7.22
CA ILE L 39 -34.05 -68.47 -7.19
C ILE L 39 -33.30 -67.28 -7.76
N THR L 40 -31.99 -67.40 -7.95
CA THR L 40 -31.23 -66.30 -8.55
C THR L 40 -29.98 -66.86 -9.20
N ASN L 41 -29.54 -66.19 -10.28
CA ASN L 41 -28.34 -66.69 -10.97
C ASN L 41 -27.63 -65.59 -11.76
N VAL L 42 -27.81 -64.32 -11.41
CA VAL L 42 -27.06 -63.25 -12.08
C VAL L 42 -25.57 -63.49 -11.86
N ARG L 43 -24.78 -63.28 -12.91
CA ARG L 43 -23.33 -63.50 -12.87
C ARG L 43 -22.98 -64.92 -12.43
N ASN L 44 -23.88 -65.88 -12.67
CA ASN L 44 -23.64 -67.27 -12.26
C ASN L 44 -23.52 -67.41 -10.74
N MET L 45 -23.93 -66.38 -9.99
CA MET L 45 -23.93 -66.39 -8.53
C MET L 45 -25.28 -66.93 -8.06
N LEU L 46 -25.28 -68.22 -7.75
CA LEU L 46 -26.52 -68.94 -7.55
C LEU L 46 -27.02 -68.78 -6.12
N GLY L 47 -28.36 -68.72 -6.00
CA GLY L 47 -29.01 -68.82 -4.72
C GLY L 47 -30.21 -69.73 -4.84
N PHE L 48 -30.66 -70.24 -3.69
CA PHE L 48 -31.67 -71.29 -3.64
C PHE L 48 -32.59 -71.08 -2.45
N SER L 49 -33.75 -71.70 -2.52
CA SER L 49 -34.64 -71.86 -1.38
C SER L 49 -35.13 -73.30 -1.36
N GLY L 50 -35.04 -73.93 -0.20
CA GLY L 50 -35.49 -75.30 -0.05
C GLY L 50 -35.82 -75.55 1.40
N LYS L 51 -35.93 -76.83 1.75
CA LYS L 51 -36.28 -77.22 3.11
C LYS L 51 -35.23 -78.15 3.69
N TYR L 52 -34.93 -77.96 4.98
CA TYR L 52 -34.10 -78.88 5.73
C TYR L 52 -34.90 -79.28 6.96
N LYS L 53 -35.20 -80.58 7.07
CA LYS L 53 -36.00 -81.09 8.19
C LYS L 53 -37.29 -80.28 8.34
N GLY L 54 -37.97 -80.09 7.22
CA GLY L 54 -39.24 -79.39 7.18
C GLY L 54 -39.18 -77.88 7.32
N ARG L 55 -38.00 -77.30 7.56
CA ARG L 55 -37.86 -75.88 7.78
C ARG L 55 -37.34 -75.22 6.50
N GLY L 56 -37.86 -74.04 6.18
CA GLY L 56 -37.40 -73.31 5.00
C GLY L 56 -36.03 -72.69 5.25
N ILE L 57 -35.08 -72.98 4.35
CA ILE L 57 -33.72 -72.42 4.38
C ILE L 57 -33.42 -71.85 3.01
N SER L 58 -32.75 -70.70 2.95
CA SER L 58 -32.20 -70.20 1.70
C SER L 58 -30.69 -70.31 1.72
N LEU L 59 -30.10 -70.38 0.52
CA LEU L 59 -28.64 -70.43 0.34
C LEU L 59 -28.26 -69.38 -0.68
N MET L 60 -27.13 -68.69 -0.46
CA MET L 60 -26.70 -67.74 -1.47
C MET L 60 -25.19 -67.65 -1.59
N GLY L 61 -24.71 -67.61 -2.83
CA GLY L 61 -23.31 -67.37 -3.09
C GLY L 61 -22.97 -65.89 -2.99
N HIS L 62 -21.76 -65.59 -2.53
CA HIS L 62 -21.36 -64.19 -2.39
C HIS L 62 -20.05 -63.81 -3.04
N GLY L 63 -19.37 -64.73 -3.72
CA GLY L 63 -18.09 -64.46 -4.37
C GLY L 63 -16.97 -64.21 -3.35
N MET L 64 -15.84 -63.75 -3.88
CA MET L 64 -14.59 -63.64 -3.12
C MET L 64 -14.28 -62.19 -2.80
N GLY L 65 -13.93 -61.95 -1.55
CA GLY L 65 -13.49 -60.64 -1.14
C GLY L 65 -14.59 -59.84 -0.47
N ILE L 66 -14.17 -58.91 0.39
CA ILE L 66 -15.11 -58.09 1.13
C ILE L 66 -16.03 -57.33 0.21
N ALA L 67 -15.51 -56.80 -0.89
CA ALA L 67 -16.34 -55.95 -1.75
C ALA L 67 -17.46 -56.75 -2.41
N SER L 68 -17.14 -57.95 -2.87
CA SER L 68 -18.18 -58.81 -3.46
C SER L 68 -19.18 -59.25 -2.39
N CYS L 69 -18.67 -59.72 -1.24
CA CYS L 69 -19.56 -60.14 -0.16
C CYS L 69 -20.52 -59.03 0.24
N THR L 70 -20.00 -57.80 0.37
CA THR L 70 -20.82 -56.69 0.85
C THR L 70 -21.98 -56.41 -0.08
N ILE L 71 -21.77 -56.52 -1.40
CA ILE L 71 -22.84 -56.29 -2.36
C ILE L 71 -23.99 -57.24 -2.10
N TYR L 72 -23.69 -58.54 -2.03
CA TYR L 72 -24.75 -59.53 -1.88
C TYR L 72 -25.43 -59.42 -0.52
N VAL L 73 -24.65 -59.25 0.54
CA VAL L 73 -25.24 -59.17 1.88
C VAL L 73 -26.16 -57.96 1.99
N THR L 74 -25.72 -56.80 1.45
CA THR L 74 -26.55 -55.60 1.48
C THR L 74 -27.90 -55.85 0.80
N GLU L 75 -27.87 -56.43 -0.40
CA GLU L 75 -29.11 -56.69 -1.13
C GLU L 75 -30.00 -57.71 -0.41
N LEU L 76 -29.40 -58.78 0.13
CA LEU L 76 -30.21 -59.77 0.86
C LEU L 76 -30.98 -59.13 2.01
N ILE L 77 -30.32 -58.22 2.75
CA ILE L 77 -30.96 -57.58 3.89
C ILE L 77 -31.96 -56.53 3.43
N LYS L 78 -31.54 -55.60 2.56
CA LYS L 78 -32.36 -54.44 2.28
C LYS L 78 -33.52 -54.77 1.34
N THR L 79 -33.31 -55.64 0.38
CA THR L 79 -34.32 -55.94 -0.62
C THR L 79 -35.08 -57.23 -0.32
N TYR L 80 -34.37 -58.28 0.11
CA TYR L 80 -34.99 -59.59 0.25
C TYR L 80 -35.37 -59.94 1.68
N GLN L 81 -35.22 -59.00 2.61
CA GLN L 81 -35.73 -59.15 3.98
C GLN L 81 -35.06 -60.29 4.75
N VAL L 82 -33.84 -60.67 4.37
CA VAL L 82 -33.11 -61.68 5.13
C VAL L 82 -32.67 -61.10 6.46
N LYS L 83 -32.85 -61.89 7.53
CA LYS L 83 -32.59 -61.43 8.90
C LYS L 83 -31.42 -62.13 9.58
N GLU L 84 -31.14 -63.38 9.22
CA GLU L 84 -30.06 -64.17 9.79
C GLU L 84 -29.21 -64.70 8.65
N LEU L 85 -27.92 -64.41 8.70
CA LEU L 85 -26.98 -64.78 7.65
C LEU L 85 -25.85 -65.56 8.27
N LEU L 86 -25.75 -66.82 7.89
CA LEU L 86 -24.74 -67.73 8.42
C LEU L 86 -23.80 -68.06 7.27
N ARG L 87 -22.57 -67.61 7.38
CA ARG L 87 -21.59 -67.80 6.32
C ARG L 87 -20.71 -68.98 6.68
N ILE L 88 -20.50 -69.86 5.71
CA ILE L 88 -19.51 -70.91 5.82
C ILE L 88 -18.47 -70.70 4.70
N GLY L 89 -17.34 -71.37 4.84
CA GLY L 89 -16.28 -71.23 3.87
C GLY L 89 -15.05 -71.96 4.34
N THR L 90 -14.03 -71.96 3.50
CA THR L 90 -12.74 -72.49 3.90
C THR L 90 -11.85 -71.37 4.42
N CYS L 91 -10.68 -71.74 4.93
CA CYS L 91 -9.74 -70.73 5.42
C CYS L 91 -8.34 -71.32 5.43
N GLY L 92 -7.36 -70.42 5.53
CA GLY L 92 -5.98 -70.85 5.66
C GLY L 92 -5.52 -70.69 7.09
N ALA L 93 -5.23 -71.80 7.77
CA ALA L 93 -4.87 -71.72 9.19
C ALA L 93 -3.50 -71.07 9.36
N ILE L 94 -3.37 -70.28 10.43
CA ILE L 94 -2.11 -69.64 10.77
C ILE L 94 -1.71 -69.85 12.22
N SER L 95 -2.51 -70.56 12.99
CA SER L 95 -2.27 -70.72 14.42
C SER L 95 -2.00 -72.18 14.75
N PRO L 96 -1.12 -72.46 15.73
CA PRO L 96 -0.95 -73.84 16.19
C PRO L 96 -2.15 -74.38 16.95
N LYS L 97 -3.11 -73.54 17.31
CA LYS L 97 -4.30 -73.98 18.02
C LYS L 97 -5.29 -74.71 17.12
N VAL L 98 -5.11 -74.69 15.80
CA VAL L 98 -6.01 -75.37 14.88
C VAL L 98 -5.22 -76.19 13.87
N GLY L 99 -5.88 -77.21 13.32
CA GLY L 99 -5.30 -78.02 12.27
C GLY L 99 -6.34 -78.31 11.20
N LEU L 100 -5.91 -79.05 10.17
CA LEU L 100 -6.83 -79.33 9.07
C LEU L 100 -8.10 -79.99 9.58
N LYS L 101 -9.18 -79.75 8.84
CA LYS L 101 -10.57 -80.12 9.14
C LYS L 101 -11.18 -79.50 10.41
N ASP L 102 -10.42 -78.71 11.16
CA ASP L 102 -11.05 -77.99 12.27
C ASP L 102 -12.07 -77.00 11.74
N ILE L 103 -13.10 -76.75 12.54
CA ILE L 103 -14.14 -75.76 12.25
C ILE L 103 -13.97 -74.60 13.24
N ILE L 104 -13.84 -73.39 12.70
CA ILE L 104 -13.59 -72.19 13.50
C ILE L 104 -14.85 -71.35 13.50
N MET L 105 -15.21 -70.82 14.67
CA MET L 105 -16.26 -69.81 14.78
C MET L 105 -15.58 -68.47 15.02
N ALA L 106 -15.82 -67.52 14.11
CA ALA L 106 -15.09 -66.24 14.16
C ALA L 106 -15.85 -65.27 15.06
N THR L 107 -15.36 -65.06 16.29
CA THR L 107 -16.01 -64.07 17.15
C THR L 107 -15.50 -62.66 16.89
N GLY L 108 -14.54 -62.52 15.99
CA GLY L 108 -14.14 -61.23 15.48
C GLY L 108 -13.43 -61.41 14.16
N ALA L 109 -13.47 -60.38 13.32
CA ALA L 109 -12.83 -60.45 12.01
C ALA L 109 -12.01 -59.19 11.83
N SER L 110 -10.71 -59.32 12.00
CA SER L 110 -9.76 -58.26 11.73
C SER L 110 -9.55 -58.16 10.22
N THR L 111 -8.91 -57.09 9.77
CA THR L 111 -8.82 -56.90 8.32
C THR L 111 -7.70 -55.94 7.93
N ASP L 112 -7.19 -56.14 6.71
CA ASP L 112 -6.32 -55.16 6.04
C ASP L 112 -7.07 -54.29 5.03
N SER L 113 -8.38 -54.45 4.94
CA SER L 113 -9.23 -53.60 4.10
C SER L 113 -9.31 -52.19 4.68
N LYS L 114 -9.61 -51.22 3.80
CA LYS L 114 -9.95 -49.88 4.28
C LYS L 114 -11.46 -49.70 4.46
N THR L 115 -12.26 -50.72 4.14
CA THR L 115 -13.72 -50.52 4.08
C THR L 115 -14.31 -50.09 5.41
N ASN L 116 -13.82 -50.64 6.53
CA ASN L 116 -14.38 -50.28 7.83
C ASN L 116 -13.94 -48.90 8.29
N ARG L 117 -12.73 -48.48 7.91
CA ARG L 117 -12.33 -47.10 8.18
C ARG L 117 -13.20 -46.12 7.39
N VAL L 118 -13.54 -46.48 6.14
CA VAL L 118 -14.46 -45.63 5.38
C VAL L 118 -15.83 -45.57 6.03
N ARG L 119 -16.28 -46.70 6.59
CA ARG L 119 -17.60 -46.73 7.19
C ARG L 119 -17.65 -46.05 8.55
N PHE L 120 -16.54 -46.04 9.30
CA PHE L 120 -16.55 -45.81 10.74
C PHE L 120 -15.61 -44.67 11.11
N LEU L 121 -15.75 -43.53 10.45
CA LEU L 121 -15.13 -42.28 10.91
C LEU L 121 -13.60 -42.36 10.96
N ASN L 122 -13.00 -43.21 10.13
CA ASN L 122 -11.56 -43.44 10.05
C ASN L 122 -11.01 -44.07 11.33
N HIS L 123 -11.86 -44.62 12.20
CA HIS L 123 -11.41 -45.27 13.41
C HIS L 123 -11.39 -46.79 13.22
N ASP L 124 -11.17 -47.53 14.30
CA ASP L 124 -11.11 -49.00 14.29
C ASP L 124 -12.49 -49.55 14.63
N LEU L 125 -13.18 -50.11 13.65
CA LEU L 125 -14.42 -50.86 13.90
C LEU L 125 -14.04 -52.29 14.24
N SER L 126 -14.47 -52.76 15.41
CA SER L 126 -14.21 -54.15 15.76
C SER L 126 -15.39 -54.94 15.22
N ALA L 127 -15.17 -55.63 14.10
CA ALA L 127 -16.24 -56.29 13.39
C ALA L 127 -16.53 -57.63 14.05
N THR L 128 -17.77 -57.81 14.49
CA THR L 128 -18.12 -58.92 15.35
C THR L 128 -19.43 -59.54 14.87
N PRO L 129 -19.68 -60.81 15.20
CA PRO L 129 -20.95 -61.44 14.86
C PRO L 129 -22.02 -61.11 15.89
N ASP L 130 -23.24 -61.54 15.57
CA ASP L 130 -24.33 -61.51 16.52
C ASP L 130 -24.10 -62.55 17.61
N PHE L 131 -24.23 -62.13 18.88
CA PHE L 131 -23.92 -63.04 19.97
C PHE L 131 -24.88 -64.23 20.02
N GLU L 132 -26.18 -63.99 19.87
CA GLU L 132 -27.15 -65.09 19.93
C GLU L 132 -26.83 -66.17 18.90
N LEU L 133 -26.47 -65.78 17.67
CA LEU L 133 -26.08 -66.76 16.68
C LEU L 133 -24.84 -67.53 17.12
N SER L 134 -23.85 -66.84 17.71
CA SER L 134 -22.67 -67.56 18.14
C SER L 134 -22.98 -68.55 19.25
N LEU L 135 -23.94 -68.23 20.12
CA LEU L 135 -24.35 -69.16 21.17
C LEU L 135 -25.02 -70.38 20.55
N ARG L 136 -25.89 -70.15 19.57
CA ARG L 136 -26.56 -71.25 18.90
C ARG L 136 -25.55 -72.16 18.20
N ALA L 137 -24.54 -71.57 17.57
CA ALA L 137 -23.49 -72.38 16.95
C ALA L 137 -22.76 -73.22 18.00
N TYR L 138 -22.39 -72.62 19.13
CA TYR L 138 -21.68 -73.36 20.16
C TYR L 138 -22.53 -74.52 20.69
N GLN L 139 -23.81 -74.25 20.94
CA GLN L 139 -24.72 -75.25 21.50
C GLN L 139 -25.00 -76.36 20.50
N THR L 140 -25.16 -76.01 19.22
CA THR L 140 -25.40 -77.02 18.19
C THR L 140 -24.16 -77.90 17.98
N ALA L 141 -22.98 -77.29 17.93
CA ALA L 141 -21.75 -78.06 17.77
C ALA L 141 -21.55 -79.02 18.94
N LYS L 142 -21.89 -78.60 20.15
CA LYS L 142 -21.81 -79.48 21.31
C LYS L 142 -22.76 -80.67 21.14
N ARG L 143 -24.01 -80.39 20.75
CA ARG L 143 -24.98 -81.46 20.50
C ARG L 143 -24.48 -82.44 19.44
N LEU L 144 -23.75 -81.95 18.45
CA LEU L 144 -23.30 -82.78 17.34
C LEU L 144 -21.93 -83.42 17.59
N GLY L 145 -21.27 -83.09 18.70
CA GLY L 145 -19.95 -83.64 18.96
C GLY L 145 -18.80 -82.98 18.23
N ILE L 146 -18.98 -81.74 17.76
CA ILE L 146 -17.94 -81.01 17.03
C ILE L 146 -17.12 -80.19 18.01
N ASP L 147 -15.79 -80.29 17.90
CA ASP L 147 -14.85 -79.53 18.73
C ASP L 147 -14.62 -78.17 18.07
N LEU L 148 -15.62 -77.31 18.21
CA LEU L 148 -15.60 -75.99 17.58
C LEU L 148 -14.48 -75.16 18.18
N LYS L 149 -13.62 -74.61 17.31
CA LYS L 149 -12.57 -73.69 17.74
C LYS L 149 -13.11 -72.27 17.62
N VAL L 150 -12.80 -71.44 18.61
CA VAL L 150 -13.40 -70.12 18.69
C VAL L 150 -12.29 -69.08 18.80
N GLY L 151 -12.33 -68.09 17.92
CA GLY L 151 -11.35 -67.02 17.96
C GLY L 151 -11.59 -66.04 16.84
N ASN L 152 -10.59 -65.19 16.60
CA ASN L 152 -10.69 -64.25 15.50
C ASN L 152 -10.24 -64.91 14.21
N VAL L 153 -10.71 -64.37 13.09
CA VAL L 153 -10.09 -64.59 11.78
C VAL L 153 -9.55 -63.25 11.29
N PHE L 154 -8.69 -63.33 10.29
CA PHE L 154 -8.20 -62.14 9.59
C PHE L 154 -8.75 -62.18 8.17
N SER L 155 -9.56 -61.18 7.82
CA SER L 155 -10.16 -61.08 6.49
C SER L 155 -9.25 -60.21 5.64
N SER L 156 -8.65 -60.79 4.62
CA SER L 156 -7.68 -60.07 3.80
C SER L 156 -8.24 -59.72 2.43
N ASP L 157 -7.80 -58.59 1.92
CA ASP L 157 -7.98 -58.26 0.52
C ASP L 157 -7.07 -59.08 -0.38
N PHE L 158 -6.18 -59.89 0.18
CA PHE L 158 -5.18 -60.62 -0.58
C PHE L 158 -5.30 -62.13 -0.34
N PHE L 159 -5.43 -62.89 -1.44
CA PHE L 159 -5.18 -64.33 -1.36
C PHE L 159 -3.69 -64.61 -1.46
N TYR L 160 -3.02 -63.96 -2.41
CA TYR L 160 -1.56 -64.02 -2.57
C TYR L 160 -0.98 -62.88 -1.74
N SER L 161 -0.67 -63.18 -0.48
CA SER L 161 -0.31 -62.15 0.49
C SER L 161 1.08 -61.59 0.23
N PHE L 162 1.25 -60.31 0.55
CA PHE L 162 2.55 -59.66 0.56
C PHE L 162 3.07 -59.51 1.97
N GLU L 163 2.39 -60.09 2.94
CA GLU L 163 2.74 -59.91 4.35
C GLU L 163 2.78 -61.26 5.07
N THR L 164 3.30 -62.31 4.42
CA THR L 164 3.39 -63.61 5.09
C THR L 164 4.26 -63.55 6.33
N HIS L 165 5.17 -62.58 6.41
CA HIS L 165 6.01 -62.44 7.60
C HIS L 165 5.19 -62.12 8.85
N ALA L 166 3.96 -61.66 8.69
CA ALA L 166 3.11 -61.21 9.78
C ALA L 166 2.17 -62.27 10.30
N PHE L 167 2.15 -63.46 9.70
CA PHE L 167 1.22 -64.50 10.12
C PHE L 167 1.43 -64.89 11.59
N ASP L 168 2.67 -65.02 12.04
CA ASP L 168 2.90 -65.38 13.44
C ASP L 168 2.34 -64.34 14.39
N LEU L 169 2.57 -63.04 14.10
CA LEU L 169 2.00 -61.98 14.90
C LEU L 169 0.47 -62.08 14.97
N MET L 170 -0.19 -62.31 13.84
CA MET L 170 -1.65 -62.47 13.86
CA MET L 170 -1.64 -62.45 13.90
C MET L 170 -2.06 -63.65 14.73
N ALA L 171 -1.36 -64.78 14.61
CA ALA L 171 -1.73 -65.95 15.39
C ALA L 171 -1.52 -65.68 16.88
N LYS L 172 -0.48 -64.92 17.22
CA LYS L 172 -0.23 -64.59 18.61
C LYS L 172 -1.42 -63.84 19.19
N TYR L 173 -2.04 -62.96 18.40
CA TYR L 173 -3.22 -62.20 18.79
C TYR L 173 -4.54 -62.94 18.53
N ASN L 174 -4.52 -64.28 18.56
CA ASN L 174 -5.74 -65.09 18.53
C ASN L 174 -6.45 -65.08 17.18
N HIS L 175 -5.70 -64.87 16.09
CA HIS L 175 -6.24 -65.08 14.75
C HIS L 175 -5.88 -66.49 14.34
N LEU L 176 -6.91 -67.32 14.20
CA LEU L 176 -6.71 -68.74 13.94
C LEU L 176 -6.47 -69.02 12.47
N ALA L 177 -7.00 -68.18 11.58
CA ALA L 177 -6.94 -68.43 10.15
C ALA L 177 -7.23 -67.15 9.39
N ILE L 178 -6.95 -67.20 8.09
CA ILE L 178 -7.16 -66.09 7.17
C ILE L 178 -8.24 -66.50 6.17
N GLU L 179 -9.17 -65.60 5.91
CA GLU L 179 -10.11 -65.75 4.81
C GLU L 179 -10.30 -64.34 4.23
N MET L 180 -11.34 -64.13 3.42
CA MET L 180 -11.42 -62.90 2.64
C MET L 180 -12.77 -62.17 2.71
N GLU L 181 -13.73 -62.62 3.53
CA GLU L 181 -15.03 -61.97 3.54
C GLU L 181 -15.59 -61.64 4.92
N ALA L 182 -15.17 -62.32 5.99
CA ALA L 182 -15.91 -62.24 7.25
C ALA L 182 -16.06 -60.79 7.74
N ALA L 183 -15.00 -59.99 7.64
CA ALA L 183 -15.08 -58.62 8.15
C ALA L 183 -16.13 -57.81 7.40
N GLY L 184 -16.31 -58.08 6.10
CA GLY L 184 -17.33 -57.38 5.35
C GLY L 184 -18.73 -57.84 5.69
N LEU L 185 -18.92 -59.15 5.84
CA LEU L 185 -20.21 -59.64 6.31
C LEU L 185 -20.56 -59.04 7.66
N TYR L 186 -19.61 -59.05 8.60
CA TYR L 186 -19.89 -58.55 9.94
C TYR L 186 -20.21 -57.06 9.92
N ALA L 187 -19.41 -56.29 9.19
CA ALA L 187 -19.64 -54.85 9.15
C ALA L 187 -20.96 -54.51 8.47
N THR L 188 -21.32 -55.26 7.41
CA THR L 188 -22.58 -54.97 6.72
C THR L 188 -23.77 -55.33 7.61
N ALA L 189 -23.68 -56.45 8.32
CA ALA L 189 -24.77 -56.81 9.21
C ALA L 189 -24.87 -55.84 10.39
N MET L 190 -23.74 -55.31 10.89
CA MET L 190 -23.85 -54.25 11.88
C MET L 190 -24.49 -52.99 11.32
N GLU L 191 -24.04 -52.56 10.14
CA GLU L 191 -24.63 -51.40 9.49
C GLU L 191 -26.14 -51.50 9.42
N LEU L 192 -26.66 -52.68 9.09
CA LEU L 192 -28.06 -52.85 8.73
C LEU L 192 -28.87 -53.58 9.78
N ASN L 193 -28.32 -53.76 11.00
CA ASN L 193 -29.07 -54.33 12.12
C ASN L 193 -29.54 -55.75 11.84
N ALA L 194 -28.69 -56.54 11.20
CA ALA L 194 -29.00 -57.94 10.91
C ALA L 194 -28.08 -58.84 11.72
N LYS L 195 -28.46 -60.11 11.82
CA LYS L 195 -27.71 -61.08 12.62
C LYS L 195 -26.86 -61.93 11.70
N ALA L 196 -25.54 -61.96 11.95
CA ALA L 196 -24.60 -62.68 11.09
C ALA L 196 -23.59 -63.44 11.92
N LEU L 197 -23.05 -64.50 11.32
CA LEU L 197 -21.99 -65.30 11.92
C LEU L 197 -21.22 -65.99 10.80
N CYS L 198 -19.92 -66.17 11.03
CA CYS L 198 -19.09 -66.90 10.08
CA CYS L 198 -19.05 -66.89 10.10
C CYS L 198 -18.43 -68.09 10.77
N LEU L 199 -18.55 -69.25 10.12
CA LEU L 199 -17.83 -70.47 10.45
C LEU L 199 -16.92 -70.79 9.28
N CYS L 200 -15.73 -71.34 9.55
CA CYS L 200 -14.84 -71.70 8.47
CA CYS L 200 -14.77 -71.65 8.51
C CYS L 200 -14.10 -72.98 8.80
N SER L 201 -13.81 -73.73 7.74
CA SER L 201 -13.17 -75.03 7.84
C SER L 201 -11.74 -74.90 7.35
N VAL L 202 -10.81 -75.44 8.12
CA VAL L 202 -9.39 -75.36 7.79
C VAL L 202 -9.09 -76.32 6.64
N SER L 203 -8.91 -75.79 5.44
CA SER L 203 -8.57 -76.59 4.27
C SER L 203 -7.07 -76.65 4.02
N ASP L 204 -6.35 -75.62 4.44
CA ASP L 204 -4.91 -75.54 4.29
C ASP L 204 -4.35 -74.92 5.55
N HIS L 205 -3.12 -75.31 5.90
CA HIS L 205 -2.36 -74.65 6.95
C HIS L 205 -1.22 -73.88 6.30
N LEU L 206 -1.24 -72.55 6.47
CA LEU L 206 -0.29 -71.70 5.77
C LEU L 206 1.07 -71.67 6.44
N ILE L 207 1.20 -72.27 7.63
CA ILE L 207 2.46 -72.29 8.36
C ILE L 207 3.14 -73.64 8.14
N THR L 208 2.48 -74.71 8.59
CA THR L 208 3.05 -76.04 8.50
C THR L 208 2.90 -76.67 7.12
N LYS L 209 2.17 -76.01 6.22
CA LYS L 209 2.04 -76.36 4.80
C LYS L 209 1.18 -77.60 4.55
N GLU L 210 0.56 -78.18 5.58
CA GLU L 210 -0.37 -79.29 5.35
C GLU L 210 -1.60 -78.82 4.59
N ALA L 211 -2.05 -79.64 3.64
CA ALA L 211 -3.22 -79.31 2.85
C ALA L 211 -4.05 -80.56 2.65
N LEU L 212 -5.36 -80.36 2.49
CA LEU L 212 -6.28 -81.47 2.27
C LEU L 212 -6.37 -81.78 0.78
N SER L 213 -6.47 -83.07 0.46
CA SER L 213 -6.64 -83.48 -0.92
C SER L 213 -8.02 -83.04 -1.39
N PRO L 214 -8.30 -83.12 -2.70
CA PRO L 214 -9.67 -82.80 -3.16
C PRO L 214 -10.73 -83.67 -2.49
N LYS L 215 -10.37 -84.90 -2.12
CA LYS L 215 -11.33 -85.81 -1.51
C LYS L 215 -11.65 -85.40 -0.07
N GLU L 216 -10.61 -85.11 0.73
CA GLU L 216 -10.85 -84.81 2.15
C GLU L 216 -11.54 -83.48 2.33
N ARG L 217 -11.37 -82.54 1.40
CA ARG L 217 -12.06 -81.26 1.49
C ARG L 217 -13.56 -81.46 1.53
N VAL L 218 -14.08 -82.38 0.72
CA VAL L 218 -15.52 -82.60 0.66
C VAL L 218 -16.05 -83.18 1.97
N GLU L 219 -15.36 -84.18 2.51
CA GLU L 219 -15.81 -84.82 3.75
C GLU L 219 -15.82 -83.83 4.91
N SER L 220 -14.74 -83.05 5.04
CA SER L 220 -14.66 -82.09 6.14
C SER L 220 -15.69 -80.98 5.98
N PHE L 221 -15.86 -80.47 4.76
CA PHE L 221 -16.83 -79.41 4.52
C PHE L 221 -18.25 -79.87 4.84
N ASP L 222 -18.54 -81.16 4.65
CA ASP L 222 -19.88 -81.67 4.94
C ASP L 222 -20.24 -81.52 6.42
N ASN L 223 -19.27 -81.75 7.31
CA ASN L 223 -19.55 -81.59 8.74
C ASN L 223 -19.92 -80.15 9.08
N MET L 224 -19.30 -79.19 8.40
CA MET L 224 -19.65 -77.78 8.60
C MET L 224 -21.01 -77.45 8.04
N ILE L 225 -21.34 -78.00 6.86
CA ILE L 225 -22.66 -77.78 6.28
C ILE L 225 -23.75 -78.27 7.23
N ILE L 226 -23.57 -79.49 7.77
CA ILE L 226 -24.56 -80.04 8.70
C ILE L 226 -24.69 -79.18 9.95
N LEU L 227 -23.56 -78.73 10.50
CA LEU L 227 -23.60 -77.82 11.65
C LEU L 227 -24.44 -76.58 11.35
N ALA L 228 -24.16 -75.93 10.20
CA ALA L 228 -24.91 -74.75 9.81
C ALA L 228 -26.40 -75.05 9.62
N LEU L 229 -26.73 -76.13 8.90
CA LEU L 229 -28.13 -76.45 8.68
C LEU L 229 -28.85 -76.81 9.97
N GLU L 230 -28.17 -77.54 10.86
CA GLU L 230 -28.77 -77.85 12.16
C GLU L 230 -29.00 -76.59 13.00
N MET L 231 -28.10 -75.60 12.91
CA MET L 231 -28.32 -74.34 13.60
C MET L 231 -29.56 -73.63 13.11
N MET L 232 -29.89 -73.75 11.83
CA MET L 232 -31.00 -72.99 11.29
C MET L 232 -32.32 -73.73 11.40
N SER L 233 -32.27 -74.98 11.85
CA SER L 233 -33.42 -75.86 11.87
C SER L 233 -34.06 -75.88 13.25
C2 06K M . -0.32 16.36 -3.94
C4 06K M . -0.14 18.55 -4.66
C5 06K M . -1.43 18.76 -4.27
C6 06K M . -2.15 17.68 -3.70
C8 06K M . -0.69 20.61 -5.10
N1 06K M . -1.57 16.52 -3.55
N3 06K M . 0.41 17.31 -4.48
N7 06K M . -1.76 20.05 -4.56
N9 06K M . 0.29 19.73 -5.18
CL1 06K M . 0.35 14.77 -3.70
CL2 06K M . -3.80 17.90 -3.15
N1 IMD N . -17.90 27.86 -18.33
C2 IMD N . -18.96 27.71 -17.49
N3 IMD N . -18.52 27.88 -16.23
C4 IMD N . -17.19 28.12 -16.24
C5 IMD N . -16.80 28.11 -17.58
MG MG O . -8.83 15.96 -3.08
C2 06K P . 19.81 42.07 -29.89
C4 06K P . 18.65 42.55 -27.95
C5 06K P . 17.70 43.19 -28.70
C6 06K P . 17.88 43.23 -30.10
C8 06K P . 17.11 43.33 -26.63
N1 06K P . 18.93 42.66 -30.65
N3 06K P . 19.70 41.98 -28.57
N7 06K P . 16.76 43.67 -27.87
N9 06K P . 18.25 42.66 -26.66
CL1 06K P . 21.20 41.33 -30.68
CL2 06K P . 16.68 44.01 -31.12
N1 IMD Q . 9.72 65.09 -24.74
C2 IMD Q . 8.92 65.20 -25.83
N3 IMD Q . 8.52 63.96 -26.20
C4 IMD Q . 9.07 63.06 -25.34
C5 IMD Q . 9.82 63.78 -24.42
MG MG R . 15.78 47.18 -35.19
C2 06K S . 22.09 47.73 11.80
C4 06K S . 20.28 47.24 10.43
C5 06K S . 19.79 48.49 10.66
C6 06K S . 20.52 49.34 11.50
C8 06K S . 18.41 47.45 9.35
N1 06K S . 21.64 48.94 12.05
N3 06K S . 21.45 46.88 11.01
N7 06K S . 18.62 48.60 9.97
N9 06K S . 19.41 46.62 9.59
CL1 06K S . 23.59 47.25 12.56
CL2 06K S . 19.92 50.95 11.79
N1 IMD T . -2.15 51.77 18.46
C2 IMD T . -2.20 53.11 18.60
N3 IMD T . -1.32 53.66 17.74
C4 IMD T . -0.71 52.67 17.04
C5 IMD T . -1.24 51.46 17.50
MG MG U . 18.83 54.70 15.46
C2 06K V . -19.83 33.20 -18.85
C4 06K V . -18.03 33.82 -17.58
C5 06K V . -17.34 32.77 -18.10
C6 06K V . -17.98 31.92 -19.03
C8 06K V . -16.04 33.80 -16.71
N1 06K V . -19.21 32.17 -19.38
N3 06K V . -19.30 34.02 -17.98
N7 06K V . -16.10 32.77 -17.55
N9 06K V . -17.20 34.45 -16.72
CL1 06K V . -21.49 33.44 -19.38
CL2 06K V . -17.12 30.57 -19.75
N1 IMD W . -5.84 16.76 -5.27
C2 IMD W . -5.50 15.92 -6.28
N3 IMD W . -5.24 16.66 -7.37
C4 IMD W . -5.41 17.97 -7.07
C5 IMD W . -5.78 18.02 -5.74
MG MG X . -17.16 25.51 -21.15
C2 06K Y . 5.37 66.92 -21.86
C4 06K Y . 5.10 64.75 -21.12
C5 06K Y . 6.44 64.57 -21.19
C6 06K Y . 7.25 65.65 -21.64
C8 06K Y . 5.54 62.71 -20.49
N1 06K Y . 6.67 66.79 -21.96
N3 06K Y . 4.57 65.95 -21.46
N7 06K Y . 6.70 63.29 -20.79
N9 06K Y . 4.55 63.59 -20.67
CL1 06K Y . 4.68 68.48 -22.31
CL2 06K Y . 9.01 65.51 -21.74
N1 IMD Z . 17.57 46.82 -31.86
C2 IMD Z . 18.84 47.23 -31.73
N3 IMD Z . 18.93 47.99 -30.61
C4 IMD Z . 17.72 48.04 -30.02
C5 IMD Z . 16.85 47.29 -30.82
N1 IMD AA . 2.30 81.87 -21.64
C2 IMD AA . 2.70 81.42 -22.85
N3 IMD AA . 3.78 82.13 -23.23
C4 IMD AA . 4.08 83.02 -22.27
C5 IMD AA . 3.14 82.85 -21.26
MG MG BA . 13.33 66.50 -24.36
C2 06K CA . -7.00 52.99 15.75
C4 06K CA . -5.83 52.46 13.80
C5 06K CA . -5.08 51.58 14.53
C6 06K CA . -5.37 51.43 15.91
C8 06K CA . -4.40 51.54 12.48
N1 06K CA . -6.30 52.15 16.47
N3 06K CA . -6.79 53.17 14.45
N7 06K CA . -4.19 51.01 13.68
N9 06K CA . -5.38 52.42 12.53
CL1 06K CA . -8.24 53.91 16.58
CL2 06K CA . -4.45 50.29 16.89
N1 IMD DA . 18.53 51.08 14.58
C2 IMD DA . 18.66 50.16 15.56
N3 IMD DA . 17.61 49.30 15.47
C4 IMD DA . 16.82 49.69 14.44
C5 IMD DA . 17.41 50.80 13.88
MG MG EA . -1.89 49.38 21.28
C2 06K FA . -19.33 -41.34 30.13
C4 06K FA . -17.75 -41.23 28.46
C5 06K FA . -17.13 -42.32 29.00
C6 06K FA . -17.69 -42.90 30.16
C8 06K FA . -16.02 -41.69 27.25
N1 06K FA . -18.77 -42.39 30.69
N3 06K FA . -18.86 -40.76 29.05
N7 06K FA . -16.05 -42.59 28.23
N9 06K FA . -17.04 -40.85 27.37
CL1 06K FA . -20.76 -40.66 30.85
CL2 06K FA . -16.98 -44.34 30.87
N1 IMD GA . 5.80 -43.40 34.50
C2 IMD GA . 5.83 -44.60 35.13
N3 IMD GA . 4.86 -45.38 34.61
C4 IMD GA . 4.21 -44.69 33.66
C5 IMD GA . 4.80 -43.43 33.58
MG MG HA . -15.54 -46.73 35.38
C2 06K IA . 0.18 -16.40 2.82
C4 06K IA . -0.03 -18.71 2.81
C5 06K IA . 1.30 -18.81 3.09
C6 06K IA . 2.05 -17.63 3.21
C8 06K IA . 0.49 -20.81 2.94
N1 06K IA . 1.45 -16.47 3.08
N3 06K IA . -0.59 -17.47 2.68
N7 06K IA . 1.60 -20.13 3.16
N9 06K IA . -0.52 -19.98 2.73
CL1 06K IA . -0.52 -14.80 2.62
CL2 06K IA . 3.76 -17.72 3.58
N1 IMD JA . 15.98 -32.29 -9.56
C2 IMD JA . 17.10 -31.81 -8.98
N3 IMD JA . 16.79 -31.45 -7.71
C4 IMD JA . 15.48 -31.70 -7.49
C5 IMD JA . 14.97 -32.23 -8.68
MG MG KA . 8.71 -15.99 2.35
C2 06K LA . -22.57 -48.67 -11.14
C4 06K LA . -21.17 -48.51 -9.32
C5 06K LA . -20.29 -49.35 -9.94
C6 06K LA . -20.64 -49.83 -11.22
C8 06K LA . -19.47 -48.83 -8.02
N1 06K LA . -21.76 -49.47 -11.78
N3 06K LA . -22.32 -48.18 -9.94
N7 06K LA . -19.24 -49.54 -9.11
N9 06K LA . -20.63 -48.19 -8.12
CL1 06K LA . -24.07 -48.26 -11.95
CL2 06K LA . -19.56 -50.89 -12.12
N1 IMD MA . -11.26 -68.93 -0.51
C2 IMD MA . -10.65 -69.43 -1.61
N3 IMD MA . -10.24 -68.39 -2.36
C4 IMD MA . -10.59 -67.24 -1.77
C5 IMD MA . -11.24 -67.57 -0.59
MG MG NA . -19.11 -55.22 -15.07
C2 06K OA . 10.23 -45.19 31.84
C4 06K OA . 8.82 -45.38 30.02
C5 06K OA . 8.11 -44.31 30.48
C6 06K OA . 8.54 -43.69 31.68
C8 06K OA . 7.19 -45.00 28.63
N1 06K OA . 9.58 -44.16 32.33
N3 06K OA . 9.88 -45.80 30.73
N7 06K OA . 7.11 -44.09 29.59
N9 06K OA . 8.23 -45.80 28.87
CL1 06K OA . 11.62 -45.78 32.73
CL2 06K OA . 7.70 -42.28 32.34
N1 IMD PA . -15.27 -43.68 33.40
C2 IMD PA . -15.43 -42.46 33.94
N3 IMD PA . -14.43 -41.67 33.50
C4 IMD PA . -13.64 -42.38 32.68
C5 IMD PA . -14.18 -43.66 32.61
MG MG QA . 5.79 -40.04 36.43
C2 06K RA . 17.91 -37.39 -8.75
C4 06K RA . 16.28 -37.56 -7.12
C5 06K RA . 15.50 -36.72 -7.85
C6 06K RA . 16.01 -36.22 -9.08
C8 06K RA . 14.42 -37.24 -6.04
N1 06K RA . 17.19 -36.57 -9.49
N3 06K RA . 17.50 -37.88 -7.60
N7 06K RA . 14.34 -36.53 -7.16
N9 06K RA . 15.58 -37.87 -6.00
CL1 06K RA . 19.52 -37.84 -9.33
CL2 06K RA . 15.02 -35.16 -10.06
N1 IMD SA . 5.53 -17.51 1.10
C2 IMD SA . 5.08 -16.77 0.06
N3 IMD SA . 4.73 -17.60 -0.95
C4 IMD SA . 4.93 -18.88 -0.54
C5 IMD SA . 5.43 -18.82 0.75
MG MG TA . 14.81 -30.76 -12.92
C2 06K UA . -6.29 -69.90 1.97
C4 06K UA . -6.08 -67.60 2.07
C5 06K UA . -7.44 -67.49 2.17
C6 06K UA . -8.22 -68.68 2.16
C8 06K UA . -6.60 -65.49 2.21
N1 06K UA . -7.61 -69.83 2.06
N3 06K UA . -5.53 -68.83 1.97
N7 06K UA . -7.74 -66.17 2.25
N9 06K UA . -5.58 -66.34 2.09
CL1 06K UA . -5.58 -71.52 1.83
CL2 06K UA . -9.97 -68.64 2.32
N1 IMD VA . -20.49 -53.95 -11.99
C2 IMD VA . -21.76 -54.24 -11.62
N3 IMD VA . -21.76 -54.46 -10.29
C4 IMD VA . -20.50 -54.33 -9.81
C5 IMD VA . -19.70 -54.01 -10.89
MG MG WA . -14.54 -70.25 0.63
#